data_9ASI
#
_entry.id   9ASI
#
_cell.length_a   1.00
_cell.length_b   1.00
_cell.length_c   1.00
_cell.angle_alpha   90.00
_cell.angle_beta   90.00
_cell.angle_gamma   90.00
#
_symmetry.space_group_name_H-M   'P 1'
#
loop_
_entity.id
_entity.type
_entity.pdbx_description
1 polymer 'CRISPR-associated protein Csm4'
2 polymer 'CRISPR system Cms endoribonuclease Csm3'
3 polymer 'CRISPR RNA'
4 polymer 'CRISPR system Cms protein Csm2'
5 polymer 'Target RNA'
6 polymer 'CRISPR system Cms protein Csm5'
7 polymer 'CRISPR system single-strand-specific deoxyribonuclease Cas10/Csm1 (subtype III-A)'
8 non-polymer "ADENOSINE-5'-TRIPHOSPHATE"
9 non-polymer 'MAGNESIUM ION'
10 non-polymer 'ADENOSINE MONOPHOSPHATE'
#
loop_
_entity_poly.entity_id
_entity_poly.type
_entity_poly.pdbx_seq_one_letter_code
_entity_poly.pdbx_strand_id
1 'polypeptide(L)'
;MKIIKLYFESPVHFGEKRLSESKITFSADTLFSALMIEAVGLGKEDEFYQLASNNLVKFSDAFPFIDQYYYIPKPMFNLK
LEKEDENPSKAFKKLLYVPIDSLEDYLSGGLDAYFERESFNLGKLALSEKVQQHDFKDSEPYNVGTFTFKENTGLYVLIE
QTHPLLEELLENLQYSGIGGKRNSGYGKFKFEILEDSDIEDLFSAKGNRKILLSGALPKDAELEQALKNASYLLERRGGF
VQSDTYATNLVKKQDLYVFKSGSTFENSFDGDIYQVGKKGNHPVYKYAKSFFLEVSV
;
B
2 'polypeptide(L)'
;MKLVIEGTIVLKTGMHIGGSSDFSAIGAVDSPVVRDTLTRLPLIPGSSLKGKMRYLLAKELNNGILLNEPNNDQDEILRL
FGSSEKDKIRRARLKFNDIKLSNLAELETFNVSSTEVKFENTINRKTAVANPRQIERVIAGSKFDFEIFYNLDDIKEVEK
DFENIKQGFDLLEFDYLGGHGTRGSGRIAFENLSVITAVGNFEKINTLNEILGA
;
F,H,G,I
3 'polyribonucleotide' ACGAGAACGCAGCACCAGCUGUCCAACCUGAAGAAGA R
4 'polypeptide(L)'
;MGHHHHHHSGGTELKIGNEKVNSTNFGDFAEKAIRGINHKPFVNSKGGEQKITTSKIRGILELVNKVYNRVINTNDVELS
ENILADIAYIKVKIAYESGREPVVKDFIQRTAFTAAITDVMNQRTRESFLLFARYVESLIAYFKFYGGKD
;
D,E,C
5 'polyribonucleotide' CUUCUUCAGGUUGGACAGCUGGUGCUGCCAAGAGCA T
6 'polypeptide(L)'
;MKKTYRVTLTALGPIFIGGGEKLKKYEYIFDKQKKVAHMIDHTKFTKYLLEKNLLDDFTSRVNSHFDLYDYLVNKKGIVF
MPLVKYSVPVAQFRTEVKNRFGKPISSPPMNDLNTFVKDAFGRPYIPGSSLKGALRTAILNDLKEDTKENEVFAHLQVSD
SETIDLENLKVYQKVDYSKTAKPLPLYRECLKPNTEITFTVSFDDEYLTLKKIQNALHKTYQHYYIKWLKGGKVGETLIK
GVYDSHADELKKNTFALDQPSQNQGEIIYIGGGAGFVSKTLHYKSKNRDQARNDSFDILKQLFRTTYSKMRSVPDNVPVA
LKLAVETKTFNGRVTGKHYLEMGKARIKLEELK
;
J
7 'polypeptide(L)'
;MDKINLVCGSLLADIGKIIYRGTSERAKHSKLGGDFIKSFEQFRNTELTDCIRYHHAQEITSVKSNKEKNSLFYITYIAD
NISSGMDRRKDLEEGAEGFNWDKKVALGSVFNVLNEKEKGRQNYSYPFVARTRIKEEPLNFPTATQNQYTTSYYDGLITD
MKTILQRLKPDKEHINSLLQMMESLWSYVPSSTDKNQLVDISLYDHSRTTAAIASAIYDYFQAENITDYQKELFDYNATE
FYDKNAFLMMNFDMSGVQNFIYNISGSKALKSLRARSFYLDMLLEYISDNLLEKLELSRANILYVGGGHAYLLLANTNKT
KAILSDFEHDLKTWFLDKFKIDLYVAMAYTEVSANDLMNHNGHYRDIYRRLSQKTSAKKANRYTAEEILNLNHQGTENAR
ECRECKRSDLLIEEDDICEICDSLQKVSRDLTRENIFVIANEGVLDMPFGKKMSALSYSQADKLKKSNAEVQIYAKNISE
IGQNLMTRIDMGDYTYRSDFHEMLEEVEVGINRLGVLRADVDNLGQAFINGIPDDYLSISRTATFSRAMSRFFKNYLNQL
LAEKSYKINVIYAGGDDLFMIGAWQDILDFSIVLKQKFADFTQNKLSISAGIGMFREKYPVARMASLTGDLEDAAKDYKP
DERAVQATKNAVTLFDATNVFSWDTLENDIFVKLDAITKNFEKLDETGKAFIYRLIDLLRGVNENQQINIARLAYTLSRM
EEKIGKTFAQELYNWANADRKTLIMALEIYILKTRER
;
A
#
# COMPACT_ATOMS: atom_id res chain seq x y z
N MET A 1 -5.67 -55.99 18.16
CA MET A 1 -6.85 -56.83 18.00
C MET A 1 -8.03 -56.00 17.49
N LYS A 2 -8.35 -54.98 18.26
CA LYS A 2 -9.54 -54.15 18.10
C LYS A 2 -9.18 -52.68 18.19
N ILE A 3 -8.23 -52.24 17.37
CA ILE A 3 -7.69 -50.88 17.40
C ILE A 3 -8.81 -49.85 17.40
N ILE A 4 -8.93 -49.11 18.49
CA ILE A 4 -9.90 -48.01 18.58
C ILE A 4 -9.20 -46.75 18.09
N LYS A 5 -9.55 -46.31 16.88
CA LYS A 5 -8.91 -45.15 16.26
C LYS A 5 -9.67 -43.89 16.62
N LEU A 6 -8.99 -42.94 17.26
CA LEU A 6 -9.61 -41.69 17.70
C LEU A 6 -9.16 -40.57 16.78
N TYR A 7 -10.12 -39.94 16.11
CA TYR A 7 -9.84 -38.85 15.18
C TYR A 7 -10.33 -37.55 15.81
N PHE A 8 -9.41 -36.64 16.10
CA PHE A 8 -9.71 -35.43 16.83
C PHE A 8 -10.01 -34.29 15.88
N GLU A 9 -11.09 -33.56 16.15
CA GLU A 9 -11.47 -32.39 15.37
C GLU A 9 -11.04 -31.07 16.02
N SER A 10 -10.27 -31.13 17.10
CA SER A 10 -9.82 -29.91 17.76
C SER A 10 -8.55 -30.21 18.53
N PRO A 11 -7.71 -29.21 18.77
CA PRO A 11 -6.49 -29.45 19.55
C PRO A 11 -6.82 -29.93 20.95
N VAL A 12 -5.97 -30.78 21.49
CA VAL A 12 -6.24 -31.43 22.77
C VAL A 12 -5.21 -30.96 23.79
N HIS A 13 -5.62 -30.99 25.06
CA HIS A 13 -4.73 -30.72 26.18
C HIS A 13 -4.69 -31.97 27.04
N PHE A 14 -3.59 -32.71 26.96
CA PHE A 14 -3.43 -33.96 27.69
C PHE A 14 -2.42 -33.80 28.82
N GLY A 15 -2.47 -32.67 29.51
CA GLY A 15 -1.45 -32.25 30.45
C GLY A 15 -0.91 -33.30 31.40
N GLU A 16 0.36 -33.16 31.77
CA GLU A 16 1.03 -34.09 32.68
C GLU A 16 1.04 -33.59 34.12
N LYS A 17 1.40 -32.33 34.35
CA LYS A 17 1.30 -31.74 35.67
C LYS A 17 0.73 -30.34 35.69
N ARG A 18 0.78 -29.58 34.60
CA ARG A 18 0.33 -28.19 34.60
C ARG A 18 -0.37 -27.86 33.29
N LEU A 19 -1.11 -26.76 33.31
CA LEU A 19 -1.93 -26.35 32.17
C LEU A 19 -1.12 -25.76 31.03
N SER A 20 0.07 -25.22 31.31
CA SER A 20 0.83 -24.54 30.26
C SER A 20 1.47 -25.50 29.27
N GLU A 21 1.54 -26.79 29.59
CA GLU A 21 2.11 -27.78 28.68
C GLU A 21 1.11 -28.90 28.45
N SER A 22 1.18 -29.48 27.25
CA SER A 22 0.38 -30.64 26.90
C SER A 22 1.28 -31.71 26.33
N LYS A 23 0.88 -32.96 26.49
CA LYS A 23 1.57 -34.09 25.88
C LYS A 23 0.69 -34.72 24.81
N ILE A 24 1.33 -35.50 23.95
CA ILE A 24 0.70 -35.88 22.69
C ILE A 24 -0.25 -37.06 22.84
N THR A 25 -0.15 -37.83 23.92
CA THR A 25 -1.00 -39.00 24.14
C THR A 25 -1.57 -38.98 25.55
N PHE A 26 -2.73 -39.61 25.71
CA PHE A 26 -3.31 -39.85 27.01
C PHE A 26 -3.11 -41.31 27.40
N SER A 27 -3.03 -41.57 28.69
CA SER A 27 -2.76 -42.91 29.18
C SER A 27 -4.05 -43.69 29.37
N ALA A 28 -3.92 -44.94 29.82
CA ALA A 28 -5.09 -45.81 29.99
C ALA A 28 -5.87 -45.47 31.24
N ASP A 29 -5.21 -44.91 32.27
CA ASP A 29 -5.96 -44.45 33.42
C ASP A 29 -6.79 -43.22 33.09
N THR A 30 -6.28 -42.36 32.21
CA THR A 30 -7.08 -41.23 31.73
C THR A 30 -8.32 -41.71 30.98
N LEU A 31 -8.16 -42.71 30.12
CA LEU A 31 -9.29 -43.22 29.36
C LEU A 31 -10.29 -43.95 30.25
N PHE A 32 -9.80 -44.70 31.23
CA PHE A 32 -10.70 -45.36 32.16
C PHE A 32 -11.41 -44.35 33.05
N SER A 33 -10.74 -43.26 33.42
CA SER A 33 -11.40 -42.19 34.16
C SER A 33 -12.51 -41.58 33.33
N ALA A 34 -12.24 -41.32 32.05
CA ALA A 34 -13.26 -40.75 31.16
C ALA A 34 -14.44 -41.70 31.00
N LEU A 35 -14.17 -42.99 30.80
CA LEU A 35 -15.27 -43.95 30.62
C LEU A 35 -16.04 -44.17 31.92
N MET A 36 -15.36 -44.15 33.07
CA MET A 36 -16.06 -44.25 34.34
C MET A 36 -16.94 -43.04 34.57
N ILE A 37 -16.48 -41.84 34.20
CA ILE A 37 -17.30 -40.66 34.31
C ILE A 37 -18.52 -40.77 33.41
N GLU A 38 -18.33 -41.28 32.19
CA GLU A 38 -19.48 -41.50 31.31
C GLU A 38 -20.46 -42.50 31.91
N ALA A 39 -19.94 -43.61 32.45
CA ALA A 39 -20.79 -44.65 33.02
C ALA A 39 -21.59 -44.12 34.20
N VAL A 40 -20.96 -43.31 35.05
CA VAL A 40 -21.70 -42.59 36.09
C VAL A 40 -22.76 -41.71 35.43
N GLY A 41 -22.45 -41.16 34.26
CA GLY A 41 -23.43 -40.34 33.56
C GLY A 41 -24.69 -41.12 33.20
N LEU A 42 -24.53 -42.31 32.62
CA LEU A 42 -25.68 -43.12 32.25
C LEU A 42 -25.93 -44.26 33.25
N GLY A 43 -25.38 -44.17 34.45
CA GLY A 43 -25.84 -44.99 35.55
C GLY A 43 -25.41 -46.43 35.58
N LYS A 44 -24.31 -46.79 34.91
CA LYS A 44 -23.79 -48.15 34.93
C LYS A 44 -22.30 -48.15 35.20
N GLU A 45 -21.89 -47.40 36.22
CA GLU A 45 -20.48 -47.43 36.62
C GLU A 45 -20.12 -48.75 37.29
N ASP A 46 -21.08 -49.39 37.96
CA ASP A 46 -20.80 -50.64 38.65
C ASP A 46 -20.49 -51.75 37.66
N GLU A 47 -21.28 -51.86 36.59
CA GLU A 47 -21.01 -52.90 35.59
C GLU A 47 -19.69 -52.64 34.87
N PHE A 48 -19.37 -51.37 34.62
CA PHE A 48 -18.10 -51.05 33.99
C PHE A 48 -16.92 -51.44 34.88
N TYR A 49 -17.02 -51.14 36.18
CA TYR A 49 -15.95 -51.55 37.09
C TYR A 49 -15.85 -53.06 37.17
N GLN A 50 -16.98 -53.75 37.15
CA GLN A 50 -16.94 -55.21 37.16
C GLN A 50 -16.27 -55.75 35.91
N LEU A 51 -16.59 -55.18 34.74
CA LEU A 51 -15.98 -55.62 33.48
C LEU A 51 -14.48 -55.38 33.48
N ALA A 52 -14.06 -54.18 33.85
CA ALA A 52 -12.64 -53.85 33.80
C ALA A 52 -11.85 -54.60 34.87
N SER A 53 -12.45 -54.85 36.03
CA SER A 53 -11.77 -55.56 37.10
C SER A 53 -11.81 -57.07 36.92
N ASN A 54 -12.64 -57.58 36.01
CA ASN A 54 -12.64 -58.99 35.66
C ASN A 54 -11.97 -59.24 34.32
N ASN A 55 -11.15 -58.29 33.86
CA ASN A 55 -10.34 -58.42 32.64
C ASN A 55 -11.18 -58.64 31.38
N LEU A 56 -12.48 -58.39 31.46
CA LEU A 56 -13.32 -58.50 30.27
C LEU A 56 -13.13 -57.33 29.32
N VAL A 57 -12.73 -56.17 29.84
CA VAL A 57 -12.33 -55.03 29.02
C VAL A 57 -11.04 -54.47 29.60
N LYS A 58 -9.91 -54.91 29.04
CA LYS A 58 -8.59 -54.38 29.40
C LYS A 58 -7.99 -53.75 28.16
N PHE A 59 -7.46 -52.53 28.33
CA PHE A 59 -6.96 -51.75 27.21
C PHE A 59 -5.59 -51.20 27.54
N SER A 60 -4.82 -50.94 26.48
CA SER A 60 -3.58 -50.20 26.58
C SER A 60 -3.91 -48.72 26.65
N ASP A 61 -2.90 -47.87 26.57
CA ASP A 61 -3.16 -46.44 26.51
C ASP A 61 -3.26 -46.00 25.05
N ALA A 62 -3.25 -44.70 24.81
CA ALA A 62 -3.40 -44.17 23.47
C ALA A 62 -2.02 -44.00 22.84
N PHE A 63 -1.80 -44.69 21.75
CA PHE A 63 -0.58 -44.53 21.00
C PHE A 63 -0.86 -43.76 19.71
N PRO A 64 0.14 -43.07 19.17
CA PRO A 64 -0.06 -42.38 17.89
C PRO A 64 -0.25 -43.37 16.74
N PHE A 65 -1.04 -42.94 15.75
CA PHE A 65 -1.10 -43.61 14.46
C PHE A 65 -0.96 -42.56 13.37
N ILE A 66 -0.16 -42.85 12.36
CA ILE A 66 0.03 -41.96 11.21
C ILE A 66 -0.15 -42.79 9.94
N ASP A 67 -1.19 -42.48 9.17
CA ASP A 67 -1.40 -43.09 7.86
C ASP A 67 -1.35 -44.61 7.92
N GLN A 68 -2.10 -45.17 8.88
CA GLN A 68 -2.17 -46.62 9.09
C GLN A 68 -0.77 -47.18 9.44
N TYR A 69 0.03 -46.39 10.14
CA TYR A 69 1.23 -46.88 10.81
C TYR A 69 0.98 -46.77 12.30
N TYR A 70 0.71 -47.89 12.94
CA TYR A 70 0.42 -47.90 14.37
C TYR A 70 1.74 -47.81 15.14
N TYR A 71 1.86 -46.79 15.98
CA TYR A 71 3.09 -46.51 16.69
C TYR A 71 3.04 -47.02 18.12
N ILE A 72 4.21 -47.19 18.70
CA ILE A 72 4.34 -47.64 20.08
C ILE A 72 5.52 -46.93 20.72
N PRO A 73 5.41 -46.59 22.00
CA PRO A 73 6.55 -45.99 22.69
C PRO A 73 7.75 -46.91 22.67
N LYS A 74 8.93 -46.32 22.52
CA LYS A 74 10.17 -47.08 22.43
C LYS A 74 10.27 -48.06 23.59
N PRO A 75 10.21 -49.36 23.32
CA PRO A 75 10.29 -50.34 24.42
C PRO A 75 11.62 -50.25 25.14
N MET A 76 11.57 -50.53 26.44
CA MET A 76 12.76 -50.41 27.30
C MET A 76 13.52 -51.73 27.28
N PHE A 77 14.15 -51.98 26.14
CA PHE A 77 15.04 -53.14 26.00
C PHE A 77 16.34 -52.89 26.73
N ASN A 78 16.92 -53.97 27.25
CA ASN A 78 18.20 -53.87 27.93
C ASN A 78 19.36 -53.60 26.97
N LEU A 79 19.11 -53.65 25.66
CA LEU A 79 20.11 -53.38 24.62
C LEU A 79 21.42 -54.14 24.86
N LYS A 80 21.33 -55.31 25.49
CA LYS A 80 22.51 -56.12 25.72
C LYS A 80 23.03 -56.79 24.45
N LEU A 81 22.22 -56.84 23.40
CA LEU A 81 22.57 -57.55 22.17
C LEU A 81 22.69 -56.62 20.96
N GLU A 82 23.18 -55.40 21.17
CA GLU A 82 23.34 -54.46 20.07
C GLU A 82 24.66 -53.69 20.12
N LYS A 83 25.51 -53.92 21.11
CA LYS A 83 26.76 -53.17 21.22
C LYS A 83 27.76 -53.52 20.13
N GLU A 84 27.51 -54.59 19.36
CA GLU A 84 28.45 -54.98 18.32
C GLU A 84 28.52 -53.95 17.20
N ASP A 85 27.38 -53.37 16.83
CA ASP A 85 27.32 -52.43 15.71
C ASP A 85 26.27 -51.38 16.00
N GLU A 86 25.89 -50.64 14.98
CA GLU A 86 24.91 -49.55 15.06
C GLU A 86 25.44 -48.49 16.04
N ASN A 87 24.54 -47.72 16.66
CA ASN A 87 24.92 -46.62 17.53
C ASN A 87 24.27 -46.80 18.90
N PRO A 88 24.95 -47.48 19.84
CA PRO A 88 24.43 -47.64 21.21
C PRO A 88 24.58 -46.38 22.05
N SER A 89 24.01 -45.28 21.57
CA SER A 89 24.24 -43.97 22.18
C SER A 89 22.97 -43.14 22.00
N LYS A 90 23.12 -41.81 22.15
CA LYS A 90 22.00 -40.88 22.15
C LYS A 90 21.25 -40.84 20.81
N ALA A 91 21.71 -41.61 19.83
CA ALA A 91 20.96 -41.73 18.58
C ALA A 91 19.60 -42.36 18.83
N PHE A 92 19.56 -43.43 19.63
CA PHE A 92 18.30 -44.02 20.07
C PHE A 92 17.85 -43.44 21.41
N LYS A 93 17.81 -42.11 21.48
CA LYS A 93 17.32 -41.41 22.66
C LYS A 93 16.28 -40.37 22.33
N LYS A 94 16.45 -39.65 21.22
CA LYS A 94 15.40 -38.74 20.75
C LYS A 94 14.26 -39.48 20.10
N LEU A 95 14.48 -40.73 19.68
CA LEU A 95 13.42 -41.58 19.14
C LEU A 95 12.43 -41.90 20.25
N LEU A 96 11.21 -41.42 20.11
CA LEU A 96 10.17 -41.58 21.12
C LEU A 96 9.20 -42.71 20.83
N TYR A 97 8.77 -42.84 19.58
CA TYR A 97 7.79 -43.84 19.19
C TYR A 97 8.29 -44.60 17.98
N VAL A 98 8.20 -45.93 18.04
CA VAL A 98 8.56 -46.78 16.90
C VAL A 98 7.29 -47.45 16.41
N PRO A 99 7.21 -47.83 15.14
CA PRO A 99 6.03 -48.58 14.67
C PRO A 99 5.97 -49.96 15.30
N ILE A 100 4.75 -50.46 15.44
CA ILE A 100 4.53 -51.71 16.15
C ILE A 100 4.71 -52.94 15.25
N ASP A 101 4.60 -52.77 13.93
CA ASP A 101 4.94 -53.88 13.03
C ASP A 101 6.44 -54.05 12.88
N SER A 102 7.20 -52.96 12.94
CA SER A 102 8.64 -53.00 12.78
C SER A 102 9.38 -53.13 14.12
N LEU A 103 8.71 -53.66 15.14
CA LEU A 103 9.36 -53.80 16.44
C LEU A 103 10.40 -54.91 16.42
N GLU A 104 10.06 -56.07 15.86
CA GLU A 104 11.02 -57.15 15.77
C GLU A 104 12.21 -56.77 14.89
N ASP A 105 11.98 -55.91 13.89
CA ASP A 105 13.09 -55.38 13.11
C ASP A 105 13.95 -54.44 13.96
N TYR A 106 13.30 -53.56 14.71
CA TYR A 106 14.03 -52.68 15.63
C TYR A 106 14.71 -53.48 16.73
N LEU A 107 14.02 -54.49 17.27
CA LEU A 107 14.58 -55.28 18.36
C LEU A 107 15.85 -56.01 17.91
N SER A 108 15.84 -56.55 16.70
CA SER A 108 17.00 -57.22 16.14
C SER A 108 17.97 -56.27 15.46
N GLY A 109 17.63 -54.99 15.38
CA GLY A 109 18.48 -54.01 14.73
C GLY A 109 18.19 -53.89 13.24
N GLY A 110 18.56 -52.74 12.69
CA GLY A 110 18.36 -52.46 11.28
C GLY A 110 17.31 -51.42 10.96
N LEU A 111 16.74 -50.76 11.98
CA LEU A 111 15.81 -49.67 11.75
C LEU A 111 16.56 -48.35 11.82
N ASP A 112 16.32 -47.47 10.85
CA ASP A 112 17.02 -46.20 10.80
C ASP A 112 16.63 -45.32 11.99
N ALA A 113 17.63 -44.69 12.58
CA ALA A 113 17.43 -43.85 13.76
C ALA A 113 17.01 -42.43 13.37
N TYR A 114 17.79 -41.78 12.50
CA TYR A 114 17.44 -40.45 12.06
C TYR A 114 16.13 -40.43 11.28
N PHE A 115 15.94 -41.40 10.37
CA PHE A 115 14.83 -41.34 9.43
C PHE A 115 13.48 -41.32 10.16
N GLU A 116 13.35 -42.08 11.24
CA GLU A 116 12.06 -42.25 11.89
C GLU A 116 11.52 -40.93 12.43
N ARG A 117 12.39 -40.13 13.05
CA ARG A 117 11.93 -38.96 13.79
C ARG A 117 11.28 -37.92 12.88
N GLU A 118 11.89 -37.62 11.74
CA GLU A 118 11.22 -36.77 10.76
C GLU A 118 10.05 -37.50 10.09
N SER A 119 10.15 -38.82 9.95
CA SER A 119 8.98 -39.58 9.50
C SER A 119 7.85 -39.49 10.53
N PHE A 120 8.19 -39.51 11.81
CA PHE A 120 7.22 -39.36 12.90
C PHE A 120 6.92 -37.88 13.08
N ASN A 121 5.93 -37.39 12.36
CA ASN A 121 5.47 -36.01 12.51
C ASN A 121 3.95 -36.02 12.56
N LEU A 122 3.40 -35.82 13.75
CA LEU A 122 1.95 -35.72 13.94
C LEU A 122 1.69 -34.39 14.63
N GLY A 123 1.25 -33.40 13.86
CA GLY A 123 0.95 -32.08 14.40
C GLY A 123 2.05 -31.46 15.22
N LYS A 124 1.68 -30.50 16.07
CA LYS A 124 2.67 -29.80 16.88
C LYS A 124 1.99 -29.20 18.10
N LEU A 125 2.78 -29.00 19.16
CA LEU A 125 2.29 -28.35 20.35
C LEU A 125 2.05 -26.87 20.09
N ALA A 126 1.06 -26.31 20.77
CA ALA A 126 0.65 -24.94 20.53
C ALA A 126 0.47 -24.20 21.85
N LEU A 127 0.77 -22.91 21.82
CA LEU A 127 0.38 -22.00 22.89
C LEU A 127 -1.04 -21.53 22.64
N SER A 128 -1.77 -21.30 23.73
CA SER A 128 -3.13 -20.78 23.64
C SER A 128 -3.29 -19.75 24.76
N GLU A 129 -2.98 -18.50 24.44
CA GLU A 129 -3.01 -17.44 25.43
C GLU A 129 -4.46 -17.04 25.70
N LYS A 130 -4.89 -17.20 26.94
CA LYS A 130 -6.25 -16.92 27.36
C LYS A 130 -6.21 -15.95 28.53
N VAL A 131 -7.40 -15.50 28.97
CA VAL A 131 -7.53 -14.62 30.12
C VAL A 131 -8.83 -14.89 30.84
N GLN A 132 -8.89 -14.40 32.08
CA GLN A 132 -10.13 -14.26 32.83
C GLN A 132 -10.43 -12.76 32.86
N GLN A 133 -11.39 -12.34 32.04
CA GLN A 133 -11.75 -10.93 32.02
C GLN A 133 -12.43 -10.55 33.33
N HIS A 134 -11.98 -9.46 33.93
CA HIS A 134 -12.60 -8.87 35.11
C HIS A 134 -13.03 -7.46 34.75
N ASP A 135 -14.25 -7.10 35.14
CA ASP A 135 -14.83 -5.83 34.71
C ASP A 135 -13.99 -4.65 35.18
N PHE A 136 -13.65 -4.62 36.46
CA PHE A 136 -12.88 -3.52 37.03
C PHE A 136 -11.51 -3.94 37.55
N LYS A 137 -11.34 -5.19 37.94
CA LYS A 137 -10.02 -5.67 38.32
C LYS A 137 -9.17 -5.89 37.08
N ASP A 138 -7.94 -6.33 37.30
CA ASP A 138 -7.05 -6.66 36.20
C ASP A 138 -7.40 -8.02 35.64
N SER A 139 -7.27 -8.16 34.32
CA SER A 139 -7.50 -9.45 33.68
C SER A 139 -6.39 -10.43 34.05
N GLU A 140 -6.72 -11.72 34.02
CA GLU A 140 -5.79 -12.77 34.45
C GLU A 140 -5.30 -13.56 33.25
N PRO A 141 -4.18 -13.19 32.63
CA PRO A 141 -3.69 -13.95 31.48
C PRO A 141 -3.16 -15.31 31.89
N TYR A 142 -3.67 -16.35 31.22
CA TYR A 142 -3.14 -17.70 31.36
C TYR A 142 -3.07 -18.33 29.97
N ASN A 143 -2.21 -19.33 29.85
CA ASN A 143 -2.11 -20.06 28.59
C ASN A 143 -2.33 -21.53 28.84
N VAL A 144 -2.90 -22.19 27.84
CA VAL A 144 -3.23 -23.62 27.89
C VAL A 144 -2.36 -24.31 26.85
N GLY A 145 -1.57 -25.28 27.31
CA GLY A 145 -0.79 -26.09 26.39
C GLY A 145 -1.72 -27.02 25.63
N THR A 146 -1.68 -26.95 24.31
CA THR A 146 -2.56 -27.75 23.47
C THR A 146 -1.71 -28.52 22.46
N PHE A 147 -2.39 -29.30 21.62
CA PHE A 147 -1.72 -30.12 20.62
C PHE A 147 -2.72 -30.48 19.54
N THR A 148 -2.43 -30.13 18.30
CA THR A 148 -3.29 -30.43 17.15
C THR A 148 -2.66 -31.53 16.33
N PHE A 149 -3.46 -32.53 15.95
CA PHE A 149 -2.98 -33.63 15.12
C PHE A 149 -3.06 -33.25 13.64
N LYS A 150 -2.47 -34.09 12.80
CA LYS A 150 -2.51 -33.89 11.35
C LYS A 150 -3.86 -34.38 10.82
N GLU A 151 -4.01 -34.35 9.49
CA GLU A 151 -5.30 -34.67 8.89
C GLU A 151 -5.62 -36.16 9.02
N ASN A 152 -4.67 -37.02 8.67
CA ASN A 152 -4.87 -38.47 8.68
C ASN A 152 -4.21 -39.11 9.89
N THR A 153 -4.21 -38.41 11.02
CA THR A 153 -3.45 -38.81 12.19
C THR A 153 -4.32 -38.66 13.43
N GLY A 154 -4.06 -39.51 14.43
CA GLY A 154 -4.72 -39.42 15.70
C GLY A 154 -4.10 -40.33 16.73
N LEU A 155 -4.93 -40.91 17.58
CA LEU A 155 -4.49 -41.88 18.58
C LEU A 155 -5.27 -43.17 18.39
N TYR A 156 -4.68 -44.28 18.83
CA TYR A 156 -5.34 -45.58 18.75
C TYR A 156 -5.17 -46.32 20.05
N VAL A 157 -6.21 -47.05 20.45
CA VAL A 157 -6.24 -47.77 21.72
C VAL A 157 -6.40 -49.26 21.43
N LEU A 158 -5.54 -50.07 22.04
CA LEU A 158 -5.63 -51.51 21.94
C LEU A 158 -6.63 -52.04 22.98
N ILE A 159 -7.68 -52.69 22.51
CA ILE A 159 -8.69 -53.31 23.38
C ILE A 159 -8.86 -54.77 22.98
N GLU A 160 -8.85 -55.66 23.97
CA GLU A 160 -9.13 -57.06 23.77
C GLU A 160 -10.59 -57.31 24.13
N GLN A 161 -11.31 -57.98 23.22
CA GLN A 161 -12.69 -58.39 23.46
C GLN A 161 -13.57 -57.16 23.79
N THR A 162 -13.73 -56.32 22.77
CA THR A 162 -14.63 -55.17 22.88
C THR A 162 -15.98 -55.59 23.44
N HIS A 163 -16.63 -54.66 24.12
CA HIS A 163 -17.87 -54.95 24.83
C HIS A 163 -18.99 -54.05 24.34
N PRO A 164 -20.23 -54.54 24.32
CA PRO A 164 -21.35 -53.63 24.00
C PRO A 164 -21.44 -52.45 24.95
N LEU A 165 -21.18 -52.66 26.24
CA LEU A 165 -21.16 -51.55 27.18
C LEU A 165 -20.02 -50.59 26.88
N LEU A 166 -18.84 -51.11 26.52
CA LEU A 166 -17.73 -50.26 26.16
C LEU A 166 -18.03 -49.48 24.88
N GLU A 167 -18.70 -50.12 23.92
CA GLU A 167 -19.12 -49.41 22.72
C GLU A 167 -20.13 -48.32 23.04
N GLU A 168 -21.00 -48.57 24.02
CA GLU A 168 -21.96 -47.55 24.44
C GLU A 168 -21.28 -46.38 25.14
N LEU A 169 -20.23 -46.68 25.92
CA LEU A 169 -19.52 -45.61 26.62
C LEU A 169 -18.71 -44.75 25.67
N LEU A 170 -18.13 -45.36 24.63
CA LEU A 170 -17.32 -44.60 23.68
C LEU A 170 -18.18 -43.69 22.81
N GLU A 171 -19.44 -44.06 22.58
CA GLU A 171 -20.37 -43.15 21.90
C GLU A 171 -20.64 -41.92 22.77
N ASN A 172 -20.79 -42.12 24.08
CA ASN A 172 -21.02 -41.00 24.98
C ASN A 172 -19.77 -40.15 25.15
N LEU A 173 -18.59 -40.74 25.00
CA LEU A 173 -17.34 -39.99 25.18
C LEU A 173 -17.00 -39.14 23.97
N GLN A 174 -17.66 -39.34 22.82
CA GLN A 174 -17.45 -38.46 21.69
C GLN A 174 -17.86 -37.03 22.03
N TYR A 175 -18.99 -36.88 22.71
CA TYR A 175 -19.65 -35.60 22.91
C TYR A 175 -19.31 -34.95 24.23
N SER A 176 -18.43 -35.56 25.03
CA SER A 176 -17.94 -34.93 26.24
C SER A 176 -16.45 -34.65 26.20
N GLY A 177 -15.78 -34.95 25.09
CA GLY A 177 -14.37 -34.65 24.94
C GLY A 177 -13.48 -35.49 25.83
N ILE A 178 -12.19 -35.49 25.54
CA ILE A 178 -11.20 -36.18 26.36
C ILE A 178 -10.00 -35.27 26.52
N GLY A 179 -9.44 -35.23 27.73
CA GLY A 179 -8.28 -34.42 28.01
C GLY A 179 -8.52 -33.27 28.98
N GLY A 180 -7.66 -32.26 28.91
CA GLY A 180 -7.71 -31.18 29.86
C GLY A 180 -8.86 -30.20 29.73
N LYS A 181 -8.85 -29.34 28.73
CA LYS A 181 -9.86 -28.29 28.62
C LYS A 181 -10.98 -28.72 27.67
N ARG A 182 -11.60 -29.85 27.99
CA ARG A 182 -12.57 -30.43 27.08
C ARG A 182 -13.87 -29.65 27.07
N ASN A 183 -14.27 -29.07 28.20
CA ASN A 183 -15.47 -28.25 28.21
C ASN A 183 -15.23 -26.91 27.54
N SER A 184 -13.99 -26.43 27.54
CA SER A 184 -13.56 -25.43 26.58
C SER A 184 -13.39 -26.11 25.22
N GLY A 185 -12.93 -25.35 24.23
CA GLY A 185 -12.99 -25.88 22.90
C GLY A 185 -11.89 -26.85 22.49
N TYR A 186 -11.51 -27.79 23.36
CA TYR A 186 -10.32 -28.58 23.08
C TYR A 186 -10.61 -30.07 22.92
N GLY A 187 -11.21 -30.74 23.89
CA GLY A 187 -11.44 -32.17 23.76
C GLY A 187 -12.55 -32.43 22.76
N LYS A 188 -12.23 -33.14 21.67
CA LYS A 188 -13.26 -33.51 20.69
C LYS A 188 -12.73 -34.55 19.72
N PHE A 189 -13.47 -35.64 19.52
CA PHE A 189 -12.99 -36.72 18.68
C PHE A 189 -14.17 -37.56 18.19
N LYS A 190 -13.90 -38.38 17.18
CA LYS A 190 -14.78 -39.45 16.75
C LYS A 190 -13.96 -40.72 16.61
N PHE A 191 -14.58 -41.87 16.87
CA PHE A 191 -13.85 -43.12 17.00
C PHE A 191 -14.42 -44.20 16.09
N GLU A 192 -13.59 -45.23 15.87
CA GLU A 192 -13.95 -46.39 15.06
C GLU A 192 -13.29 -47.61 15.69
N ILE A 193 -14.11 -48.63 16.02
CA ILE A 193 -13.61 -49.78 16.77
C ILE A 193 -12.61 -50.57 15.94
N LEU A 194 -12.84 -50.67 14.63
CA LEU A 194 -11.80 -50.96 13.63
C LEU A 194 -10.96 -52.19 14.00
N GLU A 195 -11.61 -53.34 13.94
CA GLU A 195 -10.89 -54.61 14.05
C GLU A 195 -9.78 -54.67 13.01
N ASP A 196 -8.63 -55.21 13.41
CA ASP A 196 -7.45 -55.25 12.55
C ASP A 196 -6.83 -56.64 12.59
N SER A 197 -6.14 -56.99 11.50
CA SER A 197 -5.64 -58.34 11.28
C SER A 197 -4.13 -58.48 11.42
N ASP A 198 -3.35 -57.54 10.87
CA ASP A 198 -1.90 -57.62 11.02
C ASP A 198 -1.44 -57.28 12.45
N ILE A 199 -2.33 -56.76 13.28
CA ILE A 199 -1.97 -56.39 14.65
C ILE A 199 -2.24 -57.54 15.62
N GLU A 200 -3.31 -58.31 15.42
CA GLU A 200 -3.63 -59.38 16.35
C GLU A 200 -2.58 -60.48 16.32
N ASP A 201 -1.81 -60.59 15.24
CA ASP A 201 -0.72 -61.55 15.19
C ASP A 201 0.40 -61.18 16.15
N LEU A 202 0.65 -59.89 16.34
CA LEU A 202 1.70 -59.46 17.27
C LEU A 202 1.34 -59.84 18.70
N PHE A 203 0.06 -59.79 19.04
CA PHE A 203 -0.38 -60.14 20.39
C PHE A 203 -0.77 -61.60 20.52
N SER A 204 -0.82 -62.35 19.41
CA SER A 204 -0.89 -63.80 19.45
C SER A 204 0.49 -64.44 19.38
N ALA A 205 1.55 -63.64 19.34
CA ALA A 205 2.90 -64.15 19.26
C ALA A 205 3.37 -64.59 20.65
N LYS A 206 4.64 -65.00 20.72
CA LYS A 206 5.25 -65.45 21.95
C LYS A 206 6.68 -64.95 22.01
N GLY A 207 7.28 -65.06 23.18
CA GLY A 207 8.65 -64.63 23.36
C GLY A 207 8.98 -64.43 24.82
N ASN A 208 10.28 -64.32 25.09
CA ASN A 208 10.75 -64.19 26.47
C ASN A 208 10.45 -62.81 27.04
N ARG A 209 10.74 -61.75 26.29
CA ARG A 209 10.56 -60.39 26.80
C ARG A 209 9.13 -59.92 26.55
N LYS A 210 8.53 -59.31 27.57
CA LYS A 210 7.18 -58.78 27.48
C LYS A 210 7.24 -57.25 27.55
N ILE A 211 6.49 -56.60 26.67
CA ILE A 211 6.45 -55.14 26.62
C ILE A 211 5.16 -54.68 27.27
N LEU A 212 5.29 -53.92 28.35
CA LEU A 212 4.11 -53.35 28.99
C LEU A 212 3.54 -52.26 28.12
N LEU A 213 2.24 -52.37 27.80
CA LEU A 213 1.58 -51.42 26.92
C LEU A 213 0.59 -50.52 27.63
N SER A 214 0.50 -50.58 28.95
CA SER A 214 -0.38 -49.71 29.71
C SER A 214 0.27 -49.43 31.05
N GLY A 215 0.19 -48.17 31.50
CA GLY A 215 0.77 -47.82 32.77
C GLY A 215 0.15 -48.63 33.89
N ALA A 216 0.91 -49.59 34.41
CA ALA A 216 0.36 -50.61 35.29
C ALA A 216 1.17 -50.69 36.58
N LEU A 217 0.48 -51.05 37.66
CA LEU A 217 1.09 -51.28 38.96
C LEU A 217 0.84 -52.72 39.37
N PRO A 218 1.87 -53.51 39.63
CA PRO A 218 1.64 -54.91 40.01
C PRO A 218 0.97 -55.01 41.36
N LYS A 219 0.29 -56.14 41.57
CA LYS A 219 -0.25 -56.45 42.88
C LYS A 219 0.90 -56.69 43.85
N ASP A 220 0.60 -56.56 45.15
CA ASP A 220 1.61 -56.77 46.17
C ASP A 220 2.19 -58.18 46.12
N ALA A 221 1.45 -59.14 45.58
CA ALA A 221 1.92 -60.52 45.53
C ALA A 221 2.99 -60.71 44.46
N GLU A 222 2.84 -60.08 43.30
CA GLU A 222 3.70 -60.35 42.15
C GLU A 222 4.68 -59.23 41.85
N LEU A 223 4.84 -58.27 42.75
CA LEU A 223 5.87 -57.24 42.56
C LEU A 223 7.26 -57.84 42.54
N GLU A 224 7.53 -58.78 43.44
CA GLU A 224 8.83 -59.44 43.45
C GLU A 224 9.06 -60.25 42.18
N GLN A 225 8.02 -60.94 41.70
CA GLN A 225 8.15 -61.72 40.47
C GLN A 225 8.39 -60.82 39.26
N ALA A 226 7.66 -59.69 39.19
CA ALA A 226 7.78 -58.80 38.04
C ALA A 226 9.06 -57.99 38.07
N LEU A 227 9.61 -57.73 39.25
CA LEU A 227 10.82 -56.93 39.38
C LEU A 227 12.07 -57.80 39.35
N LYS A 228 12.18 -58.64 38.33
CA LYS A 228 13.35 -59.50 38.14
C LYS A 228 13.72 -59.43 36.67
N ASN A 229 14.93 -58.92 36.39
CA ASN A 229 15.39 -58.71 35.02
C ASN A 229 14.38 -57.84 34.25
N ALA A 230 13.94 -56.78 34.91
CA ALA A 230 12.98 -55.84 34.34
C ALA A 230 13.66 -54.49 34.09
N SER A 231 13.27 -53.84 33.00
CA SER A 231 13.75 -52.51 32.64
C SER A 231 12.54 -51.60 32.59
N TYR A 232 12.17 -51.04 33.74
CA TYR A 232 10.93 -50.30 33.87
C TYR A 232 11.21 -48.83 34.16
N LEU A 233 10.13 -48.08 34.43
CA LEU A 233 10.22 -46.67 34.78
C LEU A 233 8.93 -46.28 35.48
N LEU A 234 9.04 -45.66 36.65
CA LEU A 234 7.88 -45.24 37.42
C LEU A 234 7.39 -43.87 36.96
N GLU A 235 6.15 -43.57 37.31
CA GLU A 235 5.55 -42.28 37.02
C GLU A 235 4.42 -42.04 38.01
N ARG A 236 4.34 -40.83 38.53
CA ARG A 236 3.29 -40.52 39.52
C ARG A 236 1.99 -40.21 38.79
N ARG A 237 0.92 -40.90 39.19
CA ARG A 237 -0.41 -40.71 38.63
C ARG A 237 -1.28 -40.16 39.75
N GLY A 238 -1.31 -38.84 39.87
CA GLY A 238 -2.12 -38.19 40.88
C GLY A 238 -2.93 -37.08 40.25
N GLY A 239 -3.01 -35.96 40.98
CA GLY A 239 -3.75 -34.82 40.51
C GLY A 239 -4.98 -34.57 41.36
N PHE A 240 -6.01 -33.98 40.78
CA PHE A 240 -7.24 -33.70 41.48
C PHE A 240 -8.34 -34.63 41.01
N VAL A 241 -9.17 -35.08 41.94
CA VAL A 241 -10.33 -35.88 41.61
C VAL A 241 -11.31 -35.00 40.84
N GLN A 242 -11.67 -35.43 39.63
CA GLN A 242 -12.59 -34.68 38.79
C GLN A 242 -13.99 -35.22 39.02
N SER A 243 -14.67 -34.66 40.02
CA SER A 243 -16.08 -34.94 40.23
C SER A 243 -16.66 -33.84 41.11
N ASP A 244 -17.91 -33.48 40.84
CA ASP A 244 -18.63 -32.52 41.65
C ASP A 244 -19.31 -33.16 42.85
N THR A 245 -19.25 -34.48 42.97
CA THR A 245 -19.87 -35.20 44.08
C THR A 245 -18.81 -35.93 44.89
N TYR A 246 -17.71 -35.25 45.19
CA TYR A 246 -16.62 -35.82 45.97
C TYR A 246 -16.07 -34.75 46.91
N ALA A 247 -16.17 -34.99 48.21
CA ALA A 247 -15.45 -34.24 49.24
C ALA A 247 -15.80 -32.75 49.24
N THR A 248 -16.89 -32.34 48.60
CA THR A 248 -17.49 -31.00 48.71
C THR A 248 -16.48 -29.86 48.51
N ASN A 249 -15.33 -30.14 47.92
CA ASN A 249 -14.33 -29.13 47.61
C ASN A 249 -13.35 -29.74 46.63
N LEU A 250 -12.30 -28.99 46.31
CA LEU A 250 -11.32 -29.39 45.30
C LEU A 250 -10.14 -30.03 46.03
N VAL A 251 -10.13 -31.36 46.08
CA VAL A 251 -9.17 -32.13 46.87
C VAL A 251 -8.35 -33.00 45.92
N LYS A 252 -7.06 -33.14 46.22
CA LYS A 252 -6.21 -34.03 45.45
C LYS A 252 -6.44 -35.48 45.85
N LYS A 253 -5.84 -36.39 45.09
CA LYS A 253 -5.94 -37.81 45.34
C LYS A 253 -4.56 -38.40 45.63
N GLN A 254 -4.56 -39.60 46.21
CA GLN A 254 -3.33 -40.26 46.58
C GLN A 254 -2.49 -40.55 45.34
N ASP A 255 -1.29 -39.96 45.28
CA ASP A 255 -0.43 -40.18 44.13
C ASP A 255 -0.06 -41.65 44.03
N LEU A 256 -0.21 -42.20 42.82
CA LEU A 256 0.10 -43.59 42.55
C LEU A 256 1.29 -43.65 41.60
N TYR A 257 2.23 -44.54 41.89
CA TYR A 257 3.43 -44.70 41.08
C TYR A 257 3.33 -46.02 40.34
N VAL A 258 3.33 -45.96 39.01
CA VAL A 258 3.08 -47.11 38.17
C VAL A 258 4.20 -47.25 37.15
N PHE A 259 4.38 -48.47 36.66
CA PHE A 259 5.33 -48.70 35.59
C PHE A 259 4.84 -48.06 34.29
N LYS A 260 5.76 -47.43 33.56
CA LYS A 260 5.39 -46.73 32.34
C LYS A 260 4.98 -47.72 31.26
N SER A 261 4.36 -47.18 30.20
CA SER A 261 3.82 -48.00 29.12
C SER A 261 4.87 -48.36 28.08
N GLY A 262 6.15 -48.29 28.41
CA GLY A 262 7.19 -48.74 27.51
C GLY A 262 8.10 -49.75 28.16
N SER A 263 7.80 -50.11 29.40
CA SER A 263 8.67 -50.98 30.19
C SER A 263 8.59 -52.42 29.69
N THR A 264 9.64 -53.18 29.98
CA THR A 264 9.76 -54.56 29.53
C THR A 264 10.03 -55.48 30.72
N PHE A 265 9.36 -56.63 30.74
CA PHE A 265 9.40 -57.57 31.85
C PHE A 265 9.61 -58.98 31.31
N GLU A 266 10.18 -59.84 32.15
CA GLU A 266 10.24 -61.26 31.86
C GLU A 266 9.07 -62.03 32.47
N ASN A 267 8.42 -61.47 33.50
CA ASN A 267 7.31 -62.12 34.18
C ASN A 267 6.04 -61.31 33.94
N SER A 268 5.01 -61.96 33.44
CA SER A 268 3.73 -61.31 33.21
C SER A 268 2.99 -61.16 34.53
N PHE A 269 2.62 -59.93 34.85
CA PHE A 269 1.79 -59.63 36.01
C PHE A 269 0.50 -58.98 35.54
N ASP A 270 -0.57 -59.18 36.30
CA ASP A 270 -1.84 -58.53 36.04
C ASP A 270 -2.04 -57.45 37.09
N GLY A 271 -2.11 -56.19 36.65
CA GLY A 271 -2.19 -55.08 37.57
C GLY A 271 -3.50 -55.04 38.33
N ASP A 272 -3.80 -53.90 38.95
CA ASP A 272 -5.01 -53.77 39.74
C ASP A 272 -5.66 -52.42 39.48
N ILE A 273 -6.96 -52.37 39.75
CA ILE A 273 -7.71 -51.12 39.77
C ILE A 273 -7.60 -50.59 41.20
N TYR A 274 -6.98 -49.43 41.36
CA TYR A 274 -6.57 -48.98 42.68
C TYR A 274 -7.49 -47.88 43.20
N GLN A 275 -7.96 -48.07 44.42
CA GLN A 275 -8.69 -47.07 45.19
C GLN A 275 -7.73 -45.97 45.58
N VAL A 276 -7.79 -44.83 44.89
CA VAL A 276 -6.96 -43.68 45.23
C VAL A 276 -7.75 -42.57 45.89
N GLY A 277 -9.08 -42.68 45.93
CA GLY A 277 -9.88 -41.77 46.73
C GLY A 277 -10.71 -42.51 47.75
N LYS A 278 -10.36 -42.38 49.02
CA LYS A 278 -11.03 -43.11 50.10
C LYS A 278 -11.80 -42.21 51.05
N LYS A 279 -11.28 -41.01 51.32
CA LYS A 279 -11.94 -40.12 52.28
C LYS A 279 -13.18 -39.46 51.70
N GLY A 280 -13.34 -39.48 50.38
CA GLY A 280 -14.54 -38.99 49.75
C GLY A 280 -15.65 -40.03 49.76
N ASN A 281 -16.79 -39.64 49.18
CA ASN A 281 -17.99 -40.46 49.26
C ASN A 281 -18.26 -41.28 48.00
N HIS A 282 -17.30 -41.36 47.09
CA HIS A 282 -17.36 -42.35 46.02
C HIS A 282 -15.96 -42.87 45.74
N PRO A 283 -15.83 -44.11 45.29
CA PRO A 283 -14.50 -44.68 45.05
C PRO A 283 -13.79 -44.09 43.84
N VAL A 284 -12.75 -43.30 44.07
CA VAL A 284 -11.95 -42.79 42.98
C VAL A 284 -10.91 -43.84 42.62
N TYR A 285 -10.95 -44.31 41.37
CA TYR A 285 -10.19 -45.47 40.94
C TYR A 285 -9.05 -45.05 40.02
N LYS A 286 -7.93 -45.77 40.12
CA LYS A 286 -6.81 -45.63 39.21
C LYS A 286 -6.65 -46.94 38.45
N TYR A 287 -7.07 -46.95 37.18
CA TYR A 287 -6.92 -48.14 36.36
C TYR A 287 -5.44 -48.40 36.11
N ALA A 288 -4.92 -49.48 36.67
CA ALA A 288 -3.52 -49.83 36.52
C ALA A 288 -3.35 -51.31 36.18
N LYS A 289 -4.29 -51.88 35.45
CA LYS A 289 -4.12 -53.25 35.00
C LYS A 289 -3.09 -53.28 33.88
N SER A 290 -2.57 -54.48 33.62
CA SER A 290 -1.42 -54.66 32.76
C SER A 290 -1.83 -55.15 31.37
N PHE A 291 -1.19 -54.58 30.35
CA PHE A 291 -1.43 -54.94 28.95
C PHE A 291 -0.08 -55.14 28.30
N PHE A 292 0.18 -56.36 27.82
CA PHE A 292 1.51 -56.76 27.40
C PHE A 292 1.60 -57.02 25.90
N LEU A 293 2.84 -57.00 25.41
CA LEU A 293 3.17 -57.33 24.02
C LEU A 293 4.46 -58.15 24.06
N GLU A 294 4.31 -59.48 24.03
CA GLU A 294 5.46 -60.36 24.19
C GLU A 294 6.33 -60.36 22.93
N VAL A 295 7.64 -60.26 23.14
CA VAL A 295 8.62 -60.33 22.06
C VAL A 295 9.72 -61.28 22.46
N SER A 296 10.58 -61.60 21.49
CA SER A 296 11.70 -62.52 21.71
C SER A 296 12.97 -61.85 21.19
N VAL A 297 13.93 -61.63 22.08
CA VAL A 297 15.21 -61.05 21.69
C VAL A 297 16.12 -62.12 21.10
N MET B 1 -29.29 -38.52 25.47
CA MET B 1 -28.73 -37.95 26.70
C MET B 1 -27.70 -36.88 26.36
N LYS B 2 -27.22 -36.90 25.12
CA LYS B 2 -26.29 -35.89 24.63
C LYS B 2 -26.95 -35.13 23.48
N LEU B 3 -26.89 -33.80 23.55
CA LEU B 3 -27.42 -32.93 22.51
C LEU B 3 -26.28 -32.16 21.86
N VAL B 4 -26.34 -32.00 20.54
CA VAL B 4 -25.39 -31.18 19.80
C VAL B 4 -26.16 -30.01 19.18
N ILE B 5 -25.68 -28.80 19.43
CA ILE B 5 -26.33 -27.58 18.99
C ILE B 5 -25.51 -27.03 17.82
N GLU B 6 -26.02 -27.22 16.61
CA GLU B 6 -25.34 -26.70 15.44
C GLU B 6 -25.71 -25.24 15.21
N GLY B 7 -25.04 -24.64 14.23
CA GLY B 7 -25.28 -23.25 13.89
C GLY B 7 -24.07 -22.66 13.22
N THR B 8 -24.26 -21.45 12.69
CA THR B 8 -23.21 -20.76 11.99
C THR B 8 -23.05 -19.35 12.55
N ILE B 9 -21.80 -18.91 12.71
CA ILE B 9 -21.48 -17.56 13.10
C ILE B 9 -21.02 -16.82 11.86
N VAL B 10 -21.70 -15.73 11.51
CA VAL B 10 -21.36 -14.90 10.37
C VAL B 10 -20.73 -13.62 10.89
N LEU B 11 -19.51 -13.32 10.45
CA LEU B 11 -18.87 -12.08 10.82
C LEU B 11 -19.51 -10.92 10.06
N LYS B 12 -19.90 -9.88 10.79
CA LYS B 12 -20.56 -8.73 10.19
C LYS B 12 -19.64 -7.53 9.99
N THR B 13 -18.78 -7.22 10.96
CA THR B 13 -17.92 -6.05 10.87
C THR B 13 -16.43 -6.37 10.99
N GLY B 14 -16.05 -7.65 10.89
CA GLY B 14 -14.65 -7.99 11.05
C GLY B 14 -14.28 -8.23 12.50
N MET B 15 -13.55 -9.30 12.77
CA MET B 15 -13.32 -9.75 14.14
C MET B 15 -11.84 -10.00 14.38
N HIS B 16 -11.36 -9.56 15.53
CA HIS B 16 -9.98 -9.75 15.96
C HIS B 16 -10.00 -10.46 17.30
N ILE B 17 -9.87 -11.79 17.28
CA ILE B 17 -9.79 -12.58 18.50
C ILE B 17 -8.33 -12.96 18.74
N GLY B 18 -7.88 -12.81 19.97
CA GLY B 18 -6.68 -13.47 20.44
C GLY B 18 -5.41 -12.76 20.03
N GLY B 19 -4.34 -13.11 20.72
CA GLY B 19 -3.02 -12.61 20.40
C GLY B 19 -1.97 -13.69 20.43
N SER B 20 -1.33 -13.92 19.28
CA SER B 20 -0.24 -14.89 19.15
C SER B 20 1.01 -14.08 18.84
N SER B 21 1.87 -13.90 19.84
CA SER B 21 3.02 -13.00 19.73
C SER B 21 4.16 -13.72 18.99
N ASP B 22 4.33 -13.38 17.72
CA ASP B 22 5.43 -13.89 16.90
C ASP B 22 5.46 -13.15 15.58
N PHE B 23 6.66 -13.07 14.99
CA PHE B 23 6.86 -12.58 13.63
C PHE B 23 6.28 -11.18 13.43
N SER B 24 6.90 -10.23 14.14
CA SER B 24 6.52 -8.83 14.06
C SER B 24 7.62 -8.02 13.38
N ALA B 25 7.22 -7.07 12.54
CA ALA B 25 8.11 -6.17 11.82
C ALA B 25 7.87 -4.74 12.31
N ILE B 26 8.51 -3.77 11.65
CA ILE B 26 8.28 -2.37 12.00
C ILE B 26 6.86 -1.96 11.66
N GLY B 27 6.40 -2.24 10.45
CA GLY B 27 5.01 -2.06 10.12
C GLY B 27 4.17 -3.13 10.80
N ALA B 28 4.31 -4.37 10.32
CA ALA B 28 3.75 -5.56 10.95
C ALA B 28 2.24 -5.53 11.07
N VAL B 29 1.66 -6.64 11.51
CA VAL B 29 0.37 -6.62 12.18
C VAL B 29 0.67 -6.54 13.67
N ASP B 30 0.42 -5.37 14.26
CA ASP B 30 0.79 -5.14 15.64
C ASP B 30 0.06 -6.07 16.58
N SER B 31 -1.09 -6.59 16.16
CA SER B 31 -1.81 -7.62 16.91
C SER B 31 -2.43 -8.60 15.94
N PRO B 32 -1.93 -9.82 15.86
CA PRO B 32 -2.52 -10.83 14.96
C PRO B 32 -3.72 -11.50 15.62
N VAL B 33 -4.37 -12.36 14.87
CA VAL B 33 -5.54 -13.09 15.34
C VAL B 33 -5.14 -14.55 15.59
N VAL B 34 -6.00 -15.26 16.31
CA VAL B 34 -5.76 -16.67 16.58
C VAL B 34 -6.03 -17.47 15.32
N ARG B 35 -5.18 -18.46 15.07
CA ARG B 35 -5.28 -19.31 13.90
C ARG B 35 -5.10 -20.76 14.30
N ASP B 36 -5.41 -21.65 13.38
CA ASP B 36 -5.11 -23.06 13.60
C ASP B 36 -3.61 -23.26 13.66
N THR B 37 -3.18 -24.21 14.49
CA THR B 37 -1.76 -24.45 14.64
C THR B 37 -1.15 -25.02 13.37
N LEU B 38 -1.91 -25.84 12.63
CA LEU B 38 -1.40 -26.48 11.42
C LEU B 38 -1.86 -25.77 10.16
N THR B 39 -3.17 -25.65 9.95
CA THR B 39 -3.69 -25.07 8.73
C THR B 39 -3.60 -23.55 8.70
N ARG B 40 -3.34 -22.91 9.84
CA ARG B 40 -3.22 -21.46 9.99
C ARG B 40 -4.51 -20.71 9.67
N LEU B 41 -5.60 -21.42 9.44
CA LEU B 41 -6.89 -20.76 9.26
C LEU B 41 -7.34 -20.11 10.56
N PRO B 42 -7.96 -18.93 10.50
CA PRO B 42 -8.47 -18.30 11.71
C PRO B 42 -9.58 -19.13 12.33
N LEU B 43 -9.75 -18.96 13.63
CA LEU B 43 -10.81 -19.68 14.33
C LEU B 43 -11.32 -18.83 15.48
N ILE B 44 -12.50 -19.20 15.97
CA ILE B 44 -13.03 -18.68 17.23
C ILE B 44 -12.79 -19.75 18.28
N PRO B 45 -11.87 -19.55 19.23
CA PRO B 45 -11.67 -20.55 20.29
C PRO B 45 -12.96 -20.75 21.07
N GLY B 46 -13.24 -22.00 21.42
CA GLY B 46 -14.43 -22.28 22.21
C GLY B 46 -14.41 -21.58 23.54
N SER B 47 -13.22 -21.31 24.07
CA SER B 47 -13.10 -20.55 25.32
C SER B 47 -13.57 -19.11 25.13
N SER B 48 -13.23 -18.49 24.01
CA SER B 48 -13.62 -17.10 23.77
C SER B 48 -15.13 -16.97 23.63
N LEU B 49 -15.74 -17.81 22.79
CA LEU B 49 -17.18 -17.79 22.63
C LEU B 49 -17.88 -18.13 23.95
N LYS B 50 -17.39 -19.16 24.65
CA LYS B 50 -17.99 -19.56 25.91
C LYS B 50 -17.92 -18.45 26.94
N GLY B 51 -16.76 -17.80 27.04
CA GLY B 51 -16.61 -16.74 28.03
C GLY B 51 -17.42 -15.51 27.72
N LYS B 52 -17.48 -15.12 26.46
CA LYS B 52 -18.27 -13.95 26.10
C LYS B 52 -19.77 -14.21 26.27
N MET B 53 -20.22 -15.41 25.89
CA MET B 53 -21.62 -15.77 26.09
C MET B 53 -21.96 -15.87 27.57
N ARG B 54 -21.07 -16.44 28.38
CA ARG B 54 -21.29 -16.48 29.82
C ARG B 54 -21.32 -15.08 30.40
N TYR B 55 -20.44 -14.20 29.95
CA TYR B 55 -20.46 -12.81 30.40
C TYR B 55 -21.80 -12.16 30.10
N LEU B 56 -22.27 -12.28 28.86
CA LEU B 56 -23.52 -11.66 28.48
C LEU B 56 -24.68 -12.22 29.29
N LEU B 57 -24.74 -13.55 29.46
CA LEU B 57 -25.82 -14.14 30.23
C LEU B 57 -25.76 -13.75 31.70
N ALA B 58 -24.57 -13.80 32.30
CA ALA B 58 -24.43 -13.45 33.71
C ALA B 58 -24.83 -12.01 33.97
N LYS B 59 -24.40 -11.09 33.10
CA LYS B 59 -24.81 -9.70 33.24
C LYS B 59 -26.26 -9.47 32.83
N GLU B 60 -26.88 -10.44 32.15
CA GLU B 60 -28.28 -10.34 31.77
C GLU B 60 -29.20 -10.95 32.83
N LEU B 61 -28.98 -12.22 33.19
CA LEU B 61 -29.84 -12.89 34.15
C LEU B 61 -29.73 -12.31 35.56
N ASN B 62 -28.72 -11.46 35.83
CA ASN B 62 -28.56 -10.83 37.13
C ASN B 62 -28.97 -9.36 37.13
N ASN B 63 -28.44 -8.57 36.20
CA ASN B 63 -28.72 -7.14 36.08
C ASN B 63 -28.39 -6.36 37.35
N GLY B 64 -27.44 -6.85 38.14
CA GLY B 64 -27.12 -6.22 39.41
C GLY B 64 -28.26 -6.24 40.40
N ILE B 65 -28.97 -7.37 40.48
CA ILE B 65 -30.10 -7.50 41.41
C ILE B 65 -29.62 -8.09 42.73
N ASP B 73 -22.00 -17.01 40.71
CA ASP B 73 -23.07 -16.74 39.74
C ASP B 73 -24.35 -17.47 40.11
N GLN B 74 -25.41 -17.19 39.35
CA GLN B 74 -26.70 -17.80 39.62
C GLN B 74 -26.67 -19.30 39.29
N ASP B 75 -27.76 -19.97 39.62
CA ASP B 75 -27.85 -21.40 39.36
C ASP B 75 -27.80 -21.70 37.87
N GLU B 76 -28.41 -20.84 37.05
CA GLU B 76 -28.46 -21.08 35.61
C GLU B 76 -27.08 -21.01 34.99
N ILE B 77 -26.32 -19.95 35.28
CA ILE B 77 -24.99 -19.80 34.69
C ILE B 77 -24.06 -20.89 35.18
N LEU B 78 -24.12 -21.22 36.47
CA LEU B 78 -23.23 -22.24 37.02
C LEU B 78 -23.55 -23.63 36.47
N ARG B 79 -24.85 -23.93 36.31
CA ARG B 79 -25.21 -25.24 35.77
C ARG B 79 -24.99 -25.31 34.27
N LEU B 80 -24.93 -24.18 33.58
CA LEU B 80 -24.76 -24.22 32.13
C LEU B 80 -23.30 -24.17 31.71
N PHE B 81 -22.44 -23.48 32.47
CA PHE B 81 -21.04 -23.34 32.12
C PHE B 81 -20.10 -24.01 33.11
N GLY B 82 -20.57 -24.41 34.28
CA GLY B 82 -19.76 -25.06 35.28
C GLY B 82 -19.44 -24.15 36.45
N SER B 83 -18.78 -24.74 37.45
CA SER B 83 -18.37 -24.00 38.63
C SER B 83 -17.37 -24.85 39.42
N SER B 84 -16.38 -24.19 40.02
CA SER B 84 -15.50 -24.88 40.94
C SER B 84 -15.06 -24.00 42.11
N GLU B 85 -15.83 -22.99 42.50
CA GLU B 85 -15.27 -21.86 43.23
C GLU B 85 -14.66 -22.25 44.57
N LYS B 86 -15.48 -22.59 45.56
CA LYS B 86 -14.93 -23.13 46.79
C LYS B 86 -15.66 -24.36 47.31
N ASP B 87 -17.00 -24.36 47.24
CA ASP B 87 -17.80 -25.48 47.70
C ASP B 87 -18.83 -25.87 46.65
N LYS B 88 -19.36 -24.87 45.93
CA LYS B 88 -20.40 -25.08 44.94
C LYS B 88 -19.78 -25.52 43.62
N ILE B 89 -19.34 -26.77 43.59
CA ILE B 89 -18.74 -27.35 42.40
C ILE B 89 -19.86 -27.96 41.57
N ARG B 90 -20.17 -27.31 40.44
CA ARG B 90 -21.11 -27.81 39.45
C ARG B 90 -20.31 -28.10 38.20
N ARG B 91 -20.61 -29.21 37.52
CA ARG B 91 -19.62 -29.70 36.55
C ARG B 91 -19.66 -28.92 35.24
N ALA B 92 -20.71 -29.13 34.45
CA ALA B 92 -21.01 -28.41 33.22
C ALA B 92 -22.23 -29.07 32.59
N ARG B 93 -22.86 -28.34 31.69
CA ARG B 93 -23.78 -28.93 30.73
C ARG B 93 -23.39 -28.60 29.30
N LEU B 94 -22.90 -27.38 29.07
CA LEU B 94 -22.39 -26.99 27.77
C LEU B 94 -20.93 -27.39 27.64
N LYS B 95 -20.58 -27.89 26.47
CA LYS B 95 -19.22 -28.32 26.14
C LYS B 95 -18.87 -27.63 24.82
N PHE B 96 -18.25 -26.46 24.93
CA PHE B 96 -17.94 -25.66 23.74
C PHE B 96 -16.77 -26.27 22.98
N ASN B 97 -16.74 -26.01 21.68
CA ASN B 97 -15.71 -26.53 20.80
C ASN B 97 -15.05 -25.37 20.07
N ASP B 98 -13.81 -25.60 19.63
CA ASP B 98 -13.15 -24.62 18.77
C ASP B 98 -13.83 -24.59 17.42
N ILE B 99 -14.05 -23.38 16.90
CA ILE B 99 -14.83 -23.17 15.69
C ILE B 99 -13.87 -22.79 14.57
N LYS B 100 -13.74 -23.65 13.57
CA LYS B 100 -12.83 -23.42 12.46
C LYS B 100 -13.54 -22.65 11.35
N LEU B 101 -12.75 -21.89 10.59
CA LEU B 101 -13.30 -21.07 9.51
C LEU B 101 -13.89 -21.95 8.42
N SER B 102 -15.21 -21.85 8.23
CA SER B 102 -15.89 -22.69 7.26
C SER B 102 -15.79 -22.12 5.85
N ASN B 103 -15.83 -20.80 5.71
CA ASN B 103 -15.90 -20.13 4.41
C ASN B 103 -14.50 -19.95 3.85
N LEU B 104 -13.97 -20.98 3.22
CA LEU B 104 -12.83 -20.84 2.32
C LEU B 104 -13.17 -21.13 0.88
N ALA B 105 -14.09 -22.07 0.63
CA ALA B 105 -14.58 -22.26 -0.73
C ALA B 105 -15.26 -20.99 -1.24
N GLU B 106 -16.08 -20.35 -0.40
CA GLU B 106 -16.75 -19.13 -0.79
C GLU B 106 -15.77 -17.95 -0.82
N LEU B 107 -14.92 -17.82 0.20
CA LEU B 107 -13.99 -16.70 0.27
C LEU B 107 -12.94 -16.73 -0.81
N GLU B 108 -12.64 -17.90 -1.37
CA GLU B 108 -11.67 -17.97 -2.46
C GLU B 108 -12.24 -17.55 -3.80
N THR B 109 -13.56 -17.62 -3.98
CA THR B 109 -14.18 -17.17 -5.22
C THR B 109 -14.05 -15.67 -5.40
N PHE B 110 -13.87 -14.91 -4.32
CA PHE B 110 -13.67 -13.48 -4.39
C PHE B 110 -12.20 -13.10 -4.51
N ASN B 111 -11.31 -14.09 -4.65
CA ASN B 111 -9.88 -13.85 -4.78
C ASN B 111 -9.34 -13.00 -3.63
N VAL B 112 -9.87 -13.24 -2.44
CA VAL B 112 -9.58 -12.41 -1.27
C VAL B 112 -9.21 -13.32 -0.10
N SER B 113 -8.25 -12.86 0.71
CA SER B 113 -7.81 -13.63 1.86
C SER B 113 -8.88 -13.66 2.94
N SER B 114 -8.71 -14.58 3.89
CA SER B 114 -9.63 -14.72 5.01
C SER B 114 -9.43 -13.67 6.08
N THR B 115 -8.33 -12.92 6.03
CA THR B 115 -8.02 -11.92 7.04
C THR B 115 -7.58 -10.62 6.38
N GLU B 116 -7.77 -9.53 7.11
CA GLU B 116 -7.41 -8.20 6.65
C GLU B 116 -6.52 -7.53 7.68
N VAL B 117 -5.78 -6.52 7.24
CA VAL B 117 -4.97 -5.69 8.13
C VAL B 117 -5.64 -4.33 8.22
N LYS B 118 -6.21 -4.03 9.39
CA LYS B 118 -6.89 -2.76 9.60
C LYS B 118 -5.90 -1.73 10.12
N PHE B 119 -5.86 -0.58 9.45
CA PHE B 119 -4.96 0.50 9.81
C PHE B 119 -5.70 1.48 10.69
N GLU B 120 -5.13 1.74 11.86
CA GLU B 120 -5.72 2.62 12.85
C GLU B 120 -4.65 3.59 13.35
N ASN B 121 -5.09 4.64 14.03
CA ASN B 121 -4.14 5.48 14.74
C ASN B 121 -4.83 6.09 15.94
N THR B 122 -4.00 6.51 16.90
CA THR B 122 -4.43 7.32 18.02
C THR B 122 -3.76 8.68 17.87
N ILE B 123 -4.51 9.75 18.12
CA ILE B 123 -4.02 11.10 17.96
C ILE B 123 -3.87 11.70 19.35
N ASN B 124 -2.67 12.19 19.66
CA ASN B 124 -2.44 12.84 20.93
C ASN B 124 -3.33 14.07 21.06
N ARG B 125 -3.84 14.31 22.26
CA ARG B 125 -4.68 15.47 22.50
C ARG B 125 -3.90 16.68 22.96
N LYS B 126 -2.66 16.50 23.39
CA LYS B 126 -1.78 17.60 23.76
C LYS B 126 -0.90 18.05 22.62
N THR B 127 -0.16 17.12 22.01
CA THR B 127 0.73 17.44 20.90
C THR B 127 0.09 17.26 19.54
N ALA B 128 -1.14 16.72 19.48
CA ALA B 128 -1.86 16.50 18.22
C ALA B 128 -1.06 15.62 17.26
N VAL B 129 -0.38 14.62 17.81
CA VAL B 129 0.51 13.74 17.05
C VAL B 129 -0.13 12.38 16.93
N ALA B 130 -0.19 11.85 15.70
CA ALA B 130 -0.83 10.56 15.48
C ALA B 130 0.14 9.41 15.78
N ASN B 131 -0.40 8.19 15.73
CA ASN B 131 0.36 6.98 16.02
C ASN B 131 -0.28 5.78 15.32
N PRO B 132 0.26 5.34 14.19
CA PRO B 132 -0.46 4.38 13.32
C PRO B 132 -0.30 2.95 13.79
N ARG B 133 -1.37 2.38 14.34
CA ARG B 133 -1.34 0.97 14.70
C ARG B 133 -2.04 0.12 13.65
N GLN B 134 -1.55 -1.11 13.47
CA GLN B 134 -2.13 -2.06 12.54
C GLN B 134 -2.72 -3.23 13.32
N ILE B 135 -3.96 -3.57 13.01
CA ILE B 135 -4.68 -4.64 13.69
C ILE B 135 -5.10 -5.66 12.64
N GLU B 136 -4.47 -6.84 12.68
CA GLU B 136 -4.93 -7.95 11.85
C GLU B 136 -6.36 -8.31 12.24
N ARG B 137 -7.20 -8.57 11.24
CA ARG B 137 -8.61 -8.75 11.51
C ARG B 137 -9.17 -9.78 10.53
N VAL B 138 -10.06 -10.63 11.03
CA VAL B 138 -10.74 -11.61 10.19
C VAL B 138 -11.88 -10.89 9.48
N ILE B 139 -11.89 -10.96 8.14
CA ILE B 139 -12.76 -10.10 7.36
C ILE B 139 -14.23 -10.43 7.63
N ALA B 140 -15.08 -9.46 7.33
CA ALA B 140 -16.52 -9.65 7.47
C ALA B 140 -17.03 -10.59 6.40
N GLY B 141 -18.17 -11.21 6.68
CA GLY B 141 -18.73 -12.22 5.80
C GLY B 141 -18.17 -13.61 5.99
N SER B 142 -17.13 -13.76 6.81
CA SER B 142 -16.63 -15.09 7.14
C SER B 142 -17.65 -15.84 7.98
N LYS B 143 -17.82 -17.12 7.69
CA LYS B 143 -18.77 -17.96 8.40
C LYS B 143 -18.02 -18.99 9.24
N PHE B 144 -18.56 -19.27 10.42
CA PHE B 144 -17.96 -20.18 11.40
C PHE B 144 -19.06 -21.13 11.87
N ASP B 145 -19.23 -22.25 11.17
CA ASP B 145 -20.15 -23.28 11.64
C ASP B 145 -19.60 -23.93 12.89
N PHE B 146 -20.42 -24.03 13.93
CA PHE B 146 -19.96 -24.52 15.22
C PHE B 146 -20.84 -25.68 15.68
N GLU B 147 -20.40 -26.29 16.78
CA GLU B 147 -21.14 -27.34 17.47
C GLU B 147 -20.95 -27.14 18.96
N ILE B 148 -22.04 -27.25 19.72
CA ILE B 148 -22.00 -27.16 21.17
C ILE B 148 -22.67 -28.40 21.73
N PHE B 149 -21.94 -29.17 22.52
CA PHE B 149 -22.47 -30.39 23.10
C PHE B 149 -23.11 -30.09 24.45
N TYR B 150 -24.35 -30.52 24.62
CA TYR B 150 -25.11 -30.32 25.85
C TYR B 150 -25.43 -31.69 26.43
N ASN B 151 -25.21 -31.85 27.72
CA ASN B 151 -25.41 -33.12 28.40
C ASN B 151 -26.75 -33.09 29.12
N LEU B 152 -27.62 -34.05 28.82
CA LEU B 152 -28.95 -34.12 29.41
C LEU B 152 -28.86 -34.74 30.81
N ASP B 153 -28.23 -33.99 31.71
CA ASP B 153 -28.16 -34.42 33.10
C ASP B 153 -29.55 -34.50 33.72
N ASP B 154 -30.36 -33.47 33.49
CA ASP B 154 -31.72 -33.41 34.02
C ASP B 154 -32.68 -33.13 32.87
N ILE B 155 -33.81 -33.85 32.86
CA ILE B 155 -34.77 -33.71 31.78
C ILE B 155 -35.76 -32.57 31.99
N LYS B 156 -35.94 -32.13 33.24
CA LYS B 156 -36.87 -31.04 33.51
C LYS B 156 -36.29 -29.69 33.12
N GLU B 157 -34.99 -29.48 33.37
CA GLU B 157 -34.36 -28.18 33.21
C GLU B 157 -33.91 -27.88 31.78
N VAL B 158 -34.21 -28.79 30.84
CA VAL B 158 -33.71 -28.65 29.48
C VAL B 158 -34.28 -27.40 28.83
N GLU B 159 -35.58 -27.15 29.02
CA GLU B 159 -36.21 -25.99 28.38
C GLU B 159 -35.61 -24.69 28.88
N LYS B 160 -35.40 -24.57 30.19
CA LYS B 160 -34.81 -23.35 30.72
C LYS B 160 -33.37 -23.18 30.26
N ASP B 161 -32.60 -24.28 30.23
CA ASP B 161 -31.23 -24.19 29.78
C ASP B 161 -31.14 -23.76 28.32
N PHE B 162 -32.02 -24.30 27.47
CA PHE B 162 -31.97 -23.95 26.06
C PHE B 162 -32.55 -22.56 25.78
N GLU B 163 -33.52 -22.13 26.58
CA GLU B 163 -33.96 -20.75 26.52
C GLU B 163 -32.80 -19.81 26.86
N ASN B 164 -32.01 -20.17 27.88
CA ASN B 164 -30.86 -19.35 28.25
C ASN B 164 -29.79 -19.40 27.17
N ILE B 165 -29.61 -20.54 26.51
CA ILE B 165 -28.62 -20.64 25.44
C ILE B 165 -29.02 -19.75 24.27
N LYS B 166 -30.30 -19.79 23.89
CA LYS B 166 -30.79 -18.91 22.83
C LYS B 166 -30.68 -17.45 23.25
N GLN B 167 -30.97 -17.14 24.51
CA GLN B 167 -30.84 -15.77 24.99
C GLN B 167 -29.39 -15.29 24.93
N GLY B 168 -28.45 -16.17 25.28
CA GLY B 168 -27.04 -15.80 25.17
C GLY B 168 -26.61 -15.57 23.74
N PHE B 169 -27.09 -16.39 22.81
CA PHE B 169 -26.84 -16.15 21.39
C PHE B 169 -27.41 -14.81 20.95
N ASP B 170 -28.64 -14.50 21.38
CA ASP B 170 -29.28 -13.24 21.02
C ASP B 170 -28.51 -12.05 21.59
N LEU B 171 -28.02 -12.18 22.82
CA LEU B 171 -27.21 -11.12 23.41
C LEU B 171 -25.91 -10.93 22.64
N LEU B 172 -25.31 -12.03 22.18
CA LEU B 172 -24.13 -11.91 21.34
C LEU B 172 -24.45 -11.24 20.02
N GLU B 173 -25.68 -11.38 19.53
CA GLU B 173 -26.06 -10.74 18.27
C GLU B 173 -25.96 -9.22 18.36
N PHE B 174 -26.32 -8.64 19.50
CA PHE B 174 -26.25 -7.20 19.73
C PHE B 174 -25.02 -6.81 20.51
N ASP B 175 -23.92 -7.50 20.29
CA ASP B 175 -22.67 -7.25 20.99
C ASP B 175 -21.53 -7.63 20.05
N TYR B 176 -20.32 -7.78 20.57
CA TYR B 176 -19.20 -8.27 19.79
C TYR B 176 -18.65 -9.52 20.44
N LEU B 177 -17.70 -10.16 19.75
CA LEU B 177 -17.15 -11.43 20.20
C LEU B 177 -15.67 -11.37 20.55
N GLY B 178 -14.87 -10.60 19.82
CA GLY B 178 -13.46 -10.54 20.14
C GLY B 178 -12.79 -9.25 19.78
N GLY B 179 -11.89 -8.79 20.66
CA GLY B 179 -11.06 -7.65 20.34
C GLY B 179 -11.76 -6.32 20.51
N HIS B 180 -11.28 -5.33 19.76
CA HIS B 180 -11.66 -3.94 19.93
C HIS B 180 -13.07 -3.67 19.43
N GLY B 181 -14.06 -4.25 20.11
CA GLY B 181 -15.42 -4.22 19.58
C GLY B 181 -16.04 -2.84 19.57
N THR B 182 -15.93 -2.12 20.68
CA THR B 182 -16.54 -0.79 20.75
C THR B 182 -15.95 0.17 19.73
N ARG B 183 -14.77 -0.15 19.20
CA ARG B 183 -14.16 0.58 18.09
C ARG B 183 -14.53 -0.02 16.74
N GLY B 184 -15.68 -0.67 16.63
CA GLY B 184 -16.23 -1.08 15.36
C GLY B 184 -16.07 -2.54 15.01
N SER B 185 -15.18 -3.26 15.68
CA SER B 185 -14.85 -4.62 15.27
C SER B 185 -15.80 -5.63 15.90
N GLY B 186 -15.78 -6.85 15.34
CA GLY B 186 -16.25 -8.02 16.05
C GLY B 186 -17.74 -8.27 16.10
N ARG B 187 -18.54 -7.60 15.27
CA ARG B 187 -19.96 -7.91 15.23
C ARG B 187 -20.19 -9.23 14.50
N ILE B 188 -21.15 -10.01 15.01
CA ILE B 188 -21.43 -11.35 14.49
C ILE B 188 -22.93 -11.56 14.42
N ALA B 189 -23.33 -12.68 13.81
CA ALA B 189 -24.72 -13.10 13.76
C ALA B 189 -24.78 -14.62 13.77
N PHE B 190 -25.97 -15.15 14.03
CA PHE B 190 -26.19 -16.59 14.10
C PHE B 190 -27.34 -16.99 13.19
N GLU B 191 -27.17 -18.12 12.51
CA GLU B 191 -28.26 -18.74 11.75
C GLU B 191 -27.99 -20.24 11.68
N ASN B 192 -28.95 -20.97 11.11
CA ASN B 192 -28.91 -22.42 11.07
C ASN B 192 -28.86 -23.03 12.47
N LEU B 193 -29.47 -22.35 13.42
CA LEU B 193 -29.42 -22.75 14.83
C LEU B 193 -30.39 -23.90 15.05
N SER B 194 -29.86 -25.12 15.12
CA SER B 194 -30.65 -26.31 15.36
C SER B 194 -29.97 -27.17 16.42
N VAL B 195 -30.78 -27.88 17.19
CA VAL B 195 -30.29 -28.87 18.15
C VAL B 195 -30.89 -30.22 17.79
N ILE B 196 -30.03 -31.22 17.64
CA ILE B 196 -30.44 -32.58 17.33
C ILE B 196 -29.77 -33.51 18.35
N THR B 197 -30.55 -34.42 18.93
CA THR B 197 -29.98 -35.36 19.87
C THR B 197 -28.95 -36.24 19.18
N ALA B 198 -27.81 -36.44 19.83
CA ALA B 198 -26.73 -37.25 19.29
C ALA B 198 -26.70 -38.65 19.87
N VAL B 199 -26.90 -38.78 21.18
CA VAL B 199 -26.96 -40.07 21.86
C VAL B 199 -28.23 -40.09 22.70
N GLY B 200 -28.97 -41.18 22.61
CA GLY B 200 -30.25 -41.28 23.30
C GLY B 200 -31.41 -40.88 22.42
N ASN B 201 -32.49 -40.49 23.07
CA ASN B 201 -33.68 -40.04 22.36
C ASN B 201 -34.46 -39.07 23.25
N PHE B 202 -34.51 -37.81 22.83
CA PHE B 202 -35.30 -36.79 23.50
C PHE B 202 -36.57 -36.56 22.70
N GLU B 203 -37.72 -36.84 23.32
CA GLU B 203 -38.99 -36.69 22.60
C GLU B 203 -39.35 -35.22 22.41
N LYS B 204 -38.86 -34.33 23.27
CA LYS B 204 -39.12 -32.91 23.16
C LYS B 204 -38.01 -32.17 22.42
N ILE B 205 -37.33 -32.84 21.49
CA ILE B 205 -36.35 -32.16 20.66
C ILE B 205 -37.02 -31.16 19.73
N ASN B 206 -38.31 -31.36 19.44
CA ASN B 206 -39.04 -30.41 18.59
C ASN B 206 -39.12 -29.04 19.26
N THR B 207 -39.46 -29.00 20.53
CA THR B 207 -39.56 -27.71 21.22
C THR B 207 -38.19 -27.09 21.50
N LEU B 208 -37.13 -27.92 21.57
CA LEU B 208 -35.79 -27.38 21.67
C LEU B 208 -35.32 -26.78 20.35
N ASN B 209 -35.70 -27.38 19.22
CA ASN B 209 -35.45 -26.75 17.93
C ASN B 209 -36.28 -25.48 17.76
N GLU B 210 -37.50 -25.49 18.29
CA GLU B 210 -38.34 -24.30 18.25
C GLU B 210 -37.82 -23.19 19.15
N ILE B 211 -37.11 -23.55 20.22
CA ILE B 211 -36.46 -22.55 21.05
C ILE B 211 -35.36 -21.83 20.27
N LEU B 212 -34.52 -22.60 19.58
CA LEU B 212 -33.45 -22.00 18.79
C LEU B 212 -33.98 -21.40 17.49
N GLY B 213 -35.02 -22.00 16.92
CA GLY B 213 -35.60 -21.45 15.70
C GLY B 213 -36.20 -20.08 15.92
N ALA B 214 -36.74 -19.82 17.10
CA ALA B 214 -37.35 -18.53 17.41
C ALA B 214 -36.31 -17.42 17.42
N MET C 1 -17.10 26.63 20.88
CA MET C 1 -17.94 27.35 19.92
C MET C 1 -17.35 27.24 18.52
N LYS C 2 -18.22 27.23 17.51
CA LYS C 2 -17.80 27.16 16.13
C LYS C 2 -18.67 28.11 15.30
N LEU C 3 -18.07 28.73 14.29
CA LEU C 3 -18.76 29.67 13.42
C LEU C 3 -18.73 29.18 11.99
N VAL C 4 -19.76 29.55 11.23
CA VAL C 4 -19.89 29.21 9.82
C VAL C 4 -19.82 30.49 9.01
N ILE C 5 -18.86 30.56 8.10
CA ILE C 5 -18.68 31.70 7.22
C ILE C 5 -19.37 31.38 5.91
N GLU C 6 -20.54 31.98 5.68
CA GLU C 6 -21.22 31.79 4.40
C GLU C 6 -20.75 32.84 3.40
N GLY C 7 -21.28 32.76 2.19
CA GLY C 7 -20.93 33.69 1.14
C GLY C 7 -21.06 33.03 -0.21
N THR C 8 -20.94 33.85 -1.25
CA THR C 8 -21.06 33.40 -2.63
C THR C 8 -19.81 33.78 -3.39
N ILE C 9 -19.37 32.88 -4.28
CA ILE C 9 -18.29 33.16 -5.22
C ILE C 9 -18.91 33.29 -6.60
N VAL C 10 -18.81 34.48 -7.18
CA VAL C 10 -19.35 34.77 -8.51
C VAL C 10 -18.19 34.83 -9.48
N LEU C 11 -18.31 34.09 -10.59
CA LEU C 11 -17.29 34.11 -11.61
C LEU C 11 -17.39 35.40 -12.42
N LYS C 12 -16.27 36.10 -12.58
CA LYS C 12 -16.23 37.29 -13.39
C LYS C 12 -15.83 36.98 -14.82
N THR C 13 -14.80 36.16 -15.00
CA THR C 13 -14.47 35.54 -16.26
C THR C 13 -14.70 34.03 -16.12
N GLY C 14 -14.42 33.30 -17.20
CA GLY C 14 -14.48 31.85 -17.12
C GLY C 14 -13.46 31.32 -16.13
N MET C 15 -13.85 30.26 -15.43
CA MET C 15 -13.01 29.69 -14.39
C MET C 15 -12.83 28.20 -14.66
N HIS C 16 -11.58 27.77 -14.73
CA HIS C 16 -11.22 26.39 -15.02
C HIS C 16 -10.39 25.86 -13.86
N ILE C 17 -10.84 24.76 -13.26
CA ILE C 17 -10.05 24.03 -12.28
C ILE C 17 -9.86 22.61 -12.83
N GLY C 18 -8.61 22.22 -12.99
CA GLY C 18 -8.31 20.97 -13.63
C GLY C 18 -8.52 19.76 -12.75
N GLY C 19 -8.41 18.60 -13.39
CA GLY C 19 -8.64 17.31 -12.78
C GLY C 19 -9.52 16.51 -13.71
N SER C 20 -9.02 15.35 -14.15
CA SER C 20 -9.65 14.60 -15.23
C SER C 20 -9.72 13.13 -14.86
N SER C 21 -10.90 12.54 -15.01
CA SER C 21 -11.11 11.16 -14.61
C SER C 21 -11.48 10.21 -15.74
N ASP C 22 -12.07 10.68 -16.83
CA ASP C 22 -12.50 9.74 -17.86
C ASP C 22 -12.84 10.44 -19.16
N PHE C 23 -12.57 9.75 -20.27
CA PHE C 23 -13.25 9.93 -21.55
C PHE C 23 -13.08 11.36 -22.10
N SER C 24 -11.82 11.67 -22.44
CA SER C 24 -11.49 12.90 -23.15
C SER C 24 -11.34 12.58 -24.64
N ALA C 25 -12.39 12.88 -25.41
CA ALA C 25 -12.39 12.56 -26.84
C ALA C 25 -11.31 13.35 -27.58
N ILE C 26 -11.12 13.00 -28.85
CA ILE C 26 -10.00 13.51 -29.63
C ILE C 26 -10.39 14.71 -30.49
N GLY C 27 -11.58 15.26 -30.30
CA GLY C 27 -11.91 16.50 -30.98
C GLY C 27 -12.82 17.42 -30.18
N ALA C 28 -13.06 17.09 -28.91
CA ALA C 28 -14.11 17.74 -28.14
C ALA C 28 -13.57 18.55 -26.97
N VAL C 29 -12.86 17.93 -26.05
CA VAL C 29 -12.27 18.61 -24.89
C VAL C 29 -10.90 18.02 -24.62
N ASP C 30 -9.97 18.89 -24.22
CA ASP C 30 -8.64 18.46 -23.84
C ASP C 30 -8.35 18.67 -22.36
N SER C 31 -9.09 19.57 -21.70
CA SER C 31 -8.94 19.80 -20.26
C SER C 31 -10.32 20.07 -19.68
N PRO C 32 -10.99 19.04 -19.13
CA PRO C 32 -12.27 19.28 -18.47
C PRO C 32 -12.09 19.95 -17.12
N VAL C 33 -13.18 20.51 -16.62
CA VAL C 33 -13.18 21.11 -15.30
C VAL C 33 -13.62 20.07 -14.29
N VAL C 34 -13.19 20.25 -13.04
CA VAL C 34 -13.58 19.34 -11.97
C VAL C 34 -15.07 19.48 -11.70
N ARG C 35 -15.74 18.34 -11.52
CA ARG C 35 -17.19 18.31 -11.38
C ARG C 35 -17.57 17.42 -10.21
N ASP C 36 -18.74 17.70 -9.63
CA ASP C 36 -19.30 16.81 -8.63
C ASP C 36 -19.76 15.53 -9.30
N THR C 37 -19.20 14.40 -8.88
CA THR C 37 -19.38 13.15 -9.62
C THR C 37 -20.85 12.75 -9.73
N LEU C 38 -21.59 12.87 -8.63
CA LEU C 38 -22.99 12.45 -8.65
C LEU C 38 -23.82 13.34 -9.55
N THR C 39 -23.91 14.64 -9.21
CA THR C 39 -24.81 15.55 -9.89
C THR C 39 -24.21 16.17 -11.14
N ARG C 40 -22.96 15.86 -11.47
CA ARG C 40 -22.24 16.42 -12.61
C ARG C 40 -22.08 17.93 -12.52
N LEU C 41 -22.48 18.52 -11.40
CA LEU C 41 -22.40 19.96 -11.21
C LEU C 41 -20.95 20.38 -11.00
N PRO C 42 -20.45 21.38 -11.72
CA PRO C 42 -19.09 21.85 -11.48
C PRO C 42 -18.93 22.36 -10.06
N LEU C 43 -17.73 22.22 -9.53
CA LEU C 43 -17.47 22.63 -8.15
C LEU C 43 -16.11 23.29 -8.04
N ILE C 44 -15.95 24.06 -6.97
CA ILE C 44 -14.66 24.63 -6.59
C ILE C 44 -14.12 23.78 -5.44
N PRO C 45 -13.08 22.99 -5.64
CA PRO C 45 -12.53 22.19 -4.53
C PRO C 45 -12.10 23.10 -3.39
N GLY C 46 -12.34 22.63 -2.16
CA GLY C 46 -11.87 23.37 -1.00
C GLY C 46 -10.37 23.39 -0.90
N SER C 47 -9.70 22.39 -1.48
CA SER C 47 -8.25 22.37 -1.48
C SER C 47 -7.69 23.51 -2.30
N SER C 48 -8.24 23.76 -3.49
CA SER C 48 -7.71 24.81 -4.35
C SER C 48 -8.01 26.19 -3.79
N LEU C 49 -9.22 26.40 -3.30
CA LEU C 49 -9.57 27.69 -2.70
C LEU C 49 -8.70 27.95 -1.47
N LYS C 50 -8.56 26.94 -0.60
CA LYS C 50 -7.72 27.09 0.57
C LYS C 50 -6.28 27.37 0.19
N GLY C 51 -5.75 26.65 -0.80
CA GLY C 51 -4.36 26.83 -1.18
C GLY C 51 -4.08 28.19 -1.77
N LYS C 52 -4.95 28.65 -2.67
CA LYS C 52 -4.76 29.98 -3.25
C LYS C 52 -4.91 31.07 -2.21
N MET C 53 -5.92 30.97 -1.34
CA MET C 53 -6.11 31.95 -0.29
C MET C 53 -4.93 31.96 0.69
N ARG C 54 -4.44 30.78 1.07
CA ARG C 54 -3.29 30.70 1.95
C ARG C 54 -2.05 31.28 1.30
N TYR C 55 -1.82 30.98 0.02
CA TYR C 55 -0.65 31.52 -0.65
C TYR C 55 -0.70 33.04 -0.68
N LEU C 56 -1.83 33.60 -1.11
CA LEU C 56 -1.95 35.05 -1.21
C LEU C 56 -1.81 35.70 0.15
N LEU C 57 -2.46 35.14 1.17
CA LEU C 57 -2.44 35.76 2.50
C LEU C 57 -1.07 35.62 3.15
N ALA C 58 -0.44 34.46 3.03
CA ALA C 58 0.90 34.28 3.58
C ALA C 58 1.90 35.20 2.91
N LYS C 59 1.81 35.35 1.59
CA LYS C 59 2.67 36.29 0.89
C LYS C 59 2.42 37.72 1.35
N GLU C 60 1.15 38.08 1.54
CA GLU C 60 0.83 39.46 1.91
C GLU C 60 1.27 39.79 3.32
N LEU C 61 1.06 38.86 4.26
CA LEU C 61 1.33 39.14 5.66
C LEU C 61 2.81 39.10 6.01
N ASN C 62 3.61 38.34 5.27
CA ASN C 62 4.99 38.11 5.68
C ASN C 62 5.85 39.34 5.40
N ASN C 63 6.14 39.59 4.13
CA ASN C 63 6.80 40.84 3.73
C ASN C 63 6.35 41.31 2.35
N GLY C 64 5.37 40.67 1.74
CA GLY C 64 5.22 40.71 0.31
C GLY C 64 6.03 39.65 -0.41
N ILE C 65 6.93 38.97 0.30
CA ILE C 65 7.71 37.86 -0.24
C ILE C 65 7.22 36.58 0.42
N LEU C 66 7.30 35.48 -0.32
CA LEU C 66 6.91 34.17 0.21
C LEU C 66 7.68 33.12 -0.58
N LEU C 67 8.75 32.60 0.02
CA LEU C 67 9.54 31.53 -0.59
C LEU C 67 9.67 30.33 0.33
N ASN C 68 9.09 30.38 1.52
CA ASN C 68 9.30 29.37 2.55
C ASN C 68 8.46 28.13 2.25
N GLU C 69 8.38 27.23 3.22
CA GLU C 69 7.56 26.04 3.24
C GLU C 69 6.28 26.31 4.04
N PRO C 70 5.16 25.69 3.66
CA PRO C 70 3.89 25.97 4.36
C PRO C 70 3.94 25.83 5.87
N ASN C 71 4.69 24.86 6.40
CA ASN C 71 4.80 24.71 7.84
C ASN C 71 5.76 25.68 8.47
N ASN C 72 6.17 26.74 7.74
CA ASN C 72 7.01 27.79 8.28
C ASN C 72 6.47 29.16 7.90
N ASP C 73 5.16 29.25 7.64
CA ASP C 73 4.53 30.51 7.32
C ASP C 73 4.41 31.35 8.58
N GLN C 74 3.73 32.49 8.47
CA GLN C 74 3.55 33.35 9.64
C GLN C 74 2.61 32.69 10.63
N ASP C 75 2.59 33.23 11.85
CA ASP C 75 1.82 32.61 12.91
C ASP C 75 0.32 32.71 12.67
N GLU C 76 -0.13 33.79 12.01
CA GLU C 76 -1.55 33.88 11.66
C GLU C 76 -1.93 32.80 10.64
N ILE C 77 -1.12 32.65 9.59
CA ILE C 77 -1.38 31.62 8.59
C ILE C 77 -1.26 30.24 9.20
N LEU C 78 -0.28 30.04 10.09
CA LEU C 78 -0.11 28.74 10.71
C LEU C 78 -1.30 28.39 11.59
N ARG C 79 -1.80 29.35 12.36
CA ARG C 79 -2.91 29.10 13.26
C ARG C 79 -4.25 29.03 12.54
N LEU C 80 -4.33 29.55 11.32
CA LEU C 80 -5.58 29.59 10.59
C LEU C 80 -5.72 28.49 9.55
N PHE C 81 -4.60 28.00 9.01
CA PHE C 81 -4.58 26.96 8.01
C PHE C 81 -3.94 25.66 8.47
N GLY C 82 -3.26 25.67 9.61
CA GLY C 82 -2.67 24.47 10.18
C GLY C 82 -1.18 24.41 9.95
N SER C 83 -0.55 23.47 10.67
CA SER C 83 0.89 23.26 10.61
C SER C 83 1.18 21.83 11.02
N SER C 84 1.98 21.14 10.20
CA SER C 84 2.32 19.75 10.46
C SER C 84 3.74 19.57 10.99
N GLU C 85 4.39 20.65 11.44
CA GLU C 85 5.75 20.52 11.97
C GLU C 85 5.77 19.59 13.17
N LYS C 86 6.85 18.81 13.27
CA LYS C 86 6.95 17.75 14.27
C LYS C 86 6.55 18.23 15.67
N ASP C 87 7.29 19.19 16.21
CA ASP C 87 7.12 19.62 17.58
C ASP C 87 6.14 20.78 17.74
N LYS C 88 5.71 21.39 16.64
CA LYS C 88 4.82 22.54 16.67
C LYS C 88 3.69 22.28 15.68
N ILE C 89 2.61 21.65 16.15
CA ILE C 89 1.45 21.39 15.33
C ILE C 89 0.35 22.37 15.71
N ARG C 90 -0.07 23.19 14.76
CA ARG C 90 -1.20 24.09 14.92
C ARG C 90 -2.41 23.43 14.28
N ARG C 91 -3.48 23.26 15.04
CA ARG C 91 -4.71 22.72 14.47
C ARG C 91 -5.45 23.82 13.74
N ALA C 92 -5.88 23.53 12.52
CA ALA C 92 -6.48 24.55 11.67
C ALA C 92 -7.79 25.04 12.25
N ARG C 93 -7.95 26.36 12.28
CA ARG C 93 -9.21 26.98 12.69
C ARG C 93 -10.14 27.20 11.52
N LEU C 94 -9.76 26.78 10.32
CA LEU C 94 -10.58 26.86 9.13
C LEU C 94 -10.75 25.47 8.55
N LYS C 95 -11.97 25.13 8.14
CA LYS C 95 -12.25 23.87 7.45
C LYS C 95 -12.97 24.25 6.16
N PHE C 96 -12.21 24.32 5.07
CA PHE C 96 -12.79 24.61 3.78
C PHE C 96 -13.60 23.41 3.28
N ASN C 97 -14.58 23.69 2.44
CA ASN C 97 -15.46 22.67 1.89
C ASN C 97 -15.43 22.76 0.36
N ASP C 98 -15.80 21.65 -0.28
CA ASP C 98 -16.00 21.66 -1.71
C ASP C 98 -17.25 22.47 -2.06
N ILE C 99 -17.16 23.27 -3.12
CA ILE C 99 -18.11 24.34 -3.36
C ILE C 99 -18.76 24.07 -4.71
N LYS C 100 -19.99 23.57 -4.69
CA LYS C 100 -20.74 23.35 -5.93
C LYS C 100 -21.46 24.62 -6.35
N LEU C 101 -21.65 24.78 -7.66
CA LEU C 101 -22.32 25.98 -8.15
C LEU C 101 -23.81 25.92 -7.85
N SER C 102 -24.34 27.04 -7.36
CA SER C 102 -25.69 27.07 -6.80
C SER C 102 -26.73 27.62 -7.76
N ASN C 103 -26.37 28.57 -8.63
CA ASN C 103 -27.36 29.22 -9.49
C ASN C 103 -27.50 28.52 -10.83
N LEU C 104 -27.69 27.21 -10.83
CA LEU C 104 -27.92 26.53 -12.10
C LEU C 104 -29.30 26.82 -12.66
N ALA C 105 -30.30 27.02 -11.80
CA ALA C 105 -31.62 27.41 -12.27
C ALA C 105 -31.57 28.79 -12.91
N GLU C 106 -30.82 29.72 -12.31
CA GLU C 106 -30.65 31.04 -12.90
C GLU C 106 -29.97 30.95 -14.26
N LEU C 107 -28.96 30.08 -14.39
CA LEU C 107 -28.31 29.88 -15.68
C LEU C 107 -29.26 29.27 -16.70
N GLU C 108 -30.09 28.31 -16.28
CA GLU C 108 -31.02 27.68 -17.21
C GLU C 108 -32.12 28.63 -17.64
N THR C 109 -32.42 29.64 -16.82
CA THR C 109 -33.35 30.68 -17.26
C THR C 109 -32.82 31.40 -18.50
N PHE C 110 -31.51 31.66 -18.53
CA PHE C 110 -30.85 32.29 -19.67
C PHE C 110 -30.54 31.30 -20.79
N ASN C 111 -31.09 30.09 -20.72
CA ASN C 111 -30.94 29.08 -21.78
C ASN C 111 -29.48 28.79 -22.08
N VAL C 112 -28.66 28.68 -21.03
CA VAL C 112 -27.26 28.27 -21.17
C VAL C 112 -26.96 27.20 -20.13
N SER C 113 -25.98 26.36 -20.45
CA SER C 113 -25.43 25.43 -19.49
C SER C 113 -24.39 26.12 -18.62
N SER C 114 -23.92 25.41 -17.60
CA SER C 114 -23.00 26.00 -16.64
C SER C 114 -21.56 26.04 -17.13
N THR C 115 -21.25 25.32 -18.21
CA THR C 115 -19.89 25.24 -18.72
C THR C 115 -19.86 25.62 -20.19
N GLU C 116 -18.79 26.27 -20.60
CA GLU C 116 -18.52 26.63 -21.98
C GLU C 116 -17.29 25.89 -22.47
N VAL C 117 -17.01 26.04 -23.76
CA VAL C 117 -15.80 25.51 -24.37
C VAL C 117 -14.99 26.69 -24.90
N LYS C 118 -13.74 26.78 -24.48
CA LYS C 118 -12.84 27.84 -24.90
C LYS C 118 -11.80 27.28 -25.85
N PHE C 119 -11.63 27.91 -27.00
CA PHE C 119 -10.70 27.47 -28.03
C PHE C 119 -9.46 28.36 -27.96
N GLU C 120 -8.34 27.76 -27.59
CA GLU C 120 -7.06 28.43 -27.52
C GLU C 120 -6.11 27.83 -28.54
N ASN C 121 -4.92 28.42 -28.65
CA ASN C 121 -3.84 27.82 -29.41
C ASN C 121 -2.53 28.48 -29.01
N THR C 122 -1.43 27.79 -29.30
CA THR C 122 -0.10 28.36 -29.20
C THR C 122 0.52 28.43 -30.58
N ILE C 123 1.24 29.52 -30.84
CA ILE C 123 1.81 29.78 -32.15
C ILE C 123 3.32 29.65 -32.02
N ASN C 124 3.88 28.64 -32.66
CA ASN C 124 5.33 28.45 -32.64
C ASN C 124 6.00 29.64 -33.30
N ARG C 125 6.83 30.36 -32.53
CA ARG C 125 7.45 31.57 -33.04
C ARG C 125 8.40 31.29 -34.20
N LYS C 126 8.78 30.03 -34.43
CA LYS C 126 9.62 29.69 -35.57
C LYS C 126 8.81 29.64 -36.86
N THR C 127 7.82 28.76 -36.93
CA THR C 127 7.07 28.50 -38.15
C THR C 127 5.70 29.15 -38.16
N ALA C 128 5.31 29.81 -37.07
CA ALA C 128 4.02 30.49 -36.97
C ALA C 128 2.85 29.53 -37.13
N VAL C 129 3.05 28.27 -36.78
CA VAL C 129 1.99 27.27 -36.84
C VAL C 129 1.30 27.20 -35.49
N ALA C 130 -0.02 27.01 -35.51
CA ALA C 130 -0.84 27.03 -34.31
C ALA C 130 -1.13 25.61 -33.84
N ASN C 131 -1.16 25.43 -32.52
CA ASN C 131 -1.49 24.15 -31.89
C ASN C 131 -2.74 24.34 -31.05
N PRO C 132 -3.90 23.92 -31.53
CA PRO C 132 -5.15 24.25 -30.82
C PRO C 132 -5.41 23.33 -29.65
N ARG C 133 -5.99 23.89 -28.61
CA ARG C 133 -6.54 23.11 -27.50
C ARG C 133 -7.99 23.50 -27.30
N GLN C 134 -8.62 22.89 -26.31
CA GLN C 134 -10.06 23.06 -26.12
C GLN C 134 -10.33 22.94 -24.62
N ILE C 135 -10.40 24.08 -23.94
CA ILE C 135 -10.50 24.12 -22.49
C ILE C 135 -11.97 24.24 -22.12
N GLU C 136 -12.49 23.25 -21.40
CA GLU C 136 -13.78 23.44 -20.77
C GLU C 136 -13.65 24.46 -19.66
N ARG C 137 -14.68 25.27 -19.48
CA ARG C 137 -14.58 26.39 -18.56
C ARG C 137 -15.97 26.73 -18.05
N VAL C 138 -16.07 26.98 -16.75
CA VAL C 138 -17.34 27.35 -16.15
C VAL C 138 -17.62 28.81 -16.49
N ILE C 139 -18.79 29.07 -17.05
CA ILE C 139 -19.07 30.37 -17.64
C ILE C 139 -19.10 31.45 -16.57
N ALA C 140 -18.77 32.67 -16.98
CA ALA C 140 -18.91 33.82 -16.09
C ALA C 140 -20.37 34.03 -15.73
N GLY C 141 -20.60 34.57 -14.55
CA GLY C 141 -21.95 34.69 -14.02
C GLY C 141 -22.39 33.51 -13.19
N SER C 142 -21.64 32.43 -13.18
CA SER C 142 -21.92 31.31 -12.30
C SER C 142 -21.65 31.72 -10.86
N LYS C 143 -22.50 31.23 -9.95
CA LYS C 143 -22.38 31.56 -8.53
C LYS C 143 -22.17 30.29 -7.73
N PHE C 144 -21.22 30.32 -6.82
CA PHE C 144 -20.85 29.19 -5.97
C PHE C 144 -21.05 29.58 -4.52
N ASP C 145 -22.12 29.10 -3.90
CA ASP C 145 -22.36 29.34 -2.48
C ASP C 145 -21.45 28.43 -1.66
N PHE C 146 -20.72 29.02 -0.71
CA PHE C 146 -19.76 28.26 0.07
C PHE C 146 -20.06 28.36 1.56
N GLU C 147 -19.35 27.53 2.31
CA GLU C 147 -19.42 27.51 3.77
C GLU C 147 -18.05 27.12 4.29
N ILE C 148 -17.44 28.00 5.07
CA ILE C 148 -16.17 27.73 5.72
C ILE C 148 -16.41 27.66 7.21
N PHE C 149 -15.92 26.59 7.83
CA PHE C 149 -16.08 26.40 9.27
C PHE C 149 -14.91 27.02 10.00
N TYR C 150 -15.20 27.87 10.98
CA TYR C 150 -14.19 28.49 11.82
C TYR C 150 -14.33 27.93 13.22
N ASN C 151 -13.28 27.28 13.71
CA ASN C 151 -13.28 26.72 15.05
C ASN C 151 -12.83 27.80 16.03
N LEU C 152 -13.79 28.33 16.79
CA LEU C 152 -13.53 29.45 17.69
C LEU C 152 -12.83 28.91 18.93
N ASP C 153 -11.50 28.91 18.88
CA ASP C 153 -10.68 28.39 19.97
C ASP C 153 -10.27 29.48 20.95
N ASP C 154 -9.70 30.57 20.44
CA ASP C 154 -9.29 31.69 21.27
C ASP C 154 -10.29 32.83 21.10
N ILE C 155 -10.94 33.21 22.20
CA ILE C 155 -12.04 34.15 22.15
C ILE C 155 -11.59 35.57 21.81
N LYS C 156 -10.29 35.86 21.91
CA LYS C 156 -9.80 37.23 21.77
C LYS C 156 -9.17 37.52 20.42
N GLU C 157 -8.39 36.59 19.87
CA GLU C 157 -7.76 36.80 18.57
C GLU C 157 -8.65 36.36 17.42
N VAL C 158 -9.94 36.12 17.67
CA VAL C 158 -10.87 35.81 16.58
C VAL C 158 -11.00 37.00 15.65
N GLU C 159 -10.91 38.22 16.17
CA GLU C 159 -11.04 39.41 15.33
C GLU C 159 -9.91 39.49 14.32
N LYS C 160 -8.67 39.26 14.76
CA LYS C 160 -7.53 39.28 13.83
C LYS C 160 -7.62 38.14 12.82
N ASP C 161 -8.05 36.97 13.28
CA ASP C 161 -8.31 35.86 12.35
C ASP C 161 -9.27 36.28 11.26
N PHE C 162 -10.37 36.95 11.63
CA PHE C 162 -11.37 37.31 10.63
C PHE C 162 -10.92 38.48 9.76
N GLU C 163 -10.11 39.39 10.30
CA GLU C 163 -9.54 40.42 9.45
C GLU C 163 -8.63 39.81 8.39
N ASN C 164 -7.84 38.81 8.78
CA ASN C 164 -6.99 38.12 7.80
C ASN C 164 -7.81 37.28 6.83
N ILE C 165 -8.94 36.72 7.29
CA ILE C 165 -9.85 36.00 6.40
C ILE C 165 -10.38 36.94 5.33
N LYS C 166 -10.84 38.12 5.74
CA LYS C 166 -11.34 39.11 4.79
C LYS C 166 -10.22 39.59 3.88
N GLN C 167 -9.01 39.76 4.41
CA GLN C 167 -7.88 40.17 3.58
C GLN C 167 -7.57 39.12 2.51
N GLY C 168 -7.58 37.84 2.87
CA GLY C 168 -7.36 36.81 1.88
C GLY C 168 -8.46 36.75 0.84
N PHE C 169 -9.71 36.93 1.28
CA PHE C 169 -10.82 36.99 0.32
C PHE C 169 -10.63 38.14 -0.66
N ASP C 170 -10.21 39.30 -0.16
CA ASP C 170 -9.99 40.46 -1.03
C ASP C 170 -8.78 40.27 -1.94
N LEU C 171 -7.77 39.54 -1.48
CA LEU C 171 -6.64 39.20 -2.34
C LEU C 171 -7.09 38.31 -3.49
N LEU C 172 -7.97 37.35 -3.21
CA LEU C 172 -8.53 36.54 -4.28
C LEU C 172 -9.31 37.38 -5.29
N GLU C 173 -9.97 38.44 -4.83
CA GLU C 173 -10.78 39.26 -5.73
C GLU C 173 -9.93 39.97 -6.77
N PHE C 174 -8.69 40.30 -6.44
CA PHE C 174 -7.76 40.93 -7.37
C PHE C 174 -6.75 39.93 -7.90
N ASP C 175 -7.20 38.72 -8.12
CA ASP C 175 -6.37 37.62 -8.58
C ASP C 175 -7.30 36.60 -9.23
N TYR C 176 -6.78 35.41 -9.52
CA TYR C 176 -7.58 34.36 -10.13
C TYR C 176 -7.72 33.17 -9.19
N LEU C 177 -8.70 32.31 -9.52
CA LEU C 177 -8.94 31.08 -8.79
C LEU C 177 -8.92 29.93 -9.77
N GLY C 178 -7.85 29.14 -9.73
CA GLY C 178 -7.76 27.93 -10.52
C GLY C 178 -7.48 28.17 -11.99
N GLY C 179 -6.69 27.27 -12.59
CA GLY C 179 -6.53 27.25 -14.02
C GLY C 179 -5.66 28.37 -14.56
N HIS C 180 -5.86 28.67 -15.84
CA HIS C 180 -4.97 29.53 -16.60
C HIS C 180 -5.29 31.00 -16.35
N GLY C 181 -5.08 31.43 -15.11
CA GLY C 181 -5.55 32.73 -14.68
C GLY C 181 -4.88 33.88 -15.41
N THR C 182 -3.57 33.80 -15.59
CA THR C 182 -2.86 34.90 -16.25
C THR C 182 -3.27 35.08 -17.71
N ARG C 183 -3.79 34.03 -18.35
CA ARG C 183 -4.37 34.11 -19.68
C ARG C 183 -5.88 34.30 -19.64
N GLY C 184 -6.37 35.26 -18.88
CA GLY C 184 -7.77 35.65 -18.92
C GLY C 184 -8.70 34.93 -17.97
N SER C 185 -8.43 33.66 -17.65
CA SER C 185 -9.38 32.85 -16.91
C SER C 185 -9.30 33.13 -15.41
N GLY C 186 -10.25 32.57 -14.68
CA GLY C 186 -10.13 32.40 -13.25
C GLY C 186 -10.65 33.52 -12.38
N ARG C 187 -11.06 34.64 -12.96
CA ARG C 187 -11.47 35.78 -12.15
C ARG C 187 -12.76 35.47 -11.40
N ILE C 188 -12.83 35.90 -10.14
CA ILE C 188 -13.95 35.61 -9.26
C ILE C 188 -14.27 36.86 -8.44
N ALA C 189 -15.40 36.80 -7.73
CA ALA C 189 -15.80 37.84 -6.80
C ALA C 189 -16.50 37.19 -5.61
N PHE C 190 -16.49 37.91 -4.49
CA PHE C 190 -17.10 37.44 -3.25
C PHE C 190 -18.25 38.37 -2.89
N GLU C 191 -19.33 37.80 -2.38
CA GLU C 191 -20.48 38.59 -1.97
C GLU C 191 -21.25 37.82 -0.90
N ASN C 192 -22.06 38.56 -0.14
CA ASN C 192 -22.85 38.01 0.97
C ASN C 192 -21.96 37.31 1.99
N LEU C 193 -20.80 37.90 2.28
CA LEU C 193 -19.91 37.36 3.30
C LEU C 193 -20.53 37.58 4.67
N SER C 194 -21.01 36.51 5.29
CA SER C 194 -21.65 36.59 6.59
C SER C 194 -21.21 35.40 7.43
N VAL C 195 -20.79 35.68 8.65
CA VAL C 195 -20.45 34.64 9.63
C VAL C 195 -21.61 34.48 10.59
N ILE C 196 -21.99 33.22 10.84
CA ILE C 196 -23.06 32.90 11.76
C ILE C 196 -22.58 31.82 12.71
N THR C 197 -23.22 31.75 13.87
CA THR C 197 -22.84 30.78 14.88
C THR C 197 -23.37 29.40 14.51
N ALA C 198 -22.49 28.40 14.53
CA ALA C 198 -22.90 27.04 14.21
C ALA C 198 -23.91 26.52 15.22
N VAL C 199 -23.69 26.80 16.51
CA VAL C 199 -24.62 26.42 17.57
C VAL C 199 -24.43 27.38 18.74
N GLY C 200 -25.53 27.88 19.27
CA GLY C 200 -25.46 28.88 20.32
C GLY C 200 -25.37 30.29 19.77
N ASN C 201 -24.57 31.14 20.39
CA ASN C 201 -24.39 32.50 19.92
C ASN C 201 -23.06 33.04 20.41
N PHE C 202 -22.46 33.92 19.60
CA PHE C 202 -21.15 34.49 19.88
C PHE C 202 -21.30 35.98 20.16
N GLU C 203 -20.55 36.47 21.16
CA GLU C 203 -20.72 37.85 21.62
C GLU C 203 -20.35 38.85 20.52
N LYS C 204 -19.25 38.60 19.81
CA LYS C 204 -18.75 39.51 18.78
C LYS C 204 -19.16 39.08 17.38
N ILE C 205 -20.29 38.39 17.26
CA ILE C 205 -20.72 37.93 15.94
C ILE C 205 -21.30 39.05 15.10
N ASN C 206 -21.85 40.09 15.71
CA ASN C 206 -22.22 41.28 14.94
C ASN C 206 -20.99 42.09 14.55
N THR C 207 -19.93 42.01 15.36
CA THR C 207 -18.66 42.61 14.99
C THR C 207 -17.98 41.83 13.88
N LEU C 208 -18.06 40.50 13.92
CA LEU C 208 -17.38 39.71 12.91
C LEU C 208 -18.05 39.83 11.54
N ASN C 209 -19.35 40.11 11.50
CA ASN C 209 -20.00 40.39 10.23
C ASN C 209 -19.52 41.73 9.66
N GLU C 210 -19.50 42.78 10.46
CA GLU C 210 -19.13 44.09 9.96
C GLU C 210 -17.65 44.19 9.62
N ILE C 211 -16.82 43.24 10.07
CA ILE C 211 -15.45 43.15 9.58
C ILE C 211 -15.32 42.14 8.45
N LEU C 212 -16.43 41.53 8.03
CA LEU C 212 -16.50 40.72 6.82
C LEU C 212 -17.20 41.43 5.67
N GLY C 213 -18.30 42.12 5.95
CA GLY C 213 -18.97 42.91 4.94
C GLY C 213 -18.29 44.22 4.59
N ALA C 214 -17.31 44.64 5.39
CA ALA C 214 -16.59 45.88 5.12
C ALA C 214 -15.10 45.61 4.99
N MET D 1 -30.08 -3.31 29.86
CA MET D 1 -30.76 -3.53 28.59
C MET D 1 -30.07 -2.77 27.45
N LYS D 2 -30.21 -3.28 26.24
CA LYS D 2 -29.43 -2.83 25.10
C LYS D 2 -30.34 -2.06 24.14
N LEU D 3 -29.84 -0.90 23.70
CA LEU D 3 -30.54 -0.05 22.74
C LEU D 3 -29.73 0.02 21.46
N VAL D 4 -30.42 0.15 20.34
CA VAL D 4 -29.78 0.26 19.03
C VAL D 4 -30.12 1.61 18.43
N ILE D 5 -29.09 2.40 18.13
CA ILE D 5 -29.25 3.73 17.54
C ILE D 5 -28.98 3.61 16.06
N GLU D 6 -30.02 3.82 15.26
CA GLU D 6 -29.92 3.78 13.81
C GLU D 6 -29.83 5.18 13.23
N GLY D 7 -29.29 5.27 12.02
CA GLY D 7 -29.18 6.54 11.35
C GLY D 7 -28.49 6.35 10.01
N THR D 8 -28.34 7.46 9.31
CA THR D 8 -27.65 7.48 8.03
C THR D 8 -26.62 8.61 8.05
N ILE D 9 -25.39 8.30 7.65
CA ILE D 9 -24.37 9.29 7.43
C ILE D 9 -24.36 9.59 5.94
N VAL D 10 -24.79 10.79 5.57
CA VAL D 10 -24.84 11.21 4.18
C VAL D 10 -23.66 12.13 3.91
N LEU D 11 -22.89 11.82 2.88
CA LEU D 11 -21.72 12.62 2.54
C LEU D 11 -22.15 13.91 1.87
N LYS D 12 -21.84 15.04 2.48
CA LYS D 12 -22.08 16.33 1.83
C LYS D 12 -20.96 16.66 0.86
N THR D 13 -19.72 16.39 1.26
CA THR D 13 -18.56 16.45 0.37
C THR D 13 -17.87 15.09 0.39
N GLY D 14 -16.94 14.90 -0.54
CA GLY D 14 -16.24 13.63 -0.62
C GLY D 14 -15.49 13.31 0.66
N MET D 15 -15.45 12.03 1.00
CA MET D 15 -14.83 11.57 2.23
C MET D 15 -13.64 10.69 1.92
N HIS D 16 -12.49 11.02 2.50
CA HIS D 16 -11.30 10.18 2.43
C HIS D 16 -11.04 9.63 3.83
N ILE D 17 -11.70 8.53 4.16
CA ILE D 17 -11.68 7.98 5.51
C ILE D 17 -10.70 6.82 5.65
N GLY D 18 -9.94 6.52 4.62
CA GLY D 18 -9.17 5.29 4.61
C GLY D 18 -7.67 5.41 4.72
N GLY D 19 -7.02 4.30 5.07
CA GLY D 19 -5.57 4.24 5.11
C GLY D 19 -5.02 2.89 4.67
N SER D 20 -5.87 2.02 4.15
CA SER D 20 -5.44 0.67 3.81
C SER D 20 -4.81 0.63 2.42
N SER D 21 -3.72 -0.12 2.30
CA SER D 21 -3.01 -0.29 1.04
C SER D 21 -3.51 -1.55 0.34
N ASP D 22 -3.84 -1.42 -0.95
CA ASP D 22 -4.46 -2.50 -1.72
C ASP D 22 -3.81 -2.62 -3.09
N PHE D 23 -2.47 -2.64 -3.13
CA PHE D 23 -1.72 -2.86 -4.36
C PHE D 23 -1.99 -1.76 -5.39
N SER D 24 -1.65 -0.52 -4.99
CA SER D 24 -1.90 0.64 -5.82
C SER D 24 -0.73 0.91 -6.76
N ALA D 25 -1.04 1.29 -8.00
CA ALA D 25 -0.02 1.64 -8.96
C ALA D 25 0.64 2.96 -8.60
N ILE D 26 1.59 3.40 -9.43
CA ILE D 26 2.34 4.61 -9.14
C ILE D 26 1.44 5.83 -9.24
N GLY D 27 0.67 5.95 -10.33
CA GLY D 27 -0.11 7.15 -10.57
C GLY D 27 -1.59 6.89 -10.76
N ALA D 28 -2.11 5.81 -10.18
CA ALA D 28 -3.52 5.49 -10.31
C ALA D 28 -4.34 6.11 -9.18
N VAL D 29 -4.06 5.72 -7.94
CA VAL D 29 -4.64 6.32 -6.76
C VAL D 29 -3.53 6.38 -5.71
N ASP D 30 -2.98 7.56 -5.48
CA ASP D 30 -1.89 7.69 -4.53
C ASP D 30 -2.33 7.52 -3.08
N SER D 31 -3.65 7.51 -2.82
CA SER D 31 -4.17 7.34 -1.47
C SER D 31 -5.55 6.73 -1.56
N PRO D 32 -5.67 5.41 -1.38
CA PRO D 32 -6.97 4.76 -1.42
C PRO D 32 -7.70 4.87 -0.08
N VAL D 33 -8.99 4.54 -0.12
CA VAL D 33 -9.83 4.58 1.05
C VAL D 33 -9.99 3.16 1.59
N VAL D 34 -10.49 3.05 2.81
CA VAL D 34 -10.78 1.76 3.41
C VAL D 34 -12.12 1.27 2.89
N ARG D 35 -12.17 -0.01 2.53
CA ARG D 35 -13.37 -0.63 2.00
C ARG D 35 -13.62 -1.95 2.72
N ASP D 36 -14.85 -2.43 2.62
CA ASP D 36 -15.12 -3.81 2.99
C ASP D 36 -14.29 -4.73 2.10
N THR D 37 -13.53 -5.62 2.72
CA THR D 37 -12.55 -6.39 1.97
C THR D 37 -13.21 -7.40 1.04
N LEU D 38 -14.37 -7.94 1.44
CA LEU D 38 -15.06 -8.92 0.62
C LEU D 38 -15.91 -8.28 -0.46
N THR D 39 -16.76 -7.32 -0.10
CA THR D 39 -17.70 -6.73 -1.04
C THR D 39 -17.15 -5.50 -1.76
N ARG D 40 -15.95 -5.04 -1.41
CA ARG D 40 -15.30 -3.86 -1.98
C ARG D 40 -16.09 -2.58 -1.73
N LEU D 41 -17.15 -2.64 -0.94
CA LEU D 41 -17.93 -1.45 -0.63
C LEU D 41 -17.11 -0.48 0.20
N PRO D 42 -17.25 0.82 -0.02
CA PRO D 42 -16.57 1.79 0.85
C PRO D 42 -17.05 1.65 2.29
N LEU D 43 -16.16 1.95 3.21
CA LEU D 43 -16.37 1.63 4.61
C LEU D 43 -16.02 2.82 5.49
N ILE D 44 -16.88 3.10 6.47
CA ILE D 44 -16.58 4.00 7.57
C ILE D 44 -16.22 3.15 8.78
N PRO D 45 -14.96 3.08 9.18
CA PRO D 45 -14.61 2.34 10.40
C PRO D 45 -15.37 2.89 11.59
N GLY D 46 -15.79 1.99 12.47
CA GLY D 46 -16.41 2.42 13.72
C GLY D 46 -15.40 3.06 14.65
N SER D 47 -14.13 2.67 14.53
CA SER D 47 -13.09 3.33 15.30
C SER D 47 -12.91 4.78 14.87
N SER D 48 -12.96 5.03 13.57
CA SER D 48 -12.77 6.39 13.07
C SER D 48 -13.92 7.30 13.51
N LEU D 49 -15.15 6.83 13.32
CA LEU D 49 -16.31 7.61 13.77
C LEU D 49 -16.30 7.80 15.27
N LYS D 50 -15.99 6.75 16.03
CA LYS D 50 -15.96 6.85 17.47
C LYS D 50 -14.90 7.85 17.93
N GLY D 51 -13.71 7.80 17.33
CA GLY D 51 -12.65 8.69 17.75
C GLY D 51 -12.94 10.14 17.44
N LYS D 52 -13.43 10.42 16.23
CA LYS D 52 -13.76 11.80 15.90
C LYS D 52 -14.90 12.32 16.76
N MET D 53 -15.93 11.49 16.98
CA MET D 53 -17.05 11.91 17.81
C MET D 53 -16.62 12.14 19.25
N ARG D 54 -15.75 11.27 19.77
CA ARG D 54 -15.27 11.41 21.13
C ARG D 54 -14.42 12.66 21.28
N TYR D 55 -13.55 12.94 20.30
CA TYR D 55 -12.77 14.17 20.33
C TYR D 55 -13.69 15.39 20.38
N LEU D 56 -14.67 15.45 19.48
CA LEU D 56 -15.53 16.62 19.41
C LEU D 56 -16.37 16.77 20.68
N LEU D 57 -16.91 15.66 21.20
CA LEU D 57 -17.74 15.73 22.40
C LEU D 57 -16.92 16.06 23.64
N ALA D 58 -15.72 15.49 23.75
CA ALA D 58 -14.89 15.75 24.91
C ALA D 58 -14.36 17.17 24.92
N LYS D 59 -14.08 17.73 23.74
CA LYS D 59 -13.71 19.13 23.67
C LYS D 59 -14.90 20.03 23.98
N GLU D 60 -16.08 19.67 23.48
CA GLU D 60 -17.30 20.44 23.69
C GLU D 60 -17.99 20.09 25.00
N LEU D 61 -17.33 19.34 25.89
CA LEU D 61 -17.83 19.10 27.23
C LEU D 61 -16.87 19.65 28.28
N ASN D 62 -16.12 20.70 27.92
CA ASN D 62 -15.23 21.38 28.84
C ASN D 62 -15.61 22.84 29.09
N ASN D 63 -15.80 23.66 28.06
CA ASN D 63 -15.76 23.43 26.62
C ASN D 63 -14.54 24.09 25.99
N GLY D 64 -14.23 23.68 24.77
CA GLY D 64 -13.26 24.37 23.93
C GLY D 64 -11.83 23.96 24.11
N ILE D 65 -11.49 23.24 25.18
CA ILE D 65 -10.12 22.85 25.46
C ILE D 65 -10.09 21.36 25.76
N LEU D 66 -9.15 20.65 25.14
CA LEU D 66 -9.00 19.21 25.36
C LEU D 66 -7.53 18.86 25.14
N LEU D 67 -6.77 18.79 26.23
CA LEU D 67 -5.34 18.51 26.17
C LEU D 67 -4.94 17.30 27.01
N ASN D 68 -5.90 16.54 27.52
CA ASN D 68 -5.62 15.45 28.42
C ASN D 68 -5.66 14.12 27.67
N GLU D 69 -5.39 13.03 28.40
CA GLU D 69 -5.52 11.71 27.84
C GLU D 69 -7.00 11.34 27.73
N PRO D 70 -7.34 10.37 26.88
CA PRO D 70 -8.74 9.96 26.78
C PRO D 70 -9.34 9.45 28.07
N ASN D 71 -8.53 8.98 29.02
CA ASN D 71 -9.05 8.44 30.26
C ASN D 71 -9.25 9.50 31.34
N ASN D 72 -8.86 10.75 31.08
CA ASN D 72 -9.00 11.83 32.05
C ASN D 72 -9.91 12.95 31.55
N ASP D 73 -10.74 12.67 30.55
CA ASP D 73 -11.49 13.77 29.93
C ASP D 73 -12.70 14.19 30.76
N GLN D 74 -13.65 13.27 30.96
CA GLN D 74 -14.89 13.65 31.62
C GLN D 74 -15.67 12.38 31.94
N ASP D 75 -16.42 12.43 33.05
CA ASP D 75 -17.22 11.28 33.44
C ASP D 75 -18.20 10.88 32.36
N GLU D 76 -18.84 11.87 31.72
CA GLU D 76 -19.76 11.57 30.62
C GLU D 76 -19.04 10.90 29.46
N ILE D 77 -17.88 11.45 29.08
CA ILE D 77 -17.13 10.89 27.96
C ILE D 77 -16.61 9.50 28.30
N LEU D 78 -16.17 9.30 29.53
CA LEU D 78 -15.66 7.99 29.93
C LEU D 78 -16.76 6.94 29.98
N ARG D 79 -17.92 7.29 30.55
CA ARG D 79 -19.01 6.33 30.63
C ARG D 79 -19.65 6.07 29.28
N LEU D 80 -19.51 6.99 28.32
CA LEU D 80 -20.09 6.75 27.00
C LEU D 80 -19.13 6.03 26.06
N PHE D 81 -17.83 6.37 26.10
CA PHE D 81 -16.86 5.84 25.16
C PHE D 81 -15.86 4.87 25.79
N GLY D 82 -15.73 4.84 27.09
CA GLY D 82 -14.94 3.80 27.73
C GLY D 82 -13.66 4.35 28.33
N SER D 83 -13.30 3.82 29.49
CA SER D 83 -12.08 4.19 30.18
C SER D 83 -11.33 2.92 30.58
N SER D 84 -10.01 2.94 30.38
CA SER D 84 -9.16 1.84 30.81
C SER D 84 -8.23 2.26 31.94
N GLU D 85 -8.58 3.31 32.66
CA GLU D 85 -7.78 3.75 33.80
C GLU D 85 -7.71 2.64 34.84
N LYS D 86 -6.50 2.38 35.33
CA LYS D 86 -6.27 1.22 36.18
C LYS D 86 -7.13 1.26 37.44
N ASP D 87 -7.24 2.44 38.07
CA ASP D 87 -8.01 2.53 39.31
C ASP D 87 -9.50 2.31 39.06
N LYS D 88 -10.04 2.86 37.96
CA LYS D 88 -11.46 2.76 37.64
C LYS D 88 -11.61 2.44 36.15
N ILE D 89 -11.69 1.14 35.84
CA ILE D 89 -12.06 0.73 34.48
C ILE D 89 -13.52 1.08 34.25
N ARG D 90 -13.79 1.73 33.12
CA ARG D 90 -15.16 2.06 32.72
C ARG D 90 -15.51 1.33 31.44
N ARG D 91 -16.66 0.68 31.42
CA ARG D 91 -17.11 -0.02 30.23
C ARG D 91 -17.89 0.94 29.35
N ALA D 92 -17.51 1.02 28.08
CA ALA D 92 -18.20 1.88 27.14
C ALA D 92 -19.65 1.45 26.99
N ARG D 93 -20.54 2.44 26.89
CA ARG D 93 -21.95 2.15 26.61
C ARG D 93 -22.23 2.07 25.12
N LEU D 94 -21.45 2.77 24.31
CA LEU D 94 -21.63 2.78 22.87
C LEU D 94 -20.77 1.68 22.24
N LYS D 95 -21.40 0.86 21.41
CA LYS D 95 -20.71 -0.14 20.60
C LYS D 95 -20.82 0.29 19.15
N PHE D 96 -19.78 0.98 18.66
CA PHE D 96 -19.75 1.37 17.27
C PHE D 96 -19.45 0.17 16.39
N ASN D 97 -19.89 0.25 15.13
CA ASN D 97 -19.67 -0.80 14.16
C ASN D 97 -19.19 -0.19 12.86
N ASP D 98 -18.36 -0.94 12.14
CA ASP D 98 -17.92 -0.50 10.81
C ASP D 98 -19.13 -0.32 9.91
N ILE D 99 -19.15 0.79 9.17
CA ILE D 99 -20.30 1.21 8.38
C ILE D 99 -19.96 1.08 6.91
N LYS D 100 -20.81 0.40 6.16
CA LYS D 100 -20.63 0.19 4.74
C LYS D 100 -21.57 1.08 3.93
N LEU D 101 -21.22 1.27 2.66
CA LEU D 101 -22.05 2.06 1.76
C LEU D 101 -23.39 1.36 1.55
N SER D 102 -24.48 2.10 1.79
CA SER D 102 -25.81 1.52 1.71
C SER D 102 -26.45 1.72 0.34
N ASN D 103 -26.42 2.95 -0.18
CA ASN D 103 -27.13 3.28 -1.41
C ASN D 103 -26.25 3.16 -2.66
N LEU D 104 -25.61 2.01 -2.85
CA LEU D 104 -24.87 1.80 -4.09
C LEU D 104 -25.81 1.70 -5.28
N ALA D 105 -26.98 1.10 -5.09
CA ALA D 105 -27.98 1.04 -6.16
C ALA D 105 -28.46 2.44 -6.53
N GLU D 106 -28.70 3.29 -5.53
CA GLU D 106 -29.07 4.66 -5.80
C GLU D 106 -27.97 5.41 -6.54
N LEU D 107 -26.71 5.09 -6.23
CA LEU D 107 -25.61 5.67 -7.01
C LEU D 107 -25.65 5.20 -8.45
N GLU D 108 -25.92 3.91 -8.67
CA GLU D 108 -25.99 3.39 -10.03
C GLU D 108 -27.21 3.90 -10.79
N THR D 109 -28.23 4.39 -10.08
CA THR D 109 -29.32 5.10 -10.74
C THR D 109 -28.80 6.30 -11.52
N PHE D 110 -27.72 6.91 -11.06
CA PHE D 110 -27.08 8.03 -11.75
C PHE D 110 -25.86 7.61 -12.55
N ASN D 111 -25.64 6.31 -12.70
CA ASN D 111 -24.52 5.78 -13.50
C ASN D 111 -23.18 6.31 -13.01
N VAL D 112 -23.04 6.44 -11.69
CA VAL D 112 -21.81 6.91 -11.08
C VAL D 112 -21.26 5.80 -10.19
N SER D 113 -19.95 5.83 -9.98
CA SER D 113 -19.29 4.84 -9.14
C SER D 113 -19.41 5.24 -7.68
N SER D 114 -18.88 4.39 -6.80
CA SER D 114 -18.94 4.65 -5.36
C SER D 114 -17.93 5.70 -4.93
N THR D 115 -16.76 5.73 -5.56
CA THR D 115 -15.69 6.63 -5.17
C THR D 115 -15.23 7.46 -6.37
N GLU D 116 -14.17 8.24 -6.16
CA GLU D 116 -13.62 9.12 -7.18
C GLU D 116 -12.13 9.30 -6.91
N VAL D 117 -11.43 9.86 -7.89
CA VAL D 117 -10.03 10.22 -7.76
C VAL D 117 -9.94 11.74 -7.87
N LYS D 118 -9.50 12.38 -6.80
CA LYS D 118 -9.38 13.83 -6.75
C LYS D 118 -7.93 14.22 -6.94
N PHE D 119 -7.64 14.88 -8.06
CA PHE D 119 -6.28 15.31 -8.36
C PHE D 119 -5.99 16.59 -7.60
N GLU D 120 -5.01 16.54 -6.71
CA GLU D 120 -4.47 17.73 -6.07
C GLU D 120 -3.03 17.93 -6.51
N ASN D 121 -2.41 18.98 -5.97
CA ASN D 121 -0.98 19.21 -6.17
C ASN D 121 -0.52 20.20 -5.11
N THR D 122 0.78 20.44 -5.07
CA THR D 122 1.39 21.36 -4.11
C THR D 122 2.37 22.24 -4.86
N ILE D 123 2.28 23.54 -4.65
CA ILE D 123 3.14 24.51 -5.32
C ILE D 123 4.26 24.89 -4.35
N ASN D 124 5.48 24.51 -4.69
CA ASN D 124 6.63 25.05 -3.98
C ASN D 124 6.74 26.55 -4.23
N ARG D 125 7.31 27.26 -3.27
CA ARG D 125 7.31 28.71 -3.35
C ARG D 125 8.67 29.33 -3.63
N LYS D 126 9.77 28.65 -3.28
CA LYS D 126 11.08 29.11 -3.68
C LYS D 126 11.42 28.74 -5.12
N THR D 127 10.67 27.80 -5.72
CA THR D 127 10.89 27.37 -7.08
C THR D 127 9.66 27.42 -7.96
N ALA D 128 8.46 27.51 -7.39
CA ALA D 128 7.20 27.63 -8.13
C ALA D 128 6.98 26.43 -9.07
N VAL D 129 7.19 25.23 -8.53
CA VAL D 129 6.96 23.99 -9.27
C VAL D 129 5.96 23.14 -8.50
N ALA D 130 4.97 22.60 -9.21
CA ALA D 130 3.89 21.85 -8.60
C ALA D 130 4.32 20.41 -8.31
N ASN D 131 3.46 19.70 -7.57
CA ASN D 131 3.73 18.33 -7.16
C ASN D 131 2.39 17.64 -6.96
N PRO D 132 1.92 16.88 -7.94
CA PRO D 132 0.55 16.35 -7.90
C PRO D 132 0.37 15.30 -6.82
N ARG D 133 -0.89 14.93 -6.62
CA ARG D 133 -1.31 13.87 -5.71
C ARG D 133 -2.75 13.54 -6.02
N GLN D 134 -3.06 12.24 -6.06
CA GLN D 134 -4.40 11.76 -6.35
C GLN D 134 -4.89 10.97 -5.15
N ILE D 135 -5.97 11.44 -4.52
CA ILE D 135 -6.54 10.78 -3.36
C ILE D 135 -7.93 10.28 -3.73
N GLU D 136 -8.25 9.06 -3.31
CA GLU D 136 -9.57 8.50 -3.53
C GLU D 136 -10.53 9.04 -2.47
N ARG D 137 -11.76 9.33 -2.89
CA ARG D 137 -12.78 9.82 -1.99
C ARG D 137 -14.11 9.19 -2.33
N VAL D 138 -14.88 8.81 -1.31
CA VAL D 138 -16.24 8.35 -1.54
C VAL D 138 -17.08 9.54 -2.02
N ILE D 139 -18.00 9.26 -2.94
CA ILE D 139 -18.75 10.32 -3.60
C ILE D 139 -19.68 11.01 -2.61
N ALA D 140 -19.73 12.34 -2.69
CA ALA D 140 -20.76 13.08 -1.98
C ALA D 140 -22.13 12.64 -2.48
N GLY D 141 -23.06 12.44 -1.56
CA GLY D 141 -24.31 11.80 -1.87
C GLY D 141 -24.37 10.34 -1.48
N SER D 142 -23.23 9.75 -1.14
CA SER D 142 -23.21 8.40 -0.59
C SER D 142 -23.85 8.40 0.80
N LYS D 143 -24.53 7.30 1.11
CA LYS D 143 -25.23 7.14 2.37
C LYS D 143 -24.69 5.91 3.09
N PHE D 144 -24.55 6.02 4.41
CA PHE D 144 -23.98 4.96 5.24
C PHE D 144 -24.97 4.70 6.37
N ASP D 145 -25.74 3.62 6.26
CA ASP D 145 -26.61 3.21 7.35
C ASP D 145 -25.78 2.59 8.46
N PHE D 146 -25.97 3.06 9.69
CA PHE D 146 -25.22 2.58 10.82
C PHE D 146 -26.15 2.14 11.94
N GLU D 147 -25.68 1.18 12.73
CA GLU D 147 -26.31 0.82 14.00
C GLU D 147 -25.25 0.92 15.08
N ILE D 148 -25.52 1.71 16.11
CA ILE D 148 -24.64 1.83 17.27
C ILE D 148 -25.41 1.29 18.46
N PHE D 149 -24.87 0.23 19.07
CA PHE D 149 -25.53 -0.37 20.23
C PHE D 149 -25.21 0.44 21.47
N TYR D 150 -26.24 0.71 22.26
CA TYR D 150 -26.12 1.39 23.54
C TYR D 150 -26.68 0.47 24.60
N ASN D 151 -25.97 0.34 25.71
CA ASN D 151 -26.41 -0.52 26.80
C ASN D 151 -26.71 0.30 28.04
N LEU D 152 -27.87 0.05 28.64
CA LEU D 152 -28.34 0.80 29.80
C LEU D 152 -27.75 0.19 31.07
N ASP D 153 -26.68 0.81 31.57
CA ASP D 153 -26.18 0.45 32.89
C ASP D 153 -27.06 1.01 33.99
N ASP D 154 -27.64 2.19 33.77
CA ASP D 154 -28.71 2.69 34.62
C ASP D 154 -29.52 3.71 33.83
N ILE D 155 -30.82 3.75 34.10
CA ILE D 155 -31.76 4.56 33.32
C ILE D 155 -31.88 5.96 33.89
N LYS D 156 -31.03 6.29 34.86
CA LYS D 156 -30.97 7.65 35.38
C LYS D 156 -29.97 8.52 34.64
N GLU D 157 -29.20 7.92 33.72
CA GLU D 157 -28.26 8.67 32.89
C GLU D 157 -28.55 8.53 31.41
N VAL D 158 -29.61 7.83 31.02
CA VAL D 158 -29.89 7.58 29.61
C VAL D 158 -30.29 8.87 28.90
N GLU D 159 -31.06 9.73 29.57
CA GLU D 159 -31.49 10.98 28.95
C GLU D 159 -30.29 11.87 28.65
N LYS D 160 -29.38 12.02 29.61
CA LYS D 160 -28.21 12.84 29.38
C LYS D 160 -27.24 12.17 28.39
N ASP D 161 -27.21 10.84 28.39
CA ASP D 161 -26.38 10.13 27.42
C ASP D 161 -26.85 10.39 26.00
N PHE D 162 -28.16 10.42 25.79
CA PHE D 162 -28.66 10.72 24.45
C PHE D 162 -28.58 12.20 24.12
N GLU D 163 -28.66 13.08 25.14
CA GLU D 163 -28.30 14.47 24.93
C GLU D 163 -26.88 14.58 24.36
N ASN D 164 -25.92 13.93 25.01
CA ASN D 164 -24.54 13.98 24.56
C ASN D 164 -24.36 13.31 23.21
N ILE D 165 -25.08 12.22 22.94
CA ILE D 165 -24.96 11.53 21.66
C ILE D 165 -25.44 12.43 20.52
N LYS D 166 -26.61 13.05 20.71
CA LYS D 166 -27.11 14.00 19.72
C LYS D 166 -26.17 15.18 19.57
N GLN D 167 -25.58 15.63 20.69
CA GLN D 167 -24.63 16.73 20.61
C GLN D 167 -23.40 16.35 19.79
N GLY D 168 -22.89 15.14 19.99
CA GLY D 168 -21.73 14.71 19.20
C GLY D 168 -22.06 14.56 17.73
N PHE D 169 -23.26 14.08 17.42
CA PHE D 169 -23.70 14.02 16.04
C PHE D 169 -23.81 15.41 15.43
N ASP D 170 -24.28 16.37 16.22
CA ASP D 170 -24.36 17.76 15.75
C ASP D 170 -22.97 18.36 15.56
N LEU D 171 -22.03 18.03 16.44
CA LEU D 171 -20.68 18.55 16.30
C LEU D 171 -19.97 17.95 15.11
N LEU D 172 -20.32 16.71 14.75
CA LEU D 172 -19.79 16.14 13.51
C LEU D 172 -20.34 16.83 12.28
N GLU D 173 -21.49 17.50 12.39
CA GLU D 173 -22.06 18.23 11.27
C GLU D 173 -21.12 19.34 10.81
N PHE D 174 -20.54 20.07 11.76
CA PHE D 174 -19.69 21.22 11.48
C PHE D 174 -18.22 20.87 11.54
N ASP D 175 -17.88 19.59 11.47
CA ASP D 175 -16.49 19.17 11.33
C ASP D 175 -16.43 18.17 10.19
N TYR D 176 -15.29 17.51 10.01
CA TYR D 176 -15.18 16.47 9.00
C TYR D 176 -15.20 15.10 9.67
N LEU D 177 -15.06 14.06 8.85
CA LEU D 177 -15.11 12.68 9.30
C LEU D 177 -13.86 11.94 8.86
N GLY D 178 -12.71 12.55 9.08
CA GLY D 178 -11.46 11.84 8.93
C GLY D 178 -10.94 11.92 7.52
N GLY D 179 -9.75 12.46 7.34
CA GLY D 179 -9.16 12.62 6.03
C GLY D 179 -8.77 14.05 5.84
N HIS D 180 -8.68 14.45 4.58
CA HIS D 180 -8.22 15.80 4.22
C HIS D 180 -9.37 16.80 4.38
N GLY D 181 -9.95 16.79 5.58
CA GLY D 181 -11.15 17.55 5.83
C GLY D 181 -10.94 19.05 5.79
N THR D 182 -9.79 19.51 6.32
CA THR D 182 -9.50 20.94 6.31
C THR D 182 -9.45 21.48 4.88
N ARG D 183 -9.13 20.63 3.92
CA ARG D 183 -9.04 21.01 2.51
C ARG D 183 -10.23 20.53 1.69
N GLY D 184 -11.44 20.57 2.26
CA GLY D 184 -12.66 20.36 1.51
C GLY D 184 -13.38 19.05 1.82
N SER D 185 -12.64 18.00 2.15
CA SER D 185 -13.23 16.67 2.22
C SER D 185 -13.94 16.46 3.56
N GLY D 186 -14.65 15.34 3.64
CA GLY D 186 -15.07 14.78 4.90
C GLY D 186 -16.36 15.31 5.51
N ARG D 187 -16.99 16.30 4.88
CA ARG D 187 -18.22 16.84 5.45
C ARG D 187 -19.35 15.84 5.33
N ILE D 188 -20.04 15.58 6.44
CA ILE D 188 -21.09 14.59 6.51
C ILE D 188 -22.33 15.21 7.13
N ALA D 189 -23.44 14.47 7.04
CA ALA D 189 -24.69 14.84 7.68
C ALA D 189 -25.34 13.60 8.26
N PHE D 190 -26.17 13.81 9.28
CA PHE D 190 -26.83 12.72 9.98
C PHE D 190 -28.33 12.82 9.75
N GLU D 191 -28.93 11.73 9.27
CA GLU D 191 -30.33 11.71 8.90
C GLU D 191 -31.00 10.47 9.46
N ASN D 192 -32.31 10.57 9.66
CA ASN D 192 -33.16 9.44 10.05
C ASN D 192 -32.64 8.76 11.32
N LEU D 193 -32.20 9.58 12.28
CA LEU D 193 -31.71 9.04 13.54
C LEU D 193 -32.88 8.54 14.38
N SER D 194 -32.72 7.34 14.93
CA SER D 194 -33.73 6.76 15.80
C SER D 194 -33.06 5.78 16.75
N VAL D 195 -33.75 5.49 17.85
CA VAL D 195 -33.29 4.50 18.82
C VAL D 195 -34.44 3.52 19.07
N ILE D 196 -34.12 2.23 19.05
CA ILE D 196 -35.09 1.17 19.29
C ILE D 196 -34.47 0.19 20.29
N THR D 197 -35.34 -0.52 21.00
CA THR D 197 -34.90 -1.48 21.99
C THR D 197 -34.62 -2.82 21.32
N ALA D 198 -33.41 -3.35 21.56
CA ALA D 198 -33.02 -4.62 20.94
C ALA D 198 -33.93 -5.75 21.40
N VAL D 199 -34.08 -5.92 22.71
CA VAL D 199 -34.98 -6.89 23.31
C VAL D 199 -35.75 -6.21 24.41
N GLY D 200 -37.07 -6.24 24.34
CA GLY D 200 -37.93 -5.61 25.32
C GLY D 200 -38.59 -4.35 24.79
N ASN D 201 -39.14 -3.58 25.72
CA ASN D 201 -39.81 -2.32 25.41
C ASN D 201 -39.43 -1.32 26.49
N PHE D 202 -38.44 -0.47 26.20
CA PHE D 202 -38.03 0.53 27.17
C PHE D 202 -39.14 1.55 27.38
N GLU D 203 -39.41 1.86 28.65
CA GLU D 203 -40.55 2.71 28.99
C GLU D 203 -40.42 4.09 28.35
N LYS D 204 -39.26 4.73 28.53
CA LYS D 204 -39.05 6.11 28.11
C LYS D 204 -38.24 6.22 26.82
N ILE D 205 -38.39 5.27 25.91
CA ILE D 205 -37.67 5.36 24.64
C ILE D 205 -38.25 6.42 23.72
N ASN D 206 -39.44 6.93 24.04
CA ASN D 206 -40.00 8.01 23.23
C ASN D 206 -39.26 9.31 23.45
N THR D 207 -38.83 9.59 24.68
CA THR D 207 -37.99 10.76 24.92
C THR D 207 -36.65 10.64 24.20
N LEU D 208 -36.04 9.45 24.24
CA LEU D 208 -34.79 9.24 23.54
C LEU D 208 -34.96 9.40 22.03
N ASN D 209 -36.08 8.90 21.49
CA ASN D 209 -36.30 8.98 20.06
C ASN D 209 -36.67 10.40 19.62
N GLU D 210 -37.31 11.18 20.49
CA GLU D 210 -37.61 12.57 20.16
C GLU D 210 -36.42 13.49 20.40
N ILE D 211 -35.44 13.06 21.20
CA ILE D 211 -34.26 13.90 21.38
C ILE D 211 -33.18 13.54 20.35
N LEU D 212 -33.16 12.30 19.86
CA LEU D 212 -32.25 11.97 18.77
C LEU D 212 -32.72 12.59 17.47
N GLY D 213 -34.01 12.50 17.17
CA GLY D 213 -34.55 13.08 15.96
C GLY D 213 -34.84 14.56 16.03
N ALA D 214 -34.69 15.17 17.21
CA ALA D 214 -34.93 16.60 17.42
C ALA D 214 -36.33 17.00 16.97
N MET E 1 2.92 44.24 -4.84
CA MET E 1 1.62 44.90 -4.73
C MET E 1 0.64 44.31 -5.73
N LYS E 2 -0.49 44.98 -5.90
CA LYS E 2 -1.58 44.53 -6.77
C LYS E 2 -2.09 45.68 -7.63
N LEU E 3 -1.16 46.35 -8.32
CA LEU E 3 -1.53 47.42 -9.24
C LEU E 3 -2.52 46.89 -10.29
N VAL E 4 -3.51 47.72 -10.61
CA VAL E 4 -4.59 47.35 -11.53
C VAL E 4 -4.52 48.26 -12.74
N ILE E 5 -4.20 47.70 -13.90
CA ILE E 5 -4.02 48.46 -15.13
C ILE E 5 -5.35 48.48 -15.87
N GLU E 6 -6.07 49.58 -15.75
CA GLU E 6 -7.34 49.73 -16.45
C GLU E 6 -7.12 50.47 -17.77
N GLY E 7 -8.15 50.45 -18.61
CA GLY E 7 -8.06 51.10 -19.91
C GLY E 7 -9.28 50.76 -20.76
N THR E 8 -9.13 51.01 -22.05
CA THR E 8 -10.18 50.69 -23.02
C THR E 8 -9.53 50.47 -24.37
N ILE E 9 -9.95 49.41 -25.06
CA ILE E 9 -9.51 49.12 -26.42
C ILE E 9 -10.68 49.35 -27.37
N VAL E 10 -10.42 50.05 -28.46
CA VAL E 10 -11.43 50.35 -29.47
C VAL E 10 -10.95 49.84 -30.82
N LEU E 11 -11.84 49.21 -31.56
CA LEU E 11 -11.52 48.65 -32.86
C LEU E 11 -11.74 49.70 -33.94
N LYS E 12 -10.72 49.91 -34.77
CA LYS E 12 -10.84 50.83 -35.89
C LYS E 12 -11.46 50.15 -37.11
N THR E 13 -11.04 48.93 -37.40
CA THR E 13 -11.69 48.05 -38.36
C THR E 13 -12.17 46.81 -37.63
N GLY E 14 -13.18 46.16 -38.19
CA GLY E 14 -13.80 45.03 -37.55
C GLY E 14 -12.84 43.92 -37.20
N MET E 15 -12.86 43.48 -35.95
CA MET E 15 -11.93 42.48 -35.45
C MET E 15 -12.62 41.13 -35.37
N HIS E 16 -11.92 40.08 -35.81
CA HIS E 16 -12.41 38.72 -35.75
C HIS E 16 -11.54 37.91 -34.82
N ILE E 17 -12.15 37.29 -33.82
CA ILE E 17 -11.50 36.28 -32.99
C ILE E 17 -12.47 35.11 -32.88
N GLY E 18 -12.03 33.93 -33.28
CA GLY E 18 -12.88 32.77 -33.31
C GLY E 18 -12.86 31.99 -32.01
N GLY E 19 -13.59 30.87 -32.01
CA GLY E 19 -13.74 30.08 -30.81
C GLY E 19 -15.18 29.77 -30.48
N SER E 20 -16.07 29.90 -31.47
CA SER E 20 -17.44 29.48 -31.29
C SER E 20 -17.55 27.96 -31.35
N SER E 21 -18.59 27.43 -30.72
CA SER E 21 -18.87 26.01 -30.69
C SER E 21 -20.32 25.73 -31.05
N ASP E 22 -20.86 26.49 -32.01
CA ASP E 22 -22.24 26.38 -32.42
C ASP E 22 -22.31 25.95 -33.88
N PHE E 23 -23.48 25.42 -34.26
CA PHE E 23 -23.71 24.94 -35.61
C PHE E 23 -23.68 26.10 -36.61
N SER E 24 -22.67 26.09 -37.48
CA SER E 24 -22.66 27.00 -38.60
C SER E 24 -23.66 26.53 -39.66
N ALA E 25 -24.47 27.45 -40.15
CA ALA E 25 -25.58 27.10 -41.03
C ALA E 25 -25.12 27.08 -42.48
N ILE E 26 -26.03 26.66 -43.36
CA ILE E 26 -25.69 26.41 -44.76
C ILE E 26 -25.24 27.71 -45.44
N GLY E 27 -25.97 28.79 -45.24
CA GLY E 27 -25.59 30.04 -45.87
C GLY E 27 -25.49 31.20 -44.91
N ALA E 28 -25.53 30.92 -43.61
CA ALA E 28 -25.65 32.01 -42.63
C ALA E 28 -24.31 32.65 -42.30
N VAL E 29 -23.42 31.90 -41.64
CA VAL E 29 -22.10 32.38 -41.25
C VAL E 29 -21.17 31.18 -41.15
N ASP E 30 -20.05 31.24 -41.85
CA ASP E 30 -19.08 30.15 -41.83
C ASP E 30 -18.09 30.26 -40.68
N SER E 31 -17.94 31.44 -40.08
CA SER E 31 -16.99 31.65 -38.99
C SER E 31 -17.47 32.81 -38.13
N PRO E 32 -18.13 32.51 -37.00
CA PRO E 32 -18.54 33.59 -36.09
C PRO E 32 -17.42 34.02 -35.14
N VAL E 33 -17.75 34.91 -34.22
CA VAL E 33 -16.77 35.46 -33.29
C VAL E 33 -16.91 34.76 -31.94
N VAL E 34 -15.93 34.96 -31.07
CA VAL E 34 -16.00 34.45 -29.71
C VAL E 34 -16.83 35.43 -28.89
N ARG E 35 -17.82 34.90 -28.17
CA ARG E 35 -18.70 35.72 -27.36
C ARG E 35 -18.86 35.09 -25.98
N ASP E 36 -19.30 35.91 -25.03
CA ASP E 36 -19.65 35.40 -23.71
C ASP E 36 -20.86 34.49 -23.80
N THR E 37 -20.84 33.42 -23.00
CA THR E 37 -21.91 32.43 -23.07
C THR E 37 -23.20 32.97 -22.47
N LEU E 38 -23.11 33.63 -21.31
CA LEU E 38 -24.30 34.07 -20.60
C LEU E 38 -24.90 35.31 -21.23
N THR E 39 -24.10 36.36 -21.41
CA THR E 39 -24.58 37.64 -21.90
C THR E 39 -24.59 37.75 -23.42
N ARG E 40 -24.02 36.78 -24.13
CA ARG E 40 -23.96 36.78 -25.59
C ARG E 40 -23.27 38.02 -26.14
N LEU E 41 -22.35 38.56 -25.40
CA LEU E 41 -21.64 39.74 -25.86
C LEU E 41 -20.29 39.35 -26.45
N PRO E 42 -19.83 40.06 -27.48
CA PRO E 42 -18.51 39.77 -28.05
C PRO E 42 -17.42 39.91 -27.00
N LEU E 43 -16.41 39.06 -27.13
CA LEU E 43 -15.41 38.88 -26.10
C LEU E 43 -14.02 39.02 -26.73
N ILE E 44 -13.12 39.69 -26.02
CA ILE E 44 -11.71 39.64 -26.33
C ILE E 44 -11.05 38.74 -25.28
N PRO E 45 -10.59 37.55 -25.65
CA PRO E 45 -9.97 36.67 -24.65
C PRO E 45 -8.65 37.24 -24.18
N GLY E 46 -8.50 37.37 -22.87
CA GLY E 46 -7.27 37.88 -22.30
C GLY E 46 -6.07 37.02 -22.65
N SER E 47 -6.30 35.77 -23.03
CA SER E 47 -5.22 34.94 -23.57
C SER E 47 -4.78 35.43 -24.93
N SER E 48 -5.73 35.85 -25.78
CA SER E 48 -5.37 36.40 -27.08
C SER E 48 -4.59 37.70 -26.93
N LEU E 49 -5.07 38.59 -26.06
CA LEU E 49 -4.35 39.84 -25.82
C LEU E 49 -2.97 39.58 -25.24
N LYS E 50 -2.88 38.67 -24.27
CA LYS E 50 -1.58 38.36 -23.67
C LYS E 50 -0.62 37.76 -24.70
N GLY E 51 -1.12 36.84 -25.54
CA GLY E 51 -0.25 36.22 -26.52
C GLY E 51 0.23 37.18 -27.59
N LYS E 52 -0.67 38.03 -28.10
CA LYS E 52 -0.27 39.00 -29.11
C LYS E 52 0.67 40.04 -28.53
N MET E 53 0.43 40.48 -27.29
CA MET E 53 1.34 41.42 -26.65
C MET E 53 2.71 40.79 -26.42
N ARG E 54 2.75 39.52 -25.99
CA ARG E 54 4.02 38.86 -25.78
C ARG E 54 4.78 38.72 -27.09
N TYR E 55 4.09 38.35 -28.16
CA TYR E 55 4.74 38.27 -29.47
C TYR E 55 5.29 39.62 -29.90
N LEU E 56 4.46 40.67 -29.84
CA LEU E 56 4.87 41.97 -30.37
C LEU E 56 5.96 42.59 -29.52
N LEU E 57 5.79 42.60 -28.20
CA LEU E 57 6.82 43.15 -27.32
C LEU E 57 8.11 42.35 -27.43
N ALA E 58 8.01 41.02 -27.45
CA ALA E 58 9.20 40.18 -27.50
C ALA E 58 9.97 40.39 -28.79
N LYS E 59 9.28 40.48 -29.92
CA LYS E 59 9.97 40.68 -31.19
C LYS E 59 10.62 42.05 -31.27
N GLU E 60 9.94 43.09 -30.77
CA GLU E 60 10.53 44.42 -30.79
C GLU E 60 11.65 44.56 -29.76
N LEU E 61 11.61 43.78 -28.69
CA LEU E 61 12.69 43.74 -27.72
C LEU E 61 13.76 42.71 -28.09
N ASN E 62 13.63 42.08 -29.25
CA ASN E 62 14.63 41.15 -29.77
C ASN E 62 15.12 41.59 -31.14
N ASN E 63 15.17 42.91 -31.37
CA ASN E 63 15.66 43.49 -32.61
C ASN E 63 14.90 42.96 -33.82
N GLY E 64 13.58 42.80 -33.68
CA GLY E 64 12.77 42.33 -34.77
C GLY E 64 13.03 40.90 -35.18
N ILE E 65 13.68 40.11 -34.33
CA ILE E 65 14.05 38.73 -34.63
C ILE E 65 13.49 37.89 -33.49
N LEU E 66 12.28 37.37 -33.67
CA LEU E 66 11.64 36.48 -32.69
C LEU E 66 11.61 35.08 -33.28
N LEU E 67 12.44 34.19 -32.72
CA LEU E 67 12.52 32.83 -33.19
C LEU E 67 12.57 31.80 -32.07
N ASN E 68 12.74 32.21 -30.82
CA ASN E 68 13.00 31.29 -29.73
C ASN E 68 11.70 30.68 -29.20
N GLU E 69 11.86 29.72 -28.29
CA GLU E 69 10.75 29.19 -27.52
C GLU E 69 10.26 30.26 -26.54
N PRO E 70 8.97 30.25 -26.20
CA PRO E 70 8.47 31.25 -25.23
C PRO E 70 9.24 31.27 -23.92
N ASN E 71 9.66 30.12 -23.41
CA ASN E 71 10.45 30.07 -22.19
C ASN E 71 11.91 30.47 -22.41
N ASN E 72 12.31 30.76 -23.65
CA ASN E 72 13.68 31.08 -24.01
C ASN E 72 13.78 32.52 -24.51
N ASP E 73 13.11 33.44 -23.84
CA ASP E 73 13.11 34.85 -24.21
C ASP E 73 13.98 35.64 -23.23
N GLN E 74 13.96 36.96 -23.39
CA GLN E 74 14.70 37.82 -22.48
C GLN E 74 14.06 37.82 -21.10
N ASP E 75 14.83 38.28 -20.11
CA ASP E 75 14.38 38.18 -18.72
C ASP E 75 13.13 39.02 -18.46
N GLU E 76 13.06 40.22 -19.02
CA GLU E 76 11.94 41.12 -18.73
C GLU E 76 10.63 40.55 -19.24
N ILE E 77 10.63 39.98 -20.45
CA ILE E 77 9.41 39.38 -20.98
C ILE E 77 8.92 38.27 -20.08
N LEU E 78 9.84 37.42 -19.62
CA LEU E 78 9.45 36.33 -18.73
C LEU E 78 8.92 36.87 -17.40
N ARG E 79 9.57 37.89 -16.84
CA ARG E 79 9.16 38.41 -15.55
C ARG E 79 7.86 39.19 -15.62
N LEU E 80 7.47 39.65 -16.81
CA LEU E 80 6.13 40.25 -16.96
C LEU E 80 5.07 39.20 -17.27
N PHE E 81 5.41 38.19 -18.07
CA PHE E 81 4.43 37.27 -18.61
C PHE E 81 4.53 35.86 -18.07
N GLY E 82 5.61 35.51 -17.40
CA GLY E 82 5.74 34.19 -16.80
C GLY E 82 6.43 33.19 -17.70
N SER E 83 6.97 32.15 -17.07
CA SER E 83 7.69 31.10 -17.76
C SER E 83 7.96 29.96 -16.81
N SER E 84 7.94 28.74 -17.34
CA SER E 84 8.23 27.55 -16.55
C SER E 84 9.66 27.05 -16.75
N GLU E 85 10.61 27.98 -16.93
CA GLU E 85 12.00 27.60 -17.03
C GLU E 85 12.44 26.85 -15.78
N LYS E 86 13.19 25.77 -15.99
CA LYS E 86 13.22 24.65 -15.04
C LYS E 86 13.53 25.09 -13.62
N ASP E 87 14.62 25.83 -13.43
CA ASP E 87 15.01 26.17 -12.07
C ASP E 87 14.35 27.46 -11.58
N LYS E 88 14.43 28.52 -12.38
CA LYS E 88 13.94 29.84 -11.98
C LYS E 88 12.56 30.12 -12.57
N ILE E 89 11.58 29.32 -12.16
CA ILE E 89 10.22 29.49 -12.68
C ILE E 89 9.70 30.86 -12.28
N ARG E 90 9.28 31.64 -13.28
CA ARG E 90 8.86 33.02 -13.08
C ARG E 90 7.35 33.12 -13.14
N ARG E 91 6.76 33.73 -12.12
CA ARG E 91 5.33 33.97 -12.11
C ARG E 91 5.01 35.20 -12.94
N ALA E 92 3.93 35.13 -13.71
CA ALA E 92 3.52 36.23 -14.56
C ALA E 92 3.09 37.41 -13.71
N ARG E 93 3.78 38.54 -13.86
CA ARG E 93 3.35 39.75 -13.17
C ARG E 93 2.03 40.24 -13.71
N LEU E 94 1.82 40.13 -15.01
CA LEU E 94 0.60 40.61 -15.66
C LEU E 94 -0.47 39.53 -15.62
N LYS E 95 -1.64 39.90 -15.12
CA LYS E 95 -2.80 39.01 -15.07
C LYS E 95 -3.86 39.59 -16.00
N PHE E 96 -3.83 39.16 -17.25
CA PHE E 96 -4.83 39.59 -18.22
C PHE E 96 -6.16 38.92 -17.91
N ASN E 97 -7.25 39.57 -18.32
CA ASN E 97 -8.59 39.07 -18.08
C ASN E 97 -9.38 39.10 -19.38
N ASP E 98 -10.30 38.15 -19.51
CA ASP E 98 -11.16 38.11 -20.69
C ASP E 98 -12.00 39.37 -20.76
N ILE E 99 -11.81 40.14 -21.83
CA ILE E 99 -12.38 41.47 -21.94
C ILE E 99 -13.72 41.37 -22.66
N LYS E 100 -14.77 41.88 -22.03
CA LYS E 100 -16.11 41.80 -22.58
C LYS E 100 -16.51 43.12 -23.21
N LEU E 101 -17.44 43.06 -24.17
CA LEU E 101 -17.91 44.26 -24.82
C LEU E 101 -18.66 45.15 -23.84
N SER E 102 -18.44 46.46 -23.97
CA SER E 102 -18.95 47.42 -23.00
C SER E 102 -19.95 48.41 -23.56
N ASN E 103 -19.72 48.92 -24.78
CA ASN E 103 -20.53 50.01 -25.30
C ASN E 103 -21.72 49.51 -26.12
N LEU E 104 -22.50 48.58 -25.55
CA LEU E 104 -23.68 48.11 -26.26
C LEU E 104 -24.77 49.18 -26.31
N ALA E 105 -24.77 50.10 -25.34
CA ALA E 105 -25.83 51.11 -25.28
C ALA E 105 -25.75 52.07 -26.46
N GLU E 106 -24.57 52.63 -26.72
CA GLU E 106 -24.44 53.55 -27.83
C GLU E 106 -24.64 52.85 -29.17
N LEU E 107 -24.16 51.62 -29.29
CA LEU E 107 -24.44 50.84 -30.50
C LEU E 107 -25.93 50.60 -30.66
N GLU E 108 -26.62 50.31 -29.56
CA GLU E 108 -28.07 50.11 -29.63
C GLU E 108 -28.78 51.38 -30.09
N THR E 109 -28.37 52.53 -29.57
CA THR E 109 -28.95 53.79 -30.03
C THR E 109 -28.60 54.06 -31.49
N PHE E 110 -27.46 53.55 -31.96
CA PHE E 110 -27.07 53.69 -33.36
C PHE E 110 -27.82 52.72 -34.28
N ASN E 111 -28.73 51.91 -33.73
CA ASN E 111 -29.49 50.93 -34.50
C ASN E 111 -28.58 49.94 -35.21
N VAL E 112 -27.48 49.59 -34.55
CA VAL E 112 -26.51 48.64 -35.09
C VAL E 112 -26.27 47.54 -34.06
N SER E 113 -25.82 46.40 -34.55
CA SER E 113 -25.44 45.28 -33.71
C SER E 113 -23.94 45.30 -33.45
N SER E 114 -23.53 44.57 -32.42
CA SER E 114 -22.12 44.49 -32.09
C SER E 114 -21.29 43.74 -33.13
N THR E 115 -21.93 43.01 -34.04
CA THR E 115 -21.23 42.23 -35.05
C THR E 115 -21.87 42.47 -36.41
N GLU E 116 -21.07 42.28 -37.45
CA GLU E 116 -21.55 42.31 -38.83
C GLU E 116 -20.99 41.10 -39.56
N VAL E 117 -21.57 40.80 -40.72
CA VAL E 117 -21.15 39.70 -41.56
C VAL E 117 -20.66 40.27 -42.88
N LYS E 118 -19.46 39.89 -43.29
CA LYS E 118 -18.83 40.42 -44.49
C LYS E 118 -18.65 39.30 -45.51
N PHE E 119 -19.04 39.58 -46.75
CA PHE E 119 -18.82 38.70 -47.88
C PHE E 119 -17.71 39.35 -48.69
N GLU E 120 -16.59 38.66 -48.91
CA GLU E 120 -15.52 39.28 -49.66
C GLU E 120 -15.29 38.61 -51.01
N ASN E 121 -14.62 37.44 -51.06
CA ASN E 121 -14.53 36.60 -52.26
C ASN E 121 -13.51 35.47 -52.04
N THR E 122 -13.37 34.56 -53.00
CA THR E 122 -12.17 33.72 -53.13
C THR E 122 -11.82 33.55 -54.62
N ILE E 123 -11.81 34.65 -55.36
CA ILE E 123 -11.81 34.56 -56.82
C ILE E 123 -10.43 34.20 -57.34
N ASN E 124 -10.37 33.81 -58.62
CA ASN E 124 -9.15 33.34 -59.27
C ASN E 124 -9.04 33.92 -60.67
N ARG E 125 -7.81 34.29 -61.05
CA ARG E 125 -7.55 34.72 -62.43
C ARG E 125 -7.64 33.55 -63.40
N LYS E 126 -7.39 32.33 -62.90
CA LYS E 126 -7.46 31.11 -63.69
C LYS E 126 -8.93 30.75 -63.89
N THR E 127 -9.22 29.49 -64.24
CA THR E 127 -10.59 29.06 -64.48
C THR E 127 -11.51 29.63 -63.43
N ALA E 128 -12.47 30.46 -63.88
CA ALA E 128 -13.12 31.42 -63.01
C ALA E 128 -14.05 30.76 -62.00
N VAL E 129 -13.52 30.45 -60.82
CA VAL E 129 -14.30 29.87 -59.74
C VAL E 129 -13.98 30.63 -58.47
N ALA E 130 -15.02 31.04 -57.75
CA ALA E 130 -14.88 31.76 -56.49
C ALA E 130 -15.52 30.93 -55.38
N ASN E 131 -14.91 30.97 -54.20
CA ASN E 131 -15.37 30.21 -53.04
C ASN E 131 -15.76 31.19 -51.95
N PRO E 132 -17.02 31.63 -51.92
CA PRO E 132 -17.42 32.68 -50.97
C PRO E 132 -17.45 32.16 -49.54
N ARG E 133 -16.92 32.96 -48.63
CA ARG E 133 -17.00 32.67 -47.20
C ARG E 133 -17.71 33.80 -46.49
N GLN E 134 -18.04 33.56 -45.22
CA GLN E 134 -18.80 34.50 -44.41
C GLN E 134 -18.07 34.71 -43.09
N ILE E 135 -17.40 35.83 -42.94
CA ILE E 135 -16.66 36.15 -41.73
C ILE E 135 -17.54 37.07 -40.89
N GLU E 136 -17.82 36.67 -39.66
CA GLU E 136 -18.45 37.57 -38.70
C GLU E 136 -17.36 38.39 -38.03
N ARG E 137 -17.53 39.70 -38.02
CA ARG E 137 -16.55 40.61 -37.46
C ARG E 137 -17.25 41.52 -36.46
N VAL E 138 -16.61 41.73 -35.30
CA VAL E 138 -17.15 42.66 -34.33
C VAL E 138 -17.14 44.06 -34.92
N ILE E 139 -18.26 44.77 -34.79
CA ILE E 139 -18.42 46.06 -35.45
C ILE E 139 -17.29 47.00 -35.07
N ALA E 140 -16.73 47.67 -36.08
CA ALA E 140 -15.80 48.76 -35.81
C ALA E 140 -16.55 49.89 -35.13
N GLY E 141 -15.95 50.44 -34.07
CA GLY E 141 -16.66 51.28 -33.15
C GLY E 141 -17.03 50.61 -31.85
N SER E 142 -16.43 49.46 -31.55
CA SER E 142 -16.68 48.71 -30.32
C SER E 142 -15.63 49.05 -29.28
N LYS E 143 -16.06 49.21 -28.04
CA LYS E 143 -15.17 49.50 -26.92
C LYS E 143 -15.16 48.30 -25.98
N PHE E 144 -13.96 47.85 -25.61
CA PHE E 144 -13.77 46.76 -24.66
C PHE E 144 -13.03 47.33 -23.46
N ASP E 145 -13.73 47.48 -22.34
CA ASP E 145 -13.13 48.02 -21.12
C ASP E 145 -12.43 46.88 -20.37
N PHE E 146 -11.13 47.01 -20.13
CA PHE E 146 -10.35 45.93 -19.55
C PHE E 146 -9.76 46.33 -18.20
N GLU E 147 -9.37 45.31 -17.44
CA GLU E 147 -8.67 45.48 -16.17
C GLU E 147 -7.57 44.41 -16.11
N ILE E 148 -6.32 44.83 -16.22
CA ILE E 148 -5.18 43.93 -16.17
C ILE E 148 -4.48 44.13 -14.84
N PHE E 149 -4.48 43.10 -14.00
CA PHE E 149 -3.82 43.19 -12.70
C PHE E 149 -2.30 43.10 -12.89
N TYR E 150 -1.58 43.63 -11.91
CA TYR E 150 -0.13 43.65 -11.94
C TYR E 150 0.43 43.29 -10.58
N ASN E 151 1.58 42.63 -10.58
CA ASN E 151 2.26 42.22 -9.36
C ASN E 151 3.56 43.03 -9.23
N LEU E 152 3.70 43.76 -8.13
CA LEU E 152 4.91 44.55 -7.89
C LEU E 152 5.86 43.69 -7.07
N ASP E 153 6.66 42.87 -7.77
CA ASP E 153 7.63 42.03 -7.08
C ASP E 153 8.73 42.85 -6.42
N ASP E 154 9.21 43.90 -7.09
CA ASP E 154 10.21 44.79 -6.53
C ASP E 154 9.98 46.20 -7.03
N ILE E 155 10.20 47.17 -6.14
CA ILE E 155 9.96 48.57 -6.49
C ILE E 155 10.91 49.06 -7.57
N LYS E 156 12.10 48.46 -7.69
CA LYS E 156 12.97 48.81 -8.80
C LYS E 156 12.33 48.43 -10.12
N GLU E 157 11.62 47.31 -10.15
CA GLU E 157 10.98 46.79 -11.35
C GLU E 157 9.49 47.16 -11.38
N VAL E 158 9.20 48.45 -11.43
CA VAL E 158 7.83 48.94 -11.62
C VAL E 158 7.75 49.92 -12.79
N GLU E 159 8.67 50.88 -12.86
CA GLU E 159 8.65 51.87 -13.94
C GLU E 159 9.09 51.25 -15.26
N LYS E 160 10.11 50.39 -15.22
CA LYS E 160 10.51 49.66 -16.41
C LYS E 160 9.38 48.78 -16.89
N ASP E 161 8.73 48.06 -15.97
CA ASP E 161 7.62 47.19 -16.34
C ASP E 161 6.49 47.98 -16.97
N PHE E 162 6.14 49.13 -16.40
CA PHE E 162 4.99 49.86 -16.91
C PHE E 162 5.30 50.59 -18.21
N GLU E 163 6.52 51.07 -18.41
CA GLU E 163 6.86 51.64 -19.71
C GLU E 163 6.91 50.56 -20.78
N ASN E 164 7.35 49.35 -20.42
CA ASN E 164 7.31 48.25 -21.37
C ASN E 164 5.87 47.85 -21.69
N ILE E 165 4.99 47.89 -20.69
CA ILE E 165 3.57 47.59 -20.91
C ILE E 165 2.95 48.63 -21.84
N LYS E 166 3.27 49.91 -21.61
CA LYS E 166 2.74 50.96 -22.48
C LYS E 166 3.25 50.81 -23.90
N GLN E 167 4.53 50.48 -24.07
CA GLN E 167 5.03 50.32 -25.44
C GLN E 167 4.49 49.06 -26.08
N GLY E 168 4.18 48.03 -25.29
CA GLY E 168 3.51 46.86 -25.84
C GLY E 168 2.10 47.17 -26.30
N PHE E 169 1.39 48.01 -25.54
CA PHE E 169 0.07 48.44 -25.98
C PHE E 169 0.15 49.29 -27.25
N ASP E 170 1.15 50.17 -27.33
CA ASP E 170 1.28 51.04 -28.49
C ASP E 170 1.90 50.33 -29.69
N LEU E 171 2.51 49.17 -29.49
CA LEU E 171 2.92 48.33 -30.61
C LEU E 171 1.72 47.61 -31.23
N LEU E 172 0.70 47.32 -30.42
CA LEU E 172 -0.53 46.75 -30.97
C LEU E 172 -1.27 47.75 -31.83
N GLU E 173 -1.10 49.05 -31.56
CA GLU E 173 -1.80 50.07 -32.33
C GLU E 173 -1.44 50.00 -33.80
N PHE E 174 -0.17 49.81 -34.11
CA PHE E 174 0.28 49.60 -35.49
C PHE E 174 0.32 48.12 -35.83
N ASP E 175 -0.78 47.44 -35.52
CA ASP E 175 -0.93 46.01 -35.69
C ASP E 175 -2.39 45.68 -35.41
N TYR E 176 -2.72 44.40 -35.43
CA TYR E 176 -4.06 43.92 -35.13
C TYR E 176 -4.01 43.02 -33.90
N LEU E 177 -5.19 42.57 -33.47
CA LEU E 177 -5.30 41.77 -32.26
C LEU E 177 -5.49 40.29 -32.52
N GLY E 178 -6.14 39.91 -33.61
CA GLY E 178 -6.30 38.50 -33.90
C GLY E 178 -7.07 38.29 -35.19
N GLY E 179 -7.26 37.02 -35.52
CA GLY E 179 -8.04 36.66 -36.68
C GLY E 179 -7.34 37.02 -37.98
N HIS E 180 -8.16 37.28 -39.01
CA HIS E 180 -7.66 37.48 -40.36
C HIS E 180 -7.03 38.87 -40.48
N GLY E 181 -5.99 39.08 -39.68
CA GLY E 181 -5.44 40.42 -39.51
C GLY E 181 -4.63 40.92 -40.68
N THR E 182 -4.07 40.00 -41.47
CA THR E 182 -3.29 40.40 -42.63
C THR E 182 -4.17 40.98 -43.73
N ARG E 183 -5.49 40.80 -43.63
CA ARG E 183 -6.40 41.18 -44.70
C ARG E 183 -7.36 42.28 -44.26
N GLY E 184 -6.84 43.32 -43.61
CA GLY E 184 -7.63 44.50 -43.33
C GLY E 184 -8.52 44.44 -42.12
N SER E 185 -8.35 43.45 -41.25
CA SER E 185 -9.19 43.29 -40.07
C SER E 185 -8.34 43.31 -38.81
N GLY E 186 -8.96 43.71 -37.70
CA GLY E 186 -8.35 43.59 -36.40
C GLY E 186 -7.66 44.84 -35.86
N ARG E 187 -7.70 45.95 -36.58
CA ARG E 187 -7.05 47.17 -36.10
C ARG E 187 -7.67 47.61 -34.78
N ILE E 188 -6.82 47.88 -33.79
CA ILE E 188 -7.27 48.23 -32.45
C ILE E 188 -6.57 49.48 -31.98
N ALA E 189 -7.22 50.22 -31.07
CA ALA E 189 -6.63 51.38 -30.43
C ALA E 189 -6.94 51.34 -28.94
N PHE E 190 -5.97 51.74 -28.13
CA PHE E 190 -6.10 51.75 -26.68
C PHE E 190 -6.33 53.18 -26.19
N GLU E 191 -7.33 53.37 -25.34
CA GLU E 191 -7.61 54.68 -24.77
C GLU E 191 -7.94 54.54 -23.30
N ASN E 192 -7.82 55.65 -22.57
CA ASN E 192 -8.10 55.73 -21.14
C ASN E 192 -7.17 54.84 -20.32
N LEU E 193 -5.96 54.61 -20.83
CA LEU E 193 -5.00 53.79 -20.11
C LEU E 193 -4.56 54.49 -18.83
N SER E 194 -4.46 53.72 -17.75
CA SER E 194 -4.09 54.24 -16.44
C SER E 194 -3.76 53.04 -15.54
N VAL E 195 -3.51 53.31 -14.26
CA VAL E 195 -3.29 52.26 -13.27
C VAL E 195 -3.66 52.80 -11.90
N ILE E 196 -4.18 51.90 -11.06
CA ILE E 196 -4.49 52.21 -9.67
C ILE E 196 -4.03 51.04 -8.81
N THR E 197 -3.84 51.31 -7.52
CA THR E 197 -3.48 50.27 -6.57
C THR E 197 -4.75 49.62 -6.03
N ALA E 198 -4.72 48.28 -5.94
CA ALA E 198 -5.89 47.56 -5.44
C ALA E 198 -6.15 47.88 -3.98
N VAL E 199 -5.11 47.81 -3.15
CA VAL E 199 -5.23 48.04 -1.71
C VAL E 199 -4.18 49.06 -1.30
N GLY E 200 -4.60 50.04 -0.49
CA GLY E 200 -3.66 51.03 0.01
C GLY E 200 -3.21 51.99 -1.09
N ASN E 201 -2.00 52.53 -0.89
CA ASN E 201 -1.43 53.48 -1.83
C ASN E 201 0.03 53.12 -2.07
N PHE E 202 0.52 53.48 -3.25
CA PHE E 202 1.87 53.16 -3.68
C PHE E 202 2.63 54.43 -4.00
N GLU E 203 3.89 54.47 -3.59
CA GLU E 203 4.71 55.65 -3.83
C GLU E 203 5.12 55.72 -5.31
N LYS E 204 5.10 56.94 -5.86
CA LYS E 204 5.49 57.19 -7.25
C LYS E 204 4.60 56.44 -8.23
N ILE E 205 3.33 56.24 -7.88
CA ILE E 205 2.39 55.65 -8.84
C ILE E 205 2.07 56.62 -9.97
N ASN E 206 2.28 57.93 -9.74
CA ASN E 206 2.04 58.89 -10.81
C ASN E 206 3.12 58.80 -11.89
N THR E 207 4.33 58.37 -11.53
CA THR E 207 5.33 58.07 -12.54
C THR E 207 4.85 56.98 -13.49
N LEU E 208 4.14 56.00 -12.95
CA LEU E 208 3.54 54.97 -13.81
C LEU E 208 2.50 55.56 -14.74
N ASN E 209 1.65 56.45 -14.22
CA ASN E 209 0.60 57.04 -15.06
C ASN E 209 1.19 57.96 -16.12
N GLU E 210 2.24 58.71 -15.78
CA GLU E 210 2.84 59.62 -16.75
C GLU E 210 3.53 58.88 -17.88
N ILE E 211 3.89 57.61 -17.67
CA ILE E 211 4.45 56.78 -18.72
C ILE E 211 3.45 55.75 -19.24
N LEU E 212 2.22 55.76 -18.73
CA LEU E 212 1.16 54.88 -19.20
C LEU E 212 -0.07 55.62 -19.71
N GLY E 213 -0.34 56.82 -19.18
CA GLY E 213 -1.41 57.65 -19.67
C GLY E 213 -0.99 58.63 -20.75
N ALA E 214 0.24 58.53 -21.24
CA ALA E 214 0.73 59.43 -22.27
C ALA E 214 1.78 58.75 -23.14
N THR G 12 -27.52 1.47 -26.99
CA THR G 12 -26.27 0.74 -26.82
C THR G 12 -26.07 -0.28 -27.92
N GLU G 13 -27.09 -0.45 -28.77
CA GLU G 13 -27.04 -1.38 -29.90
C GLU G 13 -27.33 -0.59 -31.18
N LEU G 14 -26.27 -0.02 -31.76
CA LEU G 14 -26.43 0.70 -33.01
C LEU G 14 -26.72 -0.27 -34.15
N LYS G 15 -27.15 0.28 -35.28
CA LYS G 15 -27.61 -0.51 -36.42
C LYS G 15 -26.85 -0.11 -37.68
N ILE G 16 -25.52 -0.08 -37.58
CA ILE G 16 -24.66 0.23 -38.72
C ILE G 16 -24.94 -0.77 -39.84
N GLY G 17 -25.48 -0.28 -40.95
CA GLY G 17 -25.74 -1.14 -42.09
C GLY G 17 -26.69 -2.26 -41.73
N ASN G 18 -26.31 -3.48 -42.11
CA ASN G 18 -27.10 -4.68 -41.82
C ASN G 18 -26.59 -5.42 -40.59
N GLU G 19 -25.57 -4.90 -39.91
CA GLU G 19 -25.00 -5.56 -38.75
C GLU G 19 -25.16 -4.65 -37.53
N LYS G 20 -25.78 -5.18 -36.48
CA LYS G 20 -25.93 -4.42 -35.25
C LYS G 20 -24.57 -4.15 -34.63
N VAL G 21 -24.37 -2.92 -34.15
CA VAL G 21 -23.14 -2.52 -33.48
C VAL G 21 -23.42 -2.33 -32.01
N ASN G 22 -22.68 -3.04 -31.17
CA ASN G 22 -22.80 -2.94 -29.73
C ASN G 22 -21.74 -1.97 -29.21
N SER G 23 -21.59 -1.91 -27.89
CA SER G 23 -20.72 -0.93 -27.26
C SER G 23 -19.27 -1.38 -27.18
N THR G 24 -18.93 -2.57 -27.70
CA THR G 24 -17.57 -3.06 -27.63
C THR G 24 -16.91 -3.28 -28.98
N ASN G 25 -17.69 -3.37 -30.07
CA ASN G 25 -17.14 -3.61 -31.40
C ASN G 25 -17.07 -2.33 -32.24
N PHE G 26 -17.26 -1.17 -31.64
CA PHE G 26 -17.23 0.08 -32.41
C PHE G 26 -15.85 0.32 -33.00
N GLY G 27 -14.80 0.08 -32.22
CA GLY G 27 -13.45 0.31 -32.73
C GLY G 27 -13.08 -0.64 -33.86
N ASP G 28 -13.38 -1.93 -33.68
CA ASP G 28 -13.06 -2.91 -34.72
C ASP G 28 -13.86 -2.66 -35.99
N PHE G 29 -15.15 -2.32 -35.86
CA PHE G 29 -15.97 -2.08 -37.04
C PHE G 29 -15.57 -0.79 -37.74
N ALA G 30 -15.19 0.24 -36.99
CA ALA G 30 -14.66 1.45 -37.62
C ALA G 30 -13.34 1.18 -38.32
N GLU G 31 -12.48 0.35 -37.72
CA GLU G 31 -11.25 -0.05 -38.37
C GLU G 31 -11.54 -0.79 -39.67
N LYS G 32 -12.51 -1.69 -39.65
CA LYS G 32 -12.92 -2.39 -40.86
C LYS G 32 -13.40 -1.41 -41.92
N ALA G 33 -14.19 -0.42 -41.52
CA ALA G 33 -14.70 0.57 -42.47
C ALA G 33 -13.57 1.37 -43.09
N ILE G 34 -12.59 1.80 -42.28
CA ILE G 34 -11.49 2.58 -42.81
C ILE G 34 -10.60 1.75 -43.73
N ARG G 35 -10.27 0.52 -43.31
CA ARG G 35 -9.41 -0.32 -44.15
C ARG G 35 -10.10 -0.66 -45.47
N GLY G 36 -11.40 -0.95 -45.44
CA GLY G 36 -12.11 -1.21 -46.67
C GLY G 36 -12.08 -0.03 -47.63
N ILE G 37 -12.25 1.18 -47.09
CA ILE G 37 -12.16 2.37 -47.93
C ILE G 37 -10.73 2.58 -48.41
N ASN G 38 -9.75 2.39 -47.53
CA ASN G 38 -8.35 2.59 -47.92
C ASN G 38 -7.91 1.58 -48.97
N HIS G 39 -8.32 0.32 -48.82
CA HIS G 39 -7.91 -0.71 -49.77
C HIS G 39 -8.60 -0.51 -51.12
N LYS G 40 -9.92 -0.30 -51.11
CA LYS G 40 -10.69 -0.06 -52.32
C LYS G 40 -11.29 1.33 -52.23
N PRO G 41 -10.61 2.34 -52.76
CA PRO G 41 -11.07 3.72 -52.59
C PRO G 41 -12.06 4.19 -53.65
N PHE G 42 -12.55 5.41 -53.50
CA PHE G 42 -13.51 5.98 -54.44
C PHE G 42 -12.84 6.31 -55.75
N VAL G 43 -13.57 6.11 -56.85
CA VAL G 43 -13.08 6.40 -58.20
C VAL G 43 -13.79 7.66 -58.69
N ASN G 44 -13.01 8.64 -59.14
CA ASN G 44 -13.58 9.89 -59.60
C ASN G 44 -14.37 9.69 -60.90
N SER G 45 -15.19 10.69 -61.22
CA SER G 45 -15.88 10.70 -62.50
C SER G 45 -14.90 10.81 -63.66
N LYS G 46 -13.87 11.64 -63.50
CA LYS G 46 -12.88 11.87 -64.56
C LYS G 46 -11.70 10.91 -64.46
N GLY G 47 -12.01 9.62 -64.31
CA GLY G 47 -10.97 8.59 -64.36
C GLY G 47 -9.84 8.77 -63.38
N GLY G 48 -10.15 9.11 -62.13
CA GLY G 48 -9.12 9.42 -61.15
C GLY G 48 -9.39 8.72 -59.83
N GLU G 49 -8.39 8.81 -58.95
CA GLU G 49 -8.45 8.19 -57.64
C GLU G 49 -8.12 9.24 -56.58
N GLN G 50 -8.99 9.35 -55.58
CA GLN G 50 -8.76 10.26 -54.46
C GLN G 50 -9.59 9.81 -53.27
N LYS G 51 -9.16 10.21 -52.09
CA LYS G 51 -9.84 9.92 -50.84
C LYS G 51 -10.51 11.18 -50.32
N ILE G 52 -11.16 11.05 -49.16
CA ILE G 52 -11.71 12.20 -48.47
C ILE G 52 -10.61 12.86 -47.65
N THR G 53 -10.53 14.19 -47.71
CA THR G 53 -9.45 14.89 -47.04
C THR G 53 -9.62 14.83 -45.53
N THR G 54 -8.51 15.07 -44.82
CA THR G 54 -8.56 15.11 -43.37
C THR G 54 -9.39 16.28 -42.86
N SER G 55 -9.41 17.39 -43.62
CA SER G 55 -10.20 18.55 -43.22
C SER G 55 -11.69 18.23 -43.18
N LYS G 56 -12.18 17.48 -44.17
CA LYS G 56 -13.62 17.21 -44.24
C LYS G 56 -14.06 16.26 -43.13
N ILE G 57 -13.31 15.18 -42.90
CA ILE G 57 -13.67 14.28 -41.81
C ILE G 57 -13.49 14.97 -40.47
N ARG G 58 -12.49 15.85 -40.34
CA ARG G 58 -12.34 16.62 -39.11
C ARG G 58 -13.51 17.55 -38.90
N GLY G 59 -14.05 18.11 -39.98
CA GLY G 59 -15.26 18.91 -39.86
C GLY G 59 -16.47 18.09 -39.44
N ILE G 60 -16.57 16.87 -39.98
CA ILE G 60 -17.65 15.97 -39.54
C ILE G 60 -17.52 15.64 -38.06
N LEU G 61 -16.29 15.36 -37.60
CA LEU G 61 -16.06 15.09 -36.19
C LEU G 61 -16.38 16.31 -35.34
N GLU G 62 -16.01 17.50 -35.82
CA GLU G 62 -16.37 18.74 -35.13
C GLU G 62 -17.88 18.84 -34.98
N LEU G 63 -18.62 18.58 -36.07
CA LEU G 63 -20.07 18.53 -35.99
C LEU G 63 -20.53 17.57 -34.90
N VAL G 64 -19.94 16.38 -34.86
CA VAL G 64 -20.27 15.44 -33.79
C VAL G 64 -19.77 15.95 -32.45
N ASN G 65 -18.65 16.67 -32.43
CA ASN G 65 -18.14 17.23 -31.19
C ASN G 65 -18.99 18.37 -30.66
N LYS G 66 -19.72 19.07 -31.53
CA LYS G 66 -20.59 20.15 -31.07
C LYS G 66 -21.68 19.62 -30.16
N VAL G 67 -22.30 18.51 -30.54
CA VAL G 67 -23.37 17.91 -29.74
C VAL G 67 -22.84 17.01 -28.64
N TYR G 68 -21.69 16.35 -28.86
CA TYR G 68 -21.16 15.46 -27.84
C TYR G 68 -20.68 16.24 -26.63
N ASN G 69 -20.16 17.46 -26.84
CA ASN G 69 -19.64 18.25 -25.74
C ASN G 69 -20.72 18.67 -24.76
N ARG G 70 -21.98 18.73 -25.20
CA ARG G 70 -23.09 19.04 -24.33
C ARG G 70 -23.82 17.82 -23.82
N VAL G 71 -23.81 16.71 -24.58
CA VAL G 71 -24.44 15.48 -24.10
C VAL G 71 -23.63 14.87 -22.97
N ILE G 72 -22.30 14.92 -23.06
CA ILE G 72 -21.48 14.15 -22.14
C ILE G 72 -21.58 14.68 -20.71
N ASN G 73 -21.84 15.97 -20.53
CA ASN G 73 -21.92 16.54 -19.19
C ASN G 73 -23.32 16.39 -18.59
N THR G 74 -23.86 15.17 -18.66
CA THR G 74 -25.22 14.91 -18.19
C THR G 74 -25.28 13.51 -17.59
N ASN G 75 -26.33 13.28 -16.80
CA ASN G 75 -26.66 11.94 -16.32
C ASN G 75 -28.02 11.49 -16.83
N ASP G 76 -28.63 12.23 -17.76
CA ASP G 76 -29.99 11.97 -18.20
C ASP G 76 -30.01 10.75 -19.13
N VAL G 77 -30.95 9.85 -18.88
CA VAL G 77 -31.00 8.60 -19.65
C VAL G 77 -31.36 8.86 -21.10
N GLU G 78 -32.34 9.72 -21.35
CA GLU G 78 -32.81 10.01 -22.70
C GLU G 78 -32.49 11.45 -23.07
N LEU G 79 -32.06 11.64 -24.32
CA LEU G 79 -31.76 12.97 -24.81
C LEU G 79 -33.04 13.80 -24.95
N SER G 80 -32.95 15.08 -24.59
CA SER G 80 -34.11 15.96 -24.66
C SER G 80 -34.42 16.31 -26.10
N GLU G 81 -35.43 17.17 -26.29
CA GLU G 81 -35.85 17.55 -27.64
C GLU G 81 -34.81 18.44 -28.31
N ASN G 82 -34.07 19.24 -27.54
CA ASN G 82 -33.05 20.10 -28.14
C ASN G 82 -31.89 19.28 -28.71
N ILE G 83 -31.45 18.26 -27.97
CA ILE G 83 -30.37 17.42 -28.44
C ILE G 83 -30.80 16.65 -29.69
N LEU G 84 -32.03 16.13 -29.69
CA LEU G 84 -32.53 15.44 -30.88
C LEU G 84 -32.68 16.39 -32.06
N ALA G 85 -33.07 17.64 -31.81
CA ALA G 85 -33.12 18.62 -32.88
C ALA G 85 -31.74 18.88 -33.47
N ASP G 86 -30.74 19.01 -32.61
CA ASP G 86 -29.37 19.20 -33.09
C ASP G 86 -28.88 17.98 -33.86
N ILE G 87 -29.28 16.78 -33.43
CA ILE G 87 -28.88 15.56 -34.15
C ILE G 87 -29.55 15.50 -35.52
N ALA G 88 -30.82 15.87 -35.60
CA ALA G 88 -31.48 15.93 -36.90
C ALA G 88 -30.82 16.96 -37.81
N TYR G 89 -30.40 18.10 -37.23
CA TYR G 89 -29.68 19.09 -38.01
C TYR G 89 -28.34 18.54 -38.50
N ILE G 90 -27.64 17.78 -37.67
CA ILE G 90 -26.37 17.20 -38.10
C ILE G 90 -26.60 16.20 -39.22
N LYS G 91 -27.72 15.45 -39.17
CA LYS G 91 -28.06 14.56 -40.26
C LYS G 91 -28.33 15.34 -41.55
N VAL G 92 -29.02 16.48 -41.42
CA VAL G 92 -29.23 17.34 -42.57
C VAL G 92 -27.90 17.80 -43.17
N LYS G 93 -26.96 18.21 -42.32
CA LYS G 93 -25.67 18.66 -42.82
C LYS G 93 -24.88 17.51 -43.44
N ILE G 94 -25.06 16.30 -42.91
CA ILE G 94 -24.45 15.11 -43.52
C ILE G 94 -24.98 14.93 -44.94
N ALA G 95 -26.30 15.06 -45.10
CA ALA G 95 -26.91 14.97 -46.42
C ALA G 95 -26.38 16.06 -47.35
N TYR G 96 -26.21 17.28 -46.82
CA TYR G 96 -25.68 18.36 -47.63
C TYR G 96 -24.26 18.08 -48.10
N GLU G 97 -23.41 17.61 -47.19
CA GLU G 97 -22.04 17.26 -47.55
C GLU G 97 -22.00 16.12 -48.56
N SER G 98 -22.88 15.13 -48.38
CA SER G 98 -22.94 14.03 -49.35
C SER G 98 -23.36 14.54 -50.72
N GLY G 99 -24.32 15.46 -50.76
CA GLY G 99 -24.76 15.99 -52.04
C GLY G 99 -23.78 16.94 -52.70
N ARG G 100 -22.88 17.54 -51.91
CA ARG G 100 -21.93 18.49 -52.50
C ARG G 100 -20.76 17.78 -53.15
N GLU G 101 -19.99 17.02 -52.37
CA GLU G 101 -18.82 16.31 -52.89
C GLU G 101 -19.10 14.82 -52.92
N PRO G 102 -19.05 14.17 -54.08
CA PRO G 102 -19.37 12.74 -54.16
C PRO G 102 -18.44 11.85 -53.35
N VAL G 103 -17.21 12.30 -53.06
CA VAL G 103 -16.32 11.51 -52.21
C VAL G 103 -16.86 11.47 -50.78
N VAL G 104 -17.46 12.56 -50.31
CA VAL G 104 -18.05 12.56 -48.98
C VAL G 104 -19.28 11.65 -48.95
N LYS G 105 -20.09 11.67 -50.02
CA LYS G 105 -21.22 10.76 -50.10
C LYS G 105 -20.74 9.31 -50.08
N ASP G 106 -19.66 9.02 -50.80
CA ASP G 106 -19.10 7.67 -50.79
C ASP G 106 -18.61 7.28 -49.40
N PHE G 107 -17.93 8.20 -48.71
CA PHE G 107 -17.46 7.90 -47.36
C PHE G 107 -18.62 7.63 -46.42
N ILE G 108 -19.70 8.39 -46.53
CA ILE G 108 -20.86 8.16 -45.68
C ILE G 108 -21.52 6.82 -46.01
N GLN G 109 -21.61 6.49 -47.31
CA GLN G 109 -22.34 5.29 -47.72
C GLN G 109 -21.56 4.02 -47.42
N ARG G 110 -20.23 4.06 -47.55
CA ARG G 110 -19.44 2.87 -47.24
C ARG G 110 -19.51 2.53 -45.76
N THR G 111 -19.48 3.53 -44.89
CA THR G 111 -19.86 3.35 -43.51
C THR G 111 -21.39 3.37 -43.45
N ALA G 112 -21.97 3.40 -42.26
CA ALA G 112 -23.40 3.58 -42.18
C ALA G 112 -23.68 4.83 -41.38
N PHE G 113 -22.89 5.87 -41.68
CA PHE G 113 -22.90 7.07 -40.86
C PHE G 113 -24.28 7.72 -40.89
N THR G 114 -24.91 7.75 -42.07
CA THR G 114 -26.32 8.13 -42.16
C THR G 114 -27.21 7.11 -41.45
N ALA G 115 -26.98 5.82 -41.64
CA ALA G 115 -27.78 4.83 -40.95
C ALA G 115 -27.55 4.87 -39.43
N ALA G 116 -26.31 5.14 -39.01
CA ALA G 116 -26.03 5.30 -37.59
C ALA G 116 -26.76 6.51 -37.01
N ILE G 117 -26.74 7.65 -37.73
CA ILE G 117 -27.42 8.83 -37.21
C ILE G 117 -28.93 8.60 -37.19
N THR G 118 -29.47 7.87 -38.17
CA THR G 118 -30.88 7.55 -38.16
C THR G 118 -31.23 6.63 -37.01
N ASP G 119 -30.35 5.67 -36.70
CA ASP G 119 -30.58 4.79 -35.56
C ASP G 119 -30.56 5.56 -34.25
N VAL G 120 -29.65 6.53 -34.12
CA VAL G 120 -29.64 7.36 -32.92
C VAL G 120 -30.92 8.19 -32.84
N MET G 121 -31.34 8.75 -33.98
CA MET G 121 -32.57 9.55 -33.99
C MET G 121 -33.78 8.72 -33.61
N ASN G 122 -33.80 7.45 -34.00
CA ASN G 122 -34.93 6.59 -33.67
C ASN G 122 -34.87 6.08 -32.23
N GLN G 123 -33.66 5.83 -31.71
CA GLN G 123 -33.52 5.35 -30.34
C GLN G 123 -33.70 6.48 -29.33
N ARG G 124 -33.14 7.66 -29.63
CA ARG G 124 -33.28 8.89 -28.85
C ARG G 124 -32.61 8.82 -27.48
N THR G 125 -32.00 7.71 -27.11
CA THR G 125 -31.39 7.60 -25.79
C THR G 125 -29.99 8.21 -25.79
N ARG G 126 -29.54 8.60 -24.59
CA ARG G 126 -28.21 9.19 -24.46
C ARG G 126 -27.12 8.18 -24.80
N GLU G 127 -27.28 6.93 -24.36
CA GLU G 127 -26.27 5.92 -24.59
C GLU G 127 -26.11 5.60 -26.08
N SER G 128 -27.22 5.66 -26.83
CA SER G 128 -27.14 5.44 -28.28
C SER G 128 -26.24 6.49 -28.93
N PHE G 129 -26.47 7.77 -28.64
CA PHE G 129 -25.60 8.80 -29.19
C PHE G 129 -24.18 8.69 -28.66
N LEU G 130 -24.01 8.23 -27.41
CA LEU G 130 -22.67 8.03 -26.90
C LEU G 130 -21.92 6.98 -27.72
N LEU G 131 -22.60 5.89 -28.08
CA LEU G 131 -21.99 4.89 -28.94
C LEU G 131 -21.73 5.44 -30.33
N PHE G 132 -22.64 6.27 -30.85
CA PHE G 132 -22.43 6.89 -32.16
C PHE G 132 -21.19 7.77 -32.14
N ALA G 133 -21.02 8.56 -31.08
CA ALA G 133 -19.84 9.40 -30.95
C ALA G 133 -18.58 8.55 -30.84
N ARG G 134 -18.64 7.44 -30.10
CA ARG G 134 -17.51 6.53 -30.02
C ARG G 134 -17.15 5.98 -31.41
N TYR G 135 -18.16 5.59 -32.17
CA TYR G 135 -17.92 5.03 -33.51
C TYR G 135 -17.30 6.06 -34.44
N VAL G 136 -17.80 7.29 -34.42
CA VAL G 136 -17.26 8.33 -35.29
C VAL G 136 -15.83 8.70 -34.87
N GLU G 137 -15.60 8.77 -33.56
CA GLU G 137 -14.26 9.03 -33.05
C GLU G 137 -13.29 7.95 -33.50
N SER G 138 -13.75 6.68 -33.50
CA SER G 138 -12.89 5.59 -33.95
C SER G 138 -12.68 5.64 -35.46
N LEU G 139 -13.68 6.09 -36.22
CA LEU G 139 -13.50 6.30 -37.66
C LEU G 139 -12.40 7.31 -37.92
N ILE G 140 -12.43 8.43 -37.19
CA ILE G 140 -11.39 9.45 -37.34
C ILE G 140 -10.04 8.89 -36.89
N ALA G 141 -10.04 8.12 -35.81
CA ALA G 141 -8.80 7.56 -35.28
C ALA G 141 -8.13 6.65 -36.30
N TYR G 142 -8.92 5.77 -36.93
CA TYR G 142 -8.36 4.84 -37.90
C TYR G 142 -8.12 5.48 -39.26
N PHE G 143 -8.75 6.61 -39.55
CA PHE G 143 -8.31 7.40 -40.69
C PHE G 143 -6.93 7.97 -40.43
N LYS G 144 -6.72 8.55 -39.25
CA LYS G 144 -5.41 9.13 -38.92
C LYS G 144 -4.34 8.04 -38.89
N PHE G 145 -4.67 6.86 -38.36
CA PHE G 145 -3.71 5.78 -38.27
C PHE G 145 -3.39 5.19 -39.64
N TYR G 146 -4.41 4.88 -40.42
CA TYR G 146 -4.23 4.20 -41.70
C TYR G 146 -3.97 5.17 -42.84
N GLY G 147 -4.84 6.17 -43.01
CA GLY G 147 -4.64 7.15 -44.06
C GLY G 147 -3.39 7.98 -43.86
N GLY G 148 -3.05 8.29 -42.62
CA GLY G 148 -1.87 9.07 -42.34
C GLY G 148 -2.12 10.56 -42.48
N LYS G 149 -1.02 11.30 -42.65
CA LYS G 149 -1.09 12.74 -42.80
C LYS G 149 0.16 13.28 -43.50
N THR H 12 -40.96 25.69 -30.81
CA THR H 12 -40.69 24.26 -30.73
C THR H 12 -41.65 23.47 -31.60
N GLU H 13 -42.82 24.04 -31.87
CA GLU H 13 -43.85 23.40 -32.67
C GLU H 13 -44.24 24.29 -33.83
N LEU H 14 -44.26 23.72 -35.03
CA LEU H 14 -44.57 24.46 -36.24
C LEU H 14 -45.77 23.81 -36.92
N LYS H 15 -46.53 24.62 -37.65
CA LYS H 15 -47.71 24.15 -38.38
C LYS H 15 -47.51 24.48 -39.86
N ILE H 16 -47.35 23.44 -40.67
CA ILE H 16 -47.29 23.58 -42.12
C ILE H 16 -48.27 22.59 -42.73
N GLY H 17 -49.17 22.06 -41.89
CA GLY H 17 -50.19 21.14 -42.32
C GLY H 17 -49.98 19.70 -41.90
N ASN H 18 -48.81 19.35 -41.36
CA ASN H 18 -48.49 17.97 -41.04
C ASN H 18 -47.78 17.86 -39.70
N GLU H 19 -48.29 18.56 -38.69
CA GLU H 19 -47.80 18.54 -37.31
C GLU H 19 -46.27 18.56 -37.25
N LYS H 20 -45.71 19.64 -37.78
CA LYS H 20 -44.26 19.83 -37.77
C LYS H 20 -43.73 19.98 -36.35
N VAL H 21 -42.61 19.31 -36.08
CA VAL H 21 -41.98 19.35 -34.76
C VAL H 21 -40.50 19.67 -34.93
N ASN H 22 -39.91 20.27 -33.90
CA ASN H 22 -38.47 20.56 -33.92
C ASN H 22 -37.64 19.29 -33.92
N SER H 23 -38.08 18.26 -33.20
CA SER H 23 -37.31 17.04 -33.01
C SER H 23 -37.88 15.92 -33.87
N THR H 24 -37.00 15.22 -34.58
CA THR H 24 -37.33 14.05 -35.38
C THR H 24 -38.37 14.34 -36.47
N ASN H 25 -38.59 15.60 -36.77
CA ASN H 25 -39.66 15.92 -37.72
C ASN H 25 -39.22 16.83 -38.86
N PHE H 26 -38.34 17.79 -38.62
CA PHE H 26 -38.05 18.78 -39.65
C PHE H 26 -37.22 18.18 -40.79
N GLY H 27 -36.18 17.41 -40.45
CA GLY H 27 -35.34 16.84 -41.49
C GLY H 27 -36.08 15.82 -42.33
N ASP H 28 -36.83 14.94 -41.68
CA ASP H 28 -37.56 13.91 -42.40
C ASP H 28 -38.62 14.51 -43.31
N PHE H 29 -39.33 15.54 -42.82
CA PHE H 29 -40.39 16.14 -43.61
C PHE H 29 -39.84 16.97 -44.76
N ALA H 30 -38.72 17.67 -44.54
CA ALA H 30 -38.07 18.34 -45.64
C ALA H 30 -37.59 17.35 -46.69
N GLU H 31 -37.04 16.22 -46.25
CA GLU H 31 -36.57 15.20 -47.18
C GLU H 31 -37.73 14.62 -48.00
N LYS H 32 -38.86 14.34 -47.35
CA LYS H 32 -39.99 13.78 -48.10
C LYS H 32 -40.61 14.82 -49.02
N ALA H 33 -40.59 16.10 -48.64
CA ALA H 33 -41.05 17.14 -49.55
C ALA H 33 -40.14 17.24 -50.78
N ILE H 34 -38.82 17.18 -50.58
CA ILE H 34 -37.90 17.21 -51.69
C ILE H 34 -38.10 16.00 -52.60
N ARG H 35 -38.30 14.82 -52.00
CA ARG H 35 -38.53 13.61 -52.78
C ARG H 35 -39.82 13.72 -53.58
N GLY H 36 -40.89 14.24 -52.96
CA GLY H 36 -42.13 14.42 -53.68
C GLY H 36 -42.00 15.39 -54.83
N ILE H 37 -41.20 16.44 -54.64
CA ILE H 37 -40.90 17.34 -55.75
C ILE H 37 -40.19 16.59 -56.87
N ASN H 38 -39.17 15.80 -56.50
CA ASN H 38 -38.39 15.09 -57.51
C ASN H 38 -39.13 13.88 -58.07
N HIS H 39 -40.03 13.28 -57.29
CA HIS H 39 -40.78 12.13 -57.79
C HIS H 39 -41.65 12.51 -58.98
N LYS H 40 -42.31 13.66 -58.90
CA LYS H 40 -43.13 14.18 -60.00
C LYS H 40 -42.55 15.51 -60.45
N PRO H 41 -41.75 15.53 -61.51
CA PRO H 41 -41.15 16.80 -61.95
C PRO H 41 -42.22 17.79 -62.39
N PHE H 42 -41.89 19.07 -62.24
CA PHE H 42 -42.83 20.13 -62.60
C PHE H 42 -43.12 20.08 -64.10
N VAL H 43 -44.37 20.36 -64.46
CA VAL H 43 -44.83 20.33 -65.84
C VAL H 43 -44.84 21.75 -66.38
N ASN H 44 -44.16 21.96 -67.51
CA ASN H 44 -44.06 23.26 -68.15
C ASN H 44 -44.44 23.13 -69.62
N SER H 45 -44.34 24.25 -70.34
CA SER H 45 -44.62 24.29 -71.76
C SER H 45 -43.31 24.23 -72.53
N LYS H 46 -43.12 23.17 -73.31
CA LYS H 46 -44.09 22.09 -73.46
C LYS H 46 -43.51 20.78 -72.92
N GLY H 47 -42.44 20.89 -72.13
CA GLY H 47 -41.75 19.73 -71.58
C GLY H 47 -41.65 19.87 -70.07
N GLY H 48 -41.77 18.74 -69.37
CA GLY H 48 -41.67 18.73 -67.92
C GLY H 48 -40.20 18.71 -67.50
N GLU H 49 -39.95 18.49 -66.22
CA GLU H 49 -38.60 18.43 -65.65
C GLU H 49 -37.83 19.72 -65.92
N GLN H 50 -38.35 20.81 -65.36
CA GLN H 50 -37.72 22.11 -65.55
C GLN H 50 -36.34 22.18 -64.90
N LYS H 51 -36.11 21.39 -63.85
CA LYS H 51 -34.84 21.36 -63.14
C LYS H 51 -34.48 22.74 -62.59
N ILE H 52 -35.30 23.18 -61.64
CA ILE H 52 -35.06 24.46 -60.97
C ILE H 52 -33.69 24.41 -60.32
N THR H 53 -32.80 25.30 -60.75
CA THR H 53 -31.42 25.29 -60.30
C THR H 53 -31.31 25.86 -58.89
N THR H 54 -30.09 25.79 -58.34
CA THR H 54 -29.83 26.34 -57.02
C THR H 54 -29.92 27.85 -57.00
N SER H 55 -29.84 28.51 -58.16
CA SER H 55 -29.88 29.97 -58.20
C SER H 55 -31.20 30.50 -57.68
N LYS H 56 -32.31 29.83 -58.01
CA LYS H 56 -33.60 30.22 -57.45
C LYS H 56 -33.69 29.81 -55.99
N ILE H 57 -33.14 28.65 -55.65
CA ILE H 57 -33.19 28.15 -54.27
C ILE H 57 -32.28 28.99 -53.36
N ARG H 58 -31.07 29.28 -53.82
CA ARG H 58 -30.29 30.32 -53.19
C ARG H 58 -30.93 31.68 -53.49
N GLY H 59 -30.49 32.69 -52.76
CA GLY H 59 -31.22 33.95 -52.80
C GLY H 59 -32.39 33.87 -51.85
N ILE H 60 -33.28 32.90 -52.06
CA ILE H 60 -34.25 32.54 -51.03
C ILE H 60 -33.52 32.15 -49.75
N LEU H 61 -32.55 31.24 -49.88
CA LEU H 61 -31.72 30.89 -48.74
C LEU H 61 -30.95 32.10 -48.23
N GLU H 62 -30.48 32.97 -49.13
CA GLU H 62 -29.69 34.12 -48.71
C GLU H 62 -30.51 35.07 -47.84
N LEU H 63 -31.75 35.34 -48.23
CA LEU H 63 -32.62 36.20 -47.43
C LEU H 63 -32.96 35.56 -46.09
N VAL H 64 -33.34 34.27 -46.12
CA VAL H 64 -33.64 33.59 -44.87
C VAL H 64 -32.44 33.62 -43.95
N ASN H 65 -31.24 33.46 -44.51
CA ASN H 65 -30.05 33.37 -43.68
C ASN H 65 -29.52 34.72 -43.24
N LYS H 66 -29.78 35.81 -43.98
CA LYS H 66 -29.41 37.12 -43.44
C LYS H 66 -30.31 37.48 -42.26
N VAL H 67 -31.61 37.19 -42.39
CA VAL H 67 -32.49 37.36 -41.24
C VAL H 67 -32.03 36.48 -40.09
N TYR H 68 -31.66 35.23 -40.39
CA TYR H 68 -31.19 34.31 -39.37
C TYR H 68 -29.90 34.80 -38.70
N ASN H 69 -29.01 35.41 -39.49
CA ASN H 69 -27.79 35.99 -38.94
C ASN H 69 -28.11 37.10 -37.95
N ARG H 70 -29.04 37.97 -38.31
CA ARG H 70 -29.43 39.00 -37.36
C ARG H 70 -30.19 38.43 -36.15
N VAL H 71 -30.80 37.26 -36.30
CA VAL H 71 -31.59 36.70 -35.19
C VAL H 71 -30.70 35.97 -34.19
N ILE H 72 -29.65 35.27 -34.65
CA ILE H 72 -28.88 34.40 -33.75
C ILE H 72 -28.28 35.19 -32.59
N ASN H 73 -27.70 36.36 -32.89
CA ASN H 73 -27.10 37.13 -31.80
C ASN H 73 -28.14 37.97 -31.08
N THR H 74 -29.26 37.34 -30.72
CA THR H 74 -30.36 37.99 -29.99
C THR H 74 -30.98 36.92 -29.09
N ASN H 75 -30.80 37.05 -27.78
CA ASN H 75 -31.40 36.11 -26.83
C ASN H 75 -32.76 36.66 -26.40
N ASP H 76 -33.77 36.41 -27.22
CA ASP H 76 -35.13 36.83 -26.95
C ASP H 76 -36.08 35.68 -27.22
N VAL H 77 -37.09 35.54 -26.35
CA VAL H 77 -38.14 34.55 -26.58
C VAL H 77 -38.98 34.93 -27.79
N GLU H 78 -39.23 36.23 -27.97
CA GLU H 78 -40.06 36.73 -29.05
C GLU H 78 -39.23 37.59 -29.98
N LEU H 79 -39.57 37.57 -31.27
CA LEU H 79 -38.85 38.35 -32.26
C LEU H 79 -39.34 39.80 -32.25
N SER H 80 -38.40 40.73 -32.43
CA SER H 80 -38.75 42.14 -32.44
C SER H 80 -39.47 42.50 -33.73
N GLU H 81 -40.01 43.72 -33.76
CA GLU H 81 -40.76 44.18 -34.93
C GLU H 81 -39.86 44.28 -36.16
N ASN H 82 -38.57 44.56 -35.96
CA ASN H 82 -37.63 44.59 -37.08
C ASN H 82 -37.52 43.21 -37.72
N ILE H 83 -37.45 42.16 -36.91
CA ILE H 83 -37.37 40.80 -37.45
C ILE H 83 -38.66 40.42 -38.15
N LEU H 84 -39.80 40.88 -37.63
CA LEU H 84 -41.07 40.61 -38.30
C LEU H 84 -41.16 41.31 -39.64
N ALA H 85 -40.67 42.55 -39.73
CA ALA H 85 -40.62 43.22 -41.02
C ALA H 85 -39.63 42.54 -41.96
N ASP H 86 -38.54 42.00 -41.43
CA ASP H 86 -37.62 41.22 -42.25
C ASP H 86 -38.30 39.97 -42.81
N ILE H 87 -39.10 39.29 -41.99
CA ILE H 87 -39.85 38.13 -42.48
C ILE H 87 -40.89 38.55 -43.50
N ALA H 88 -41.50 39.72 -43.31
CA ALA H 88 -42.45 40.23 -44.30
C ALA H 88 -41.75 40.50 -45.64
N TYR H 89 -40.56 41.08 -45.59
CA TYR H 89 -39.80 41.29 -46.82
C TYR H 89 -39.36 39.97 -47.43
N ILE H 90 -39.08 38.96 -46.59
CA ILE H 90 -38.84 37.62 -47.09
C ILE H 90 -40.02 37.14 -47.92
N LYS H 91 -41.23 37.30 -47.36
CA LYS H 91 -42.43 36.87 -48.07
C LYS H 91 -42.61 37.65 -49.37
N VAL H 92 -42.28 38.95 -49.36
CA VAL H 92 -42.37 39.75 -50.58
C VAL H 92 -41.44 39.19 -51.65
N LYS H 93 -40.19 38.92 -51.27
CA LYS H 93 -39.22 38.37 -52.22
C LYS H 93 -39.67 37.03 -52.76
N ILE H 94 -40.18 36.17 -51.89
CA ILE H 94 -40.63 34.84 -52.31
C ILE H 94 -41.81 34.96 -53.27
N ALA H 95 -42.75 35.84 -52.97
CA ALA H 95 -43.90 36.03 -53.85
C ALA H 95 -43.45 36.52 -55.22
N TYR H 96 -42.53 37.49 -55.26
CA TYR H 96 -42.05 37.99 -56.55
C TYR H 96 -41.33 36.90 -57.32
N GLU H 97 -40.45 36.16 -56.65
CA GLU H 97 -39.67 35.12 -57.34
C GLU H 97 -40.57 34.00 -57.85
N SER H 98 -41.59 33.63 -57.08
CA SER H 98 -42.57 32.66 -57.56
C SER H 98 -43.34 33.20 -58.76
N GLY H 99 -43.74 34.47 -58.71
CA GLY H 99 -44.41 35.08 -59.85
C GLY H 99 -43.53 35.17 -61.08
N ARG H 100 -42.21 35.16 -60.91
CA ARG H 100 -41.32 35.25 -62.05
C ARG H 100 -41.47 34.06 -62.98
N GLU H 101 -41.39 32.83 -62.45
CA GLU H 101 -41.57 31.63 -63.23
C GLU H 101 -42.31 30.58 -62.41
N PRO H 102 -43.11 29.72 -63.06
CA PRO H 102 -43.97 28.80 -62.30
C PRO H 102 -43.23 27.70 -61.55
N VAL H 103 -41.99 27.39 -61.92
CA VAL H 103 -41.28 26.32 -61.22
C VAL H 103 -40.97 26.73 -59.77
N VAL H 104 -40.66 28.01 -59.55
CA VAL H 104 -40.49 28.49 -58.18
C VAL H 104 -41.82 28.44 -57.44
N LYS H 105 -42.93 28.70 -58.14
CA LYS H 105 -44.24 28.53 -57.53
C LYS H 105 -44.44 27.10 -57.05
N ASP H 106 -44.11 26.12 -57.91
CA ASP H 106 -44.26 24.72 -57.54
C ASP H 106 -43.37 24.37 -56.34
N PHE H 107 -42.12 24.82 -56.37
CA PHE H 107 -41.20 24.54 -55.27
C PHE H 107 -41.72 25.12 -53.96
N ILE H 108 -42.20 26.36 -53.99
CA ILE H 108 -42.65 27.02 -52.77
C ILE H 108 -43.94 26.40 -52.26
N GLN H 109 -44.87 26.08 -53.17
CA GLN H 109 -46.17 25.54 -52.77
C GLN H 109 -46.02 24.13 -52.20
N ARG H 110 -45.26 23.28 -52.89
CA ARG H 110 -45.11 21.89 -52.44
C ARG H 110 -44.38 21.81 -51.11
N THR H 111 -43.37 22.65 -50.92
CA THR H 111 -42.62 22.69 -49.67
C THR H 111 -43.26 23.56 -48.61
N ALA H 112 -44.38 24.22 -48.93
CA ALA H 112 -45.13 25.04 -47.96
C ALA H 112 -44.24 26.11 -47.33
N PHE H 113 -43.41 26.76 -48.15
CA PHE H 113 -42.59 27.85 -47.64
C PHE H 113 -43.46 28.99 -47.13
N THR H 114 -44.48 29.37 -47.91
CA THR H 114 -45.36 30.46 -47.51
C THR H 114 -46.18 30.08 -46.28
N ALA H 115 -46.60 28.82 -46.18
CA ALA H 115 -47.32 28.38 -44.98
C ALA H 115 -46.43 28.47 -43.75
N ALA H 116 -45.16 28.08 -43.88
CA ALA H 116 -44.22 28.20 -42.77
C ALA H 116 -44.01 29.67 -42.39
N ILE H 117 -43.90 30.55 -43.40
CA ILE H 117 -43.74 31.98 -43.13
C ILE H 117 -44.95 32.51 -42.36
N THR H 118 -46.15 32.13 -42.79
CA THR H 118 -47.35 32.59 -42.10
C THR H 118 -47.41 32.05 -40.68
N ASP H 119 -47.00 30.79 -40.49
CA ASP H 119 -47.06 30.20 -39.16
C ASP H 119 -46.05 30.86 -38.21
N VAL H 120 -44.85 31.17 -38.69
CA VAL H 120 -43.88 31.86 -37.83
C VAL H 120 -44.29 33.31 -37.62
N MET H 121 -45.02 33.90 -38.57
CA MET H 121 -45.56 35.24 -38.36
C MET H 121 -46.67 35.24 -37.33
N ASN H 122 -47.44 34.15 -37.25
CA ASN H 122 -48.47 34.04 -36.23
C ASN H 122 -47.88 33.76 -34.85
N GLN H 123 -46.87 32.88 -34.79
CA GLN H 123 -46.32 32.49 -33.50
C GLN H 123 -45.49 33.60 -32.89
N ARG H 124 -44.70 34.31 -33.71
CA ARG H 124 -43.94 35.48 -33.28
C ARG H 124 -42.96 35.16 -32.16
N THR H 125 -42.26 34.02 -32.27
CA THR H 125 -41.25 33.65 -31.29
C THR H 125 -39.99 33.20 -32.02
N ARG H 126 -38.85 33.38 -31.34
CA ARG H 126 -37.57 33.01 -31.94
C ARG H 126 -37.46 31.50 -32.17
N GLU H 127 -38.11 30.71 -31.32
CA GLU H 127 -38.06 29.26 -31.48
C GLU H 127 -38.67 28.83 -32.81
N SER H 128 -39.83 29.39 -33.16
CA SER H 128 -40.45 29.02 -34.43
C SER H 128 -39.63 29.50 -35.61
N PHE H 129 -39.02 30.69 -35.51
CA PHE H 129 -38.20 31.16 -36.62
C PHE H 129 -36.96 30.30 -36.82
N LEU H 130 -36.29 29.93 -35.72
CA LEU H 130 -35.13 29.06 -35.87
C LEU H 130 -35.54 27.68 -36.38
N LEU H 131 -36.71 27.19 -35.96
CA LEU H 131 -37.22 25.94 -36.51
C LEU H 131 -37.46 26.06 -38.02
N PHE H 132 -38.04 27.18 -38.45
CA PHE H 132 -38.32 27.37 -39.87
C PHE H 132 -37.05 27.50 -40.69
N ALA H 133 -36.07 28.24 -40.17
CA ALA H 133 -34.79 28.35 -40.87
C ALA H 133 -34.10 26.99 -40.96
N ARG H 134 -34.11 26.24 -39.86
CA ARG H 134 -33.59 24.88 -39.88
C ARG H 134 -34.31 24.03 -40.92
N TYR H 135 -35.63 24.20 -41.02
CA TYR H 135 -36.41 23.46 -42.01
C TYR H 135 -36.01 23.82 -43.42
N VAL H 136 -35.87 25.11 -43.73
CA VAL H 136 -35.51 25.52 -45.08
C VAL H 136 -34.11 25.03 -45.44
N GLU H 137 -33.18 25.12 -44.49
CA GLU H 137 -31.85 24.55 -44.73
C GLU H 137 -31.93 23.06 -44.98
N SER H 138 -32.86 22.38 -44.30
CA SER H 138 -33.07 20.96 -44.57
C SER H 138 -33.59 20.73 -45.99
N LEU H 139 -34.56 21.54 -46.42
CA LEU H 139 -35.03 21.48 -47.80
C LEU H 139 -33.86 21.57 -48.78
N ILE H 140 -33.01 22.57 -48.59
CA ILE H 140 -31.96 22.84 -49.56
C ILE H 140 -30.88 21.75 -49.51
N ALA H 141 -30.54 21.30 -48.30
CA ALA H 141 -29.56 20.23 -48.15
C ALA H 141 -30.03 18.94 -48.82
N TYR H 142 -31.32 18.59 -48.63
CA TYR H 142 -31.83 17.38 -49.25
C TYR H 142 -32.03 17.56 -50.76
N PHE H 143 -32.27 18.80 -51.20
CA PHE H 143 -32.31 19.06 -52.64
C PHE H 143 -30.94 18.82 -53.27
N LYS H 144 -29.88 19.29 -52.62
CA LYS H 144 -28.54 19.05 -53.14
C LYS H 144 -28.17 17.58 -53.02
N PHE H 145 -28.66 16.89 -51.98
CA PHE H 145 -28.37 15.47 -51.82
C PHE H 145 -29.03 14.64 -52.91
N TYR H 146 -30.33 14.83 -53.12
CA TYR H 146 -31.08 14.04 -54.09
C TYR H 146 -31.08 14.65 -55.49
N GLY H 147 -30.53 15.85 -55.65
CA GLY H 147 -30.45 16.47 -56.95
C GLY H 147 -29.02 16.70 -57.42
N GLY H 148 -28.60 17.95 -57.42
CA GLY H 148 -27.26 18.29 -57.84
C GLY H 148 -27.17 19.75 -58.22
N LYS H 149 -26.01 20.12 -58.76
CA LYS H 149 -25.72 21.49 -59.18
C LYS H 149 -25.95 22.48 -58.05
N THR J 12 -3.68 -14.38 -16.36
CA THR J 12 -2.58 -14.86 -17.18
C THR J 12 -3.00 -14.96 -18.65
N GLU J 13 -2.14 -15.60 -19.46
CA GLU J 13 -2.39 -15.84 -20.87
C GLU J 13 -2.61 -14.53 -21.63
N LEU J 14 -1.59 -13.69 -21.59
CA LEU J 14 -1.60 -12.40 -22.28
C LEU J 14 -0.67 -12.50 -23.50
N LYS J 15 -1.27 -12.73 -24.67
CA LYS J 15 -0.49 -12.84 -25.90
C LYS J 15 0.14 -11.49 -26.25
N ILE J 16 1.33 -11.55 -26.85
CA ILE J 16 2.06 -10.35 -27.24
C ILE J 16 2.42 -10.32 -28.72
N GLY J 17 2.56 -11.46 -29.39
CA GLY J 17 2.88 -11.48 -30.81
C GLY J 17 4.05 -12.38 -31.12
N ASN J 18 5.03 -12.41 -30.21
CA ASN J 18 6.18 -13.29 -30.34
C ASN J 18 6.41 -14.15 -29.11
N GLU J 19 5.78 -13.82 -27.98
CA GLU J 19 6.01 -14.51 -26.73
C GLU J 19 4.71 -14.45 -25.92
N LYS J 20 4.79 -14.82 -24.64
CA LYS J 20 3.62 -14.89 -23.78
C LYS J 20 4.00 -14.39 -22.40
N VAL J 21 3.34 -13.34 -21.94
CA VAL J 21 3.56 -12.81 -20.59
C VAL J 21 2.42 -13.31 -19.71
N ASN J 22 2.77 -14.12 -18.73
CA ASN J 22 1.82 -14.57 -17.74
C ASN J 22 1.87 -13.58 -16.58
N SER J 23 1.11 -13.86 -15.52
CA SER J 23 1.02 -12.91 -14.42
C SER J 23 2.35 -12.70 -13.72
N THR J 24 3.29 -13.65 -13.84
CA THR J 24 4.59 -13.54 -13.17
C THR J 24 5.62 -12.82 -14.04
N ASN J 25 5.38 -12.66 -15.33
CA ASN J 25 6.43 -12.24 -16.25
C ASN J 25 6.07 -10.97 -17.03
N PHE J 26 5.62 -9.93 -16.34
CA PHE J 26 5.40 -8.64 -16.99
C PHE J 26 6.57 -7.69 -16.81
N GLY J 27 7.20 -7.67 -15.63
CA GLY J 27 8.27 -6.73 -15.39
C GLY J 27 9.52 -7.02 -16.19
N ASP J 28 9.88 -8.30 -16.31
CA ASP J 28 11.05 -8.67 -17.10
C ASP J 28 10.86 -8.30 -18.57
N PHE J 29 9.68 -8.61 -19.12
CA PHE J 29 9.40 -8.25 -20.51
C PHE J 29 9.36 -6.73 -20.68
N ALA J 30 8.82 -6.01 -19.71
CA ALA J 30 8.79 -4.55 -19.79
C ALA J 30 10.20 -3.97 -19.79
N GLU J 31 11.07 -4.49 -18.92
CA GLU J 31 12.45 -4.01 -18.91
C GLU J 31 13.18 -4.37 -20.20
N LYS J 32 12.92 -5.57 -20.74
CA LYS J 32 13.52 -5.94 -22.02
C LYS J 32 13.08 -5.00 -23.14
N ALA J 33 11.79 -4.67 -23.17
CA ALA J 33 11.27 -3.77 -24.19
C ALA J 33 11.83 -2.37 -24.03
N ILE J 34 11.98 -1.90 -22.79
CA ILE J 34 12.54 -0.57 -22.57
C ILE J 34 14.02 -0.54 -22.97
N ARG J 35 14.77 -1.60 -22.67
CA ARG J 35 16.16 -1.68 -23.10
C ARG J 35 16.25 -1.68 -24.62
N GLY J 36 15.35 -2.42 -25.29
CA GLY J 36 15.31 -2.37 -26.74
C GLY J 36 14.95 -0.99 -27.26
N ILE J 37 14.14 -0.24 -26.52
CA ILE J 37 13.85 1.15 -26.88
C ILE J 37 15.05 2.04 -26.61
N ASN J 38 15.65 1.91 -25.42
CA ASN J 38 16.81 2.72 -25.08
C ASN J 38 17.97 2.44 -26.01
N HIS J 39 18.20 1.17 -26.33
CA HIS J 39 19.15 0.82 -27.38
C HIS J 39 18.56 1.16 -28.74
N LYS J 40 19.41 1.58 -29.68
CA LYS J 40 19.06 1.99 -31.03
C LYS J 40 17.81 2.87 -31.05
N PRO J 41 17.94 4.14 -30.64
CA PRO J 41 16.78 5.04 -30.64
C PRO J 41 16.14 5.17 -32.01
N PHE J 42 14.98 5.84 -32.02
CA PHE J 42 14.16 5.96 -33.22
C PHE J 42 14.88 6.74 -34.31
N VAL J 43 14.50 6.46 -35.55
CA VAL J 43 15.03 7.14 -36.73
C VAL J 43 13.90 7.94 -37.37
N ASN J 44 14.03 9.26 -37.37
CA ASN J 44 13.07 10.17 -37.96
C ASN J 44 13.52 10.51 -39.39
N SER J 45 12.90 11.55 -39.97
CA SER J 45 13.31 12.01 -41.28
C SER J 45 14.75 12.47 -41.28
N LYS J 46 15.17 13.17 -40.23
CA LYS J 46 16.55 13.65 -40.11
C LYS J 46 17.41 12.63 -39.37
N GLY J 47 17.36 11.38 -39.82
CA GLY J 47 18.17 10.33 -39.25
C GLY J 47 17.93 10.04 -37.79
N GLY J 48 16.81 10.54 -37.25
CA GLY J 48 16.52 10.38 -35.85
C GLY J 48 16.53 11.69 -35.09
N GLU J 49 16.81 11.63 -33.80
CA GLU J 49 17.05 10.40 -33.06
C GLU J 49 16.42 10.46 -31.68
N GLN J 50 15.62 11.50 -31.44
CA GLN J 50 15.10 11.75 -30.10
C GLN J 50 14.13 10.66 -29.68
N LYS J 51 14.00 10.49 -28.36
CA LYS J 51 13.19 9.44 -27.76
C LYS J 51 11.91 10.05 -27.18
N ILE J 52 10.92 9.18 -26.97
CA ILE J 52 9.61 9.64 -26.48
C ILE J 52 9.79 10.42 -25.18
N THR J 53 8.86 11.35 -24.95
CA THR J 53 8.89 12.22 -23.79
C THR J 53 8.14 11.58 -22.62
N THR J 54 8.52 11.99 -21.41
CA THR J 54 7.82 11.53 -20.22
C THR J 54 6.34 11.91 -20.28
N SER J 55 6.02 13.08 -20.82
CA SER J 55 4.63 13.47 -21.00
C SER J 55 4.13 13.09 -22.39
N LYS J 56 4.42 11.86 -22.82
CA LYS J 56 3.71 11.22 -23.91
C LYS J 56 3.42 9.77 -23.53
N ILE J 57 4.28 9.21 -22.67
CA ILE J 57 3.94 7.96 -22.00
C ILE J 57 3.05 8.25 -20.81
N ARG J 58 3.09 9.48 -20.30
CA ARG J 58 2.03 9.98 -19.43
C ARG J 58 0.67 9.58 -19.99
N GLY J 59 0.34 10.08 -21.18
CA GLY J 59 -0.98 9.86 -21.75
C GLY J 59 -1.37 8.39 -21.75
N ILE J 60 -0.43 7.51 -22.11
CA ILE J 60 -0.67 6.07 -22.03
C ILE J 60 -1.00 5.67 -20.59
N LEU J 61 -0.25 6.22 -19.62
CA LEU J 61 -0.41 5.78 -18.25
C LEU J 61 -1.75 6.23 -17.66
N GLU J 62 -2.11 7.50 -17.83
CA GLU J 62 -3.46 7.88 -17.40
C GLU J 62 -4.56 7.20 -18.21
N LEU J 63 -4.33 6.91 -19.49
CA LEU J 63 -5.35 6.18 -20.23
C LEU J 63 -5.61 4.82 -19.60
N VAL J 64 -4.54 4.11 -19.23
CA VAL J 64 -4.70 2.80 -18.59
C VAL J 64 -5.29 2.94 -17.19
N ASN J 65 -4.84 3.95 -16.44
CA ASN J 65 -5.33 4.14 -15.08
C ASN J 65 -6.80 4.52 -15.05
N LYS J 66 -7.30 5.17 -16.10
CA LYS J 66 -8.71 5.55 -16.13
C LYS J 66 -9.64 4.35 -16.17
N VAL J 67 -9.11 3.17 -16.47
CA VAL J 67 -9.85 1.93 -16.30
C VAL J 67 -9.34 1.12 -15.11
N TYR J 68 -8.04 1.23 -14.78
CA TYR J 68 -7.51 0.52 -13.62
C TYR J 68 -8.21 0.95 -12.34
N ASN J 69 -8.44 2.26 -12.18
CA ASN J 69 -9.13 2.75 -10.99
C ASN J 69 -10.54 2.17 -10.89
N ARG J 70 -11.18 1.90 -12.01
CA ARG J 70 -12.54 1.36 -12.02
C ARG J 70 -12.58 -0.15 -11.95
N VAL J 71 -11.47 -0.84 -12.20
CA VAL J 71 -11.43 -2.29 -12.08
C VAL J 71 -10.69 -2.76 -10.84
N ILE J 72 -9.84 -1.92 -10.23
CA ILE J 72 -9.05 -2.37 -9.08
C ILE J 72 -9.94 -2.75 -7.91
N ASN J 73 -11.12 -2.15 -7.82
CA ASN J 73 -12.03 -2.35 -6.68
C ASN J 73 -13.31 -3.01 -7.19
N THR J 74 -13.27 -4.33 -7.28
CA THR J 74 -14.41 -5.15 -7.70
C THR J 74 -14.03 -6.61 -7.45
N ASN J 75 -15.01 -7.51 -7.69
CA ASN J 75 -14.80 -8.92 -7.45
C ASN J 75 -15.31 -9.81 -8.56
N ASP J 76 -15.81 -9.24 -9.66
CA ASP J 76 -16.25 -10.06 -10.78
C ASP J 76 -15.05 -10.61 -11.54
N VAL J 77 -15.15 -11.88 -11.93
CA VAL J 77 -14.04 -12.50 -12.66
C VAL J 77 -13.94 -11.92 -14.07
N GLU J 78 -15.08 -11.68 -14.72
CA GLU J 78 -15.10 -11.14 -16.06
C GLU J 78 -15.46 -9.65 -16.03
N LEU J 79 -14.84 -8.88 -16.92
CA LEU J 79 -15.05 -7.44 -16.95
C LEU J 79 -16.43 -7.11 -17.49
N SER J 80 -17.03 -6.05 -16.96
CA SER J 80 -18.36 -5.64 -17.37
C SER J 80 -18.32 -4.97 -18.75
N GLU J 81 -19.50 -4.86 -19.35
CA GLU J 81 -19.61 -4.26 -20.68
C GLU J 81 -19.17 -2.80 -20.68
N ASN J 82 -19.24 -2.11 -19.54
CA ASN J 82 -18.76 -0.74 -19.48
C ASN J 82 -17.25 -0.69 -19.45
N ILE J 83 -16.61 -1.63 -18.75
CA ILE J 83 -15.16 -1.69 -18.72
C ILE J 83 -14.60 -2.13 -20.07
N LEU J 84 -15.25 -3.10 -20.70
CA LEU J 84 -14.82 -3.57 -22.01
C LEU J 84 -14.88 -2.45 -23.05
N ALA J 85 -15.94 -1.65 -22.99
CA ALA J 85 -16.06 -0.51 -23.90
C ALA J 85 -14.92 0.48 -23.70
N ASP J 86 -14.55 0.74 -22.45
CA ASP J 86 -13.46 1.67 -22.19
C ASP J 86 -12.11 1.09 -22.61
N ILE J 87 -11.92 -0.23 -22.50
CA ILE J 87 -10.68 -0.82 -22.98
C ILE J 87 -10.60 -0.74 -24.51
N ALA J 88 -11.72 -1.02 -25.19
CA ALA J 88 -11.74 -0.83 -26.63
C ALA J 88 -11.47 0.62 -27.00
N TYR J 89 -11.96 1.56 -26.20
CA TYR J 89 -11.70 2.96 -26.46
C TYR J 89 -10.24 3.31 -26.23
N ILE J 90 -9.60 2.68 -25.25
CA ILE J 90 -8.16 2.84 -25.07
C ILE J 90 -7.42 2.35 -26.30
N LYS J 91 -7.85 1.22 -26.85
CA LYS J 91 -7.24 0.70 -28.08
C LYS J 91 -7.40 1.69 -29.24
N VAL J 92 -8.61 2.24 -29.38
CA VAL J 92 -8.85 3.24 -30.43
C VAL J 92 -7.96 4.45 -30.23
N LYS J 93 -7.86 4.94 -29.00
CA LYS J 93 -7.04 6.12 -28.71
C LYS J 93 -5.57 5.87 -29.00
N ILE J 94 -5.06 4.70 -28.60
CA ILE J 94 -3.65 4.41 -28.83
C ILE J 94 -3.38 4.22 -30.31
N ALA J 95 -4.36 3.72 -31.07
CA ALA J 95 -4.23 3.70 -32.52
C ALA J 95 -4.18 5.12 -33.08
N TYR J 96 -5.04 6.01 -32.58
CA TYR J 96 -5.12 7.37 -33.11
C TYR J 96 -3.83 8.13 -32.85
N GLU J 97 -3.37 8.15 -31.61
CA GLU J 97 -2.23 8.99 -31.25
C GLU J 97 -0.93 8.48 -31.87
N SER J 98 -0.86 7.20 -32.21
CA SER J 98 0.34 6.68 -32.87
C SER J 98 0.52 7.29 -34.26
N GLY J 99 -0.58 7.53 -34.97
CA GLY J 99 -0.50 8.19 -36.26
C GLY J 99 -0.05 9.64 -36.19
N ARG J 100 -0.21 10.28 -35.03
CA ARG J 100 0.19 11.67 -34.89
C ARG J 100 1.71 11.81 -34.84
N GLU J 101 2.38 10.96 -34.08
CA GLU J 101 3.81 11.08 -33.87
C GLU J 101 4.49 9.74 -34.10
N PRO J 102 5.63 9.71 -34.82
CA PRO J 102 6.31 8.43 -35.07
C PRO J 102 7.10 7.94 -33.87
N VAL J 103 7.65 8.86 -33.08
CA VAL J 103 8.37 8.48 -31.86
C VAL J 103 7.43 7.84 -30.85
N VAL J 104 6.13 8.03 -31.01
CA VAL J 104 5.17 7.31 -30.18
C VAL J 104 4.86 5.94 -30.78
N LYS J 105 4.78 5.87 -32.11
CA LYS J 105 4.39 4.62 -32.76
C LYS J 105 5.44 3.53 -32.54
N ASP J 106 6.72 3.90 -32.52
CA ASP J 106 7.75 2.90 -32.24
C ASP J 106 7.62 2.39 -30.80
N PHE J 107 7.26 3.27 -29.87
CA PHE J 107 7.03 2.84 -28.50
C PHE J 107 5.84 1.88 -28.44
N ILE J 108 4.78 2.17 -29.19
CA ILE J 108 3.59 1.32 -29.17
C ILE J 108 3.86 -0.01 -29.87
N GLN J 109 4.78 -0.04 -30.81
CA GLN J 109 5.06 -1.28 -31.55
C GLN J 109 6.10 -2.15 -30.86
N ARG J 110 7.25 -1.57 -30.52
CA ARG J 110 8.31 -2.32 -29.84
C ARG J 110 7.83 -2.85 -28.49
N THR J 111 6.94 -2.13 -27.83
CA THR J 111 6.24 -2.61 -26.64
C THR J 111 4.83 -2.92 -27.10
N ALA J 112 4.53 -4.21 -27.30
CA ALA J 112 3.30 -4.59 -28.01
C ALA J 112 2.10 -4.31 -27.12
N PHE J 113 1.71 -3.03 -27.08
CA PHE J 113 0.51 -2.62 -26.37
C PHE J 113 -0.73 -3.21 -27.02
N THR J 114 -0.81 -3.12 -28.35
CA THR J 114 -2.05 -3.46 -29.04
C THR J 114 -2.40 -4.93 -28.90
N ALA J 115 -1.41 -5.81 -28.96
CA ALA J 115 -1.67 -7.23 -28.78
C ALA J 115 -2.18 -7.52 -27.38
N ALA J 116 -1.60 -6.88 -26.37
CA ALA J 116 -2.06 -7.07 -25.00
C ALA J 116 -3.49 -6.58 -24.84
N ILE J 117 -3.81 -5.42 -25.40
CA ILE J 117 -5.17 -4.90 -25.31
C ILE J 117 -6.15 -5.83 -26.00
N THR J 118 -5.77 -6.35 -27.18
CA THR J 118 -6.67 -7.25 -27.90
C THR J 118 -6.87 -8.54 -27.15
N ASP J 119 -5.83 -9.07 -26.51
CA ASP J 119 -5.98 -10.29 -25.72
C ASP J 119 -6.86 -10.04 -24.49
N VAL J 120 -6.72 -8.86 -23.86
CA VAL J 120 -7.61 -8.50 -22.77
C VAL J 120 -9.06 -8.46 -23.25
N MET J 121 -9.28 -7.85 -24.42
CA MET J 121 -10.61 -7.83 -25.00
C MET J 121 -11.10 -9.21 -25.43
N ASN J 122 -10.19 -10.16 -25.62
CA ASN J 122 -10.59 -11.51 -25.97
C ASN J 122 -10.79 -12.39 -24.75
N GLN J 123 -9.92 -12.26 -23.75
CA GLN J 123 -10.13 -12.99 -22.49
C GLN J 123 -11.37 -12.50 -21.77
N ARG J 124 -11.59 -11.19 -21.73
CA ARG J 124 -12.72 -10.57 -21.05
C ARG J 124 -12.77 -10.99 -19.58
N THR J 125 -11.62 -10.93 -18.91
CA THR J 125 -11.52 -11.31 -17.52
C THR J 125 -10.78 -10.23 -16.74
N ARG J 126 -11.11 -10.11 -15.46
CA ARG J 126 -10.52 -9.09 -14.62
C ARG J 126 -9.02 -9.29 -14.46
N GLU J 127 -8.58 -10.54 -14.24
CA GLU J 127 -7.17 -10.80 -14.02
C GLU J 127 -6.34 -10.49 -15.26
N SER J 128 -6.89 -10.73 -16.45
CA SER J 128 -6.17 -10.41 -17.68
C SER J 128 -5.87 -8.92 -17.78
N PHE J 129 -6.87 -8.08 -17.50
CA PHE J 129 -6.65 -6.64 -17.56
C PHE J 129 -5.75 -6.17 -16.43
N LEU J 130 -5.84 -6.78 -15.25
CA LEU J 130 -4.91 -6.46 -14.18
C LEU J 130 -3.47 -6.76 -14.60
N LEU J 131 -3.25 -7.90 -15.24
CA LEU J 131 -1.91 -8.22 -15.74
C LEU J 131 -1.46 -7.23 -16.80
N PHE J 132 -2.36 -6.86 -17.71
CA PHE J 132 -2.01 -5.88 -18.74
C PHE J 132 -1.64 -4.54 -18.13
N ALA J 133 -2.42 -4.08 -17.15
CA ALA J 133 -2.12 -2.81 -16.49
C ALA J 133 -0.81 -2.89 -15.72
N ARG J 134 -0.55 -4.02 -15.07
CA ARG J 134 0.73 -4.21 -14.39
C ARG J 134 1.88 -4.13 -15.39
N TYR J 135 1.72 -4.74 -16.55
CA TYR J 135 2.75 -4.69 -17.58
C TYR J 135 3.01 -3.26 -18.03
N VAL J 136 1.95 -2.49 -18.30
CA VAL J 136 2.13 -1.11 -18.75
C VAL J 136 2.77 -0.26 -17.65
N GLU J 137 2.32 -0.43 -16.41
CA GLU J 137 2.88 0.32 -15.30
C GLU J 137 4.36 0.01 -15.11
N SER J 138 4.73 -1.27 -15.21
CA SER J 138 6.14 -1.64 -15.14
C SER J 138 6.92 -1.05 -16.31
N LEU J 139 6.29 -0.97 -17.48
CA LEU J 139 6.94 -0.37 -18.63
C LEU J 139 7.29 1.08 -18.38
N ILE J 140 6.34 1.85 -17.83
CA ILE J 140 6.62 3.25 -17.52
C ILE J 140 7.66 3.35 -16.41
N ALA J 141 7.56 2.48 -15.40
CA ALA J 141 8.51 2.47 -14.30
C ALA J 141 9.92 2.20 -14.79
N TYR J 142 10.08 1.36 -15.82
CA TYR J 142 11.39 1.04 -16.36
C TYR J 142 11.89 2.07 -17.34
N PHE J 143 10.99 2.75 -18.08
CA PHE J 143 11.40 3.94 -18.80
C PHE J 143 12.00 4.95 -17.85
N LYS J 144 11.39 5.11 -16.68
CA LYS J 144 12.06 5.80 -15.58
C LYS J 144 13.23 4.96 -15.07
N PHE J 145 14.27 5.65 -14.59
CA PHE J 145 15.55 5.13 -14.11
C PHE J 145 16.48 4.73 -15.26
N TYR J 146 16.02 4.67 -16.50
CA TYR J 146 16.91 4.52 -17.65
C TYR J 146 17.10 5.82 -18.41
N GLY J 147 16.02 6.53 -18.70
CA GLY J 147 16.11 7.78 -19.41
C GLY J 147 16.02 8.98 -18.48
N GLY J 148 14.86 9.62 -18.47
CA GLY J 148 14.65 10.83 -17.68
C GLY J 148 13.94 11.87 -18.49
N LYS J 149 14.13 13.15 -18.14
CA LYS J 149 13.57 14.26 -18.91
C LYS J 149 12.05 14.15 -19.05
N MET K 1 13.19 47.01 -40.75
CA MET K 1 12.22 47.36 -39.73
C MET K 1 11.00 48.04 -40.34
N LYS K 2 9.84 47.81 -39.74
CA LYS K 2 8.59 48.38 -40.23
C LYS K 2 8.59 49.89 -40.06
N LYS K 3 7.93 50.58 -40.99
CA LYS K 3 7.78 52.03 -40.97
C LYS K 3 6.31 52.38 -41.21
N THR K 4 6.01 53.68 -41.19
CA THR K 4 4.65 54.18 -41.36
C THR K 4 4.65 55.26 -42.44
N TYR K 5 4.03 54.96 -43.58
CA TYR K 5 3.83 55.92 -44.67
C TYR K 5 2.34 56.05 -44.93
N ARG K 6 1.73 57.08 -44.36
CA ARG K 6 0.30 57.30 -44.52
C ARG K 6 -0.04 57.56 -45.99
N VAL K 7 -1.12 56.95 -46.47
CA VAL K 7 -1.55 57.03 -47.85
C VAL K 7 -3.00 57.49 -47.88
N THR K 8 -3.37 58.24 -48.92
CA THR K 8 -4.74 58.70 -49.10
C THR K 8 -5.29 58.14 -50.41
N LEU K 9 -6.58 58.42 -50.66
CA LEU K 9 -7.29 57.90 -51.83
C LEU K 9 -8.14 59.03 -52.42
N THR K 10 -7.55 59.81 -53.32
CA THR K 10 -8.30 60.85 -54.02
C THR K 10 -9.04 60.20 -55.17
N ALA K 11 -10.18 59.58 -54.85
CA ALA K 11 -10.95 58.80 -55.81
C ALA K 11 -11.64 59.76 -56.78
N LEU K 12 -10.88 60.18 -57.79
CA LEU K 12 -11.40 61.11 -58.78
C LEU K 12 -12.51 60.49 -59.62
N GLY K 13 -12.54 59.16 -59.74
CA GLY K 13 -13.60 58.49 -60.42
C GLY K 13 -14.54 57.79 -59.47
N PRO K 14 -15.76 57.51 -59.92
CA PRO K 14 -16.70 56.75 -59.10
C PRO K 14 -16.21 55.32 -58.92
N ILE K 15 -16.65 54.69 -57.82
CA ILE K 15 -16.12 53.39 -57.44
C ILE K 15 -17.25 52.37 -57.34
N PHE K 16 -16.91 51.12 -57.63
CA PHE K 16 -17.81 49.98 -57.43
C PHE K 16 -17.02 48.77 -56.97
N ILE K 17 -17.46 48.16 -55.88
CA ILE K 17 -16.93 46.89 -55.40
C ILE K 17 -18.11 46.11 -54.83
N GLY K 18 -17.99 44.78 -54.80
CA GLY K 18 -19.11 43.93 -54.43
C GLY K 18 -19.12 43.59 -52.96
N GLY K 19 -20.29 43.72 -52.35
CA GLY K 19 -20.52 43.21 -51.01
C GLY K 19 -21.89 42.56 -50.90
N GLY K 20 -22.66 42.67 -51.98
CA GLY K 20 -24.01 42.14 -51.99
C GLY K 20 -24.73 42.57 -53.26
N GLU K 21 -26.03 42.28 -53.29
CA GLU K 21 -26.87 42.62 -54.43
C GLU K 21 -28.29 42.85 -53.96
N LYS K 22 -29.05 43.58 -54.77
CA LYS K 22 -30.47 43.81 -54.50
C LYS K 22 -31.24 43.78 -55.81
N LEU K 23 -32.50 43.34 -55.72
CA LEU K 23 -33.36 43.12 -56.87
C LEU K 23 -34.04 44.41 -57.32
N LYS K 24 -35.11 44.27 -58.10
CA LYS K 24 -35.82 45.40 -58.70
C LYS K 24 -36.39 46.33 -57.64
N LYS K 25 -37.03 47.42 -58.07
CA LYS K 25 -37.43 48.50 -57.17
C LYS K 25 -38.55 48.01 -56.27
N TYR K 26 -38.15 47.30 -55.21
CA TYR K 26 -39.07 46.84 -54.18
C TYR K 26 -38.75 47.41 -52.81
N GLU K 27 -37.55 47.94 -52.59
CA GLU K 27 -37.25 48.66 -51.36
C GLU K 27 -36.45 49.93 -51.62
N TYR K 28 -36.37 50.39 -52.86
CA TYR K 28 -35.68 51.64 -53.16
C TYR K 28 -36.43 52.40 -54.24
N ILE K 29 -36.38 53.72 -54.14
CA ILE K 29 -37.12 54.61 -55.04
C ILE K 29 -36.16 55.11 -56.10
N PHE K 30 -36.54 54.95 -57.36
CA PHE K 30 -35.79 55.47 -58.50
C PHE K 30 -36.66 56.53 -59.16
N ASP K 31 -36.58 57.75 -58.63
CA ASP K 31 -37.40 58.84 -59.13
C ASP K 31 -36.92 59.31 -60.50
N LYS K 32 -37.83 59.94 -61.24
CA LYS K 32 -37.52 60.50 -62.54
C LYS K 32 -38.07 61.91 -62.73
N GLN K 33 -38.71 62.48 -61.70
CA GLN K 33 -39.26 63.83 -61.84
C GLN K 33 -38.15 64.88 -61.82
N LYS K 34 -37.41 64.95 -60.73
CA LYS K 34 -36.23 65.82 -60.64
C LYS K 34 -34.93 65.03 -60.75
N LYS K 35 -35.01 63.76 -61.19
CA LYS K 35 -33.86 62.91 -61.47
C LYS K 35 -33.00 62.72 -60.22
N VAL K 36 -33.60 62.05 -59.23
CA VAL K 36 -32.91 61.63 -58.02
C VAL K 36 -33.30 60.18 -57.72
N ALA K 37 -32.51 59.55 -56.86
CA ALA K 37 -32.73 58.17 -56.44
C ALA K 37 -32.64 58.09 -54.93
N HIS K 38 -33.21 57.01 -54.37
CA HIS K 38 -33.32 56.87 -52.93
C HIS K 38 -33.12 55.43 -52.51
N MET K 39 -32.57 55.25 -51.31
CA MET K 39 -32.41 53.96 -50.66
C MET K 39 -32.93 54.07 -49.23
N ILE K 40 -33.62 53.02 -48.77
CA ILE K 40 -34.36 53.11 -47.52
C ILE K 40 -33.49 52.64 -46.36
N ASP K 41 -33.83 53.09 -45.16
CA ASP K 41 -33.28 52.54 -43.93
C ASP K 41 -34.14 51.36 -43.50
N HIS K 42 -33.95 50.87 -42.27
CA HIS K 42 -34.70 49.73 -41.77
C HIS K 42 -35.62 50.06 -40.62
N THR K 43 -35.10 50.62 -39.52
CA THR K 43 -35.89 50.73 -38.30
C THR K 43 -37.05 51.71 -38.46
N LYS K 44 -36.79 52.86 -39.07
CA LYS K 44 -37.86 53.83 -39.29
C LYS K 44 -38.91 53.27 -40.23
N PHE K 45 -38.49 52.49 -41.24
CA PHE K 45 -39.44 51.85 -42.13
C PHE K 45 -40.30 50.83 -41.38
N THR K 46 -39.69 50.08 -40.46
CA THR K 46 -40.45 49.13 -39.66
C THR K 46 -41.50 49.83 -38.82
N LYS K 47 -41.11 50.93 -38.16
CA LYS K 47 -42.07 51.66 -37.35
C LYS K 47 -43.17 52.29 -38.21
N TYR K 48 -42.79 52.79 -39.39
CA TYR K 48 -43.76 53.37 -40.31
C TYR K 48 -44.79 52.34 -40.75
N LEU K 49 -44.34 51.13 -41.09
CA LEU K 49 -45.26 50.07 -41.46
C LEU K 49 -46.11 49.65 -40.27
N LEU K 50 -45.54 49.65 -39.07
CA LEU K 50 -46.31 49.32 -37.87
C LEU K 50 -47.44 50.31 -37.65
N GLU K 51 -47.19 51.59 -37.92
CA GLU K 51 -48.22 52.62 -37.82
C GLU K 51 -48.96 52.81 -39.14
N LYS K 52 -48.98 51.82 -40.02
CA LYS K 52 -49.67 51.92 -41.29
C LYS K 52 -50.13 50.52 -41.69
N ASN K 53 -50.42 50.34 -42.98
CA ASN K 53 -50.94 49.08 -43.51
C ASN K 53 -50.11 47.89 -43.03
N LEU K 54 -50.78 46.76 -42.89
CA LEU K 54 -50.16 45.56 -42.34
C LEU K 54 -49.16 44.96 -43.33
N LEU K 55 -48.23 44.18 -42.78
CA LEU K 55 -47.13 43.65 -43.58
C LEU K 55 -47.59 42.63 -44.61
N ASP K 56 -48.57 41.79 -44.25
CA ASP K 56 -49.10 40.82 -45.22
C ASP K 56 -49.80 41.53 -46.38
N ASP K 57 -50.56 42.58 -46.08
CA ASP K 57 -51.18 43.37 -47.14
C ASP K 57 -50.12 44.04 -48.00
N PHE K 58 -49.03 44.50 -47.38
CA PHE K 58 -47.90 45.03 -48.15
C PHE K 58 -47.34 43.97 -49.10
N THR K 59 -47.20 42.74 -48.60
CA THR K 59 -46.60 41.67 -49.40
C THR K 59 -47.49 41.28 -50.56
N SER K 60 -48.80 41.18 -50.33
CA SER K 60 -49.71 40.57 -51.29
C SER K 60 -49.89 41.37 -52.57
N ARG K 61 -49.20 42.50 -52.76
CA ARG K 61 -49.42 43.35 -53.91
C ARG K 61 -48.17 43.49 -54.78
N VAL K 62 -47.39 42.41 -54.91
CA VAL K 62 -46.22 42.41 -55.78
C VAL K 62 -46.49 41.48 -56.96
N ASN K 63 -46.43 42.04 -58.16
CA ASN K 63 -46.62 41.30 -59.41
C ASN K 63 -45.55 41.74 -60.40
N SER K 64 -44.29 41.74 -59.94
CA SER K 64 -43.18 42.41 -60.61
C SER K 64 -43.44 43.91 -60.65
N HIS K 65 -42.59 44.66 -61.36
CA HIS K 65 -42.67 46.11 -61.37
C HIS K 65 -42.69 46.66 -59.95
N PHE K 66 -43.88 46.95 -59.42
CA PHE K 66 -44.05 47.41 -58.04
C PHE K 66 -43.16 48.61 -57.76
N ASP K 67 -43.08 49.51 -58.74
CA ASP K 67 -42.15 50.62 -58.69
C ASP K 67 -42.42 51.50 -57.48
N LEU K 68 -41.35 51.91 -56.81
CA LEU K 68 -41.46 52.71 -55.60
C LEU K 68 -41.44 54.20 -55.86
N TYR K 69 -41.24 54.64 -57.11
CA TYR K 69 -41.30 56.07 -57.40
C TYR K 69 -42.73 56.53 -57.65
N ASP K 70 -43.60 55.66 -58.14
CA ASP K 70 -44.98 56.00 -58.44
C ASP K 70 -45.97 55.44 -57.43
N TYR K 71 -45.49 54.95 -56.28
CA TYR K 71 -46.36 54.36 -55.27
C TYR K 71 -46.35 55.14 -53.97
N LEU K 72 -45.17 55.47 -53.43
CA LEU K 72 -45.11 56.05 -52.09
C LEU K 72 -45.66 57.47 -52.06
N VAL K 73 -45.61 58.19 -53.18
CA VAL K 73 -46.13 59.54 -53.23
C VAL K 73 -47.46 59.63 -53.98
N ASN K 74 -47.83 58.59 -54.74
CA ASN K 74 -49.07 58.59 -55.50
C ASN K 74 -50.13 57.68 -54.89
N LYS K 75 -49.80 56.41 -54.68
CA LYS K 75 -50.73 55.48 -54.03
C LYS K 75 -50.78 55.65 -52.52
N LYS K 76 -49.84 56.37 -51.93
CA LYS K 76 -49.84 56.64 -50.50
C LYS K 76 -49.90 58.13 -50.18
N GLY K 77 -49.24 58.97 -50.97
CA GLY K 77 -49.27 60.41 -50.75
C GLY K 77 -48.61 60.83 -49.44
N ILE K 78 -47.43 60.27 -49.15
CA ILE K 78 -46.71 60.57 -47.93
C ILE K 78 -45.26 60.91 -48.27
N VAL K 79 -44.60 61.60 -47.35
CA VAL K 79 -43.22 62.02 -47.56
C VAL K 79 -42.29 60.82 -47.41
N PHE K 80 -41.32 60.72 -48.33
CA PHE K 80 -40.36 59.62 -48.35
C PHE K 80 -39.14 59.88 -47.49
N MET K 81 -39.01 61.06 -46.89
CA MET K 81 -37.81 61.40 -46.12
C MET K 81 -37.53 60.44 -44.97
N PRO K 82 -38.50 59.99 -44.16
CA PRO K 82 -38.17 59.06 -43.06
C PRO K 82 -37.59 57.73 -43.53
N LEU K 83 -37.71 57.39 -44.82
CA LEU K 83 -37.22 56.12 -45.35
C LEU K 83 -36.16 56.35 -46.42
N VAL K 84 -35.25 57.29 -46.19
CA VAL K 84 -34.06 57.45 -47.00
C VAL K 84 -32.87 57.65 -46.06
N LYS K 85 -31.76 57.00 -46.37
CA LYS K 85 -30.54 57.16 -45.58
C LYS K 85 -29.37 57.72 -46.38
N TYR K 86 -29.14 57.23 -47.59
CA TYR K 86 -28.12 57.78 -48.49
C TYR K 86 -28.75 58.09 -49.84
N SER K 87 -29.86 58.83 -49.81
CA SER K 87 -30.49 59.35 -51.02
C SER K 87 -29.46 59.98 -51.93
N VAL K 88 -29.71 59.88 -53.24
CA VAL K 88 -28.67 60.15 -54.22
C VAL K 88 -29.26 60.62 -55.55
N PRO K 89 -28.78 61.72 -56.10
CA PRO K 89 -29.27 62.16 -57.43
C PRO K 89 -28.85 61.19 -58.52
N VAL K 90 -29.67 61.13 -59.57
CA VAL K 90 -29.41 60.26 -60.71
C VAL K 90 -29.45 61.07 -61.99
N ALA K 91 -28.47 60.84 -62.87
CA ALA K 91 -28.47 61.38 -64.22
C ALA K 91 -27.94 60.30 -65.15
N GLN K 92 -28.70 59.99 -66.19
CA GLN K 92 -28.36 58.92 -67.11
C GLN K 92 -28.34 59.43 -68.54
N PHE K 93 -27.55 58.77 -69.38
CA PHE K 93 -27.41 59.15 -70.78
C PHE K 93 -27.91 58.05 -71.69
N SER K 107 -30.44 55.43 -71.32
CA SER K 107 -31.88 55.53 -71.42
C SER K 107 -32.52 54.17 -71.67
N PRO K 108 -32.40 53.27 -70.70
CA PRO K 108 -32.99 51.95 -70.82
C PRO K 108 -33.66 51.49 -69.53
N PRO K 109 -33.98 52.42 -68.62
CA PRO K 109 -34.63 52.14 -67.35
C PRO K 109 -33.75 51.32 -66.41
N MET K 110 -34.02 51.42 -65.10
CA MET K 110 -33.23 50.73 -64.10
C MET K 110 -33.58 49.25 -64.06
N ASN K 111 -32.80 48.42 -64.78
CA ASN K 111 -33.06 46.99 -64.78
C ASN K 111 -32.66 46.34 -63.45
N ASP K 112 -31.49 46.69 -62.93
CA ASP K 112 -31.03 46.13 -61.68
C ASP K 112 -29.97 47.07 -61.10
N LEU K 113 -29.73 46.94 -59.80
CA LEU K 113 -28.86 47.86 -59.08
C LEU K 113 -27.86 47.08 -58.25
N ASN K 114 -26.62 47.56 -58.24
CA ASN K 114 -25.51 46.93 -57.54
C ASN K 114 -25.23 47.67 -56.24
N THR K 115 -24.69 46.94 -55.26
CA THR K 115 -24.48 47.47 -53.93
C THR K 115 -23.00 47.42 -53.58
N PHE K 116 -22.41 48.60 -53.39
CA PHE K 116 -21.05 48.70 -52.84
C PHE K 116 -21.05 48.15 -51.41
N VAL K 117 -19.93 47.53 -51.03
CA VAL K 117 -19.84 46.98 -49.69
C VAL K 117 -19.74 48.12 -48.68
N LYS K 118 -20.56 48.05 -47.64
CA LYS K 118 -20.64 49.10 -46.64
C LYS K 118 -20.67 48.45 -45.27
N ASP K 119 -19.95 49.04 -44.32
CA ASP K 119 -19.94 48.49 -42.97
C ASP K 119 -21.29 48.76 -42.30
N ALA K 120 -21.40 48.34 -41.04
CA ALA K 120 -22.69 48.40 -40.36
C ALA K 120 -23.17 49.83 -40.15
N PHE K 121 -22.29 50.82 -40.19
CA PHE K 121 -22.72 52.21 -40.07
C PHE K 121 -22.99 52.84 -41.42
N GLY K 122 -23.72 52.16 -42.30
CA GLY K 122 -24.15 52.80 -43.53
C GLY K 122 -23.04 53.06 -44.52
N ARG K 123 -21.94 53.59 -44.00
CA ARG K 123 -20.88 54.20 -44.79
C ARG K 123 -20.18 53.19 -45.70
N PRO K 124 -19.78 53.61 -46.91
CA PRO K 124 -19.02 52.73 -47.80
C PRO K 124 -17.54 52.71 -47.49
N TYR K 125 -16.91 51.57 -47.78
CA TYR K 125 -15.48 51.39 -47.62
C TYR K 125 -15.03 50.23 -48.50
N ILE K 126 -13.74 50.21 -48.81
CA ILE K 126 -13.14 49.12 -49.58
C ILE K 126 -12.42 48.20 -48.61
N PRO K 127 -12.85 46.96 -48.44
CA PRO K 127 -12.33 46.13 -47.35
C PRO K 127 -10.89 45.71 -47.54
N GLY K 128 -10.33 45.06 -46.52
CA GLY K 128 -9.07 44.39 -46.68
C GLY K 128 -9.20 43.16 -47.57
N SER K 129 -8.05 42.77 -48.13
CA SER K 129 -7.90 41.69 -49.09
C SER K 129 -8.46 42.07 -50.46
N SER K 130 -9.26 43.13 -50.52
CA SER K 130 -9.61 43.70 -51.82
C SER K 130 -8.45 44.52 -52.35
N LEU K 131 -7.91 45.40 -51.50
CA LEU K 131 -6.67 46.07 -51.82
C LEU K 131 -5.51 45.09 -51.94
N LYS K 132 -5.60 43.93 -51.28
CA LYS K 132 -4.55 42.93 -51.43
C LYS K 132 -4.61 42.27 -52.79
N GLY K 133 -5.80 41.97 -53.30
CA GLY K 133 -5.93 41.51 -54.68
C GLY K 133 -5.49 42.57 -55.67
N ALA K 134 -5.84 43.83 -55.42
CA ALA K 134 -5.43 44.91 -56.31
C ALA K 134 -3.90 45.06 -56.33
N LEU K 135 -3.27 45.01 -55.16
CA LEU K 135 -1.82 45.11 -55.13
C LEU K 135 -1.15 43.81 -55.58
N ARG K 136 -1.87 42.69 -55.56
CA ARG K 136 -1.34 41.48 -56.19
C ARG K 136 -1.27 41.65 -57.70
N THR K 137 -2.37 42.12 -58.31
CA THR K 137 -2.34 42.34 -59.75
C THR K 137 -1.44 43.51 -60.13
N ALA K 138 -1.12 44.40 -59.19
CA ALA K 138 -0.17 45.47 -59.47
C ALA K 138 1.28 45.00 -59.34
N ILE K 139 1.68 44.61 -58.13
CA ILE K 139 3.09 44.37 -57.84
C ILE K 139 3.53 42.96 -58.20
N LEU K 140 2.61 42.06 -58.56
CA LEU K 140 2.98 40.72 -58.99
C LEU K 140 3.41 40.66 -60.44
N ASN K 141 3.78 41.79 -61.02
CA ASN K 141 4.29 41.84 -62.40
C ASN K 141 5.57 41.03 -62.56
N ASP K 142 6.27 40.74 -61.46
CA ASP K 142 7.57 40.07 -61.57
C ASP K 142 7.40 38.58 -61.91
N LEU K 143 6.71 37.83 -61.05
CA LEU K 143 6.57 36.39 -61.20
C LEU K 143 5.10 36.00 -61.03
N LYS K 144 4.82 34.73 -61.35
CA LYS K 144 3.48 34.16 -61.25
C LYS K 144 3.50 32.87 -60.46
N GLU K 145 4.22 32.86 -59.34
CA GLU K 145 4.33 31.65 -58.52
C GLU K 145 4.00 31.93 -57.06
N ASP K 146 4.29 33.15 -56.60
CA ASP K 146 4.16 33.52 -55.19
C ASP K 146 2.82 34.20 -54.98
N THR K 147 1.79 33.39 -54.73
CA THR K 147 0.43 33.87 -54.51
C THR K 147 -0.15 33.45 -53.16
N LYS K 148 0.53 32.57 -52.42
CA LYS K 148 0.05 32.11 -51.13
C LYS K 148 1.10 32.33 -50.05
N GLU K 149 2.37 32.16 -50.41
CA GLU K 149 3.45 32.16 -49.44
C GLU K 149 4.35 33.39 -49.53
N ASN K 150 4.04 34.32 -50.43
CA ASN K 150 4.89 35.49 -50.59
C ASN K 150 4.74 36.45 -49.43
N GLU K 151 5.86 37.00 -48.98
CA GLU K 151 5.90 37.96 -47.89
C GLU K 151 5.52 39.38 -48.34
N VAL K 152 5.41 39.62 -49.65
CA VAL K 152 5.05 40.96 -50.11
C VAL K 152 3.65 41.34 -49.64
N PHE K 153 2.81 40.35 -49.34
CA PHE K 153 1.52 40.57 -48.69
C PHE K 153 1.38 39.85 -47.37
N ALA K 154 1.90 38.62 -47.24
CA ALA K 154 1.79 37.89 -45.98
C ALA K 154 2.66 38.46 -44.88
N HIS K 155 3.58 39.36 -45.21
CA HIS K 155 4.26 40.17 -44.22
C HIS K 155 3.84 41.63 -44.29
N LEU K 156 3.15 42.03 -45.36
CA LEU K 156 2.48 43.32 -45.42
C LEU K 156 1.21 43.28 -44.58
N GLN K 157 0.82 44.44 -44.06
CA GLN K 157 -0.42 44.58 -43.29
C GLN K 157 -1.28 45.63 -43.99
N VAL K 158 -2.05 45.19 -44.97
CA VAL K 158 -3.04 46.07 -45.59
C VAL K 158 -4.24 46.19 -44.66
N SER K 159 -4.79 47.40 -44.58
CA SER K 159 -5.92 47.69 -43.72
C SER K 159 -7.15 47.99 -44.56
N ASP K 160 -8.28 48.20 -43.89
CA ASP K 160 -9.49 48.61 -44.58
C ASP K 160 -9.36 50.04 -45.08
N SER K 161 -10.29 50.44 -45.93
CA SER K 161 -10.42 51.84 -46.27
C SER K 161 -11.07 52.60 -45.11
N GLU K 162 -10.83 53.90 -45.08
CA GLU K 162 -11.42 54.75 -44.06
C GLU K 162 -12.74 55.33 -44.60
N THR K 163 -13.28 56.35 -43.93
CA THR K 163 -14.56 56.90 -44.29
C THR K 163 -14.59 57.38 -45.74
N ILE K 164 -15.61 56.98 -46.47
CA ILE K 164 -15.91 57.47 -47.81
C ILE K 164 -17.16 58.33 -47.71
N ASP K 165 -17.11 59.53 -48.28
CA ASP K 165 -18.09 60.57 -47.97
C ASP K 165 -19.50 60.15 -48.37
N LEU K 166 -20.48 60.71 -47.65
CA LEU K 166 -21.89 60.46 -47.91
C LEU K 166 -22.53 61.51 -48.81
N GLU K 167 -21.98 62.72 -48.83
CA GLU K 167 -22.49 63.76 -49.71
C GLU K 167 -21.91 63.70 -51.11
N ASN K 168 -21.01 62.74 -51.37
CA ASN K 168 -20.36 62.59 -52.66
C ASN K 168 -20.98 61.47 -53.49
N LEU K 169 -22.17 61.00 -53.11
CA LEU K 169 -22.82 59.92 -53.84
C LEU K 169 -23.60 60.47 -55.03
N LYS K 170 -23.43 59.85 -56.20
CA LYS K 170 -24.09 60.27 -57.42
C LYS K 170 -24.31 59.06 -58.32
N VAL K 171 -25.56 58.85 -58.75
CA VAL K 171 -25.86 57.70 -59.60
C VAL K 171 -25.31 57.93 -61.00
N TYR K 172 -24.81 56.86 -61.62
CA TYR K 172 -24.18 56.95 -62.93
C TYR K 172 -24.66 55.81 -63.82
N GLN K 173 -24.60 56.06 -65.12
CA GLN K 173 -24.97 55.11 -66.15
C GLN K 173 -23.73 54.43 -66.70
N LYS K 174 -23.80 53.12 -66.91
CA LYS K 174 -22.71 52.40 -67.56
C LYS K 174 -22.98 52.32 -69.06
N VAL K 175 -21.96 52.63 -69.86
CA VAL K 175 -22.10 52.83 -71.29
C VAL K 175 -21.13 51.87 -71.98
N ASP K 176 -21.33 51.67 -73.29
CA ASP K 176 -20.45 50.85 -74.09
C ASP K 176 -19.53 51.74 -74.93
N TYR K 177 -18.36 51.19 -75.27
CA TYR K 177 -17.33 51.93 -76.00
C TYR K 177 -17.20 51.51 -77.46
N SER K 178 -17.73 50.33 -77.82
CA SER K 178 -17.47 49.79 -79.15
C SER K 178 -18.23 50.57 -80.22
N LYS K 179 -17.61 51.63 -80.72
CA LYS K 179 -18.05 52.47 -81.83
C LYS K 179 -19.45 53.05 -81.64
N THR K 180 -20.01 52.96 -80.44
CA THR K 180 -21.30 53.55 -80.14
C THR K 180 -21.48 53.63 -78.64
N ALA K 181 -22.20 54.66 -78.19
CA ALA K 181 -22.46 54.87 -76.77
C ALA K 181 -23.85 54.37 -76.40
N LYS K 182 -24.06 53.06 -76.53
CA LYS K 182 -25.36 52.48 -76.20
C LYS K 182 -25.43 52.16 -74.71
N PRO K 183 -26.47 52.63 -74.02
CA PRO K 183 -26.60 52.32 -72.58
C PRO K 183 -26.81 50.83 -72.35
N LEU K 184 -26.40 50.38 -71.17
CA LEU K 184 -26.50 48.98 -70.78
C LEU K 184 -27.50 48.82 -69.63
N PRO K 185 -28.19 47.66 -69.56
CA PRO K 185 -29.36 47.57 -68.68
C PRO K 185 -29.09 47.85 -67.21
N LEU K 186 -27.95 47.41 -66.68
CA LEU K 186 -27.67 47.56 -65.27
C LEU K 186 -27.22 48.97 -64.96
N TYR K 187 -27.87 49.61 -63.99
CA TYR K 187 -27.43 50.90 -63.50
C TYR K 187 -26.93 50.74 -62.07
N ARG K 188 -26.37 51.81 -61.52
CA ARG K 188 -25.84 51.77 -60.17
C ARG K 188 -25.56 53.17 -59.66
N GLU K 189 -25.90 53.41 -58.39
CA GLU K 189 -25.46 54.62 -57.72
C GLU K 189 -23.97 54.56 -57.45
N CYS K 190 -23.30 55.69 -57.61
CA CYS K 190 -21.84 55.73 -57.51
C CYS K 190 -21.44 56.92 -56.65
N LEU K 191 -20.14 57.21 -56.65
CA LEU K 191 -19.55 58.29 -55.88
C LEU K 191 -19.08 59.38 -56.83
N LYS K 192 -19.54 60.61 -56.60
CA LYS K 192 -19.24 61.70 -57.52
C LYS K 192 -17.76 62.09 -57.42
N PRO K 193 -17.21 62.73 -58.46
CA PRO K 193 -15.77 63.00 -58.48
C PRO K 193 -15.29 64.01 -57.44
N ASN K 194 -14.01 64.35 -57.53
CA ASN K 194 -13.31 65.28 -56.64
C ASN K 194 -13.64 65.01 -55.16
N THR K 195 -13.64 63.73 -54.81
CA THR K 195 -13.77 63.30 -53.43
C THR K 195 -12.43 62.72 -52.95
N GLU K 196 -12.08 63.03 -51.71
CA GLU K 196 -10.80 62.62 -51.14
C GLU K 196 -11.04 61.64 -49.99
N ILE K 197 -10.39 60.49 -50.06
CA ILE K 197 -10.44 59.48 -49.02
C ILE K 197 -9.03 59.28 -48.49
N THR K 198 -8.94 58.88 -47.23
CA THR K 198 -7.66 58.71 -46.55
C THR K 198 -7.53 57.28 -46.04
N PHE K 199 -6.29 56.85 -45.84
CA PHE K 199 -5.97 55.54 -45.29
C PHE K 199 -4.94 55.70 -44.16
N THR K 200 -4.66 54.59 -43.48
CA THR K 200 -3.47 54.42 -42.65
C THR K 200 -2.91 53.05 -43.00
N VAL K 201 -2.08 53.01 -44.04
CA VAL K 201 -1.48 51.77 -44.52
C VAL K 201 0.03 51.90 -44.40
N SER K 202 0.64 51.01 -43.62
CA SER K 202 2.06 51.04 -43.34
C SER K 202 2.70 49.71 -43.75
N PHE K 203 4.01 49.72 -43.91
CA PHE K 203 4.71 48.54 -44.40
C PHE K 203 6.16 48.59 -43.95
N ASP K 204 6.85 47.47 -44.16
CA ASP K 204 8.26 47.33 -43.81
C ASP K 204 9.16 47.67 -45.00
N ASP K 205 10.46 47.48 -44.83
CA ASP K 205 11.45 47.81 -45.85
C ASP K 205 12.20 46.62 -46.40
N GLU K 206 12.43 45.58 -45.58
CA GLU K 206 13.35 44.51 -45.97
C GLU K 206 12.87 43.76 -47.20
N TYR K 207 11.57 43.42 -47.24
CA TYR K 207 11.01 42.65 -48.35
C TYR K 207 9.99 43.44 -49.14
N LEU K 208 9.83 44.73 -48.84
CA LEU K 208 9.00 45.64 -49.63
C LEU K 208 9.71 47.00 -49.55
N THR K 209 10.59 47.24 -50.51
CA THR K 209 11.50 48.38 -50.47
C THR K 209 10.92 49.56 -51.23
N LEU K 210 11.15 50.76 -50.70
CA LEU K 210 10.58 51.96 -51.32
C LEU K 210 11.08 52.15 -52.74
N LYS K 211 12.37 51.90 -52.98
CA LYS K 211 12.86 51.92 -54.35
C LYS K 211 12.25 50.79 -55.17
N LYS K 212 12.09 49.61 -54.57
CA LYS K 212 11.46 48.50 -55.28
C LYS K 212 10.01 48.80 -55.60
N ILE K 213 9.26 49.38 -54.67
CA ILE K 213 7.85 49.69 -54.95
C ILE K 213 7.74 50.80 -55.98
N GLN K 214 8.65 51.79 -55.94
CA GLN K 214 8.65 52.83 -56.96
C GLN K 214 8.92 52.24 -58.34
N ASN K 215 9.90 51.34 -58.43
CA ASN K 215 10.19 50.67 -59.70
C ASN K 215 9.00 49.83 -60.15
N ALA K 216 8.35 49.13 -59.22
CA ALA K 216 7.22 48.29 -59.57
C ALA K 216 6.07 49.13 -60.12
N LEU K 217 5.71 50.22 -59.42
CA LEU K 217 4.62 51.05 -59.89
C LEU K 217 4.97 51.70 -61.23
N HIS K 218 6.21 52.16 -61.40
CA HIS K 218 6.61 52.77 -62.66
C HIS K 218 6.52 51.77 -63.80
N LYS K 219 7.02 50.54 -63.60
CA LYS K 219 7.04 49.57 -64.68
C LYS K 219 5.64 49.08 -65.02
N THR K 220 4.78 48.90 -64.00
CA THR K 220 3.40 48.52 -64.29
C THR K 220 2.66 49.64 -65.01
N TYR K 221 2.89 50.89 -64.59
CA TYR K 221 2.27 52.02 -65.27
C TYR K 221 2.70 52.10 -66.73
N GLN K 222 4.00 51.92 -67.00
CA GLN K 222 4.47 51.95 -68.37
C GLN K 222 3.88 50.81 -69.19
N HIS K 223 3.93 49.59 -68.64
CA HIS K 223 3.42 48.42 -69.36
C HIS K 223 1.91 48.49 -69.55
N TYR K 224 1.21 49.30 -68.76
CA TYR K 224 -0.20 49.53 -69.03
C TYR K 224 -0.39 50.59 -70.11
N TYR K 225 0.26 51.74 -69.95
CA TYR K 225 -0.02 52.89 -70.81
C TYR K 225 0.60 52.69 -72.21
N ILE K 226 1.92 52.58 -72.27
CA ILE K 226 2.59 52.54 -73.57
C ILE K 226 2.30 51.25 -74.30
N LYS K 227 2.27 50.12 -73.57
CA LYS K 227 2.13 48.82 -74.22
C LYS K 227 0.68 48.56 -74.63
N TRP K 228 -0.24 48.54 -73.67
CA TRP K 228 -1.60 48.11 -73.94
C TRP K 228 -2.55 49.27 -74.21
N LEU K 229 -2.53 50.31 -73.36
CA LEU K 229 -3.57 51.33 -73.43
C LEU K 229 -3.58 52.07 -74.75
N LYS K 230 -2.40 52.43 -75.27
CA LYS K 230 -2.35 53.19 -76.52
C LYS K 230 -2.91 52.38 -77.68
N GLY K 231 -2.60 51.09 -77.74
CA GLY K 231 -3.15 50.24 -78.79
C GLY K 231 -4.66 50.16 -78.73
N GLY K 232 -5.22 50.04 -77.52
CA GLY K 232 -6.66 50.00 -77.39
C GLY K 232 -7.33 51.31 -77.75
N LYS K 233 -6.74 52.44 -77.31
CA LYS K 233 -7.30 53.74 -77.62
C LYS K 233 -7.26 54.03 -79.12
N VAL K 234 -6.15 53.69 -79.78
CA VAL K 234 -6.01 53.95 -81.21
C VAL K 234 -6.60 52.83 -82.06
N GLY K 235 -6.83 51.65 -81.48
CA GLY K 235 -7.25 50.51 -82.28
C GLY K 235 -8.62 50.67 -82.90
N GLU K 236 -9.59 51.20 -82.14
CA GLU K 236 -10.97 51.27 -82.59
C GLU K 236 -11.44 52.70 -82.83
N THR K 237 -11.38 53.57 -81.82
CA THR K 237 -11.88 54.92 -81.96
C THR K 237 -11.13 55.84 -81.02
N LEU K 238 -10.64 56.96 -81.54
CA LEU K 238 -9.96 57.98 -80.75
C LEU K 238 -10.88 59.14 -80.38
N ILE K 239 -11.82 59.50 -81.26
CA ILE K 239 -12.70 60.64 -81.02
C ILE K 239 -13.85 60.32 -80.08
N LYS K 240 -14.05 59.05 -79.74
CA LYS K 240 -15.13 58.70 -78.82
C LYS K 240 -14.93 59.34 -77.45
N GLY K 241 -13.71 59.26 -76.93
CA GLY K 241 -13.42 59.91 -75.65
C GLY K 241 -13.51 61.42 -75.74
N VAL K 242 -13.06 61.99 -76.85
CA VAL K 242 -13.08 63.44 -77.03
C VAL K 242 -14.19 63.84 -78.01
N PHE K 255 -16.11 63.94 -73.64
CA PHE K 255 -15.89 65.12 -74.46
C PHE K 255 -14.46 65.61 -74.32
N ALA K 256 -13.91 65.50 -73.11
CA ALA K 256 -12.52 65.88 -72.86
C ALA K 256 -11.58 64.69 -72.93
N LEU K 257 -11.81 63.68 -72.08
CA LEU K 257 -10.95 62.50 -72.00
C LEU K 257 -9.49 62.89 -71.83
N ASP K 258 -9.24 63.83 -70.91
CA ASP K 258 -7.89 64.35 -70.72
C ASP K 258 -6.93 63.24 -70.27
N GLN K 259 -7.30 62.50 -69.22
CA GLN K 259 -6.53 61.38 -68.71
C GLN K 259 -5.08 61.79 -68.45
N PRO K 260 -4.80 62.56 -67.40
CA PRO K 260 -3.41 62.96 -67.13
C PRO K 260 -2.50 61.74 -66.98
N SER K 261 -1.33 61.84 -67.59
CA SER K 261 -0.47 60.67 -67.77
C SER K 261 0.98 61.02 -67.50
N GLN K 262 1.78 59.97 -67.32
CA GLN K 262 3.22 60.06 -67.10
C GLN K 262 3.58 60.86 -65.85
N ASN K 263 2.67 60.94 -64.89
CA ASN K 263 2.90 61.68 -63.65
C ASN K 263 3.33 60.72 -62.55
N GLN K 264 4.52 60.13 -62.74
CA GLN K 264 5.16 59.26 -61.76
C GLN K 264 4.28 58.05 -61.43
N GLY K 265 3.41 57.65 -62.35
CA GLY K 265 2.57 56.48 -62.14
C GLY K 265 1.65 56.59 -60.95
N GLU K 266 0.66 57.48 -61.03
CA GLU K 266 -0.27 57.73 -59.94
C GLU K 266 -1.69 57.35 -60.34
N ILE K 267 -1.84 56.20 -61.01
CA ILE K 267 -3.12 55.74 -61.53
C ILE K 267 -3.41 54.38 -60.93
N ILE K 268 -4.61 54.21 -60.36
CA ILE K 268 -5.03 52.96 -59.76
C ILE K 268 -6.46 52.67 -60.17
N TYR K 269 -6.69 51.49 -60.76
CA TYR K 269 -8.04 51.00 -61.06
C TYR K 269 -8.60 50.32 -59.81
N ILE K 270 -9.09 51.13 -58.88
CA ILE K 270 -9.57 50.63 -57.60
C ILE K 270 -11.06 50.32 -57.70
N GLY K 271 -11.44 49.13 -57.26
CA GLY K 271 -12.83 48.72 -57.33
C GLY K 271 -13.12 47.70 -58.41
N GLY K 272 -14.24 47.84 -59.09
CA GLY K 272 -14.66 46.90 -60.10
C GLY K 272 -15.68 47.52 -61.04
N GLY K 273 -16.15 46.71 -61.97
CA GLY K 273 -16.99 47.20 -63.04
C GLY K 273 -16.24 48.11 -63.99
N ALA K 274 -14.96 47.82 -64.24
CA ALA K 274 -14.13 48.61 -65.14
C ALA K 274 -13.61 47.80 -66.32
N GLY K 275 -13.11 46.59 -66.08
CA GLY K 275 -12.60 45.77 -67.17
C GLY K 275 -12.01 44.49 -66.65
N PHE K 276 -11.77 43.58 -67.61
CA PHE K 276 -11.16 42.29 -67.34
C PHE K 276 -9.64 42.33 -67.44
N VAL K 277 -9.08 43.45 -67.90
CA VAL K 277 -7.62 43.59 -67.96
C VAL K 277 -7.04 43.67 -66.56
N SER K 278 -7.70 44.37 -65.65
CA SER K 278 -7.20 44.50 -64.29
C SER K 278 -7.34 43.20 -63.50
N LYS K 279 -8.13 42.24 -63.98
CA LYS K 279 -8.30 40.98 -63.28
C LYS K 279 -7.24 39.96 -63.65
N THR K 280 -6.88 39.88 -64.93
CA THR K 280 -5.91 38.92 -65.43
C THR K 280 -4.57 39.62 -65.68
N LEU K 281 -3.50 39.10 -65.09
CA LEU K 281 -2.18 39.73 -65.13
C LEU K 281 -1.21 38.82 -65.88
N HIS K 282 -1.17 38.96 -67.20
CA HIS K 282 -0.12 38.37 -68.02
C HIS K 282 0.40 39.31 -69.09
N TYR K 283 -0.28 40.43 -69.37
CA TYR K 283 0.08 41.35 -70.43
C TYR K 283 1.03 42.44 -69.97
N LYS K 284 1.50 42.38 -68.74
CA LYS K 284 2.54 43.29 -68.26
C LYS K 284 3.93 42.71 -68.37
N SER K 285 4.07 41.49 -68.92
CA SER K 285 5.37 40.85 -69.08
C SER K 285 5.47 40.13 -70.42
N LYS K 286 4.71 40.56 -71.42
CA LYS K 286 4.68 39.90 -72.72
C LYS K 286 4.61 40.97 -73.81
N ASN K 287 4.45 40.53 -75.05
CA ASN K 287 4.26 41.41 -76.20
C ASN K 287 2.78 41.47 -76.58
N ARG K 288 2.41 42.57 -77.23
CA ARG K 288 0.99 42.84 -77.51
C ARG K 288 0.35 41.67 -78.23
N ASP K 289 0.95 41.23 -79.33
CA ASP K 289 0.44 40.05 -80.03
C ASP K 289 0.53 38.82 -79.15
N GLN K 290 1.66 38.63 -78.46
CA GLN K 290 1.82 37.45 -77.60
C GLN K 290 0.89 37.49 -76.40
N ALA K 291 0.78 38.65 -75.75
CA ALA K 291 -0.13 38.75 -74.60
C ALA K 291 -1.57 38.54 -75.02
N ARG K 292 -1.96 39.08 -76.18
CA ARG K 292 -3.31 38.84 -76.67
C ARG K 292 -3.52 37.38 -77.08
N ASN K 293 -2.48 36.72 -77.59
CA ASN K 293 -2.61 35.29 -77.90
C ASN K 293 -2.82 34.47 -76.63
N ASP K 294 -2.05 34.76 -75.58
CA ASP K 294 -2.24 34.07 -74.31
C ASP K 294 -3.60 34.38 -73.72
N SER K 295 -4.06 35.63 -73.84
CA SER K 295 -5.38 36.00 -73.36
C SER K 295 -6.47 35.25 -74.11
N PHE K 296 -6.32 35.11 -75.43
CA PHE K 296 -7.28 34.34 -76.22
C PHE K 296 -7.30 32.88 -75.78
N ASP K 297 -6.11 32.31 -75.54
CA ASP K 297 -6.04 30.93 -75.10
C ASP K 297 -6.75 30.75 -73.76
N ILE K 298 -6.56 31.70 -72.84
CA ILE K 298 -7.17 31.56 -71.51
C ILE K 298 -8.66 31.93 -71.52
N LEU K 299 -9.11 32.75 -72.47
CA LEU K 299 -10.52 33.12 -72.52
C LEU K 299 -11.35 32.21 -73.43
N LYS K 300 -10.72 31.28 -74.14
CA LYS K 300 -11.51 30.30 -74.87
C LYS K 300 -12.33 29.43 -73.93
N GLN K 301 -11.86 29.24 -72.70
CA GLN K 301 -12.58 28.48 -71.70
C GLN K 301 -13.71 29.26 -71.03
N LEU K 302 -13.81 30.56 -71.29
CA LEU K 302 -14.80 31.42 -70.64
C LEU K 302 -15.65 32.10 -71.71
N PHE K 303 -16.96 31.87 -71.66
CA PHE K 303 -17.94 32.51 -72.53
C PHE K 303 -17.77 32.11 -73.99
N ARG K 304 -18.78 32.37 -74.81
CA ARG K 304 -18.83 31.88 -76.18
C ARG K 304 -18.82 33.00 -77.22
N THR K 305 -18.39 34.19 -76.83
CA THR K 305 -18.32 35.33 -77.74
C THR K 305 -16.86 35.72 -77.95
N THR K 306 -16.46 35.85 -79.21
CA THR K 306 -15.09 36.22 -79.55
C THR K 306 -14.97 37.73 -79.68
N TYR K 307 -13.87 38.27 -79.16
CA TYR K 307 -13.64 39.70 -79.17
C TYR K 307 -12.14 39.97 -79.16
N SER K 308 -11.73 40.98 -79.92
CA SER K 308 -10.30 41.32 -79.98
C SER K 308 -9.79 41.79 -78.63
N LYS K 309 -10.56 42.63 -77.94
CA LYS K 309 -10.14 43.16 -76.64
C LYS K 309 -11.37 43.41 -75.79
N MET K 310 -11.14 43.56 -74.49
CA MET K 310 -12.20 43.77 -73.51
C MET K 310 -12.67 45.21 -73.60
N ARG K 311 -13.86 45.43 -74.17
CA ARG K 311 -14.38 46.77 -74.37
C ARG K 311 -14.63 47.47 -73.03
N SER K 312 -14.47 48.79 -73.05
CA SER K 312 -14.58 49.60 -71.85
C SER K 312 -16.03 49.84 -71.49
N VAL K 313 -16.25 50.29 -70.26
CA VAL K 313 -17.58 50.57 -69.74
C VAL K 313 -17.62 51.99 -69.18
N PRO K 314 -17.56 53.03 -70.02
CA PRO K 314 -17.53 54.40 -69.52
C PRO K 314 -18.87 54.89 -69.00
N ASP K 315 -18.90 56.13 -68.51
CA ASP K 315 -20.13 56.70 -67.96
C ASP K 315 -20.39 58.10 -68.52
N ASN K 316 -21.38 58.79 -67.97
CA ASN K 316 -21.69 60.16 -68.35
C ASN K 316 -21.90 60.99 -67.09
N VAL K 317 -21.22 62.13 -67.03
CA VAL K 317 -21.28 63.04 -65.88
C VAL K 317 -22.00 64.30 -66.31
N PRO K 318 -22.98 64.80 -65.53
CA PRO K 318 -23.67 66.04 -65.89
C PRO K 318 -22.83 67.28 -65.63
N THR K 335 -25.08 68.88 -71.48
CA THR K 335 -24.11 68.63 -70.43
C THR K 335 -22.83 68.04 -71.01
N GLY K 336 -21.72 68.22 -70.29
CA GLY K 336 -20.45 67.71 -70.74
C GLY K 336 -20.40 66.19 -70.76
N LYS K 337 -20.42 65.61 -71.96
CA LYS K 337 -20.42 64.16 -72.12
C LYS K 337 -18.99 63.65 -71.95
N HIS K 338 -18.62 63.43 -70.69
CA HIS K 338 -17.28 62.99 -70.34
C HIS K 338 -17.31 61.51 -69.96
N TYR K 339 -16.44 60.73 -70.60
CA TYR K 339 -16.34 59.30 -70.35
C TYR K 339 -15.14 59.04 -69.44
N LEU K 340 -15.40 58.42 -68.28
CA LEU K 340 -14.36 58.15 -67.31
C LEU K 340 -14.53 56.74 -66.77
N GLU K 341 -13.41 56.01 -66.66
CA GLU K 341 -13.47 54.63 -66.21
C GLU K 341 -13.72 54.56 -64.71
N MET K 342 -14.71 53.74 -64.33
CA MET K 342 -15.20 53.73 -62.96
C MET K 342 -14.18 53.10 -62.02
N GLY K 343 -13.66 53.89 -61.08
CA GLY K 343 -12.77 53.34 -60.08
C GLY K 343 -11.35 53.86 -60.07
N LYS K 344 -11.16 55.14 -60.41
CA LYS K 344 -9.82 55.71 -60.42
C LYS K 344 -9.41 56.19 -59.02
N ALA K 345 -8.11 56.41 -58.87
CA ALA K 345 -7.53 56.85 -57.59
C ALA K 345 -6.12 57.34 -57.86
N ARG K 346 -5.47 57.82 -56.80
CA ARG K 346 -4.09 58.28 -56.84
C ARG K 346 -3.32 57.65 -55.68
N ILE K 347 -1.99 57.69 -55.78
CA ILE K 347 -1.11 57.14 -54.75
C ILE K 347 -0.15 58.22 -54.30
N LYS K 348 -0.03 58.41 -52.98
CA LYS K 348 0.95 59.31 -52.40
C LYS K 348 1.32 58.81 -51.02
N LEU K 349 2.58 59.01 -50.64
CA LEU K 349 3.13 58.48 -49.41
C LEU K 349 3.70 59.62 -48.57
N GLU K 350 3.34 59.66 -47.29
CA GLU K 350 3.88 60.65 -46.37
C GLU K 350 4.15 60.00 -45.01
N GLU K 351 5.15 60.54 -44.31
CA GLU K 351 5.58 59.98 -43.04
C GLU K 351 4.50 60.17 -41.97
N LEU K 352 4.37 59.16 -41.12
CA LEU K 352 3.42 59.17 -39.99
C LEU K 352 1.98 59.35 -40.46
N MET L 1 52.95 -47.13 58.37
CA MET L 1 53.06 -45.99 57.48
C MET L 1 51.72 -45.28 57.30
N ASP L 2 51.69 -43.99 57.60
CA ASP L 2 50.45 -43.23 57.52
C ASP L 2 50.03 -42.98 56.08
N LYS L 3 48.72 -42.87 55.88
CA LYS L 3 48.18 -42.62 54.55
C LYS L 3 48.36 -41.17 54.12
N ILE L 4 48.24 -40.24 55.07
CA ILE L 4 48.36 -38.82 54.75
C ILE L 4 49.74 -38.53 54.17
N ASN L 5 50.77 -39.18 54.72
CA ASN L 5 52.12 -39.02 54.18
C ASN L 5 52.19 -39.51 52.74
N LEU L 6 51.55 -40.64 52.43
CA LEU L 6 51.54 -41.15 51.06
C LEU L 6 50.85 -40.17 50.12
N VAL L 7 49.70 -39.63 50.54
CA VAL L 7 48.96 -38.71 49.67
C VAL L 7 49.78 -37.44 49.45
N CYS L 8 50.39 -36.91 50.50
CA CYS L 8 51.19 -35.69 50.35
C CYS L 8 52.42 -35.92 49.49
N GLY L 9 53.07 -37.08 49.64
CA GLY L 9 54.23 -37.38 48.83
C GLY L 9 53.92 -37.73 47.39
N SER L 10 52.70 -38.20 47.12
CA SER L 10 52.28 -38.41 45.75
C SER L 10 51.79 -37.14 45.08
N LEU L 11 51.26 -36.20 45.86
CA LEU L 11 50.87 -34.91 45.31
C LEU L 11 52.10 -34.04 45.06
N LEU L 12 52.85 -33.74 46.11
CA LEU L 12 54.05 -32.91 46.01
C LEU L 12 55.24 -33.74 45.52
N ALA L 13 55.03 -34.40 44.39
CA ALA L 13 56.02 -35.33 43.85
C ALA L 13 56.92 -34.71 42.79
N ASP L 14 56.36 -33.91 41.89
CA ASP L 14 57.13 -33.27 40.83
C ASP L 14 57.27 -31.76 41.07
N ILE L 15 57.32 -31.36 42.34
CA ILE L 15 57.76 -30.00 42.67
C ILE L 15 59.20 -29.79 42.24
N GLY L 16 60.00 -30.86 42.29
CA GLY L 16 61.37 -30.77 41.83
C GLY L 16 61.47 -30.40 40.37
N LYS L 17 60.44 -30.74 39.58
CA LYS L 17 60.44 -30.35 38.17
C LYS L 17 60.42 -28.83 38.02
N ILE L 18 59.52 -28.16 38.75
CA ILE L 18 59.47 -26.70 38.66
C ILE L 18 60.68 -26.06 39.34
N ILE L 19 61.16 -26.64 40.45
CA ILE L 19 62.32 -26.05 41.11
C ILE L 19 63.60 -26.26 40.31
N TYR L 20 63.62 -27.26 39.42
CA TYR L 20 64.76 -27.47 38.54
C TYR L 20 64.68 -26.58 37.31
N ARG L 21 63.49 -26.44 36.73
CA ARG L 21 63.36 -25.56 35.58
C ARG L 21 63.52 -24.11 35.95
N GLY L 22 63.18 -23.73 37.19
CA GLY L 22 63.31 -22.35 37.61
C GLY L 22 64.71 -21.82 37.82
N THR L 23 65.36 -22.27 38.89
CA THR L 23 66.63 -21.70 39.33
C THR L 23 67.50 -22.80 39.90
N SER L 24 68.56 -22.41 40.61
CA SER L 24 69.42 -23.31 41.39
C SER L 24 70.19 -24.27 40.49
N GLU L 25 70.72 -25.33 41.10
CA GLU L 25 71.58 -26.27 40.39
C GLU L 25 70.78 -27.08 39.36
N ARG L 26 71.50 -27.87 38.58
CA ARG L 26 70.92 -28.67 37.50
C ARG L 26 71.04 -30.16 37.77
N ALA L 27 70.82 -30.56 39.02
CA ALA L 27 70.85 -31.97 39.39
C ALA L 27 69.50 -32.61 39.10
N LYS L 28 69.35 -33.87 39.48
CA LYS L 28 68.08 -34.58 39.25
C LYS L 28 66.97 -33.94 40.08
N HIS L 29 65.78 -33.85 39.49
CA HIS L 29 64.74 -33.01 40.07
C HIS L 29 64.14 -33.63 41.33
N SER L 30 64.17 -34.96 41.46
CA SER L 30 63.63 -35.58 42.67
C SER L 30 64.39 -35.13 43.91
N LYS L 31 65.72 -35.10 43.84
CA LYS L 31 66.53 -34.62 44.96
C LYS L 31 66.25 -33.15 45.23
N LEU L 32 66.11 -32.35 44.18
CA LEU L 32 65.82 -30.92 44.36
C LEU L 32 64.50 -30.71 45.08
N GLY L 33 63.46 -31.45 44.68
CA GLY L 33 62.17 -31.33 45.34
C GLY L 33 62.20 -31.82 46.77
N GLY L 34 62.93 -32.92 47.02
CA GLY L 34 63.09 -33.39 48.38
C GLY L 34 63.76 -32.37 49.27
N ASP L 35 64.82 -31.73 48.76
CA ASP L 35 65.47 -30.67 49.52
C ASP L 35 64.54 -29.48 49.73
N PHE L 36 63.75 -29.14 48.71
CA PHE L 36 62.83 -28.02 48.83
C PHE L 36 61.81 -28.27 49.92
N ILE L 37 61.27 -29.50 50.00
CA ILE L 37 60.35 -29.84 51.08
C ILE L 37 61.07 -29.87 52.42
N LYS L 38 62.29 -30.41 52.45
CA LYS L 38 63.03 -30.52 53.71
C LYS L 38 63.39 -29.14 54.26
N SER L 39 63.49 -28.13 53.41
CA SER L 39 63.78 -26.78 53.90
C SER L 39 62.69 -26.29 54.84
N PHE L 40 61.46 -26.78 54.68
CA PHE L 40 60.38 -26.46 55.58
C PHE L 40 60.43 -27.36 56.81
N GLU L 41 60.11 -26.79 57.97
CA GLU L 41 60.25 -27.51 59.22
C GLU L 41 59.06 -28.40 59.56
N GLN L 42 57.94 -28.25 58.85
CA GLN L 42 56.73 -29.01 59.19
C GLN L 42 56.57 -30.27 58.36
N PHE L 43 57.15 -30.31 57.15
CA PHE L 43 57.11 -31.52 56.32
C PHE L 43 58.28 -32.43 56.67
N ARG L 44 58.38 -32.77 57.95
CA ARG L 44 59.51 -33.52 58.48
C ARG L 44 59.01 -34.82 59.11
N ASN L 45 58.87 -35.85 58.27
CA ASN L 45 58.57 -37.19 58.74
C ASN L 45 59.31 -38.26 57.96
N THR L 46 60.17 -37.87 57.01
CA THR L 46 61.07 -38.66 56.16
C THR L 46 60.27 -39.55 55.21
N GLU L 47 58.96 -39.62 55.40
CA GLU L 47 58.12 -40.35 54.46
C GLU L 47 57.79 -39.50 53.25
N LEU L 48 57.54 -38.20 53.48
CA LEU L 48 57.48 -37.26 52.37
C LEU L 48 58.77 -37.26 51.59
N THR L 49 59.91 -37.26 52.28
CA THR L 49 61.19 -37.31 51.60
C THR L 49 61.37 -38.59 50.81
N ASP L 50 60.95 -39.73 51.37
CA ASP L 50 61.05 -40.99 50.64
C ASP L 50 60.17 -40.96 49.39
N CYS L 51 58.96 -40.41 49.49
CA CYS L 51 58.07 -40.39 48.34
C CYS L 51 58.54 -39.42 47.27
N ILE L 52 59.13 -38.30 47.67
CA ILE L 52 59.51 -37.27 46.70
C ILE L 52 60.85 -37.61 46.06
N ARG L 53 61.88 -37.85 46.88
CA ARG L 53 63.20 -38.14 46.33
C ARG L 53 63.27 -39.51 45.66
N TYR L 54 62.36 -40.42 45.99
CA TYR L 54 62.39 -41.79 45.47
C TYR L 54 61.00 -42.15 44.95
N HIS L 55 60.73 -41.81 43.68
CA HIS L 55 59.53 -42.28 43.02
C HIS L 55 59.79 -42.68 41.58
N HIS L 56 61.04 -43.00 41.24
CA HIS L 56 61.43 -43.50 39.93
C HIS L 56 62.22 -44.79 40.09
N ALA L 57 62.30 -45.55 38.99
CA ALA L 57 62.90 -46.88 39.06
C ALA L 57 64.36 -46.84 39.47
N GLN L 58 65.13 -45.91 38.89
CA GLN L 58 66.56 -45.86 39.18
C GLN L 58 66.84 -45.52 40.64
N GLU L 59 66.08 -44.58 41.21
CA GLU L 59 66.26 -44.27 42.62
C GLU L 59 65.93 -45.47 43.50
N ILE L 60 64.87 -46.20 43.17
CA ILE L 60 64.51 -47.38 43.95
C ILE L 60 65.61 -48.42 43.87
N THR L 61 66.16 -48.64 42.68
CA THR L 61 67.31 -49.55 42.55
C THR L 61 68.49 -49.05 43.36
N SER L 62 68.63 -47.74 43.51
CA SER L 62 69.77 -47.17 44.22
C SER L 62 69.62 -47.19 45.74
N VAL L 63 68.41 -47.40 46.27
CA VAL L 63 68.18 -47.33 47.70
C VAL L 63 67.41 -48.51 48.25
N LYS L 64 67.08 -49.51 47.40
CA LYS L 64 66.26 -50.62 47.88
C LYS L 64 66.93 -51.40 49.00
N SER L 65 68.27 -51.38 49.05
CA SER L 65 68.97 -52.05 50.14
C SER L 65 68.80 -51.29 51.45
N ASN L 66 68.96 -49.97 51.42
CA ASN L 66 68.87 -49.18 52.64
C ASN L 66 67.44 -49.16 53.18
N LYS L 67 66.46 -48.87 52.32
CA LYS L 67 65.07 -48.80 52.76
C LYS L 67 64.49 -50.20 52.90
N GLU L 68 63.84 -50.44 54.03
CA GLU L 68 63.28 -51.75 54.33
C GLU L 68 61.92 -51.89 53.65
N LYS L 69 61.19 -52.94 54.01
CA LYS L 69 59.89 -53.18 53.42
C LYS L 69 58.88 -52.16 53.92
N ASN L 70 57.75 -52.07 53.21
CA ASN L 70 56.67 -51.14 53.55
C ASN L 70 57.20 -49.72 53.65
N SER L 71 58.02 -49.33 52.68
CA SER L 71 58.68 -48.02 52.68
C SER L 71 57.85 -46.94 52.02
N LEU L 72 56.68 -47.28 51.48
CA LEU L 72 55.63 -46.36 51.04
C LEU L 72 55.96 -45.62 49.75
N PHE L 73 57.17 -45.76 49.21
CA PHE L 73 57.52 -45.06 47.98
C PHE L 73 57.47 -45.96 46.75
N TYR L 74 57.12 -47.23 46.90
CA TYR L 74 56.81 -48.05 45.74
C TYR L 74 55.43 -47.71 45.19
N ILE L 75 54.50 -47.34 46.09
CA ILE L 75 53.13 -47.04 45.68
C ILE L 75 53.11 -45.81 44.78
N THR L 76 53.85 -44.77 45.13
CA THR L 76 53.86 -43.57 44.29
C THR L 76 54.50 -43.83 42.93
N TYR L 77 55.51 -44.70 42.88
CA TYR L 77 56.10 -45.05 41.58
C TYR L 77 55.12 -45.84 40.72
N ILE L 78 54.45 -46.84 41.30
CA ILE L 78 53.54 -47.69 40.56
C ILE L 78 52.24 -46.92 40.27
N ALA L 79 52.07 -45.77 40.90
CA ALA L 79 50.98 -44.86 40.59
C ALA L 79 51.33 -43.88 39.50
N ASP L 80 52.55 -43.35 39.50
CA ASP L 80 53.01 -42.51 38.40
C ASP L 80 53.03 -43.30 37.09
N ASN L 81 53.44 -44.57 37.15
CA ASN L 81 53.44 -45.40 35.95
C ASN L 81 52.04 -45.53 35.37
N ILE L 82 51.06 -45.82 36.22
CA ILE L 82 49.68 -45.96 35.74
C ILE L 82 49.15 -44.63 35.22
N SER L 83 49.45 -43.53 35.92
CA SER L 83 48.98 -42.22 35.48
C SER L 83 49.54 -41.86 34.11
N SER L 84 50.83 -42.16 33.88
CA SER L 84 51.43 -41.84 32.60
C SER L 84 50.74 -42.60 31.46
N GLY L 85 50.40 -43.87 31.69
CA GLY L 85 49.73 -44.65 30.68
C GLY L 85 50.68 -45.28 29.70
N MET L 86 50.77 -44.71 28.49
CA MET L 86 51.67 -45.19 27.45
C MET L 86 53.04 -44.53 27.51
N ASP L 87 53.26 -43.63 28.47
CA ASP L 87 54.50 -42.85 28.53
C ASP L 87 55.62 -43.71 29.10
N ARG L 88 56.74 -43.06 29.43
CA ARG L 88 57.94 -43.78 29.84
C ARG L 88 57.70 -44.54 31.15
N ARG L 89 58.32 -45.72 31.25
CA ARG L 89 58.31 -46.52 32.45
C ARG L 89 59.67 -46.55 33.13
N LYS L 90 60.73 -46.82 32.38
CA LYS L 90 62.11 -46.74 32.88
C LYS L 90 62.92 -45.94 31.87
N ASP L 91 63.37 -44.75 32.28
CA ASP L 91 64.10 -43.86 31.38
C ASP L 91 64.85 -42.84 32.23
N LEU L 92 65.69 -42.06 31.55
CA LEU L 92 66.45 -41.02 32.24
C LEU L 92 65.51 -39.99 32.85
N GLU L 93 65.78 -39.65 34.11
CA GLU L 93 64.98 -38.65 34.81
C GLU L 93 65.30 -37.25 34.31
N GLU L 94 64.33 -36.34 34.50
CA GLU L 94 64.53 -34.96 34.10
C GLU L 94 65.73 -34.35 34.80
N GLY L 95 66.58 -33.66 34.05
CA GLY L 95 67.77 -33.07 34.61
C GLY L 95 68.77 -34.07 35.14
N ALA L 96 69.04 -35.12 34.38
CA ALA L 96 69.96 -36.18 34.77
C ALA L 96 71.40 -35.94 34.31
N GLU L 97 71.68 -34.77 33.75
CA GLU L 97 73.01 -34.45 33.22
C GLU L 97 73.45 -35.45 32.16
N GLY L 98 72.50 -35.90 31.35
CA GLY L 98 72.80 -36.83 30.28
C GLY L 98 72.06 -36.52 28.99
N PHE L 99 71.24 -35.48 29.01
CA PHE L 99 70.46 -35.09 27.85
C PHE L 99 70.13 -33.60 27.95
N ASN L 100 70.19 -32.91 26.81
CA ASN L 100 69.84 -31.49 26.74
C ASN L 100 68.32 -31.37 26.76
N TRP L 101 67.76 -31.49 27.96
CA TRP L 101 66.31 -31.43 28.13
C TRP L 101 65.78 -30.07 27.72
N ASP L 102 64.70 -30.07 26.94
CA ASP L 102 64.12 -28.83 26.42
C ASP L 102 63.37 -28.14 27.55
N LYS L 103 64.11 -27.38 28.35
CA LYS L 103 63.58 -26.75 29.55
C LYS L 103 62.98 -25.38 29.24
N LYS L 104 62.16 -25.31 28.19
CA LYS L 104 61.43 -24.10 27.87
C LYS L 104 60.04 -24.36 27.31
N VAL L 105 59.60 -25.61 27.22
CA VAL L 105 58.37 -25.94 26.51
C VAL L 105 57.16 -25.71 27.42
N ALA L 106 56.04 -25.37 26.81
CA ALA L 106 54.76 -25.23 27.49
C ALA L 106 53.86 -26.40 27.12
N LEU L 107 52.87 -26.66 27.97
CA LEU L 107 51.95 -27.76 27.71
C LEU L 107 50.98 -27.34 26.62
N GLY L 108 50.80 -28.21 25.63
CA GLY L 108 49.83 -27.96 24.58
C GLY L 108 48.43 -28.36 24.99
N SER L 109 47.47 -27.87 24.22
CA SER L 109 46.08 -28.27 24.44
C SER L 109 45.87 -29.70 23.97
N VAL L 110 45.08 -30.45 24.74
CA VAL L 110 44.76 -31.83 24.37
C VAL L 110 43.89 -31.92 23.12
N PHE L 111 43.42 -30.78 22.60
CA PHE L 111 42.68 -30.77 21.35
C PHE L 111 43.59 -30.98 20.14
N ASN L 112 44.91 -30.99 20.33
CA ASN L 112 45.81 -31.36 19.25
C ASN L 112 45.59 -32.80 18.80
N VAL L 113 45.43 -33.71 19.76
CA VAL L 113 45.20 -35.12 19.44
C VAL L 113 43.74 -35.43 19.18
N LEU L 114 42.82 -34.55 19.57
CA LEU L 114 41.40 -34.84 19.48
C LEU L 114 40.97 -34.93 18.02
N ASN L 115 40.35 -36.06 17.66
CA ASN L 115 39.82 -36.29 16.31
C ASN L 115 40.90 -36.07 15.24
N GLU L 116 42.07 -36.65 15.48
CA GLU L 116 43.15 -36.53 14.51
C GLU L 116 42.91 -37.36 13.26
N LYS L 117 41.92 -38.26 13.26
CA LYS L 117 41.66 -39.07 12.08
C LYS L 117 40.98 -38.27 10.98
N GLU L 118 40.22 -37.23 11.33
CA GLU L 118 39.51 -36.44 10.33
C GLU L 118 39.67 -34.93 10.52
N LYS L 119 40.47 -34.48 11.49
CA LYS L 119 40.66 -33.04 11.71
C LYS L 119 42.14 -32.66 11.76
N GLY L 120 43.02 -33.51 11.21
CA GLY L 120 44.42 -33.14 11.05
C GLY L 120 45.24 -33.30 12.31
N ARG L 121 46.51 -32.87 12.19
CA ARG L 121 47.48 -32.94 13.26
C ARG L 121 48.10 -31.56 13.46
N GLN L 122 48.11 -31.09 14.71
CA GLN L 122 48.69 -29.80 15.05
C GLN L 122 49.37 -29.90 16.40
N ASN L 123 50.16 -28.88 16.74
CA ASN L 123 50.87 -28.79 18.01
C ASN L 123 50.77 -27.35 18.51
N TYR L 124 49.74 -27.07 19.31
CA TYR L 124 49.54 -25.75 19.87
C TYR L 124 50.09 -25.71 21.29
N SER L 125 49.88 -24.59 21.98
CA SER L 125 50.47 -24.39 23.30
C SER L 125 49.64 -23.39 24.09
N TYR L 126 49.87 -23.39 25.40
CA TYR L 126 49.24 -22.42 26.31
C TYR L 126 50.26 -21.38 26.74
N PRO L 127 50.10 -20.12 26.34
CA PRO L 127 51.00 -19.07 26.82
C PRO L 127 50.80 -18.79 28.30
N PHE L 128 51.88 -18.37 28.95
CA PHE L 128 51.82 -18.03 30.37
C PHE L 128 51.33 -16.61 30.56
N VAL L 129 50.44 -16.41 31.53
CA VAL L 129 49.88 -15.11 31.85
C VAL L 129 50.02 -14.89 33.35
N ALA L 130 50.55 -13.73 33.74
CA ALA L 130 50.76 -13.36 35.14
C ALA L 130 51.62 -14.38 35.87
N GLU L 137 43.43 -18.51 36.77
CA GLU L 137 42.71 -17.50 35.99
C GLU L 137 43.66 -16.47 35.41
N PRO L 138 43.35 -15.97 34.21
CA PRO L 138 42.22 -16.34 33.34
C PRO L 138 42.56 -17.54 32.47
N LEU L 139 41.62 -18.00 31.64
CA LEU L 139 41.86 -19.14 30.78
C LEU L 139 42.85 -18.76 29.67
N ASN L 140 43.72 -19.70 29.32
CA ASN L 140 44.72 -19.52 28.27
C ASN L 140 44.26 -20.27 27.04
N PHE L 141 43.93 -19.53 25.98
CA PHE L 141 43.51 -20.16 24.74
C PHE L 141 44.72 -20.74 24.01
N PRO L 142 44.54 -21.84 23.27
CA PRO L 142 45.62 -22.36 22.44
C PRO L 142 46.01 -21.37 21.36
N THR L 143 47.30 -21.28 21.08
CA THR L 143 47.84 -20.28 20.17
C THR L 143 48.59 -20.96 19.03
N ALA L 144 48.43 -20.40 17.83
CA ALA L 144 49.15 -20.94 16.68
C ALA L 144 50.65 -20.75 16.83
N THR L 145 51.07 -19.59 17.34
CA THR L 145 52.50 -19.33 17.53
C THR L 145 53.07 -20.24 18.61
N GLN L 146 54.30 -20.68 18.41
CA GLN L 146 54.98 -21.50 19.40
C GLN L 146 55.39 -20.63 20.59
N ASN L 147 55.04 -21.08 21.79
CA ASN L 147 55.30 -20.32 23.01
C ASN L 147 56.34 -21.03 23.86
N GLN L 148 57.15 -20.23 24.55
CA GLN L 148 58.19 -20.74 25.43
C GLN L 148 58.00 -20.10 26.80
N TYR L 149 58.14 -20.91 27.85
CA TYR L 149 57.99 -20.42 29.21
C TYR L 149 59.30 -19.81 29.70
N THR L 150 59.21 -18.65 30.34
CA THR L 150 60.36 -17.90 30.80
C THR L 150 60.71 -18.29 32.24
N THR L 151 61.99 -18.15 32.58
CA THR L 151 62.45 -18.44 33.93
C THR L 151 61.73 -17.58 34.96
N SER L 152 61.32 -16.36 34.59
CA SER L 152 60.62 -15.49 35.52
C SER L 152 59.30 -16.10 35.96
N TYR L 153 58.57 -16.73 35.03
CA TYR L 153 57.34 -17.42 35.40
C TYR L 153 57.63 -18.56 36.38
N TYR L 154 58.71 -19.30 36.13
CA TYR L 154 59.09 -20.38 37.04
C TYR L 154 59.38 -19.84 38.43
N ASP L 155 60.10 -18.72 38.51
CA ASP L 155 60.45 -18.15 39.80
C ASP L 155 59.22 -17.60 40.51
N GLY L 156 58.29 -17.03 39.76
CA GLY L 156 57.03 -16.62 40.38
C GLY L 156 56.26 -17.78 40.96
N LEU L 157 56.19 -18.89 40.20
CA LEU L 157 55.56 -20.09 40.71
C LEU L 157 56.27 -20.61 41.96
N ILE L 158 57.60 -20.59 41.96
CA ILE L 158 58.37 -21.07 43.11
C ILE L 158 58.12 -20.19 44.33
N THR L 159 58.11 -18.87 44.14
CA THR L 159 57.89 -17.96 45.26
C THR L 159 56.49 -18.12 45.85
N ASP L 160 55.48 -18.20 44.98
CA ASP L 160 54.12 -18.41 45.48
C ASP L 160 53.97 -19.77 46.15
N MET L 161 54.64 -20.79 45.62
CA MET L 161 54.58 -22.12 46.23
C MET L 161 55.25 -22.13 47.60
N LYS L 162 56.39 -21.44 47.74
CA LYS L 162 57.04 -21.36 49.03
C LYS L 162 56.20 -20.55 50.02
N THR L 163 55.52 -19.51 49.53
CA THR L 163 54.62 -18.75 50.40
C THR L 163 53.47 -19.63 50.89
N ILE L 164 52.86 -20.40 49.99
CA ILE L 164 51.68 -21.19 50.34
C ILE L 164 52.06 -22.35 51.25
N LEU L 165 53.13 -23.08 50.89
CA LEU L 165 53.50 -24.29 51.62
C LEU L 165 54.00 -23.99 53.02
N GLN L 166 54.39 -22.75 53.31
CA GLN L 166 54.80 -22.40 54.66
C GLN L 166 53.64 -22.53 55.64
N ARG L 167 52.44 -22.14 55.24
CA ARG L 167 51.25 -22.26 56.06
C ARG L 167 50.47 -23.53 55.75
N LEU L 168 51.16 -24.59 55.33
CA LEU L 168 50.54 -25.87 55.04
C LEU L 168 51.08 -26.95 55.96
N LYS L 169 50.31 -28.01 56.11
CA LYS L 169 50.69 -29.17 56.92
C LYS L 169 50.38 -30.45 56.16
N PRO L 170 51.10 -31.54 56.45
CA PRO L 170 50.74 -32.85 55.87
C PRO L 170 49.60 -33.50 56.64
N ASP L 171 48.43 -32.90 56.57
CA ASP L 171 47.27 -33.34 57.32
C ASP L 171 46.09 -33.53 56.37
N LYS L 172 45.04 -34.19 56.88
CA LYS L 172 43.86 -34.47 56.08
C LYS L 172 43.17 -33.19 55.64
N GLU L 173 43.03 -32.23 56.55
CA GLU L 173 42.32 -30.99 56.24
C GLU L 173 43.11 -30.09 55.30
N HIS L 174 44.40 -30.35 55.11
CA HIS L 174 45.24 -29.53 54.25
C HIS L 174 45.56 -30.19 52.91
N ILE L 175 45.15 -31.43 52.70
CA ILE L 175 45.30 -32.04 51.38
C ILE L 175 44.45 -31.28 50.36
N ASN L 176 43.26 -30.84 50.77
CA ASN L 176 42.42 -30.04 49.89
C ASN L 176 43.10 -28.74 49.51
N SER L 177 43.76 -28.08 50.48
CA SER L 177 44.50 -26.87 50.18
C SER L 177 45.69 -27.16 49.28
N LEU L 178 46.32 -28.32 49.44
CA LEU L 178 47.39 -28.72 48.53
C LEU L 178 46.88 -28.85 47.11
N LEU L 179 45.73 -29.50 46.93
CA LEU L 179 45.14 -29.60 45.60
C LEU L 179 44.75 -28.22 45.06
N GLN L 180 44.26 -27.34 45.92
CA GLN L 180 43.91 -25.99 45.48
C GLN L 180 45.14 -25.22 45.00
N MET L 181 46.24 -25.31 45.76
CA MET L 181 47.48 -24.66 45.34
C MET L 181 47.97 -25.23 44.01
N MET L 182 47.94 -26.56 43.88
CA MET L 182 48.38 -27.18 42.64
C MET L 182 47.51 -26.75 41.47
N GLU L 183 46.20 -26.74 41.65
CA GLU L 183 45.30 -26.35 40.57
C GLU L 183 45.52 -24.90 40.18
N SER L 184 45.73 -24.02 41.16
CA SER L 184 45.98 -22.61 40.86
C SER L 184 47.29 -22.42 40.10
N LEU L 185 48.35 -23.09 40.53
CA LEU L 185 49.69 -22.79 40.00
C LEU L 185 50.08 -23.67 38.83
N TRP L 186 50.02 -24.99 38.99
CA TRP L 186 50.58 -25.95 38.04
C TRP L 186 49.67 -26.24 36.86
N SER L 187 48.46 -25.66 36.81
CA SER L 187 47.51 -26.01 35.76
C SER L 187 48.07 -25.71 34.38
N TYR L 188 49.00 -24.77 34.27
CA TYR L 188 49.54 -24.37 32.99
C TYR L 188 51.05 -24.60 32.92
N VAL L 189 51.54 -25.66 33.55
CA VAL L 189 52.93 -26.10 33.38
C VAL L 189 52.93 -27.58 33.03
N PRO L 190 53.83 -28.03 32.16
CA PRO L 190 53.77 -29.41 31.68
C PRO L 190 54.23 -30.43 32.72
N SER L 191 53.82 -31.68 32.50
CA SER L 191 54.31 -32.79 33.30
C SER L 191 55.70 -33.23 32.86
N SER L 192 55.96 -33.17 31.56
CA SER L 192 57.26 -33.54 31.00
C SER L 192 57.68 -32.48 29.99
N THR L 193 59.00 -32.29 29.86
CA THR L 193 59.56 -31.25 29.00
C THR L 193 60.54 -31.89 28.03
N ASP L 194 60.02 -32.36 26.90
CA ASP L 194 60.87 -32.88 25.82
C ASP L 194 60.07 -32.89 24.54
N LYS L 195 60.78 -33.05 23.42
CA LYS L 195 60.17 -33.12 22.10
C LYS L 195 59.93 -34.57 21.71
N ASN L 196 59.54 -34.79 20.46
CA ASN L 196 59.29 -36.11 19.86
C ASN L 196 58.37 -36.98 20.72
N GLN L 197 57.61 -36.35 21.61
CA GLN L 197 56.65 -37.04 22.47
C GLN L 197 55.46 -36.11 22.65
N LEU L 198 54.62 -36.40 23.64
CA LEU L 198 53.50 -35.54 23.99
C LEU L 198 53.78 -34.81 25.30
N VAL L 199 53.34 -33.54 25.34
CA VAL L 199 53.57 -32.68 26.47
C VAL L 199 52.27 -32.20 27.11
N ASP L 200 51.13 -32.39 26.43
CA ASP L 200 49.86 -31.78 26.81
C ASP L 200 49.35 -32.18 28.19
N ILE L 201 49.99 -33.14 28.87
CA ILE L 201 49.54 -33.53 30.21
C ILE L 201 50.04 -32.49 31.21
N SER L 202 49.10 -31.80 31.85
CA SER L 202 49.46 -30.77 32.81
C SER L 202 50.09 -31.40 34.05
N LEU L 203 50.78 -30.57 34.83
CA LEU L 203 51.39 -31.05 36.07
C LEU L 203 50.35 -31.23 37.16
N TYR L 204 49.33 -30.36 37.19
CA TYR L 204 48.24 -30.54 38.14
C TYR L 204 47.50 -31.85 37.90
N ASP L 205 47.13 -32.12 36.65
CA ASP L 205 46.42 -33.35 36.33
C ASP L 205 47.30 -34.57 36.60
N HIS L 206 48.58 -34.51 36.21
CA HIS L 206 49.49 -35.62 36.44
C HIS L 206 49.61 -35.93 37.93
N SER L 207 49.83 -34.89 38.74
CA SER L 207 50.03 -35.12 40.16
C SER L 207 48.75 -35.57 40.85
N ARG L 208 47.61 -35.00 40.46
CA ARG L 208 46.35 -35.42 41.06
C ARG L 208 46.02 -36.87 40.72
N THR L 209 46.22 -37.27 39.45
CA THR L 209 46.00 -38.66 39.08
C THR L 209 46.96 -39.59 39.80
N THR L 210 48.23 -39.19 39.90
CA THR L 210 49.20 -40.02 40.62
C THR L 210 48.80 -40.19 42.08
N ALA L 211 48.36 -39.12 42.73
CA ALA L 211 47.93 -39.21 44.12
C ALA L 211 46.71 -40.10 44.27
N ALA L 212 45.74 -39.98 43.34
CA ALA L 212 44.55 -40.83 43.42
C ALA L 212 44.91 -42.30 43.24
N ILE L 213 45.77 -42.61 42.26
CA ILE L 213 46.16 -44.00 42.05
C ILE L 213 46.90 -44.53 43.27
N ALA L 214 47.82 -43.75 43.82
CA ALA L 214 48.58 -44.19 44.98
C ALA L 214 47.67 -44.40 46.19
N SER L 215 46.68 -43.53 46.38
CA SER L 215 45.75 -43.68 47.48
C SER L 215 44.91 -44.94 47.33
N ALA L 216 44.39 -45.19 46.13
CA ALA L 216 43.61 -46.40 45.89
C ALA L 216 44.45 -47.65 46.10
N ILE L 217 45.71 -47.63 45.62
CA ILE L 217 46.60 -48.77 45.79
C ILE L 217 46.88 -49.01 47.27
N TYR L 218 47.11 -47.94 48.03
CA TYR L 218 47.37 -48.09 49.46
C TYR L 218 46.17 -48.67 50.19
N ASP L 219 44.97 -48.18 49.88
CA ASP L 219 43.77 -48.71 50.53
C ASP L 219 43.56 -50.18 50.17
N TYR L 220 43.75 -50.52 48.90
CA TYR L 220 43.59 -51.92 48.49
C TYR L 220 44.61 -52.82 49.17
N PHE L 221 45.85 -52.35 49.28
CA PHE L 221 46.89 -53.14 49.95
C PHE L 221 46.59 -53.30 51.43
N GLN L 222 46.13 -52.24 52.08
CA GLN L 222 45.81 -52.33 53.51
C GLN L 222 44.65 -53.28 53.76
N ALA L 223 43.62 -53.24 52.92
CA ALA L 223 42.48 -54.12 53.12
C ALA L 223 42.84 -55.58 52.85
N GLU L 224 43.72 -55.83 51.88
CA GLU L 224 44.13 -57.19 51.55
C GLU L 224 45.23 -57.72 52.46
N ASN L 225 45.72 -56.91 53.40
CA ASN L 225 46.77 -57.30 54.33
C ASN L 225 48.04 -57.74 53.59
N ILE L 226 48.62 -56.78 52.87
CA ILE L 226 49.89 -56.97 52.16
C ILE L 226 50.91 -56.01 52.76
N THR L 227 52.08 -56.54 53.12
CA THR L 227 53.20 -55.76 53.61
C THR L 227 54.47 -56.18 52.88
N ASP L 228 54.34 -56.38 51.58
CA ASP L 228 55.44 -56.83 50.72
C ASP L 228 55.46 -56.01 49.44
N TYR L 229 55.43 -54.68 49.59
CA TYR L 229 55.29 -53.80 48.43
C TYR L 229 56.42 -54.02 47.43
N GLN L 230 57.64 -54.24 47.94
CA GLN L 230 58.79 -54.41 47.05
C GLN L 230 58.60 -55.61 46.12
N LYS L 231 58.32 -56.78 46.70
CA LYS L 231 58.17 -57.99 45.89
C LYS L 231 57.00 -57.87 44.93
N GLU L 232 55.89 -57.28 45.38
CA GLU L 232 54.70 -57.20 44.54
C GLU L 232 54.88 -56.22 43.38
N LEU L 233 55.61 -55.12 43.60
CA LEU L 233 55.64 -54.03 42.63
C LEU L 233 56.98 -53.85 41.94
N PHE L 234 58.08 -53.76 42.68
CA PHE L 234 59.35 -53.40 42.07
C PHE L 234 60.29 -54.58 41.88
N ASP L 235 60.28 -55.55 42.80
CA ASP L 235 61.19 -56.69 42.66
C ASP L 235 60.93 -57.46 41.37
N TYR L 236 59.69 -57.50 40.92
CA TYR L 236 59.32 -58.04 39.63
C TYR L 236 58.67 -56.94 38.79
N ASN L 237 58.14 -57.31 37.63
CA ASN L 237 57.48 -56.34 36.76
C ASN L 237 56.10 -55.93 37.27
N ALA L 238 55.66 -56.46 38.40
CA ALA L 238 54.34 -56.20 38.97
C ALA L 238 53.21 -56.61 38.03
N THR L 239 53.51 -57.47 37.05
CA THR L 239 52.49 -57.89 36.10
C THR L 239 51.34 -58.61 36.79
N GLU L 240 51.64 -59.35 37.87
CA GLU L 240 50.57 -59.99 38.63
C GLU L 240 49.58 -58.97 39.18
N PHE L 241 50.10 -57.90 39.79
CA PHE L 241 49.22 -56.83 40.28
C PHE L 241 48.54 -56.12 39.12
N TYR L 242 49.23 -55.98 37.99
CA TYR L 242 48.65 -55.29 36.85
C TYR L 242 47.43 -56.03 36.31
N ASP L 243 47.56 -57.35 36.13
CA ASP L 243 46.45 -58.13 35.59
C ASP L 243 45.27 -58.18 36.54
N LYS L 244 45.54 -58.39 37.82
CA LYS L 244 44.46 -58.50 38.80
C LYS L 244 43.81 -57.15 39.05
N ASN L 245 42.53 -57.19 39.40
CA ASN L 245 41.74 -55.97 39.60
C ASN L 245 42.03 -55.39 40.98
N ALA L 246 42.27 -54.08 41.02
CA ALA L 246 42.55 -53.39 42.27
C ALA L 246 41.75 -52.10 42.47
N PHE L 247 41.21 -51.51 41.41
CA PHE L 247 40.53 -50.22 41.50
C PHE L 247 39.06 -50.38 41.14
N LEU L 248 38.30 -49.32 41.41
CA LEU L 248 36.93 -49.20 40.97
C LEU L 248 36.72 -47.80 40.42
N MET L 249 35.71 -47.66 39.58
CA MET L 249 35.34 -46.36 39.01
C MET L 249 33.85 -46.16 39.22
N MET L 250 33.48 -45.20 40.04
CA MET L 250 32.08 -44.96 40.31
C MET L 250 31.45 -44.12 39.20
N ASN L 251 30.14 -44.17 39.11
CA ASN L 251 29.37 -43.52 38.05
C ASN L 251 28.19 -42.78 38.63
N PHE L 252 28.44 -41.95 39.63
CA PHE L 252 27.42 -41.07 40.18
C PHE L 252 26.74 -40.29 39.05
N ASP L 253 25.46 -40.55 38.84
CA ASP L 253 24.72 -39.96 37.73
C ASP L 253 23.37 -39.49 38.26
N MET L 254 23.17 -38.18 38.32
CA MET L 254 21.92 -37.61 38.79
C MET L 254 20.93 -37.56 37.63
N SER L 255 19.76 -38.13 37.84
CA SER L 255 18.76 -38.31 36.79
C SER L 255 17.57 -37.39 37.04
N GLY L 256 17.03 -36.84 35.96
CA GLY L 256 15.88 -35.95 36.06
C GLY L 256 16.18 -34.56 36.56
N VAL L 257 17.39 -34.04 36.29
CA VAL L 257 17.73 -32.70 36.73
C VAL L 257 16.92 -31.67 35.95
N GLN L 258 16.72 -31.92 34.65
CA GLN L 258 15.96 -31.00 33.81
C GLN L 258 14.55 -30.81 34.33
N ASN L 259 13.91 -31.92 34.72
CA ASN L 259 12.54 -31.84 35.22
C ASN L 259 12.48 -31.18 36.59
N PHE L 260 13.51 -31.37 37.41
CA PHE L 260 13.53 -30.73 38.72
C PHE L 260 13.74 -29.23 38.61
N ILE L 261 14.50 -28.79 37.61
CA ILE L 261 14.88 -27.38 37.52
C ILE L 261 13.86 -26.61 36.71
N TYR L 262 13.66 -27.00 35.45
CA TYR L 262 12.87 -26.16 34.55
C TYR L 262 11.37 -26.30 34.76
N ASN L 263 10.89 -27.47 35.15
CA ASN L 263 9.45 -27.69 35.32
C ASN L 263 8.98 -26.99 36.59
N ILE L 264 8.75 -25.68 36.46
CA ILE L 264 8.22 -24.84 37.53
C ILE L 264 7.26 -23.82 36.92
N SER L 265 6.38 -23.28 37.76
CA SER L 265 5.32 -22.39 37.28
C SER L 265 5.09 -21.22 38.22
N GLY L 266 6.13 -20.75 38.90
CA GLY L 266 5.95 -19.64 39.81
C GLY L 266 5.88 -18.30 39.11
N SER L 267 5.30 -17.32 39.81
CA SER L 267 5.32 -15.95 39.30
C SER L 267 6.73 -15.40 39.26
N LYS L 268 7.52 -15.67 40.31
CA LYS L 268 8.94 -15.32 40.34
C LYS L 268 9.83 -16.51 39.99
N ALA L 269 9.36 -17.38 39.10
CA ALA L 269 10.10 -18.59 38.77
C ALA L 269 11.41 -18.27 38.08
N LEU L 270 11.46 -17.19 37.30
CA LEU L 270 12.68 -16.84 36.58
C LEU L 270 13.84 -16.57 37.54
N LYS L 271 13.55 -16.10 38.75
CA LYS L 271 14.57 -15.84 39.75
C LYS L 271 15.08 -17.11 40.42
N SER L 272 14.50 -18.27 40.09
CA SER L 272 14.76 -19.49 40.84
C SER L 272 15.56 -20.55 40.09
N LEU L 273 15.68 -20.45 38.76
CA LEU L 273 16.40 -21.48 38.02
C LEU L 273 17.87 -21.52 38.41
N ARG L 274 18.47 -20.36 38.62
CA ARG L 274 19.86 -20.32 39.09
C ARG L 274 19.99 -21.01 40.44
N ALA L 275 19.03 -20.77 41.34
CA ALA L 275 19.06 -21.45 42.64
C ALA L 275 18.93 -22.95 42.49
N ARG L 276 18.07 -23.41 41.58
CA ARG L 276 17.88 -24.85 41.39
C ARG L 276 19.14 -25.50 40.87
N SER L 277 19.77 -24.87 39.87
CA SER L 277 21.00 -25.43 39.32
C SER L 277 22.13 -25.42 40.36
N PHE L 278 22.23 -24.34 41.13
CA PHE L 278 23.22 -24.28 42.19
C PHE L 278 22.99 -25.35 43.24
N TYR L 279 21.72 -25.58 43.60
CA TYR L 279 21.39 -26.62 44.57
C TYR L 279 21.77 -27.99 44.05
N LEU L 280 21.52 -28.26 42.77
CA LEU L 280 21.86 -29.58 42.24
C LEU L 280 23.37 -29.78 42.18
N ASP L 281 24.12 -28.76 41.74
CA ASP L 281 25.58 -28.87 41.73
C ASP L 281 26.12 -29.06 43.14
N MET L 282 25.58 -28.32 44.11
CA MET L 282 26.00 -28.48 45.50
C MET L 282 25.68 -29.87 46.00
N LEU L 283 24.50 -30.40 45.67
CA LEU L 283 24.13 -31.75 46.06
C LEU L 283 25.15 -32.75 45.55
N LEU L 284 25.47 -32.67 44.25
CA LEU L 284 26.41 -33.62 43.67
C LEU L 284 27.79 -33.52 44.32
N GLU L 285 28.30 -32.30 44.47
CA GLU L 285 29.65 -32.13 45.01
C GLU L 285 29.72 -32.52 46.48
N TYR L 286 28.70 -32.18 47.26
CA TYR L 286 28.69 -32.57 48.67
C TYR L 286 28.57 -34.07 48.83
N ILE L 287 27.76 -34.73 47.99
CA ILE L 287 27.65 -36.18 48.07
C ILE L 287 28.99 -36.82 47.72
N SER L 288 29.66 -36.32 46.68
CA SER L 288 30.97 -36.86 46.32
C SER L 288 31.97 -36.67 47.45
N ASP L 289 31.99 -35.48 48.06
CA ASP L 289 32.94 -35.21 49.14
C ASP L 289 32.64 -36.06 50.38
N ASN L 290 31.36 -36.24 50.71
CA ASN L 290 31.01 -37.05 51.86
C ASN L 290 31.38 -38.50 51.64
N LEU L 291 31.15 -39.02 50.43
CA LEU L 291 31.59 -40.38 50.12
C LEU L 291 33.09 -40.51 50.22
N LEU L 292 33.84 -39.53 49.69
CA LEU L 292 35.29 -39.57 49.77
C LEU L 292 35.76 -39.58 51.21
N GLU L 293 35.12 -38.78 52.07
CA GLU L 293 35.44 -38.81 53.49
C GLU L 293 35.14 -40.17 54.10
N LYS L 294 34.00 -40.76 53.73
CA LYS L 294 33.63 -42.07 54.28
C LYS L 294 34.65 -43.13 53.91
N LEU L 295 35.18 -43.06 52.68
CA LEU L 295 36.18 -44.00 52.21
C LEU L 295 37.59 -43.64 52.64
N GLU L 296 37.75 -42.59 53.45
CA GLU L 296 39.06 -42.10 53.85
C GLU L 296 39.93 -41.81 52.63
N LEU L 297 39.34 -41.10 51.67
CA LEU L 297 40.00 -40.75 50.42
C LEU L 297 39.99 -39.24 50.25
N SER L 298 41.03 -38.73 49.61
CA SER L 298 41.14 -37.30 49.36
C SER L 298 40.36 -36.92 48.10
N ARG L 299 40.34 -35.62 47.81
CA ARG L 299 39.64 -35.14 46.61
C ARG L 299 40.42 -35.41 45.33
N ALA L 300 41.65 -35.91 45.42
CA ALA L 300 42.36 -36.33 44.22
C ALA L 300 41.65 -37.50 43.53
N ASN L 301 40.89 -38.30 44.27
CA ASN L 301 40.22 -39.45 43.70
C ASN L 301 39.04 -39.06 42.81
N ILE L 302 38.50 -37.85 42.98
CA ILE L 302 37.46 -37.37 42.07
C ILE L 302 38.08 -37.12 40.71
N LEU L 303 37.45 -37.66 39.66
CA LEU L 303 37.91 -37.44 38.30
C LEU L 303 37.19 -36.25 37.66
N TYR L 304 35.86 -36.29 37.64
CA TYR L 304 35.07 -35.23 37.04
C TYR L 304 33.77 -35.07 37.81
N VAL L 305 33.42 -33.83 38.11
CA VAL L 305 32.13 -33.48 38.68
C VAL L 305 31.53 -32.38 37.83
N GLY L 306 30.27 -32.54 37.47
CA GLY L 306 29.58 -31.58 36.61
C GLY L 306 28.60 -32.29 35.70
N GLY L 307 27.53 -31.57 35.35
CA GLY L 307 26.47 -32.16 34.57
C GLY L 307 25.76 -33.28 35.29
N GLY L 308 25.61 -33.18 36.61
CA GLY L 308 25.00 -34.25 37.38
C GLY L 308 25.70 -35.58 37.22
N HIS L 309 27.03 -35.58 37.21
CA HIS L 309 27.79 -36.77 36.86
C HIS L 309 29.15 -36.69 37.54
N ALA L 310 29.45 -37.65 38.40
CA ALA L 310 30.70 -37.70 39.14
C ALA L 310 31.40 -39.02 38.88
N TYR L 311 32.72 -38.94 38.70
CA TYR L 311 33.56 -40.12 38.49
C TYR L 311 34.64 -40.18 39.57
N LEU L 312 34.67 -41.28 40.31
CA LEU L 312 35.59 -41.44 41.42
C LEU L 312 36.39 -42.73 41.22
N LEU L 313 37.66 -42.69 41.62
CA LEU L 313 38.58 -43.82 41.43
C LEU L 313 38.87 -44.40 42.81
N LEU L 314 38.27 -45.56 43.09
CA LEU L 314 38.25 -46.16 44.41
C LEU L 314 39.24 -47.31 44.50
N ALA L 315 39.19 -48.05 45.60
CA ALA L 315 39.98 -49.25 45.81
C ALA L 315 39.04 -50.46 45.84
N ASN L 316 39.38 -51.49 45.09
CA ASN L 316 38.53 -52.68 44.95
C ASN L 316 38.70 -53.57 46.17
N THR L 317 38.08 -53.15 47.28
CA THR L 317 38.12 -53.92 48.50
C THR L 317 36.70 -54.24 48.95
N ASN L 318 36.54 -55.37 49.64
CA ASN L 318 35.24 -55.77 50.13
C ASN L 318 34.67 -54.72 51.09
N LYS L 319 35.52 -54.14 51.93
CA LYS L 319 35.07 -53.07 52.82
C LYS L 319 34.59 -51.86 52.02
N THR L 320 35.32 -51.51 50.96
CA THR L 320 34.90 -50.38 50.12
C THR L 320 33.56 -50.67 49.45
N LYS L 321 33.36 -51.89 48.96
CA LYS L 321 32.10 -52.23 48.32
C LYS L 321 30.94 -52.23 49.32
N ALA L 322 31.19 -52.70 50.55
CA ALA L 322 30.16 -52.65 51.58
C ALA L 322 29.81 -51.20 51.93
N ILE L 323 30.84 -50.34 52.04
CA ILE L 323 30.59 -48.92 52.28
C ILE L 323 29.78 -48.32 51.14
N LEU L 324 30.10 -48.72 49.91
CA LEU L 324 29.36 -48.22 48.75
C LEU L 324 27.90 -48.67 48.80
N SER L 325 27.65 -49.92 49.18
CA SER L 325 26.28 -50.41 49.26
C SER L 325 25.49 -49.65 50.32
N ASP L 326 26.08 -49.47 51.51
CA ASP L 326 25.38 -48.73 52.55
C ASP L 326 25.18 -47.27 52.15
N PHE L 327 26.18 -46.67 51.49
CA PHE L 327 26.06 -45.30 51.01
C PHE L 327 24.93 -45.18 50.00
N GLU L 328 24.84 -46.13 49.07
CA GLU L 328 23.77 -46.11 48.09
C GLU L 328 22.41 -46.27 48.75
N HIS L 329 22.31 -47.15 49.74
CA HIS L 329 21.04 -47.31 50.45
C HIS L 329 20.63 -46.01 51.13
N ASP L 330 21.56 -45.38 51.86
CA ASP L 330 21.25 -44.14 52.56
C ASP L 330 20.88 -43.03 51.58
N LEU L 331 21.63 -42.91 50.47
CA LEU L 331 21.37 -41.85 49.51
C LEU L 331 20.05 -42.07 48.79
N LYS L 332 19.74 -43.31 48.44
CA LYS L 332 18.45 -43.61 47.81
C LYS L 332 17.30 -43.31 48.76
N THR L 333 17.44 -43.67 50.04
CA THR L 333 16.39 -43.37 51.00
C THR L 333 16.20 -41.86 51.16
N TRP L 334 17.31 -41.11 51.24
CA TRP L 334 17.19 -39.67 51.38
C TRP L 334 16.53 -39.05 50.16
N PHE L 335 16.94 -39.46 48.95
CA PHE L 335 16.38 -38.89 47.74
C PHE L 335 14.90 -39.24 47.62
N LEU L 336 14.54 -40.48 47.96
CA LEU L 336 13.12 -40.86 48.00
C LEU L 336 12.36 -39.96 48.96
N ASP L 337 12.95 -39.67 50.12
CA ASP L 337 12.27 -38.81 51.09
C ASP L 337 12.04 -37.41 50.54
N LYS L 338 13.02 -36.85 49.82
CA LYS L 338 12.91 -35.49 49.33
C LYS L 338 12.32 -35.41 47.93
N PHE L 339 12.91 -36.12 46.97
CA PHE L 339 12.43 -36.16 45.60
C PHE L 339 11.92 -37.58 45.34
N LYS L 340 10.60 -37.76 45.41
CA LYS L 340 10.04 -39.11 45.38
C LYS L 340 10.58 -39.92 44.21
N ILE L 341 10.29 -39.48 42.99
CA ILE L 341 10.98 -39.97 41.80
C ILE L 341 11.41 -38.85 40.88
N ASP L 342 11.18 -37.60 41.26
CA ASP L 342 11.50 -36.45 40.41
C ASP L 342 12.99 -36.17 40.34
N LEU L 343 13.79 -36.85 41.16
CA LEU L 343 15.24 -36.72 41.09
C LEU L 343 15.84 -37.97 41.73
N TYR L 344 16.91 -38.46 41.12
CA TYR L 344 17.49 -39.74 41.54
C TYR L 344 18.91 -39.83 41.03
N VAL L 345 19.80 -40.33 41.87
CA VAL L 345 21.20 -40.54 41.51
C VAL L 345 21.47 -42.03 41.45
N ALA L 346 22.06 -42.48 40.35
CA ALA L 346 22.40 -43.88 40.15
C ALA L 346 23.88 -44.09 40.41
N MET L 347 24.20 -45.02 41.31
CA MET L 347 25.58 -45.32 41.68
C MET L 347 25.95 -46.69 41.13
N ALA L 348 26.92 -46.73 40.23
CA ALA L 348 27.38 -48.00 39.68
C ALA L 348 28.89 -47.93 39.51
N TYR L 349 29.58 -48.99 39.92
CA TYR L 349 31.03 -49.07 39.80
C TYR L 349 31.40 -50.35 39.09
N THR L 350 32.54 -50.32 38.40
CA THR L 350 33.03 -51.45 37.64
C THR L 350 34.41 -51.86 38.12
N GLU L 351 34.59 -53.17 38.28
CA GLU L 351 35.85 -53.74 38.74
C GLU L 351 36.91 -53.51 37.68
N VAL L 352 37.82 -52.58 37.94
CA VAL L 352 38.82 -52.15 36.98
C VAL L 352 40.20 -52.49 37.52
N SER L 353 41.06 -53.00 36.64
CA SER L 353 42.42 -53.35 37.00
C SER L 353 43.38 -52.25 36.57
N ALA L 354 44.67 -52.47 36.84
CA ALA L 354 45.68 -51.49 36.43
C ALA L 354 45.90 -51.50 34.93
N ASN L 355 45.81 -52.68 34.29
CA ASN L 355 46.01 -52.75 32.84
C ASN L 355 44.93 -51.98 32.09
N ASP L 356 43.71 -51.96 32.63
CA ASP L 356 42.63 -51.27 31.95
C ASP L 356 42.87 -49.77 31.91
N LEU L 357 43.25 -49.18 33.04
CA LEU L 357 43.57 -47.75 33.05
C LEU L 357 44.82 -47.45 32.24
N MET L 358 45.85 -48.29 32.36
CA MET L 358 47.10 -48.08 31.65
C MET L 358 47.05 -48.59 30.22
N ASN L 359 45.89 -49.07 29.76
CA ASN L 359 45.66 -49.43 28.36
C ASN L 359 46.58 -50.55 27.90
N HIS L 360 46.97 -51.44 28.80
CA HIS L 360 47.79 -52.59 28.40
C HIS L 360 47.04 -53.49 27.43
N ASN L 361 45.76 -53.76 27.71
CA ASN L 361 44.96 -54.62 26.86
C ASN L 361 44.48 -53.94 25.59
N GLY L 362 44.60 -52.62 25.49
CA GLY L 362 44.15 -51.90 24.32
C GLY L 362 42.68 -51.57 24.30
N HIS L 363 41.95 -51.82 25.38
CA HIS L 363 40.52 -51.53 25.48
C HIS L 363 40.22 -50.74 26.74
N TYR L 364 40.98 -49.66 26.95
CA TYR L 364 40.72 -48.75 28.08
C TYR L 364 39.27 -48.28 28.08
N ARG L 365 38.69 -48.08 26.89
CA ARG L 365 37.31 -47.63 26.80
C ARG L 365 36.32 -48.67 27.29
N ASP L 366 36.72 -49.92 27.47
CA ASP L 366 35.81 -50.93 28.00
C ASP L 366 35.42 -50.60 29.44
N ILE L 367 36.28 -49.88 30.16
CA ILE L 367 35.92 -49.41 31.50
C ILE L 367 34.64 -48.59 31.43
N TYR L 368 34.62 -47.59 30.55
CA TYR L 368 33.45 -46.74 30.44
C TYR L 368 32.30 -47.45 29.76
N ARG L 369 32.59 -48.41 28.88
CA ARG L 369 31.53 -49.21 28.28
C ARG L 369 30.75 -49.97 29.35
N ARG L 370 31.44 -50.72 30.20
CA ARG L 370 30.75 -51.48 31.23
C ARG L 370 30.23 -50.57 32.33
N LEU L 371 30.87 -49.43 32.55
CA LEU L 371 30.33 -48.46 33.50
C LEU L 371 28.99 -47.91 33.02
N SER L 372 28.88 -47.60 31.72
CA SER L 372 27.61 -47.14 31.17
C SER L 372 26.58 -48.25 31.17
N GLN L 373 27.00 -49.49 30.92
CA GLN L 373 26.07 -50.62 30.97
C GLN L 373 25.49 -50.78 32.38
N LYS L 374 26.35 -50.75 33.40
CA LYS L 374 25.88 -50.87 34.78
C LYS L 374 25.02 -49.68 35.17
N THR L 375 25.40 -48.48 34.72
CA THR L 375 24.62 -47.29 35.01
C THR L 375 23.21 -47.39 34.43
N SER L 376 23.11 -47.83 33.16
CA SER L 376 21.80 -48.00 32.55
C SER L 376 21.01 -49.11 33.24
N ALA L 377 21.67 -50.19 33.61
CA ALA L 377 20.98 -51.28 34.31
C ALA L 377 20.39 -50.81 35.62
N LYS L 378 21.15 -50.02 36.38
CA LYS L 378 20.61 -49.50 37.64
C LYS L 378 19.59 -48.40 37.40
N LYS L 379 19.69 -47.69 36.27
CA LYS L 379 18.72 -46.66 35.94
C LYS L 379 17.41 -47.24 35.43
N ALA L 380 17.40 -48.52 35.04
CA ALA L 380 16.17 -49.18 34.61
C ALA L 380 15.44 -49.81 35.79
N ASN L 381 16.09 -50.74 36.49
CA ASN L 381 15.53 -51.35 37.70
C ASN L 381 15.97 -50.53 38.92
N ARG L 382 15.41 -49.32 38.99
CA ARG L 382 15.92 -48.32 39.95
C ARG L 382 15.59 -48.70 41.39
N TYR L 383 14.42 -49.26 41.65
CA TYR L 383 13.93 -49.41 43.00
C TYR L 383 13.49 -50.85 43.24
N THR L 384 13.63 -51.29 44.49
CA THR L 384 13.21 -52.61 44.91
C THR L 384 11.71 -52.61 45.25
N ALA L 385 11.13 -53.80 45.34
CA ALA L 385 9.70 -53.88 45.63
C ALA L 385 9.44 -53.75 47.12
N GLU L 386 10.07 -52.77 47.74
CA GLU L 386 9.73 -52.20 49.04
C GLU L 386 9.71 -50.69 48.98
N GLU L 387 10.62 -50.09 48.21
CA GLU L 387 10.57 -48.65 47.99
C GLU L 387 9.31 -48.26 47.23
N ILE L 388 8.89 -49.08 46.26
CA ILE L 388 7.65 -48.80 45.54
C ILE L 388 6.46 -48.91 46.47
N LEU L 389 6.45 -49.93 47.34
CA LEU L 389 5.38 -50.05 48.32
C LEU L 389 5.34 -48.83 49.23
N ASN L 390 6.52 -48.37 49.68
CA ASN L 390 6.57 -47.17 50.51
C ASN L 390 6.07 -45.95 49.75
N LEU L 391 6.43 -45.84 48.47
CA LEU L 391 5.96 -44.72 47.67
C LEU L 391 4.45 -44.70 47.54
N ASN L 392 3.85 -45.86 47.29
CA ASN L 392 2.41 -45.93 47.12
C ASN L 392 1.64 -45.87 48.43
N HIS L 393 2.27 -46.22 49.55
CA HIS L 393 1.61 -46.15 50.86
C HIS L 393 1.79 -44.79 51.52
N GLN L 394 2.88 -44.09 51.23
CA GLN L 394 3.05 -42.71 51.68
C GLN L 394 2.33 -41.79 50.72
N GLY L 395 1.07 -42.09 50.44
CA GLY L 395 0.24 -41.28 49.59
C GLY L 395 -0.98 -40.80 50.36
N THR L 396 -1.21 -39.49 50.35
CA THR L 396 -2.27 -38.89 51.15
C THR L 396 -3.06 -37.94 50.27
N GLU L 397 -4.38 -37.90 50.49
CA GLU L 397 -5.24 -36.98 49.76
C GLU L 397 -5.12 -35.59 50.38
N ASN L 398 -4.72 -34.62 49.59
CA ASN L 398 -4.49 -33.28 50.08
C ASN L 398 -5.39 -32.27 49.37
N ALA L 399 -5.50 -31.09 49.96
CA ALA L 399 -6.17 -29.96 49.35
C ALA L 399 -5.19 -28.90 48.84
N ARG L 400 -4.12 -28.65 49.58
CA ARG L 400 -3.09 -27.71 49.19
C ARG L 400 -1.96 -28.43 48.47
N GLU L 401 -1.17 -27.66 47.73
CA GLU L 401 -0.01 -28.19 47.05
C GLU L 401 0.96 -27.06 46.76
N CYS L 402 2.21 -27.43 46.50
CA CYS L 402 3.25 -26.46 46.16
C CYS L 402 2.89 -25.71 44.89
N ARG L 403 3.24 -24.42 44.86
CA ARG L 403 2.94 -23.60 43.69
C ARG L 403 3.74 -24.04 42.48
N GLU L 404 5.05 -24.25 42.65
CA GLU L 404 5.93 -24.65 41.56
C GLU L 404 6.11 -26.17 41.51
N CYS L 405 6.68 -26.74 42.58
CA CYS L 405 6.91 -28.17 42.69
C CYS L 405 5.64 -29.00 42.74
N LYS L 406 4.48 -28.40 42.99
CA LYS L 406 3.18 -29.07 42.89
C LYS L 406 3.14 -30.37 43.69
N ARG L 407 3.82 -30.39 44.83
CA ARG L 407 3.85 -31.54 45.70
C ARG L 407 3.14 -31.21 47.00
N SER L 408 2.36 -32.18 47.50
CA SER L 408 1.55 -31.97 48.68
C SER L 408 2.24 -32.36 49.98
N ASP L 409 3.41 -32.97 49.91
CA ASP L 409 4.21 -33.26 51.09
C ASP L 409 5.38 -32.30 51.17
N LEU L 410 5.97 -32.21 52.37
CA LEU L 410 7.00 -31.22 52.67
C LEU L 410 6.49 -29.81 52.41
N LEU L 411 5.23 -29.56 52.74
CA LEU L 411 4.60 -28.28 52.49
C LEU L 411 4.73 -27.39 53.72
N ILE L 412 5.24 -26.18 53.50
CA ILE L 412 5.36 -25.22 54.60
C ILE L 412 3.97 -24.89 55.14
N GLU L 413 3.88 -24.69 56.45
CA GLU L 413 2.58 -24.59 57.11
C GLU L 413 1.82 -23.34 56.66
N GLU L 414 2.51 -22.21 56.50
CA GLU L 414 1.81 -20.96 56.25
C GLU L 414 1.64 -20.64 54.77
N ASP L 415 2.37 -21.31 53.88
CA ASP L 415 2.31 -20.99 52.46
C ASP L 415 2.23 -22.27 51.64
N ASP L 416 1.65 -22.14 50.44
CA ASP L 416 1.59 -23.25 49.49
C ASP L 416 2.88 -23.27 48.68
N ILE L 417 3.96 -23.66 49.37
CA ILE L 417 5.29 -23.74 48.78
C ILE L 417 6.05 -24.82 49.53
N CYS L 418 6.88 -25.56 48.80
CA CYS L 418 7.53 -26.71 49.42
C CYS L 418 8.88 -26.33 50.00
N GLU L 419 9.36 -27.17 50.94
CA GLU L 419 10.57 -26.84 51.67
C GLU L 419 11.73 -26.57 50.72
N ILE L 420 11.91 -27.44 49.72
CA ILE L 420 12.82 -27.14 48.62
C ILE L 420 12.38 -25.85 47.93
N CYS L 421 11.07 -25.69 47.77
CA CYS L 421 10.49 -24.66 46.91
C CYS L 421 10.55 -23.26 47.52
N ASP L 422 10.82 -23.15 48.81
CA ASP L 422 11.12 -21.86 49.41
C ASP L 422 12.57 -21.73 49.86
N SER L 423 13.24 -22.85 50.16
CA SER L 423 14.66 -22.79 50.45
C SER L 423 15.45 -22.31 49.23
N LEU L 424 15.13 -22.83 48.05
CA LEU L 424 15.74 -22.26 46.84
C LEU L 424 14.90 -21.13 46.25
N GLN L 425 14.45 -20.25 47.11
CA GLN L 425 14.08 -18.87 46.88
C GLN L 425 14.79 -17.97 47.89
N LYS L 426 14.90 -18.44 49.13
CA LYS L 426 15.75 -17.76 50.10
C LYS L 426 17.20 -17.72 49.64
N VAL L 427 17.70 -18.83 49.09
CA VAL L 427 19.10 -18.82 48.63
C VAL L 427 19.24 -17.93 47.40
N SER L 428 18.25 -17.96 46.49
CA SER L 428 18.33 -17.11 45.31
C SER L 428 18.33 -15.64 45.70
N ARG L 429 17.55 -15.28 46.71
CA ARG L 429 17.62 -13.92 47.26
C ARG L 429 18.99 -13.65 47.87
N ASP L 430 19.55 -14.65 48.55
CA ASP L 430 20.83 -14.49 49.25
C ASP L 430 22.04 -14.84 48.39
N LEU L 431 21.84 -15.18 47.11
CA LEU L 431 22.94 -15.56 46.23
C LEU L 431 23.44 -14.32 45.52
N THR L 432 24.58 -13.79 45.98
CA THR L 432 25.22 -12.65 45.34
C THR L 432 26.68 -12.98 45.05
N ARG L 433 27.45 -11.99 44.59
CA ARG L 433 28.87 -12.19 44.38
C ARG L 433 29.60 -12.14 45.72
N GLU L 434 30.92 -12.39 45.66
CA GLU L 434 31.81 -12.48 46.82
C GLU L 434 31.17 -13.25 47.98
N ASN L 435 30.44 -14.31 47.64
CA ASN L 435 29.73 -15.12 48.61
C ASN L 435 30.34 -16.51 48.67
N ILE L 436 30.36 -17.10 49.86
CA ILE L 436 30.83 -18.46 50.05
C ILE L 436 29.64 -19.33 50.41
N PHE L 437 29.88 -20.65 50.49
CA PHE L 437 28.84 -21.62 50.79
C PHE L 437 29.32 -22.54 51.90
N VAL L 438 28.49 -22.70 52.92
CA VAL L 438 28.84 -23.50 54.10
C VAL L 438 27.82 -24.62 54.25
N ILE L 439 28.27 -25.73 54.83
CA ILE L 439 27.44 -26.91 55.03
C ILE L 439 27.53 -27.27 56.51
N ALA L 440 26.57 -26.79 57.30
CA ALA L 440 26.52 -27.03 58.74
C ALA L 440 25.20 -27.68 59.10
N ASN L 441 25.11 -28.14 60.36
CA ASN L 441 23.89 -28.78 60.83
C ASN L 441 22.69 -27.83 60.74
N GLU L 442 22.94 -26.53 60.83
CA GLU L 442 21.92 -25.51 60.64
C GLU L 442 22.15 -24.82 59.31
N GLY L 443 21.11 -24.74 58.50
CA GLY L 443 21.23 -24.15 57.19
C GLY L 443 19.89 -23.75 56.62
N VAL L 444 19.84 -23.68 55.29
CA VAL L 444 18.63 -23.28 54.59
C VAL L 444 18.22 -24.32 53.54
N LEU L 445 19.17 -24.80 52.75
CA LEU L 445 18.93 -25.88 51.79
C LEU L 445 19.32 -27.22 52.42
N ASP L 446 18.40 -28.17 52.33
CA ASP L 446 18.66 -29.50 52.87
C ASP L 446 19.76 -30.20 52.08
N MET L 447 20.56 -30.99 52.78
CA MET L 447 21.59 -31.85 52.23
C MET L 447 21.47 -33.24 52.81
N PRO L 448 21.93 -34.26 52.10
CA PRO L 448 21.84 -35.63 52.62
C PRO L 448 22.71 -35.79 53.87
N PHE L 449 22.50 -36.93 54.54
CA PHE L 449 23.27 -37.31 55.72
C PHE L 449 23.13 -36.30 56.84
N GLY L 450 21.91 -35.76 56.99
CA GLY L 450 21.57 -34.91 58.11
C GLY L 450 22.29 -33.58 58.18
N LYS L 451 22.60 -32.98 57.04
CA LYS L 451 23.24 -31.67 57.00
C LYS L 451 22.38 -30.70 56.20
N LYS L 452 22.75 -29.42 56.29
CA LYS L 452 22.10 -28.37 55.52
C LYS L 452 23.15 -27.38 55.05
N MET L 453 22.83 -26.66 53.99
CA MET L 453 23.78 -25.76 53.36
C MET L 453 23.25 -24.34 53.39
N SER L 454 24.16 -23.38 53.50
CA SER L 454 23.84 -21.96 53.47
C SER L 454 24.81 -21.26 52.53
N ALA L 455 24.41 -20.07 52.08
CA ALA L 455 25.19 -19.24 51.17
C ALA L 455 25.66 -17.96 51.84
N LEU L 456 26.15 -18.10 53.07
CA LEU L 456 26.54 -16.95 53.88
C LEU L 456 27.77 -16.26 53.29
N SER L 457 27.95 -15.00 53.68
CA SER L 457 29.08 -14.23 53.19
C SER L 457 30.37 -14.66 53.89
N TYR L 458 31.49 -14.24 53.31
CA TYR L 458 32.79 -14.57 53.87
C TYR L 458 33.02 -13.91 55.22
N SER L 459 32.39 -12.76 55.46
CA SER L 459 32.58 -12.05 56.72
C SER L 459 32.10 -12.87 57.90
N GLN L 460 30.96 -13.55 57.75
CA GLN L 460 30.38 -14.34 58.83
C GLN L 460 31.05 -15.70 58.98
N ALA L 461 31.95 -16.06 58.08
CA ALA L 461 32.57 -17.39 58.14
C ALA L 461 33.41 -17.56 59.40
N ASP L 462 34.16 -16.52 59.77
CA ASP L 462 35.05 -16.63 60.93
C ASP L 462 34.27 -16.90 62.22
N LYS L 463 33.15 -16.20 62.40
CA LYS L 463 32.33 -16.39 63.59
C LYS L 463 31.40 -17.59 63.48
N LEU L 464 31.33 -18.22 62.31
CA LEU L 464 30.44 -19.36 62.12
C LEU L 464 31.06 -20.68 62.56
N LYS L 465 32.35 -20.87 62.29
CA LYS L 465 33.03 -22.12 62.63
C LYS L 465 33.04 -22.37 64.13
N LYS L 466 33.75 -21.52 64.87
CA LYS L 466 33.88 -21.66 66.33
C LYS L 466 34.31 -23.07 66.73
N SER L 467 35.23 -23.64 65.95
CA SER L 467 35.74 -24.99 66.17
C SER L 467 34.60 -26.01 66.15
N ASN L 468 33.93 -26.10 65.01
CA ASN L 468 32.81 -27.02 64.81
C ASN L 468 33.21 -28.25 63.99
N ALA L 469 34.44 -28.74 64.18
CA ALA L 469 34.94 -29.91 63.48
C ALA L 469 34.92 -29.71 61.96
N GLU L 470 33.86 -30.19 61.32
CA GLU L 470 33.71 -30.09 59.87
C GLU L 470 32.59 -29.12 59.54
N VAL L 471 32.92 -28.09 58.76
CA VAL L 471 31.91 -27.13 58.29
C VAL L 471 31.79 -27.12 56.77
N GLN L 472 32.79 -27.61 56.03
CA GLN L 472 32.73 -27.76 54.58
C GLN L 472 32.45 -26.41 53.91
N ILE L 473 33.41 -25.51 54.05
CA ILE L 473 33.32 -24.20 53.41
C ILE L 473 33.56 -24.34 51.93
N TYR L 474 32.64 -23.79 51.12
CA TYR L 474 32.76 -23.80 49.67
C TYR L 474 32.80 -22.36 49.18
N ALA L 475 33.76 -22.06 48.32
CA ALA L 475 33.99 -20.70 47.85
C ALA L 475 34.15 -20.68 46.34
N LYS L 476 33.69 -19.58 45.72
CA LYS L 476 33.87 -19.41 44.29
C LYS L 476 35.32 -19.05 43.95
N ASN L 477 35.93 -18.17 44.75
CA ASN L 477 37.30 -17.75 44.54
C ASN L 477 38.14 -18.09 45.77
N ILE L 478 39.40 -18.43 45.53
CA ILE L 478 40.32 -18.82 46.59
C ILE L 478 41.55 -17.94 46.52
N SER L 479 41.85 -17.25 47.61
CA SER L 479 43.09 -16.51 47.79
C SER L 479 43.65 -16.82 49.16
N GLU L 480 44.99 -16.78 49.26
CA GLU L 480 45.69 -17.24 50.46
C GLU L 480 45.33 -18.69 50.76
N ILE L 481 45.73 -19.56 49.81
CA ILE L 481 45.26 -20.94 49.78
C ILE L 481 45.59 -21.66 51.08
N GLY L 482 46.79 -21.45 51.61
CA GLY L 482 47.22 -22.15 52.81
C GLY L 482 46.31 -22.00 54.01
N GLN L 483 46.11 -20.78 54.47
CA GLN L 483 45.20 -20.54 55.58
C GLN L 483 43.76 -20.51 55.09
N ASN L 484 42.83 -20.67 56.04
CA ASN L 484 41.40 -20.60 55.78
C ASN L 484 41.00 -21.65 54.73
N LEU L 485 41.15 -22.91 55.13
CA LEU L 485 40.91 -24.03 54.22
C LEU L 485 39.50 -23.98 53.66
N MET L 486 39.40 -24.09 52.34
CA MET L 486 38.12 -24.04 51.64
C MET L 486 38.18 -24.95 50.43
N THR L 487 37.02 -25.46 50.02
CA THR L 487 36.90 -26.27 48.82
C THR L 487 36.34 -25.40 47.70
N ARG L 488 37.09 -25.28 46.61
CA ARG L 488 36.70 -24.41 45.52
C ARG L 488 35.69 -25.09 44.60
N ILE L 489 34.60 -24.41 44.32
CA ILE L 489 33.54 -24.90 43.45
C ILE L 489 33.30 -23.87 42.36
N ASP L 490 33.20 -24.33 41.12
CA ASP L 490 32.97 -23.46 39.96
C ASP L 490 31.62 -23.76 39.33
N MET L 491 30.98 -22.72 38.83
CA MET L 491 29.70 -22.82 38.12
C MET L 491 29.38 -21.44 37.56
N GLY L 492 28.37 -21.40 36.69
CA GLY L 492 27.95 -20.15 36.10
C GLY L 492 27.32 -19.19 37.10
N ASP L 493 28.03 -18.10 37.42
CA ASP L 493 27.58 -17.17 38.45
C ASP L 493 27.76 -15.72 37.99
N TYR L 494 27.38 -15.42 36.75
CA TYR L 494 27.39 -14.05 36.26
C TYR L 494 25.98 -13.48 36.38
N THR L 495 25.79 -12.56 37.33
CA THR L 495 24.48 -11.97 37.62
C THR L 495 24.62 -10.45 37.60
N TYR L 496 24.45 -9.86 36.43
CA TYR L 496 24.48 -8.40 36.34
C TYR L 496 23.34 -7.78 37.13
N ARG L 497 22.14 -8.35 37.04
CA ARG L 497 21.01 -7.93 37.85
C ARG L 497 20.04 -9.10 37.94
N SER L 498 19.61 -9.42 39.16
CA SER L 498 18.85 -10.62 39.45
C SER L 498 17.35 -10.36 39.52
N ASP L 499 16.82 -9.45 38.70
CA ASP L 499 15.41 -9.14 38.70
C ASP L 499 14.72 -9.38 37.35
N PHE L 500 15.47 -9.33 36.25
CA PHE L 500 15.01 -9.65 34.89
C PHE L 500 14.03 -8.63 34.33
N HIS L 501 13.60 -7.63 35.11
CA HIS L 501 12.72 -6.59 34.62
C HIS L 501 13.47 -5.28 34.39
N GLU L 502 14.14 -4.76 35.42
CA GLU L 502 15.07 -3.67 35.18
C GLU L 502 16.28 -4.13 34.38
N MET L 503 16.53 -5.45 34.37
CA MET L 503 17.50 -6.02 33.45
C MET L 503 17.08 -5.79 32.00
N LEU L 504 15.80 -6.00 31.71
CA LEU L 504 15.30 -5.83 30.35
C LEU L 504 15.13 -4.36 29.99
N GLU L 505 14.69 -3.53 30.92
CA GLU L 505 14.42 -2.12 30.60
C GLU L 505 15.67 -1.25 30.81
N GLU L 506 16.79 -1.73 30.27
CA GLU L 506 18.00 -0.93 30.18
C GLU L 506 18.32 -0.52 28.75
N VAL L 507 17.74 -1.21 27.77
CA VAL L 507 17.91 -0.86 26.37
C VAL L 507 17.07 0.37 26.05
N GLU L 508 17.49 1.14 25.05
CA GLU L 508 16.75 2.30 24.59
C GLU L 508 16.04 2.07 23.27
N VAL L 509 16.71 1.44 22.31
CA VAL L 509 16.09 1.04 21.05
C VAL L 509 16.23 -0.46 20.93
N GLY L 510 15.09 -1.15 20.78
CA GLY L 510 15.11 -2.60 20.72
C GLY L 510 13.72 -3.17 20.86
N ILE L 511 13.64 -4.35 21.46
CA ILE L 511 12.38 -5.06 21.65
C ILE L 511 12.26 -5.49 23.10
N ASN L 512 11.01 -5.62 23.56
CA ASN L 512 10.72 -6.05 24.92
C ASN L 512 10.52 -7.56 25.01
N ARG L 513 11.49 -8.31 24.49
CA ARG L 513 11.45 -9.76 24.49
C ARG L 513 12.61 -10.31 25.32
N LEU L 514 12.41 -11.51 25.85
CA LEU L 514 13.42 -12.18 26.67
C LEU L 514 14.07 -13.28 25.84
N GLY L 515 15.36 -13.12 25.57
CA GLY L 515 16.11 -14.08 24.77
C GLY L 515 16.87 -15.05 25.66
N VAL L 516 16.93 -16.31 25.22
CA VAL L 516 17.60 -17.37 25.96
C VAL L 516 18.53 -18.12 25.03
N LEU L 517 19.49 -18.82 25.62
CA LEU L 517 20.47 -19.59 24.87
C LEU L 517 20.63 -20.98 25.48
N ARG L 518 20.65 -22.00 24.62
CA ARG L 518 20.89 -23.39 25.01
C ARG L 518 21.97 -23.96 24.12
N ALA L 519 23.23 -23.87 24.56
CA ALA L 519 24.37 -24.32 23.79
C ALA L 519 24.82 -25.68 24.29
N ASP L 520 24.83 -26.68 23.40
CA ASP L 520 25.23 -28.03 23.72
C ASP L 520 26.34 -28.46 22.76
N VAL L 521 27.46 -28.92 23.32
CA VAL L 521 28.57 -29.40 22.49
C VAL L 521 28.15 -30.67 21.77
N ASP L 522 28.42 -30.71 20.47
CA ASP L 522 28.00 -31.82 19.63
C ASP L 522 29.03 -32.94 19.68
N ASN L 523 28.55 -34.17 19.86
CA ASN L 523 29.39 -35.37 19.82
C ASN L 523 30.53 -35.32 20.83
N LEU L 524 30.25 -34.79 22.02
CA LEU L 524 31.23 -34.89 23.10
C LEU L 524 31.32 -36.31 23.62
N GLY L 525 30.17 -36.97 23.77
CA GLY L 525 30.19 -38.38 24.17
C GLY L 525 30.95 -39.24 23.17
N GLN L 526 30.78 -38.96 21.87
CA GLN L 526 31.58 -39.65 20.88
C GLN L 526 33.04 -39.21 20.91
N ALA L 527 33.30 -37.94 21.25
CA ALA L 527 34.67 -37.50 21.42
C ALA L 527 35.37 -38.20 22.58
N PHE L 528 34.61 -38.72 23.53
CA PHE L 528 35.16 -39.52 24.61
C PHE L 528 35.23 -41.00 24.25
N ILE L 529 34.23 -41.50 23.53
CA ILE L 529 34.21 -42.92 23.17
C ILE L 529 35.31 -43.25 22.17
N ASN L 530 35.44 -42.44 21.12
CA ASN L 530 36.45 -42.69 20.10
C ASN L 530 37.15 -41.44 19.58
N GLY L 531 36.84 -40.26 20.12
CA GLY L 531 37.50 -39.05 19.63
C GLY L 531 38.97 -39.02 19.97
N ILE L 532 39.32 -39.37 21.21
CA ILE L 532 40.73 -39.40 21.61
C ILE L 532 41.41 -40.61 20.98
N PRO L 533 42.63 -40.47 20.44
CA PRO L 533 43.28 -41.62 19.79
C PRO L 533 43.50 -42.77 20.76
N ASP L 534 43.38 -43.99 20.23
CA ASP L 534 43.61 -45.18 21.04
C ASP L 534 45.07 -45.26 21.49
N ASP L 535 46.00 -44.91 20.61
CA ASP L 535 47.41 -44.93 20.99
C ASP L 535 47.70 -43.95 22.12
N TYR L 536 47.09 -42.76 22.07
CA TYR L 536 47.24 -41.77 23.12
C TYR L 536 46.04 -41.85 24.07
N LEU L 537 45.96 -42.97 24.78
CA LEU L 537 44.89 -43.21 25.75
C LEU L 537 45.53 -43.40 27.13
N SER L 538 45.22 -42.49 28.04
CA SER L 538 45.72 -42.57 29.40
C SER L 538 44.69 -41.97 30.35
N ILE L 539 44.77 -42.38 31.61
CA ILE L 539 43.90 -41.79 32.63
C ILE L 539 44.20 -40.31 32.81
N SER L 540 45.50 -39.95 32.80
CA SER L 540 45.88 -38.56 32.96
C SER L 540 45.41 -37.71 31.78
N ARG L 541 45.51 -38.23 30.56
CA ARG L 541 45.08 -37.47 29.40
C ARG L 541 43.56 -37.28 29.37
N THR L 542 42.82 -38.34 29.68
CA THR L 542 41.36 -38.22 29.75
C THR L 542 40.95 -37.24 30.85
N ALA L 543 41.60 -37.31 32.00
CA ALA L 543 41.32 -36.37 33.07
C ALA L 543 41.66 -34.94 32.65
N THR L 544 42.78 -34.77 31.94
CA THR L 544 43.15 -33.45 31.45
C THR L 544 42.09 -32.88 30.52
N PHE L 545 41.62 -33.70 29.56
CA PHE L 545 40.59 -33.23 28.64
C PHE L 545 39.30 -32.89 29.40
N SER L 546 38.90 -33.74 30.34
CA SER L 546 37.67 -33.49 31.09
C SER L 546 37.76 -32.21 31.89
N ARG L 547 38.87 -32.02 32.61
CA ARG L 547 39.02 -30.83 33.44
C ARG L 547 39.17 -29.59 32.58
N ALA L 548 39.84 -29.70 31.43
CA ALA L 548 39.94 -28.56 30.52
C ALA L 548 38.57 -28.14 30.02
N MET L 549 37.73 -29.11 29.64
CA MET L 549 36.38 -28.77 29.17
C MET L 549 35.55 -28.15 30.28
N SER L 550 35.60 -28.72 31.48
CA SER L 550 34.81 -28.19 32.60
C SER L 550 35.27 -26.79 32.98
N ARG L 551 36.58 -26.59 33.08
CA ARG L 551 37.12 -25.27 33.39
C ARG L 551 36.75 -24.27 32.32
N PHE L 552 36.92 -24.64 31.05
CA PHE L 552 36.45 -23.83 29.94
C PHE L 552 35.03 -23.36 30.22
N PHE L 553 34.08 -24.30 30.31
CA PHE L 553 32.69 -23.94 30.47
C PHE L 553 32.50 -23.00 31.65
N LYS L 554 32.70 -23.50 32.86
CA LYS L 554 32.39 -22.70 34.05
C LYS L 554 33.22 -21.44 34.12
N ASN L 555 34.53 -21.61 34.29
CA ASN L 555 35.42 -20.48 34.56
C ASN L 555 35.41 -19.49 33.40
N TYR L 556 35.61 -19.98 32.18
CA TYR L 556 35.74 -19.02 31.08
C TYR L 556 34.40 -18.40 30.70
N LEU L 557 33.26 -19.07 30.89
CA LEU L 557 32.01 -18.36 30.71
C LEU L 557 31.91 -17.21 31.69
N ASN L 558 32.25 -17.47 32.96
CA ASN L 558 32.23 -16.41 33.96
C ASN L 558 33.15 -15.26 33.55
N GLN L 559 34.39 -15.57 33.16
CA GLN L 559 35.36 -14.53 32.84
C GLN L 559 34.99 -13.78 31.57
N LEU L 560 34.48 -14.50 30.56
CA LEU L 560 34.09 -13.86 29.31
C LEU L 560 32.93 -12.91 29.52
N LEU L 561 31.98 -13.27 30.37
CA LEU L 561 30.91 -12.34 30.69
C LEU L 561 31.40 -11.18 31.55
N ALA L 562 32.36 -11.43 32.44
CA ALA L 562 32.88 -10.38 33.30
C ALA L 562 33.91 -9.48 32.61
N GLU L 563 34.32 -9.83 31.39
CA GLU L 563 35.33 -9.03 30.70
C GLU L 563 34.82 -7.61 30.42
N LYS L 564 33.58 -7.50 29.95
CA LYS L 564 32.95 -6.20 29.74
C LYS L 564 31.47 -6.33 30.04
N SER L 565 30.74 -5.23 29.88
CA SER L 565 29.36 -5.14 30.33
C SER L 565 28.43 -5.98 29.47
N TYR L 566 28.07 -7.17 29.96
CA TYR L 566 27.07 -8.02 29.33
C TYR L 566 25.82 -8.09 30.20
N LYS L 567 24.67 -7.97 29.56
CA LYS L 567 23.38 -8.09 30.24
C LYS L 567 22.89 -9.53 30.20
N ILE L 568 23.67 -10.41 30.84
CA ILE L 568 23.37 -11.83 30.90
C ILE L 568 23.35 -12.28 32.36
N ASN L 569 22.44 -13.18 32.68
CA ASN L 569 22.18 -13.66 34.04
C ASN L 569 22.24 -15.18 34.07
N VAL L 570 23.36 -15.73 33.57
CA VAL L 570 23.56 -17.14 33.29
C VAL L 570 22.97 -18.05 34.37
N ILE L 571 22.16 -19.01 33.95
CA ILE L 571 21.54 -19.95 34.87
C ILE L 571 22.43 -21.17 35.11
N TYR L 572 22.99 -21.75 34.06
CA TYR L 572 23.76 -22.96 34.20
C TYR L 572 24.87 -23.02 33.16
N ALA L 573 26.07 -23.35 33.61
CA ALA L 573 27.17 -23.67 32.71
C ALA L 573 27.59 -25.13 32.83
N GLY L 574 28.00 -25.56 34.02
CA GLY L 574 28.36 -26.94 34.28
C GLY L 574 29.27 -27.57 33.25
N GLY L 575 28.76 -28.59 32.55
CA GLY L 575 29.54 -29.27 31.54
C GLY L 575 28.70 -29.76 30.38
N ASP L 576 29.17 -29.49 29.15
CA ASP L 576 28.56 -29.92 27.89
C ASP L 576 27.25 -29.18 27.61
N ASP L 577 26.78 -28.34 28.52
CA ASP L 577 25.50 -27.67 28.37
C ASP L 577 25.65 -26.20 28.73
N LEU L 578 24.62 -25.43 28.39
CA LEU L 578 24.65 -24.00 28.67
C LEU L 578 23.22 -23.47 28.65
N PHE L 579 22.87 -22.69 29.67
CA PHE L 579 21.60 -21.98 29.74
C PHE L 579 21.88 -20.52 30.06
N MET L 580 21.19 -19.63 29.37
CA MET L 580 21.38 -18.20 29.57
C MET L 580 20.05 -17.48 29.40
N ILE L 581 19.85 -16.44 30.21
CA ILE L 581 18.71 -15.55 30.07
C ILE L 581 19.20 -14.12 30.23
N GLY L 582 18.82 -13.25 29.29
CA GLY L 582 19.27 -11.87 29.35
C GLY L 582 18.62 -11.07 28.24
N ALA L 583 19.20 -9.89 27.99
CA ALA L 583 18.70 -9.03 26.92
C ALA L 583 18.78 -9.75 25.58
N TRP L 584 17.75 -9.54 24.76
CA TRP L 584 17.65 -10.24 23.48
C TRP L 584 18.88 -9.97 22.61
N GLN L 585 19.21 -8.69 22.42
CA GLN L 585 20.38 -8.35 21.63
C GLN L 585 21.66 -8.84 22.27
N ASP L 586 21.70 -8.91 23.60
CA ASP L 586 22.86 -9.50 24.27
C ASP L 586 22.99 -10.98 23.95
N ILE L 587 21.87 -11.72 23.93
CA ILE L 587 21.92 -13.12 23.54
C ILE L 587 22.44 -13.26 22.11
N LEU L 588 21.90 -12.45 21.20
CA LEU L 588 22.30 -12.53 19.80
C LEU L 588 23.78 -12.21 19.61
N ASP L 589 24.27 -11.16 20.25
CA ASP L 589 25.66 -10.77 20.02
C ASP L 589 26.65 -11.56 20.88
N PHE L 590 26.16 -12.31 21.87
CA PHE L 590 27.03 -13.23 22.61
C PHE L 590 27.03 -14.63 22.03
N SER L 591 26.05 -14.98 21.19
CA SER L 591 26.11 -16.27 20.50
C SER L 591 27.36 -16.36 19.61
N ILE L 592 27.66 -15.28 18.88
CA ILE L 592 28.85 -15.25 18.03
C ILE L 592 30.12 -15.29 18.89
N VAL L 593 30.12 -14.57 20.00
CA VAL L 593 31.28 -14.60 20.90
C VAL L 593 31.49 -16.02 21.43
N LEU L 594 30.40 -16.69 21.80
CA LEU L 594 30.50 -18.06 22.30
C LEU L 594 31.04 -19.00 21.22
N LYS L 595 30.53 -18.88 19.98
CA LYS L 595 31.00 -19.78 18.93
C LYS L 595 32.48 -19.55 18.63
N GLN L 596 32.91 -18.28 18.54
CA GLN L 596 34.30 -18.02 18.22
C GLN L 596 35.23 -18.44 19.36
N LYS L 597 34.80 -18.25 20.60
CA LYS L 597 35.62 -18.66 21.73
C LYS L 597 35.70 -20.17 21.83
N PHE L 598 34.61 -20.88 21.55
CA PHE L 598 34.64 -22.34 21.53
C PHE L 598 35.56 -22.84 20.42
N ALA L 599 35.49 -22.22 19.24
CA ALA L 599 36.36 -22.62 18.15
C ALA L 599 37.83 -22.37 18.50
N ASP L 600 38.11 -21.24 19.16
CA ASP L 600 39.49 -20.94 19.53
C ASP L 600 40.01 -21.90 20.60
N PHE L 601 39.20 -22.20 21.61
CA PHE L 601 39.68 -23.04 22.70
C PHE L 601 39.75 -24.52 22.32
N THR L 602 38.81 -24.98 21.50
CA THR L 602 38.80 -26.38 21.07
C THR L 602 39.51 -26.61 19.75
N GLN L 603 40.10 -25.56 19.17
CA GLN L 603 40.87 -25.67 17.93
C GLN L 603 40.02 -26.24 16.78
N ASN L 604 38.74 -25.85 16.75
CA ASN L 604 37.83 -26.21 15.68
C ASN L 604 37.70 -27.73 15.53
N LYS L 605 37.61 -28.43 16.65
CA LYS L 605 37.46 -29.88 16.64
C LYS L 605 36.08 -30.36 17.08
N LEU L 606 35.38 -29.60 17.93
CA LEU L 606 34.10 -29.99 18.46
C LEU L 606 33.03 -29.01 17.99
N SER L 607 31.92 -29.53 17.49
CA SER L 607 30.81 -28.71 17.03
C SER L 607 29.90 -28.36 18.18
N ILE L 608 29.22 -27.22 18.06
CA ILE L 608 28.30 -26.74 19.08
C ILE L 608 27.00 -26.30 18.41
N SER L 609 25.89 -26.48 19.11
CA SER L 609 24.58 -26.09 18.63
C SER L 609 23.89 -25.26 19.69
N ALA L 610 23.05 -24.32 19.25
CA ALA L 610 22.35 -23.43 20.14
C ALA L 610 20.88 -23.36 19.77
N GLY L 611 20.16 -22.49 20.47
CA GLY L 611 18.77 -22.21 20.18
C GLY L 611 18.30 -21.01 20.97
N ILE L 612 17.68 -20.05 20.29
CA ILE L 612 17.28 -18.78 20.89
C ILE L 612 15.78 -18.63 20.75
N GLY L 613 15.13 -18.19 21.82
CA GLY L 613 13.69 -17.96 21.79
C GLY L 613 13.35 -16.63 22.41
N MET L 614 12.32 -16.00 21.84
CA MET L 614 11.82 -14.73 22.34
C MET L 614 10.59 -14.99 23.20
N PHE L 615 10.58 -14.43 24.42
CA PHE L 615 9.51 -14.66 25.37
C PHE L 615 9.12 -13.35 26.02
N ARG L 616 7.87 -13.29 26.48
CA ARG L 616 7.38 -12.10 27.17
C ARG L 616 7.99 -12.03 28.56
N GLU L 617 7.55 -11.02 29.33
CA GLU L 617 8.04 -10.86 30.70
C GLU L 617 7.36 -11.82 31.67
N LYS L 618 6.27 -12.48 31.28
CA LYS L 618 5.58 -13.41 32.14
C LYS L 618 5.31 -14.74 31.44
N TYR L 619 6.08 -15.06 30.41
CA TYR L 619 5.95 -16.34 29.75
C TYR L 619 6.34 -17.47 30.70
N PRO L 620 5.69 -18.63 30.60
CA PRO L 620 6.04 -19.76 31.48
C PRO L 620 7.48 -20.20 31.25
N VAL L 621 8.26 -20.19 32.33
CA VAL L 621 9.68 -20.50 32.21
C VAL L 621 9.89 -21.98 31.88
N ALA L 622 8.99 -22.85 32.36
CA ALA L 622 9.03 -24.23 31.92
C ALA L 622 8.75 -24.35 30.42
N ARG L 623 7.76 -23.58 29.95
CA ARG L 623 7.50 -23.54 28.51
C ARG L 623 8.66 -22.90 27.76
N MET L 624 9.29 -21.87 28.35
CA MET L 624 10.50 -21.29 27.77
C MET L 624 11.55 -22.36 27.55
N ALA L 625 11.84 -23.14 28.59
CA ALA L 625 12.88 -24.15 28.52
C ALA L 625 12.53 -25.26 27.53
N SER L 626 11.27 -25.70 27.52
CA SER L 626 10.87 -26.76 26.60
C SER L 626 10.95 -26.30 25.15
N LEU L 627 10.47 -25.09 24.86
CA LEU L 627 10.54 -24.57 23.50
C LEU L 627 12.00 -24.35 23.08
N THR L 628 12.83 -23.82 23.97
CA THR L 628 14.23 -23.64 23.62
C THR L 628 14.92 -24.98 23.42
N GLY L 629 14.51 -26.00 24.18
CA GLY L 629 15.07 -27.33 23.98
C GLY L 629 14.69 -27.96 22.65
N ASP L 630 13.42 -27.78 22.23
CA ASP L 630 13.06 -28.38 20.95
C ASP L 630 13.65 -27.59 19.78
N LEU L 631 13.82 -26.27 19.94
CA LEU L 631 14.61 -25.52 18.97
C LEU L 631 16.07 -26.00 18.95
N GLU L 632 16.62 -26.31 20.12
CA GLU L 632 17.97 -26.86 20.17
C GLU L 632 18.05 -28.18 19.43
N ASP L 633 17.04 -29.04 19.60
CA ASP L 633 17.00 -30.30 18.86
C ASP L 633 16.90 -30.06 17.36
N ALA L 634 16.08 -29.10 16.95
CA ALA L 634 15.99 -28.73 15.54
C ALA L 634 17.33 -28.24 15.00
N ALA L 635 18.14 -27.64 15.87
CA ALA L 635 19.51 -27.30 15.49
C ALA L 635 20.42 -28.53 15.47
N LYS L 636 20.12 -29.51 16.31
CA LYS L 636 20.95 -30.72 16.40
C LYS L 636 20.74 -31.63 15.20
N ASP L 637 19.55 -31.62 14.61
CA ASP L 637 19.22 -32.53 13.50
C ASP L 637 19.33 -31.87 12.14
N TYR L 638 20.32 -31.00 11.95
CA TYR L 638 20.50 -30.25 10.72
C TYR L 638 21.34 -31.04 9.73
N LYS L 639 20.88 -31.08 8.48
CA LYS L 639 21.64 -31.69 7.38
C LYS L 639 21.44 -30.88 6.11
N PRO L 640 22.51 -30.36 5.50
CA PRO L 640 22.35 -29.68 4.19
C PRO L 640 21.77 -30.60 3.12
N ASP L 641 22.12 -31.88 3.13
CA ASP L 641 21.60 -32.86 2.18
C ASP L 641 21.19 -34.12 2.92
N GLU L 642 20.13 -34.75 2.44
CA GLU L 642 19.61 -35.98 3.04
C GLU L 642 20.18 -37.23 2.39
N ARG L 643 21.50 -37.31 2.34
CA ARG L 643 22.20 -38.47 1.75
C ARG L 643 23.17 -39.13 2.71
N ALA L 644 23.91 -38.34 3.49
CA ALA L 644 24.90 -38.88 4.41
C ALA L 644 24.24 -39.37 5.70
N VAL L 645 24.87 -40.37 6.31
CA VAL L 645 24.35 -40.91 7.57
C VAL L 645 24.64 -39.93 8.71
N GLN L 646 23.73 -39.89 9.68
CA GLN L 646 23.83 -39.03 10.85
C GLN L 646 23.75 -37.56 10.48
N ALA L 647 23.44 -36.71 11.46
CA ALA L 647 23.33 -35.28 11.21
C ALA L 647 24.64 -34.57 11.49
N THR L 648 24.82 -33.41 10.84
CA THR L 648 26.01 -32.61 11.08
C THR L 648 26.00 -32.02 12.49
N LYS L 649 24.82 -31.74 13.03
CA LYS L 649 24.61 -31.25 14.40
C LYS L 649 25.13 -29.83 14.58
N ASN L 650 25.79 -29.27 13.56
CA ASN L 650 26.45 -27.98 13.67
C ASN L 650 25.52 -26.92 13.08
N ALA L 651 24.59 -26.44 13.91
CA ALA L 651 23.60 -25.48 13.46
C ALA L 651 23.02 -24.75 14.66
N VAL L 652 22.35 -23.64 14.37
CA VAL L 652 21.64 -22.85 15.37
C VAL L 652 20.26 -22.52 14.84
N THR L 653 19.25 -22.68 15.70
CA THR L 653 17.88 -22.30 15.38
C THR L 653 17.60 -20.92 15.96
N LEU L 654 17.04 -20.04 15.14
CA LEU L 654 16.88 -18.63 15.50
C LEU L 654 15.39 -18.33 15.59
N PHE L 655 14.83 -18.52 16.79
CA PHE L 655 13.47 -18.23 17.21
C PHE L 655 12.42 -19.18 16.65
N ASP L 656 12.80 -20.10 15.77
CA ASP L 656 11.84 -21.03 15.20
C ASP L 656 12.52 -22.37 14.95
N ALA L 657 11.78 -23.46 15.13
CA ALA L 657 12.32 -24.78 14.86
C ALA L 657 12.61 -24.99 13.38
N THR L 658 11.81 -24.37 12.50
CA THR L 658 12.03 -24.49 11.07
C THR L 658 13.17 -23.60 10.58
N ASN L 659 13.56 -22.59 11.35
CA ASN L 659 14.61 -21.66 10.95
C ASN L 659 15.96 -22.14 11.49
N VAL L 660 16.46 -23.20 10.86
CA VAL L 660 17.72 -23.81 11.24
C VAL L 660 18.80 -23.20 10.36
N PHE L 661 19.52 -22.22 10.91
CA PHE L 661 20.67 -21.65 10.23
C PHE L 661 21.93 -22.35 10.73
N SER L 662 23.10 -21.92 10.27
CA SER L 662 24.36 -22.58 10.62
C SER L 662 25.26 -21.60 11.37
N TRP L 663 26.48 -22.05 11.65
CA TRP L 663 27.53 -21.20 12.19
C TRP L 663 28.63 -20.91 11.18
N ASP L 664 28.64 -21.61 10.05
CA ASP L 664 29.66 -21.50 9.02
C ASP L 664 29.44 -20.28 8.12
N THR L 665 30.02 -20.31 6.93
CA THR L 665 29.84 -19.26 5.93
C THR L 665 28.39 -18.81 5.80
N LEU L 666 27.43 -19.68 6.14
CA LEU L 666 26.03 -19.26 6.14
C LEU L 666 25.78 -18.18 7.19
N GLU L 667 26.19 -18.43 8.44
CA GLU L 667 26.05 -17.40 9.47
C GLU L 667 26.95 -16.21 9.17
N ASN L 668 28.10 -16.45 8.54
CA ASN L 668 28.94 -15.34 8.09
C ASN L 668 28.18 -14.43 7.15
N ASP L 669 27.47 -15.02 6.17
CA ASP L 669 26.67 -14.23 5.25
C ASP L 669 25.54 -13.50 5.96
N ILE L 670 24.84 -14.18 6.87
CA ILE L 670 23.71 -13.52 7.53
C ILE L 670 24.19 -12.35 8.39
N PHE L 671 25.35 -12.50 9.04
CA PHE L 671 25.84 -11.40 9.87
C PHE L 671 26.43 -10.27 9.04
N VAL L 672 27.08 -10.59 7.92
CA VAL L 672 27.53 -9.52 7.02
C VAL L 672 26.34 -8.75 6.50
N LYS L 673 25.27 -9.45 6.11
CA LYS L 673 24.06 -8.78 5.67
C LYS L 673 23.46 -7.93 6.77
N LEU L 674 23.42 -8.45 8.00
CA LEU L 674 22.85 -7.70 9.11
C LEU L 674 23.64 -6.41 9.36
N ASP L 675 24.97 -6.51 9.36
CA ASP L 675 25.80 -5.32 9.57
C ASP L 675 25.63 -4.32 8.44
N ALA L 676 25.58 -4.80 7.19
CA ALA L 676 25.40 -3.90 6.05
C ALA L 676 24.05 -3.19 6.12
N ILE L 677 22.98 -3.93 6.45
CA ILE L 677 21.66 -3.34 6.54
C ILE L 677 21.62 -2.33 7.67
N THR L 678 22.24 -2.65 8.81
CA THR L 678 22.26 -1.70 9.92
C THR L 678 23.01 -0.43 9.54
N LYS L 679 24.13 -0.55 8.85
CA LYS L 679 24.88 0.63 8.43
C LYS L 679 24.11 1.46 7.41
N ASN L 680 23.44 0.80 6.46
CA ASN L 680 22.82 1.50 5.35
C ASN L 680 21.48 2.12 5.74
N PHE L 681 20.62 1.34 6.37
CA PHE L 681 19.21 1.69 6.55
C PHE L 681 18.92 2.39 7.87
N GLU L 682 19.94 2.95 8.53
CA GLU L 682 19.68 3.83 9.67
C GLU L 682 19.11 5.16 9.20
N LYS L 683 19.65 5.71 8.11
CA LYS L 683 19.32 7.06 7.65
C LYS L 683 18.72 6.98 6.24
N LEU L 684 17.42 6.76 6.18
CA LEU L 684 16.67 6.88 4.94
C LEU L 684 16.13 8.29 4.81
N ASP L 685 15.20 8.50 3.87
CA ASP L 685 14.39 9.71 3.88
C ASP L 685 13.41 9.75 5.05
N GLU L 686 13.37 8.68 5.86
CA GLU L 686 12.50 8.56 7.03
C GLU L 686 11.03 8.53 6.64
N THR L 687 10.75 8.55 5.35
CA THR L 687 9.39 8.45 4.84
C THR L 687 9.21 7.30 3.86
N GLY L 688 10.19 7.07 2.98
CA GLY L 688 10.15 5.92 2.09
C GLY L 688 10.49 4.60 2.74
N LYS L 689 10.76 4.62 4.05
CA LYS L 689 11.08 3.38 4.76
C LYS L 689 9.86 2.50 4.96
N ALA L 690 8.65 2.99 4.67
CA ALA L 690 7.45 2.18 4.85
C ALA L 690 7.42 0.98 3.93
N PHE L 691 8.29 0.93 2.93
CA PHE L 691 8.39 -0.24 2.05
C PHE L 691 9.02 -1.44 2.74
N ILE L 692 9.60 -1.26 3.93
CA ILE L 692 10.30 -2.35 4.59
C ILE L 692 9.32 -3.42 5.05
N TYR L 693 8.23 -3.02 5.71
CA TYR L 693 7.21 -3.99 6.09
C TYR L 693 6.52 -4.56 4.85
N ARG L 694 6.38 -3.76 3.79
CA ARG L 694 5.86 -4.27 2.53
C ARG L 694 6.70 -5.45 2.05
N LEU L 695 8.02 -5.28 2.00
CA LEU L 695 8.90 -6.36 1.61
C LEU L 695 8.80 -7.54 2.57
N ILE L 696 8.73 -7.27 3.87
CA ILE L 696 8.73 -8.34 4.85
C ILE L 696 7.47 -9.20 4.71
N ASP L 697 6.31 -8.56 4.63
CA ASP L 697 5.06 -9.31 4.54
C ASP L 697 4.81 -9.88 3.16
N LEU L 698 5.49 -9.39 2.12
CA LEU L 698 5.36 -10.03 0.81
C LEU L 698 6.45 -11.06 0.56
N LEU L 699 7.45 -11.16 1.43
CA LEU L 699 8.47 -12.20 1.31
C LEU L 699 8.40 -13.21 2.45
N ARG L 700 7.44 -13.04 3.37
CA ARG L 700 7.17 -14.00 4.44
C ARG L 700 7.22 -15.44 3.97
N GLY L 701 6.76 -15.68 2.74
CA GLY L 701 6.91 -16.98 2.11
C GLY L 701 6.67 -16.88 0.61
N VAL L 702 7.59 -17.42 -0.19
CA VAL L 702 7.43 -17.31 -1.63
C VAL L 702 7.18 -18.69 -2.21
N ASN L 703 5.91 -19.09 -2.22
CA ASN L 703 5.45 -20.27 -2.94
C ASN L 703 4.07 -20.04 -3.54
N GLU L 704 3.70 -18.78 -3.73
CA GLU L 704 2.32 -18.37 -3.99
C GLU L 704 2.40 -17.30 -5.08
N ASN L 705 1.33 -16.51 -5.21
CA ASN L 705 1.29 -15.45 -6.21
C ASN L 705 2.58 -14.64 -6.20
N GLN L 706 3.35 -14.75 -7.29
CA GLN L 706 4.62 -14.09 -7.44
C GLN L 706 4.49 -12.68 -8.00
N GLN L 707 3.27 -12.29 -8.39
CA GLN L 707 3.06 -11.03 -9.10
C GLN L 707 3.49 -9.85 -8.24
N ILE L 708 3.19 -9.89 -6.95
CA ILE L 708 3.46 -8.75 -6.10
C ILE L 708 4.96 -8.60 -5.86
N ASN L 709 5.72 -9.71 -5.87
CA ASN L 709 7.16 -9.62 -5.68
C ASN L 709 7.83 -8.89 -6.86
N ILE L 710 7.53 -9.32 -8.09
CA ILE L 710 8.07 -8.63 -9.26
C ILE L 710 7.52 -7.21 -9.33
N ALA L 711 6.29 -7.00 -8.85
CA ALA L 711 5.74 -5.64 -8.79
C ALA L 711 6.55 -4.75 -7.86
N ARG L 712 6.91 -5.26 -6.69
CA ARG L 712 7.76 -4.48 -5.78
C ARG L 712 9.14 -4.26 -6.37
N LEU L 713 9.66 -5.23 -7.11
CA LEU L 713 10.91 -5.03 -7.83
C LEU L 713 10.78 -3.86 -8.80
N ALA L 714 9.69 -3.83 -9.57
CA ALA L 714 9.46 -2.74 -10.52
C ALA L 714 9.31 -1.41 -9.79
N TYR L 715 8.65 -1.41 -8.63
CA TYR L 715 8.50 -0.18 -7.85
C TYR L 715 9.84 0.33 -7.35
N THR L 716 10.69 -0.58 -6.86
CA THR L 716 12.02 -0.19 -6.41
C THR L 716 12.83 0.39 -7.56
N LEU L 717 12.70 -0.21 -8.75
CA LEU L 717 13.33 0.38 -9.93
C LEU L 717 12.77 1.76 -10.23
N SER L 718 11.45 1.92 -10.08
CA SER L 718 10.78 3.18 -10.39
C SER L 718 11.24 4.30 -9.47
N ARG L 719 11.45 3.99 -8.19
CA ARG L 719 11.83 5.01 -7.22
C ARG L 719 13.11 5.72 -7.66
N MET L 720 13.00 6.99 -8.02
CA MET L 720 14.11 7.73 -8.63
C MET L 720 14.15 9.15 -8.07
N GLU L 721 15.16 9.42 -7.25
CA GLU L 721 15.44 10.75 -6.73
C GLU L 721 16.94 10.85 -6.47
N GLU L 722 17.34 11.87 -5.71
CA GLU L 722 18.73 12.03 -5.29
C GLU L 722 18.89 11.37 -3.92
N LYS L 723 19.57 10.24 -3.90
CA LYS L 723 19.75 9.43 -2.70
C LYS L 723 21.10 8.73 -2.81
N ILE L 724 21.27 7.65 -2.04
CA ILE L 724 22.45 6.79 -2.15
C ILE L 724 22.60 6.30 -3.58
N GLY L 725 21.51 6.36 -4.35
CA GLY L 725 21.49 5.88 -5.70
C GLY L 725 20.69 4.59 -5.80
N LYS L 726 21.05 3.73 -6.73
CA LYS L 726 20.42 2.42 -6.86
C LYS L 726 21.43 1.29 -6.73
N THR L 727 22.61 1.58 -6.17
CA THR L 727 23.59 0.53 -5.92
C THR L 727 23.04 -0.48 -4.91
N PHE L 728 22.76 -0.02 -3.69
CA PHE L 728 22.15 -0.89 -2.69
C PHE L 728 20.67 -1.11 -2.95
N ALA L 729 20.01 -0.13 -3.58
CA ALA L 729 18.60 -0.30 -3.94
C ALA L 729 18.40 -1.41 -4.96
N GLN L 730 19.44 -1.76 -5.72
CA GLN L 730 19.41 -2.95 -6.56
C GLN L 730 20.14 -4.12 -5.93
N GLU L 731 21.02 -3.88 -4.96
CA GLU L 731 21.58 -4.98 -4.18
C GLU L 731 20.50 -5.69 -3.39
N LEU L 732 19.47 -4.95 -2.98
CA LEU L 732 18.32 -5.59 -2.34
C LEU L 732 17.68 -6.62 -3.28
N TYR L 733 17.49 -6.25 -4.54
CA TYR L 733 16.99 -7.22 -5.53
C TYR L 733 17.97 -8.37 -5.73
N ASN L 734 19.27 -8.06 -5.80
CA ASN L 734 20.27 -9.09 -6.05
C ASN L 734 20.27 -10.12 -4.93
N TRP L 735 20.11 -9.67 -3.69
CA TRP L 735 20.01 -10.55 -2.53
C TRP L 735 18.60 -11.06 -2.28
N ALA L 736 17.62 -10.62 -3.09
CA ALA L 736 16.24 -11.01 -2.91
C ALA L 736 15.87 -12.30 -3.63
N ASN L 737 16.77 -12.87 -4.44
CA ASN L 737 16.48 -14.09 -5.18
C ASN L 737 17.33 -15.27 -4.70
N ALA L 738 18.65 -15.12 -4.71
CA ALA L 738 19.52 -16.21 -4.28
C ALA L 738 19.32 -16.55 -2.81
N ASP L 739 19.22 -15.53 -1.96
CA ASP L 739 19.05 -15.71 -0.52
C ASP L 739 17.67 -15.21 -0.13
N ARG L 740 16.71 -16.13 -0.06
CA ARG L 740 15.34 -15.79 0.34
C ARG L 740 15.17 -15.88 1.85
N LYS L 741 15.40 -17.06 2.42
CA LYS L 741 15.30 -17.22 3.87
C LYS L 741 16.40 -16.43 4.58
N THR L 742 17.59 -16.36 3.99
CA THR L 742 18.66 -15.57 4.57
C THR L 742 18.27 -14.10 4.64
N LEU L 743 17.69 -13.57 3.57
CA LEU L 743 17.29 -12.17 3.56
C LEU L 743 16.20 -11.91 4.59
N ILE L 744 15.20 -12.77 4.67
CA ILE L 744 14.12 -12.54 5.63
C ILE L 744 14.63 -12.63 7.06
N MET L 745 15.56 -13.56 7.32
CA MET L 745 16.08 -13.70 8.67
C MET L 745 16.94 -12.51 9.07
N ALA L 746 17.86 -12.10 8.18
CA ALA L 746 18.68 -10.94 8.47
C ALA L 746 17.84 -9.68 8.62
N LEU L 747 16.84 -9.52 7.75
CA LEU L 747 15.97 -8.35 7.83
C LEU L 747 15.16 -8.34 9.12
N GLU L 748 14.66 -9.50 9.56
CA GLU L 748 13.90 -9.53 10.81
C GLU L 748 14.81 -9.25 12.00
N ILE L 749 16.05 -9.75 11.96
CA ILE L 749 17.00 -9.42 13.04
C ILE L 749 17.27 -7.94 13.07
N TYR L 750 17.48 -7.33 11.90
CA TYR L 750 17.71 -5.90 11.81
C TYR L 750 16.51 -5.12 12.35
N ILE L 751 15.30 -5.53 11.97
CA ILE L 751 14.08 -4.85 12.43
C ILE L 751 13.97 -4.92 13.95
N LEU L 752 14.18 -6.11 14.51
CA LEU L 752 14.06 -6.26 15.96
C LEU L 752 15.14 -5.44 16.68
N LYS L 753 16.34 -5.37 16.11
CA LYS L 753 17.39 -4.57 16.73
C LYS L 753 17.05 -3.08 16.67
N THR L 754 16.51 -2.61 15.54
CA THR L 754 16.31 -1.19 15.29
C THR L 754 14.87 -0.74 15.50
N ARG L 755 14.00 -1.59 16.05
CA ARG L 755 12.62 -1.19 16.23
C ARG L 755 12.50 -0.19 17.39
N GLU L 756 11.81 0.92 17.12
CA GLU L 756 11.62 1.98 18.12
C GLU L 756 10.57 1.53 19.14
N ARG L 757 10.95 0.53 19.93
CA ARG L 757 10.07 -0.02 20.95
C ARG L 757 10.67 0.14 22.33
#